data_6XR5
#
_entry.id   6XR5
#
_cell.length_a   95.510
_cell.length_b   168.050
_cell.length_c   101.210
_cell.angle_alpha   90.000
_cell.angle_beta   90.140
_cell.angle_gamma   90.000
#
_symmetry.space_group_name_H-M   'P 1 21 1'
#
loop_
_entity.id
_entity.type
_entity.pdbx_description
1 polymer 'Diphosphomevalonate decarboxylase'
2 non-polymer 'SULFATE ION'
3 non-polymer ADENINE
4 non-polymer 1,2-ETHANEDIOL
5 water water
#
_entity_poly.entity_id   1
_entity_poly.type   'polypeptide(L)'
_entity_poly.pdbx_seq_one_letter_code
;MAHHHHHHMVHEATASAPVNIACIKYWGKRDTRLILPTNSSLSVTLDQDHLRSTTTSRADASFEAGDRLWLNGREEAIKE
GGRLAVCIKELRAWRKEMETKDKNLPKLSEWPLRIASYNNFPTAAGLASSASGLAALVASLASLYSLPQSPSQLSLVARQ
GSGSACRSLFGGFVAWREGTDPAGSDSLAEEVAPREHWPEMHALICVVSDAKKGTSSTSGMQKTVETSTLLQERLRVVPK
RMDAISQAIKARDFAEFAKLTMADSNSFHAVCLDTAPPIFYLNDVSRAIIAVVEELNRAAGEIIAAYTFDAGPNAVIYTL
EKNMPFVLGAIKRFFPTSEEFESPFQTGVRDLPEGFNTGVVREGGWEKGAVKGLIHTRVGDGPRVLEKEDSLLGENGVPK
VLA
;
_entity_poly.pdbx_strand_id   A,B,C,D,E,F,G,H
#
loop_
_chem_comp.id
_chem_comp.type
_chem_comp.name
_chem_comp.formula
ADE non-polymer ADENINE 'C5 H5 N5'
EDO non-polymer 1,2-ETHANEDIOL 'C2 H6 O2'
SO4 non-polymer 'SULFATE ION' 'O4 S -2'
#
# COMPACT_ATOMS: atom_id res chain seq x y z
N HIS A 8 13.01 30.93 -4.77
CA HIS A 8 13.56 29.58 -4.93
C HIS A 8 13.35 28.74 -3.67
N MET A 9 12.35 27.85 -3.69
CA MET A 9 11.99 27.14 -2.46
C MET A 9 12.95 25.99 -2.19
N VAL A 10 13.35 25.85 -0.93
CA VAL A 10 14.34 24.86 -0.50
C VAL A 10 13.65 23.72 0.21
N HIS A 11 13.90 22.50 -0.25
CA HIS A 11 13.38 21.28 0.36
C HIS A 11 14.59 20.56 0.94
N GLU A 12 14.73 20.60 2.26
CA GLU A 12 15.94 20.08 2.89
C GLU A 12 15.61 19.67 4.32
N ALA A 13 16.24 18.58 4.76
CA ALA A 13 16.09 18.13 6.13
C ALA A 13 17.45 17.72 6.69
N THR A 14 17.64 17.99 7.98
CA THR A 14 18.83 17.53 8.67
C THR A 14 18.43 16.68 9.87
N ALA A 15 19.05 15.52 10.01
CA ALA A 15 18.73 14.69 11.16
C ALA A 15 20.02 14.10 11.72
N SER A 16 20.05 13.86 13.02
CA SER A 16 21.11 13.04 13.58
C SER A 16 20.55 11.69 14.01
N ALA A 17 21.44 10.71 14.12
CA ALA A 17 21.07 9.40 14.62
C ALA A 17 22.10 8.94 15.64
N PRO A 18 21.70 8.09 16.59
CA PRO A 18 22.62 7.65 17.63
C PRO A 18 23.44 6.43 17.21
N VAL A 19 24.61 6.30 17.86
CA VAL A 19 25.32 5.04 17.96
CA VAL A 19 25.28 5.01 17.89
C VAL A 19 24.52 4.06 18.83
N ASN A 20 24.68 2.76 18.57
CA ASN A 20 24.13 1.77 19.49
C ASN A 20 25.19 0.69 19.69
N ILE A 21 25.19 0.08 20.90
CA ILE A 21 26.15 -0.96 21.22
C ILE A 21 25.37 -2.23 21.55
N ALA A 22 25.63 -3.30 20.80
CA ALA A 22 24.88 -4.55 20.96
C ALA A 22 25.29 -5.26 22.25
N CYS A 23 24.30 -5.66 23.04
CA CYS A 23 24.51 -6.60 24.15
C CYS A 23 24.37 -8.04 23.66
N ILE A 24 23.40 -8.30 22.79
CA ILE A 24 23.30 -9.59 22.09
C ILE A 24 23.74 -9.32 20.65
N LYS A 25 24.83 -9.96 20.23
CA LYS A 25 25.57 -9.55 19.03
C LYS A 25 24.98 -10.06 17.73
N TYR A 26 24.94 -9.15 16.75
CA TYR A 26 24.79 -9.48 15.33
C TYR A 26 26.12 -9.96 14.76
N TRP A 27 26.15 -11.18 14.23
CA TRP A 27 27.37 -11.68 13.59
C TRP A 27 26.95 -12.85 12.71
N GLY A 28 26.73 -12.56 11.43
CA GLY A 28 26.41 -13.59 10.46
C GLY A 28 25.13 -13.24 9.74
N LYS A 29 25.13 -13.39 8.42
CA LYS A 29 23.96 -13.13 7.60
CA LYS A 29 23.97 -13.13 7.59
C LYS A 29 23.48 -14.43 6.96
N ARG A 30 22.15 -14.57 6.86
CA ARG A 30 21.58 -15.65 6.05
C ARG A 30 21.22 -15.20 4.65
N ASP A 31 21.13 -13.88 4.43
CA ASP A 31 20.96 -13.29 3.10
C ASP A 31 21.87 -12.06 3.02
N THR A 32 22.85 -12.10 2.12
CA THR A 32 23.83 -11.01 2.10
C THR A 32 23.36 -9.78 1.35
N ARG A 33 22.38 -9.92 0.44
CA ARG A 33 21.87 -8.74 -0.24
C ARG A 33 20.85 -7.99 0.61
N LEU A 34 19.86 -8.71 1.16
CA LEU A 34 18.84 -8.05 1.98
C LEU A 34 19.32 -7.77 3.40
N ILE A 35 20.47 -8.31 3.79
CA ILE A 35 21.01 -8.22 5.14
CA ILE A 35 21.00 -8.20 5.15
C ILE A 35 19.99 -8.80 6.12
N LEU A 36 19.70 -10.09 5.96
CA LEU A 36 18.93 -10.82 6.93
C LEU A 36 19.88 -11.61 7.79
N PRO A 37 19.77 -11.55 9.11
CA PRO A 37 20.79 -12.10 9.99
C PRO A 37 20.55 -13.57 10.32
N THR A 38 21.59 -14.22 10.83
CA THR A 38 21.46 -15.60 11.30
C THR A 38 20.82 -15.69 12.68
N ASN A 39 20.64 -14.57 13.38
CA ASN A 39 20.06 -14.57 14.70
C ASN A 39 19.62 -13.14 14.99
N SER A 40 18.78 -12.99 16.02
CA SER A 40 18.37 -11.67 16.50
C SER A 40 19.47 -11.04 17.35
N SER A 41 19.34 -9.74 17.57
CA SER A 41 20.35 -9.00 18.34
C SER A 41 19.62 -7.94 19.12
N LEU A 42 20.33 -7.31 20.06
CA LEU A 42 19.70 -6.39 20.98
C LEU A 42 20.76 -5.44 21.49
N SER A 43 20.45 -4.14 21.52
CA SER A 43 21.45 -3.11 21.77
C SER A 43 20.88 -2.06 22.71
N VAL A 44 21.78 -1.26 23.28
CA VAL A 44 21.45 -0.02 23.97
C VAL A 44 21.79 1.14 23.03
N THR A 45 20.82 2.00 22.78
CA THR A 45 21.06 3.23 22.05
C THR A 45 21.77 4.22 22.94
N LEU A 46 22.84 4.86 22.44
CA LEU A 46 23.59 5.79 23.27
C LEU A 46 23.20 7.24 22.96
N ASP A 47 23.53 8.14 23.89
CA ASP A 47 23.08 9.53 23.92
C ASP A 47 23.71 10.37 22.81
N GLN A 48 22.88 10.88 21.90
CA GLN A 48 23.38 11.76 20.85
C GLN A 48 23.99 13.06 21.36
N ASP A 49 23.83 13.41 22.63
CA ASP A 49 24.60 14.53 23.16
C ASP A 49 26.10 14.26 23.12
N HIS A 50 26.52 13.00 23.09
CA HIS A 50 27.93 12.64 23.18
C HIS A 50 28.51 12.06 21.89
N LEU A 51 27.75 11.24 21.18
CA LEU A 51 28.19 10.62 19.92
C LEU A 51 27.04 10.68 18.94
N ARG A 52 27.30 11.08 17.71
CA ARG A 52 26.19 11.04 16.77
C ARG A 52 26.73 11.07 15.35
N SER A 53 25.86 10.70 14.43
CA SER A 53 26.05 11.04 13.03
C SER A 53 24.94 11.99 12.62
N THR A 54 25.28 12.97 11.78
CA THR A 54 24.33 13.96 11.30
C THR A 54 24.34 14.00 9.78
N THR A 55 23.15 14.03 9.18
CA THR A 55 23.04 14.01 7.73
C THR A 55 22.04 15.05 7.27
N THR A 56 22.43 15.85 6.29
CA THR A 56 21.54 16.80 5.63
C THR A 56 21.24 16.28 4.25
N SER A 57 19.96 16.24 3.86
CA SER A 57 19.55 15.83 2.52
CA SER A 57 19.60 15.86 2.51
C SER A 57 18.69 16.91 1.91
N ARG A 58 18.97 17.27 0.65
CA ARG A 58 18.20 18.30 -0.03
C ARG A 58 17.87 17.79 -1.42
N ALA A 59 16.64 18.05 -1.86
CA ALA A 59 16.21 17.70 -3.22
C ALA A 59 15.87 19.00 -3.92
N ASP A 60 16.32 19.17 -5.16
CA ASP A 60 16.05 20.41 -5.85
C ASP A 60 15.98 20.11 -7.34
N ALA A 61 14.90 20.56 -7.97
CA ALA A 61 14.69 20.31 -9.38
C ALA A 61 15.79 20.92 -10.25
N SER A 62 16.48 21.94 -9.75
CA SER A 62 17.51 22.60 -10.52
C SER A 62 18.92 22.07 -10.25
N PHE A 63 19.08 21.10 -9.34
CA PHE A 63 20.39 20.46 -9.19
C PHE A 63 20.78 19.80 -10.50
N GLU A 64 22.08 19.74 -10.77
CA GLU A 64 22.55 18.94 -11.90
C GLU A 64 22.18 17.47 -11.70
N ALA A 65 21.77 16.82 -12.79
CA ALA A 65 21.33 15.43 -12.78
C ALA A 65 22.34 14.53 -12.07
N GLY A 66 21.82 13.56 -11.30
CA GLY A 66 22.65 12.65 -10.54
C GLY A 66 22.72 12.98 -9.06
N ASP A 67 22.49 12.00 -8.20
CA ASP A 67 22.65 12.24 -6.77
C ASP A 67 24.13 12.39 -6.40
N ARG A 68 24.39 13.17 -5.36
CA ARG A 68 25.75 13.32 -4.87
C ARG A 68 25.74 13.27 -3.35
N LEU A 69 26.74 12.60 -2.77
CA LEU A 69 26.81 12.41 -1.33
C LEU A 69 28.23 12.64 -0.85
N TRP A 70 28.34 13.30 0.30
CA TRP A 70 29.63 13.54 0.93
C TRP A 70 29.63 12.93 2.33
N LEU A 71 30.75 12.32 2.71
CA LEU A 71 30.91 11.77 4.06
CA LEU A 71 30.93 11.74 4.03
C LEU A 71 32.16 12.37 4.66
N ASN A 72 31.98 13.07 5.77
CA ASN A 72 33.08 13.71 6.48
C ASN A 72 33.86 14.63 5.53
N GLY A 73 33.13 15.27 4.60
CA GLY A 73 33.70 16.25 3.70
C GLY A 73 34.28 15.71 2.41
N ARG A 74 34.30 14.40 2.21
CA ARG A 74 34.83 13.79 1.00
C ARG A 74 33.68 13.17 0.22
N GLU A 75 33.60 13.47 -1.06
CA GLU A 75 32.53 12.89 -1.85
C GLU A 75 32.69 11.38 -1.92
N GLU A 76 31.57 10.68 -1.85
CA GLU A 76 31.51 9.23 -1.94
C GLU A 76 30.70 8.88 -3.18
N ALA A 77 31.25 8.01 -4.02
CA ALA A 77 30.51 7.56 -5.20
C ALA A 77 29.33 6.68 -4.78
N ILE A 78 28.15 6.97 -5.31
CA ILE A 78 26.96 6.19 -4.98
C ILE A 78 26.72 5.16 -6.07
N LYS A 79 27.44 4.04 -6.01
CA LYS A 79 27.38 3.06 -7.10
C LYS A 79 26.06 2.30 -7.07
N GLU A 80 25.46 2.10 -8.24
CA GLU A 80 24.15 1.42 -8.28
C GLU A 80 24.27 0.03 -7.67
N GLY A 81 23.29 -0.34 -6.84
CA GLY A 81 23.31 -1.62 -6.18
C GLY A 81 24.01 -1.65 -4.85
N GLY A 82 24.88 -0.67 -4.57
CA GLY A 82 25.57 -0.60 -3.29
C GLY A 82 24.68 -0.14 -2.18
N ARG A 83 25.23 -0.15 -0.97
CA ARG A 83 24.41 0.06 0.23
C ARG A 83 23.71 1.41 0.19
N LEU A 84 24.45 2.48 -0.12
CA LEU A 84 23.84 3.81 -0.13
C LEU A 84 22.78 3.93 -1.22
N ALA A 85 23.10 3.45 -2.42
CA ALA A 85 22.16 3.56 -3.54
C ALA A 85 20.87 2.81 -3.25
N VAL A 86 20.98 1.65 -2.60
CA VAL A 86 19.78 0.87 -2.33
C VAL A 86 18.87 1.62 -1.36
N CYS A 87 19.48 2.20 -0.31
CA CYS A 87 18.71 2.95 0.68
CA CYS A 87 18.73 2.95 0.68
C CYS A 87 18.01 4.13 0.06
N ILE A 88 18.73 4.91 -0.76
CA ILE A 88 18.14 6.06 -1.43
C ILE A 88 16.99 5.60 -2.34
N LYS A 89 17.21 4.51 -3.08
CA LYS A 89 16.20 4.01 -4.01
C LYS A 89 14.92 3.63 -3.29
N GLU A 90 15.04 2.94 -2.14
CA GLU A 90 13.84 2.55 -1.39
C GLU A 90 13.10 3.77 -0.85
N LEU A 91 13.84 4.77 -0.36
CA LEU A 91 13.17 5.92 0.25
C LEU A 91 12.54 6.81 -0.82
N ARG A 92 13.23 6.96 -1.96
CA ARG A 92 12.64 7.68 -3.09
C ARG A 92 11.35 6.98 -3.55
N ALA A 93 11.33 5.64 -3.53
CA ALA A 93 10.14 4.90 -3.95
C ALA A 93 8.97 5.18 -3.01
N TRP A 94 9.22 5.21 -1.71
CA TRP A 94 8.17 5.56 -0.77
C TRP A 94 7.67 6.99 -0.98
N ARG A 95 8.59 7.91 -1.34
CA ARG A 95 8.12 9.27 -1.64
C ARG A 95 7.27 9.28 -2.91
N LYS A 96 7.71 8.57 -3.93
CA LYS A 96 6.94 8.52 -5.17
C LYS A 96 5.54 7.95 -4.91
N GLU A 97 5.41 7.00 -3.98
CA GLU A 97 4.10 6.47 -3.61
CA GLU A 97 4.10 6.48 -3.64
C GLU A 97 3.20 7.58 -3.09
N MET A 98 3.74 8.45 -2.24
CA MET A 98 2.95 9.59 -1.76
C MET A 98 2.48 10.44 -2.92
N GLU A 99 3.36 10.66 -3.90
CA GLU A 99 3.02 11.51 -5.03
C GLU A 99 2.01 10.87 -5.95
N THR A 100 2.05 9.54 -6.05
CA THR A 100 1.05 8.81 -6.84
C THR A 100 -0.33 8.92 -6.20
N LYS A 101 -0.40 8.88 -4.87
CA LYS A 101 -1.68 8.99 -4.17
C LYS A 101 -2.22 10.42 -4.16
N ASP A 102 -1.34 11.43 -4.10
CA ASP A 102 -1.71 12.85 -4.04
C ASP A 102 -0.97 13.57 -5.16
N LYS A 103 -1.61 13.73 -6.31
CA LYS A 103 -0.98 14.32 -7.50
C LYS A 103 -0.64 15.79 -7.32
N ASN A 104 -1.20 16.45 -6.31
CA ASN A 104 -0.94 17.86 -6.03
C ASN A 104 0.38 18.09 -5.30
N LEU A 105 0.99 17.04 -4.74
CA LEU A 105 2.25 17.23 -4.03
C LEU A 105 3.36 17.58 -5.02
N PRO A 106 4.34 18.38 -4.60
CA PRO A 106 5.50 18.60 -5.45
C PRO A 106 6.25 17.29 -5.64
N LYS A 107 6.87 17.16 -6.81
CA LYS A 107 7.46 15.89 -7.23
C LYS A 107 8.89 15.73 -6.71
N LEU A 108 9.05 15.79 -5.38
CA LEU A 108 10.36 15.67 -4.79
C LEU A 108 11.10 14.44 -5.24
N SER A 109 10.39 13.31 -5.41
CA SER A 109 11.06 12.05 -5.77
C SER A 109 11.80 12.14 -7.10
N GLU A 110 11.40 13.06 -7.97
CA GLU A 110 11.99 13.17 -9.30
C GLU A 110 13.25 14.03 -9.32
N TRP A 111 13.59 14.68 -8.22
CA TRP A 111 14.68 15.63 -8.28
C TRP A 111 15.97 15.02 -7.78
N PRO A 112 17.14 15.49 -8.26
CA PRO A 112 18.41 15.02 -7.70
C PRO A 112 18.55 15.35 -6.22
N LEU A 113 19.31 14.51 -5.52
CA LEU A 113 19.65 14.72 -4.11
C LEU A 113 21.07 15.23 -3.94
N ARG A 114 21.24 16.09 -2.94
CA ARG A 114 22.55 16.46 -2.44
C ARG A 114 22.55 16.10 -0.96
N ILE A 115 23.49 15.25 -0.56
CA ILE A 115 23.50 14.70 0.79
C ILE A 115 24.89 14.88 1.38
N ALA A 116 24.96 15.37 2.62
CA ALA A 116 26.23 15.53 3.31
C ALA A 116 26.07 15.00 4.72
N SER A 117 27.06 14.23 5.16
CA SER A 117 26.99 13.64 6.49
CA SER A 117 27.01 13.58 6.46
C SER A 117 28.33 13.80 7.20
N TYR A 118 28.26 13.87 8.53
CA TYR A 118 29.45 13.94 9.36
C TYR A 118 29.18 13.21 10.66
N ASN A 119 30.20 12.60 11.21
CA ASN A 119 30.07 12.14 12.58
C ASN A 119 31.05 12.93 13.44
N ASN A 120 30.81 12.93 14.75
CA ASN A 120 31.75 13.55 15.67
C ASN A 120 32.74 12.53 16.21
N PHE A 121 32.95 11.44 15.47
CA PHE A 121 33.95 10.43 15.80
C PHE A 121 34.54 9.87 14.50
N ALA A 125 39.86 6.80 16.53
CA ALA A 125 39.23 6.18 17.69
C ALA A 125 38.76 4.75 17.40
N GLY A 126 38.44 4.47 16.14
CA GLY A 126 37.95 3.14 15.81
C GLY A 126 36.53 2.87 16.26
N LEU A 127 35.72 3.91 16.45
CA LEU A 127 34.31 3.73 16.73
C LEU A 127 33.57 3.41 15.44
N ALA A 128 32.77 2.34 15.46
CA ALA A 128 32.02 1.92 14.28
C ALA A 128 31.00 3.00 13.92
N SER A 129 31.10 3.56 12.71
CA SER A 129 30.27 4.69 12.32
C SER A 129 29.14 4.32 11.39
N SER A 130 29.09 3.08 10.88
CA SER A 130 28.11 2.76 9.86
C SER A 130 26.71 2.64 10.41
N ALA A 131 26.52 2.16 11.64
CA ALA A 131 25.16 2.03 12.13
C ALA A 131 24.51 3.40 12.31
N SER A 132 25.19 4.32 12.99
CA SER A 132 24.57 5.64 13.17
C SER A 132 24.53 6.38 11.84
N GLY A 133 25.53 6.14 10.99
CA GLY A 133 25.61 6.88 9.73
C GLY A 133 24.46 6.55 8.80
N LEU A 134 24.18 5.25 8.60
CA LEU A 134 23.06 4.87 7.75
C LEU A 134 21.72 5.21 8.41
N ALA A 135 21.63 5.14 9.73
CA ALA A 135 20.38 5.53 10.37
C ALA A 135 20.11 7.01 10.17
N ALA A 136 21.17 7.85 10.20
CA ALA A 136 21.00 9.29 9.98
C ALA A 136 20.57 9.56 8.55
N LEU A 137 21.14 8.82 7.59
CA LEU A 137 20.71 8.97 6.21
C LEU A 137 19.22 8.67 6.08
N VAL A 138 18.75 7.57 6.67
CA VAL A 138 17.35 7.19 6.57
C VAL A 138 16.48 8.25 7.25
N ALA A 139 16.86 8.66 8.47
CA ALA A 139 16.03 9.64 9.16
C ALA A 139 15.98 10.96 8.41
N SER A 140 17.12 11.36 7.84
CA SER A 140 17.18 12.63 7.10
C SER A 140 16.29 12.59 5.88
N LEU A 141 16.42 11.54 5.07
CA LEU A 141 15.59 11.43 3.86
C LEU A 141 14.11 11.23 4.22
N ALA A 142 13.81 10.48 5.28
CA ALA A 142 12.41 10.35 5.65
C ALA A 142 11.81 11.70 6.01
N SER A 143 12.59 12.57 6.64
CA SER A 143 12.08 13.90 6.99
C SER A 143 11.99 14.80 5.75
N LEU A 144 13.02 14.79 4.90
CA LEU A 144 12.97 15.52 3.63
C LEU A 144 11.70 15.20 2.84
N TYR A 145 11.38 13.92 2.74
CA TYR A 145 10.29 13.43 1.92
C TYR A 145 8.95 13.41 2.67
N SER A 146 8.94 13.82 3.94
CA SER A 146 7.76 13.70 4.81
C SER A 146 7.14 12.31 4.76
N LEU A 147 7.97 11.26 4.82
CA LEU A 147 7.43 9.92 4.69
C LEU A 147 6.52 9.59 5.88
N PRO A 148 5.41 8.90 5.64
CA PRO A 148 4.53 8.50 6.75
C PRO A 148 5.00 7.26 7.49
N GLN A 149 6.02 6.56 6.97
CA GLN A 149 6.44 5.28 7.52
C GLN A 149 6.89 5.42 8.97
N SER A 150 6.53 4.40 9.76
CA SER A 150 6.95 4.32 11.16
C SER A 150 8.45 4.04 11.29
N PRO A 151 9.01 4.29 12.47
CA PRO A 151 10.43 3.92 12.66
C PRO A 151 10.68 2.46 12.37
N SER A 152 9.74 1.59 12.75
CA SER A 152 9.87 0.17 12.46
C SER A 152 9.97 -0.08 10.96
N GLN A 153 9.07 0.55 10.20
CA GLN A 153 9.13 0.39 8.74
CA GLN A 153 9.13 0.40 8.74
C GLN A 153 10.43 0.98 8.18
N LEU A 154 10.82 2.17 8.66
CA LEU A 154 12.08 2.75 8.20
C LEU A 154 13.26 1.86 8.52
N SER A 155 13.20 1.13 9.65
CA SER A 155 14.35 0.27 10.01
C SER A 155 14.61 -0.81 8.97
N LEU A 156 13.59 -1.23 8.19
CA LEU A 156 13.80 -2.19 7.10
C LEU A 156 14.79 -1.68 6.06
N VAL A 157 14.74 -0.37 5.80
CA VAL A 157 15.67 0.24 4.87
C VAL A 157 17.03 0.43 5.51
N ALA A 158 17.06 0.94 6.75
CA ALA A 158 18.36 1.08 7.39
C ALA A 158 19.09 -0.26 7.44
N ARG A 159 18.36 -1.35 7.73
CA ARG A 159 18.98 -2.67 7.83
C ARG A 159 19.74 -3.02 6.55
N GLN A 160 19.23 -2.60 5.38
CA GLN A 160 19.88 -2.89 4.12
C GLN A 160 21.09 -1.99 3.82
N GLY A 161 21.20 -0.86 4.51
CA GLY A 161 22.41 -0.06 4.42
C GLY A 161 23.52 -0.67 5.26
N SER A 162 23.14 -1.12 6.45
CA SER A 162 24.09 -1.72 7.38
C SER A 162 23.27 -2.39 8.47
N GLY A 163 23.52 -3.66 8.77
CA GLY A 163 22.60 -4.40 9.61
C GLY A 163 22.27 -3.71 10.92
N SER A 164 23.28 -3.33 11.67
N SER A 164 23.30 -3.35 11.68
CA SER A 164 23.01 -2.77 12.99
CA SER A 164 23.06 -2.75 12.99
C SER A 164 22.49 -1.33 12.93
C SER A 164 22.38 -1.39 12.90
N ALA A 165 22.48 -0.70 11.75
CA ALA A 165 21.79 0.59 11.62
C ALA A 165 20.31 0.50 11.93
N CYS A 166 19.69 -0.66 11.71
CA CYS A 166 18.25 -0.72 11.96
C CYS A 166 17.95 -0.47 13.43
N ARG A 167 18.87 -0.84 14.31
CA ARG A 167 18.60 -0.66 15.75
C ARG A 167 18.77 0.78 16.22
N SER A 168 19.34 1.65 15.39
CA SER A 168 19.49 3.05 15.73
C SER A 168 18.27 3.88 15.33
N LEU A 169 17.19 3.23 14.91
CA LEU A 169 15.96 3.98 14.61
C LEU A 169 15.09 4.17 15.86
N PHE A 170 15.49 3.57 16.97
CA PHE A 170 14.80 3.68 18.26
C PHE A 170 15.78 4.12 19.34
N GLY A 171 15.26 4.82 20.33
CA GLY A 171 16.03 5.03 21.55
C GLY A 171 15.86 3.87 22.52
N GLY A 172 16.63 3.91 23.59
CA GLY A 172 16.43 2.95 24.68
C GLY A 172 17.08 1.62 24.38
N PHE A 173 16.30 0.56 24.52
CA PHE A 173 16.77 -0.80 24.44
C PHE A 173 16.02 -1.45 23.28
N VAL A 174 16.77 -1.95 22.28
CA VAL A 174 16.21 -2.13 20.94
C VAL A 174 16.63 -3.49 20.40
N ALA A 175 15.66 -4.27 19.94
CA ALA A 175 15.94 -5.55 19.31
C ALA A 175 15.92 -5.44 17.79
N TRP A 176 16.78 -6.21 17.14
CA TRP A 176 16.64 -6.51 15.72
C TRP A 176 16.10 -7.93 15.64
N ARG A 177 14.85 -8.06 15.24
CA ARG A 177 14.21 -9.37 15.13
C ARG A 177 14.65 -10.01 13.84
N GLU A 178 15.23 -11.21 13.94
CA GLU A 178 15.79 -11.83 12.73
C GLU A 178 14.75 -12.01 11.63
N GLY A 179 13.49 -12.23 12.01
CA GLY A 179 12.49 -12.53 11.00
C GLY A 179 12.60 -13.90 10.32
N THR A 180 11.52 -14.33 9.66
CA THR A 180 11.54 -15.56 8.87
C THR A 180 11.09 -15.37 7.44
N ASP A 181 10.67 -14.18 7.04
CA ASP A 181 10.27 -13.93 5.67
C ASP A 181 11.50 -13.88 4.78
N PRO A 182 11.62 -14.73 3.76
CA PRO A 182 12.73 -14.60 2.81
C PRO A 182 12.84 -13.24 2.17
N ALA A 183 11.73 -12.50 2.06
CA ALA A 183 11.79 -11.16 1.50
C ALA A 183 12.16 -10.09 2.52
N GLY A 184 12.29 -10.44 3.79
CA GLY A 184 12.77 -9.54 4.81
C GLY A 184 11.73 -8.65 5.48
N SER A 185 10.44 -8.83 5.21
CA SER A 185 9.44 -7.90 5.72
C SER A 185 9.37 -7.87 7.25
N ASP A 186 9.79 -8.94 7.93
CA ASP A 186 9.75 -9.02 9.38
C ASP A 186 11.13 -8.98 10.02
N SER A 187 12.16 -8.63 9.27
CA SER A 187 13.50 -8.47 9.83
C SER A 187 13.64 -6.99 10.10
N LEU A 188 13.31 -6.59 11.33
CA LEU A 188 13.28 -5.17 11.61
CA LEU A 188 13.01 -5.21 11.69
C LEU A 188 13.53 -4.92 13.08
N ALA A 189 13.73 -3.64 13.39
CA ALA A 189 13.97 -3.24 14.77
C ALA A 189 12.67 -3.00 15.52
N GLU A 190 12.74 -3.18 16.84
CA GLU A 190 11.58 -3.10 17.70
C GLU A 190 12.04 -2.57 19.04
N GLU A 191 11.32 -1.63 19.62
CA GLU A 191 11.68 -1.20 20.97
C GLU A 191 11.41 -2.35 21.95
N VAL A 192 12.40 -2.64 22.81
CA VAL A 192 12.17 -3.56 23.92
C VAL A 192 11.76 -2.78 25.17
N ALA A 193 12.43 -1.64 25.40
CA ALA A 193 12.05 -0.73 26.47
C ALA A 193 12.53 0.65 26.07
N PRO A 194 11.78 1.71 26.37
CA PRO A 194 12.22 3.05 25.98
C PRO A 194 13.27 3.58 26.95
N ARG A 195 13.91 4.66 26.52
CA ARG A 195 14.96 5.27 27.34
C ARG A 195 14.48 5.61 28.74
N GLU A 196 13.25 6.15 28.86
CA GLU A 196 12.68 6.54 30.13
CA GLU A 196 12.76 6.54 30.17
C GLU A 196 12.44 5.37 31.09
N HIS A 197 12.47 4.13 30.58
CA HIS A 197 12.30 2.96 31.43
C HIS A 197 13.51 2.77 32.35
N TRP A 198 14.70 3.10 31.90
CA TRP A 198 15.88 2.82 32.71
C TRP A 198 16.95 3.83 32.35
N PRO A 199 16.71 5.13 32.57
CA PRO A 199 17.65 6.15 32.07
C PRO A 199 18.98 6.17 32.80
N GLU A 200 19.07 5.52 33.96
CA GLU A 200 20.31 5.43 34.74
C GLU A 200 21.34 4.50 34.11
N MET A 201 21.02 3.84 33.00
CA MET A 201 21.98 2.94 32.34
C MET A 201 23.04 3.81 31.67
N HIS A 202 24.24 3.81 32.22
CA HIS A 202 25.35 4.58 31.68
C HIS A 202 26.34 3.64 31.02
N ALA A 203 27.31 4.23 30.33
CA ALA A 203 28.30 3.46 29.59
C ALA A 203 29.60 4.23 29.51
N LEU A 204 30.72 3.53 29.75
CA LEU A 204 32.05 4.11 29.57
C LEU A 204 32.71 3.44 28.38
N ILE A 205 32.98 4.20 27.34
CA ILE A 205 33.73 3.70 26.20
C ILE A 205 35.21 3.92 26.43
N CYS A 206 35.99 2.84 26.36
CA CYS A 206 37.44 2.87 26.49
C CYS A 206 38.05 2.69 25.10
N VAL A 207 38.57 3.77 24.53
CA VAL A 207 39.15 3.72 23.20
C VAL A 207 40.58 3.22 23.36
N VAL A 208 40.90 2.10 22.71
CA VAL A 208 42.13 1.34 22.98
C VAL A 208 43.10 1.50 21.83
N SER A 209 44.39 1.69 22.15
CA SER A 209 45.42 1.69 21.13
C SER A 209 45.51 0.32 20.46
N ASP A 210 45.71 0.30 19.16
CA ASP A 210 45.68 -0.97 18.43
C ASP A 210 46.79 -1.01 17.38
N ALA A 211 47.99 -0.55 17.75
CA ALA A 211 49.08 -0.34 16.79
C ALA A 211 50.04 -1.52 16.64
N LYS A 212 49.72 -2.70 17.19
CA LYS A 212 50.63 -3.83 17.10
C LYS A 212 50.12 -4.96 16.21
N LYS A 213 48.94 -4.81 15.61
CA LYS A 213 48.43 -5.80 14.67
C LYS A 213 48.95 -5.50 13.26
N GLY A 214 48.64 -6.39 12.34
CA GLY A 214 48.94 -6.20 10.93
C GLY A 214 47.70 -5.76 10.18
N THR A 215 47.56 -6.27 8.96
CA THR A 215 46.41 -6.00 8.10
C THR A 215 45.95 -7.28 7.39
N SER A 217 34.47 -6.78 8.41
CA SER A 217 33.37 -7.36 9.21
C SER A 217 32.31 -8.02 8.35
N THR A 218 31.97 -7.41 7.21
CA THR A 218 30.99 -8.01 6.31
C THR A 218 31.56 -9.27 5.67
N SER A 219 32.75 -9.18 5.08
CA SER A 219 33.43 -10.39 4.62
C SER A 219 33.79 -11.29 5.80
N GLY A 220 34.17 -10.68 6.93
CA GLY A 220 34.56 -11.45 8.10
C GLY A 220 33.43 -12.34 8.61
N MET A 221 32.27 -11.74 8.91
CA MET A 221 31.21 -12.53 9.53
C MET A 221 30.76 -13.67 8.62
N GLN A 222 30.83 -13.50 7.30
CA GLN A 222 30.38 -14.62 6.48
C GLN A 222 31.38 -15.76 6.54
N LYS A 223 32.66 -15.48 6.80
CA LYS A 223 33.61 -16.56 6.97
C LYS A 223 33.30 -17.36 8.24
N THR A 224 32.84 -16.69 9.29
CA THR A 224 32.38 -17.40 10.48
C THR A 224 31.20 -18.30 10.15
N VAL A 225 30.22 -17.77 9.41
CA VAL A 225 29.06 -18.58 9.02
C VAL A 225 29.52 -19.82 8.26
N GLU A 226 30.52 -19.66 7.40
CA GLU A 226 30.89 -20.79 6.54
CA GLU A 226 30.95 -20.74 6.51
C GLU A 226 31.76 -21.81 7.24
N THR A 227 32.56 -21.42 8.26
CA THR A 227 33.61 -22.31 8.78
C THR A 227 33.53 -22.64 10.26
N SER A 228 32.84 -21.84 11.07
CA SER A 228 32.86 -22.05 12.53
C SER A 228 31.85 -23.11 12.94
N THR A 229 32.33 -24.25 13.46
CA THR A 229 31.40 -25.25 13.97
C THR A 229 30.73 -24.74 15.24
N LEU A 230 31.47 -23.98 16.03
CA LEU A 230 30.89 -23.51 17.29
C LEU A 230 29.76 -22.52 17.05
N LEU A 231 29.78 -21.80 15.92
CA LEU A 231 28.69 -20.88 15.61
C LEU A 231 27.34 -21.57 15.67
N GLN A 232 27.27 -22.84 15.27
CA GLN A 232 25.95 -23.47 15.24
C GLN A 232 25.35 -23.58 16.65
N GLU A 233 26.18 -23.73 17.67
CA GLU A 233 25.69 -23.73 19.04
C GLU A 233 25.36 -22.31 19.51
N ARG A 234 26.20 -21.34 19.13
CA ARG A 234 25.84 -19.94 19.42
C ARG A 234 24.44 -19.62 18.92
N LEU A 235 24.10 -20.07 17.70
CA LEU A 235 22.77 -19.77 17.16
C LEU A 235 21.65 -20.43 17.97
N ARG A 236 21.92 -21.54 18.67
CA ARG A 236 20.92 -22.11 19.55
C ARG A 236 20.83 -21.37 20.87
N VAL A 237 21.94 -20.77 21.31
CA VAL A 237 21.96 -20.10 22.62
C VAL A 237 21.38 -18.70 22.53
N VAL A 238 21.57 -17.99 21.43
CA VAL A 238 21.17 -16.58 21.34
C VAL A 238 19.69 -16.39 21.66
N PRO A 239 18.75 -17.22 21.17
CA PRO A 239 17.32 -16.94 21.49
C PRO A 239 17.06 -16.95 22.98
N LYS A 240 17.74 -17.84 23.70
CA LYS A 240 17.61 -17.88 25.16
C LYS A 240 18.14 -16.60 25.79
N ARG A 241 19.29 -16.09 25.30
CA ARG A 241 19.81 -14.84 25.86
C ARG A 241 18.92 -13.66 25.48
N MET A 242 18.36 -13.65 24.27
CA MET A 242 17.40 -12.60 23.91
C MET A 242 16.23 -12.55 24.88
N ASP A 243 15.60 -13.70 25.15
CA ASP A 243 14.48 -13.72 26.09
C ASP A 243 14.92 -13.27 27.48
N ALA A 244 16.09 -13.76 27.92
CA ALA A 244 16.54 -13.51 29.28
C ALA A 244 16.93 -12.05 29.45
N ILE A 245 17.59 -11.46 28.44
CA ILE A 245 18.04 -10.08 28.63
C ILE A 245 16.85 -9.13 28.48
N SER A 246 15.86 -9.47 27.66
CA SER A 246 14.63 -8.68 27.62
C SER A 246 13.91 -8.68 28.96
N GLN A 247 13.82 -9.84 29.61
CA GLN A 247 13.18 -9.83 30.92
CA GLN A 247 13.23 -9.90 30.95
C GLN A 247 14.03 -9.05 31.93
N ALA A 248 15.36 -9.14 31.83
CA ALA A 248 16.22 -8.41 32.76
C ALA A 248 16.06 -6.90 32.59
N ILE A 249 15.97 -6.43 31.35
CA ILE A 249 15.76 -5.01 31.13
C ILE A 249 14.41 -4.57 31.66
N LYS A 250 13.36 -5.35 31.37
CA LYS A 250 12.02 -5.00 31.86
C LYS A 250 11.96 -4.95 33.37
N ALA A 251 12.73 -5.82 34.04
CA ALA A 251 12.79 -5.88 35.51
C ALA A 251 13.83 -4.93 36.12
N ARG A 252 14.60 -4.23 35.29
CA ARG A 252 15.73 -3.42 35.73
CA ARG A 252 15.72 -3.41 35.75
C ARG A 252 16.67 -4.22 36.62
N ASP A 253 16.94 -5.45 36.19
CA ASP A 253 17.80 -6.37 36.93
C ASP A 253 19.20 -6.21 36.35
N PHE A 254 20.02 -5.36 36.98
CA PHE A 254 21.29 -5.04 36.34
C PHE A 254 22.19 -6.26 36.29
N ALA A 255 22.26 -7.03 37.38
CA ALA A 255 23.20 -8.15 37.42
C ALA A 255 22.94 -9.14 36.29
N GLU A 256 21.67 -9.49 36.05
CA GLU A 256 21.38 -10.42 34.95
C GLU A 256 21.62 -9.79 33.59
N PHE A 257 21.24 -8.52 33.42
CA PHE A 257 21.57 -7.80 32.19
C PHE A 257 23.07 -7.88 31.92
N ALA A 258 23.85 -7.63 32.95
CA ALA A 258 25.31 -7.60 32.85
C ALA A 258 25.87 -8.99 32.53
N LYS A 259 25.41 -10.01 33.24
CA LYS A 259 25.89 -11.37 33.00
C LYS A 259 25.66 -11.77 31.55
N LEU A 260 24.45 -11.55 31.06
CA LEU A 260 24.13 -11.87 29.67
C LEU A 260 24.99 -11.07 28.70
N THR A 261 25.20 -9.79 28.99
CA THR A 261 26.01 -8.97 28.09
C THR A 261 27.45 -9.48 28.01
N MET A 262 28.07 -9.74 29.17
CA MET A 262 29.44 -10.25 29.12
C MET A 262 29.49 -11.62 28.44
N ALA A 263 28.50 -12.47 28.74
CA ALA A 263 28.54 -13.81 28.15
C ALA A 263 28.40 -13.73 26.63
N ASP A 264 27.52 -12.86 26.15
CA ASP A 264 27.37 -12.86 24.70
C ASP A 264 28.54 -12.19 23.99
N SER A 265 29.15 -11.18 24.61
CA SER A 265 30.36 -10.60 24.03
C SER A 265 31.43 -11.67 23.87
N ASN A 266 31.70 -12.42 24.94
CA ASN A 266 32.73 -13.45 24.85
C ASN A 266 32.35 -14.53 23.84
N SER A 267 31.05 -14.85 23.75
CA SER A 267 30.57 -15.85 22.79
C SER A 267 30.87 -15.40 21.36
N PHE A 268 30.65 -14.12 21.08
CA PHE A 268 30.94 -13.58 19.75
C PHE A 268 32.44 -13.64 19.45
N HIS A 269 33.28 -13.22 20.40
CA HIS A 269 34.71 -13.31 20.12
C HIS A 269 35.19 -14.75 20.08
N ALA A 270 34.48 -15.64 20.75
CA ALA A 270 34.83 -17.06 20.64
C ALA A 270 34.56 -17.59 19.23
N VAL A 271 33.40 -17.29 18.64
CA VAL A 271 33.17 -17.85 17.30
C VAL A 271 34.06 -17.16 16.26
N CYS A 272 34.49 -15.92 16.52
CA CYS A 272 35.51 -15.33 15.65
C CYS A 272 36.81 -16.13 15.74
N LEU A 273 37.22 -16.52 16.94
CA LEU A 273 38.44 -17.31 17.06
C LEU A 273 38.29 -18.66 16.37
N ASP A 274 37.08 -19.22 16.36
CA ASP A 274 36.81 -20.55 15.82
C ASP A 274 36.63 -20.53 14.31
N THR A 275 36.68 -19.34 13.72
CA THR A 275 36.62 -19.20 12.28
C THR A 275 37.93 -19.68 11.67
N ALA A 276 37.86 -20.19 10.43
CA ALA A 276 39.06 -20.60 9.69
C ALA A 276 39.19 -19.74 8.44
N PRO A 277 40.20 -18.86 8.35
CA PRO A 277 41.19 -18.54 9.40
C PRO A 277 40.60 -17.69 10.52
N PRO A 278 41.21 -17.74 11.70
CA PRO A 278 40.60 -17.07 12.86
C PRO A 278 40.58 -15.56 12.69
N ILE A 279 39.60 -14.96 13.35
CA ILE A 279 39.38 -13.51 13.36
C ILE A 279 39.67 -13.03 14.77
N PHE A 280 40.52 -12.01 14.88
CA PHE A 280 40.95 -11.46 16.17
C PHE A 280 40.59 -9.98 16.26
N TYR A 281 39.88 -9.60 17.31
CA TYR A 281 39.50 -8.22 17.58
C TYR A 281 40.00 -7.73 18.94
N LEU A 282 39.86 -8.56 19.97
CA LEU A 282 40.40 -8.20 21.27
C LEU A 282 41.92 -8.14 21.17
N ASN A 283 42.53 -7.22 21.92
CA ASN A 283 43.98 -7.26 22.02
C ASN A 283 44.39 -7.31 23.49
N ASP A 284 45.69 -7.22 23.79
CA ASP A 284 46.13 -7.39 25.18
C ASP A 284 45.48 -6.37 26.10
N VAL A 285 45.26 -5.15 25.62
CA VAL A 285 44.60 -4.14 26.46
C VAL A 285 43.14 -4.51 26.69
N SER A 286 42.43 -4.96 25.66
CA SER A 286 41.04 -5.44 25.81
C SER A 286 40.94 -6.49 26.90
N ARG A 287 41.86 -7.45 26.88
CA ARG A 287 41.87 -8.52 27.87
C ARG A 287 42.16 -8.01 29.27
N ALA A 288 43.04 -6.99 29.37
CA ALA A 288 43.32 -6.40 30.69
C ALA A 288 42.10 -5.65 31.22
N ILE A 289 41.33 -4.98 30.34
CA ILE A 289 40.11 -4.31 30.79
C ILE A 289 39.10 -5.35 31.28
N ILE A 290 38.98 -6.47 30.57
CA ILE A 290 38.12 -7.56 31.05
C ILE A 290 38.57 -8.03 32.44
N ALA A 291 39.88 -8.27 32.63
CA ALA A 291 40.35 -8.71 33.95
C ALA A 291 39.99 -7.70 35.03
N VAL A 292 40.08 -6.41 34.71
CA VAL A 292 39.80 -5.40 35.72
C VAL A 292 38.30 -5.37 36.03
N VAL A 293 37.45 -5.45 35.01
CA VAL A 293 36.00 -5.42 35.25
C VAL A 293 35.57 -6.67 36.00
N GLU A 294 36.10 -7.84 35.59
CA GLU A 294 35.80 -9.07 36.32
C GLU A 294 36.22 -8.95 37.77
N GLU A 295 37.41 -8.40 38.03
CA GLU A 295 37.85 -8.28 39.41
C GLU A 295 37.07 -7.23 40.17
N LEU A 296 36.63 -6.16 39.49
CA LEU A 296 35.74 -5.19 40.13
C LEU A 296 34.46 -5.83 40.63
N ASN A 297 33.77 -6.58 39.75
CA ASN A 297 32.56 -7.30 40.17
C ASN A 297 32.86 -8.30 41.28
N ARG A 298 33.96 -9.05 41.19
CA ARG A 298 34.27 -10.03 42.25
C ARG A 298 34.47 -9.34 43.59
N ALA A 299 35.31 -8.30 43.60
CA ALA A 299 35.62 -7.62 44.86
C ALA A 299 34.40 -6.91 45.43
N ALA A 300 33.53 -6.37 44.59
CA ALA A 300 32.30 -5.74 45.03
C ALA A 300 31.32 -6.73 45.64
N GLY A 301 31.47 -8.02 45.35
CA GLY A 301 30.49 -9.02 45.75
C GLY A 301 29.17 -8.88 45.05
N GLU A 302 29.16 -8.20 43.90
CA GLU A 302 27.93 -7.84 43.20
C GLU A 302 28.34 -7.46 41.80
N ILE A 303 27.60 -7.93 40.80
CA ILE A 303 27.90 -7.56 39.43
C ILE A 303 27.42 -6.12 39.22
N ILE A 304 28.37 -5.19 39.13
CA ILE A 304 28.03 -3.78 38.99
C ILE A 304 28.41 -3.21 37.64
N ALA A 305 29.16 -3.95 36.82
CA ALA A 305 29.56 -3.43 35.54
C ALA A 305 29.63 -4.58 34.54
N ALA A 306 29.42 -4.27 33.27
CA ALA A 306 29.45 -5.29 32.21
C ALA A 306 30.25 -4.77 31.04
N TYR A 307 31.34 -5.48 30.65
CA TYR A 307 32.03 -5.10 29.42
C TYR A 307 31.35 -5.74 28.21
N THR A 308 31.60 -5.12 27.04
CA THR A 308 31.23 -5.73 25.76
C THR A 308 32.13 -5.14 24.70
N PHE A 309 32.43 -5.94 23.67
CA PHE A 309 33.37 -5.52 22.64
C PHE A 309 32.74 -5.84 21.32
N ASP A 310 32.79 -4.87 20.40
CA ASP A 310 32.34 -5.13 19.04
C ASP A 310 33.53 -5.58 18.19
N ALA A 311 33.59 -5.17 16.91
CA ALA A 311 34.60 -5.73 16.00
C ALA A 311 35.89 -4.89 16.04
N GLY A 312 36.50 -4.87 17.23
CA GLY A 312 37.75 -4.19 17.45
C GLY A 312 38.01 -4.23 18.93
N PRO A 313 39.13 -3.65 19.38
CA PRO A 313 39.54 -3.81 20.78
C PRO A 313 38.91 -2.83 21.76
N ASN A 314 38.15 -1.81 21.30
CA ASN A 314 37.60 -0.84 22.25
C ASN A 314 36.58 -1.51 23.17
N ALA A 315 36.61 -1.14 24.47
CA ALA A 315 35.65 -1.65 25.44
C ALA A 315 34.47 -0.68 25.58
N VAL A 316 33.28 -1.23 25.75
CA VAL A 316 32.14 -0.47 26.29
C VAL A 316 31.78 -1.10 27.62
N ILE A 317 31.71 -0.30 28.68
CA ILE A 317 31.43 -0.85 30.01
C ILE A 317 30.12 -0.27 30.48
N TYR A 318 29.09 -1.12 30.55
CA TYR A 318 27.79 -0.65 31.01
C TYR A 318 27.80 -0.66 32.54
N THR A 319 27.16 0.35 33.13
CA THR A 319 27.04 0.39 34.58
C THR A 319 25.96 1.42 34.88
N LEU A 320 25.21 1.20 35.96
CA LEU A 320 24.27 2.26 36.35
C LEU A 320 25.07 3.48 36.80
N GLU A 321 24.50 4.66 36.57
CA GLU A 321 25.17 5.89 36.97
C GLU A 321 25.77 5.84 38.37
N LYS A 322 25.02 5.31 39.34
CA LYS A 322 25.48 5.25 40.72
C LYS A 322 26.78 4.46 40.89
N ASN A 323 27.07 3.55 39.97
CA ASN A 323 28.31 2.77 40.05
C ASN A 323 29.38 3.25 39.09
N MET A 324 29.09 4.24 38.25
CA MET A 324 30.14 4.75 37.37
C MET A 324 31.38 5.21 38.13
N PRO A 325 31.31 5.83 39.32
CA PRO A 325 32.55 6.19 40.02
C PRO A 325 33.44 4.98 40.29
N PHE A 326 32.85 3.79 40.51
CA PHE A 326 33.70 2.61 40.67
C PHE A 326 34.38 2.22 39.36
N VAL A 327 33.65 2.27 38.25
CA VAL A 327 34.23 1.91 36.95
C VAL A 327 35.31 2.90 36.57
N LEU A 328 35.02 4.20 36.69
CA LEU A 328 36.05 5.21 36.42
C LEU A 328 37.28 5.01 37.28
N GLY A 329 37.08 4.77 38.58
CA GLY A 329 38.20 4.57 39.47
C GLY A 329 39.08 3.42 39.04
N ALA A 330 38.48 2.31 38.64
CA ALA A 330 39.26 1.14 38.27
C ALA A 330 39.99 1.36 36.95
N ILE A 331 39.30 1.92 35.96
CA ILE A 331 39.95 2.18 34.67
C ILE A 331 41.04 3.22 34.83
N LYS A 332 40.77 4.28 35.59
CA LYS A 332 41.78 5.32 35.76
C LYS A 332 42.98 4.84 36.57
N ARG A 333 42.77 3.85 37.46
CA ARG A 333 43.86 3.32 38.26
C ARG A 333 44.88 2.59 37.40
N PHE A 334 44.41 1.85 36.39
CA PHE A 334 45.27 0.93 35.67
C PHE A 334 45.61 1.37 34.26
N PHE A 335 44.86 2.30 33.68
CA PHE A 335 44.97 2.63 32.25
C PHE A 335 45.02 4.15 32.08
N PRO A 336 46.14 4.77 32.43
CA PRO A 336 46.25 6.23 32.22
C PRO A 336 46.10 6.57 30.74
N THR A 337 45.28 7.57 30.46
CA THR A 337 44.91 7.91 29.09
C THR A 337 45.76 9.05 28.55
N SER A 338 45.93 9.08 27.22
CA SER A 338 46.60 10.24 26.62
C SER A 338 45.64 11.41 26.45
N GLU A 339 44.37 11.16 26.17
CA GLU A 339 43.38 12.23 26.10
C GLU A 339 42.88 12.59 27.50
N GLU A 340 42.77 13.89 27.76
CA GLU A 340 42.15 14.34 29.00
C GLU A 340 40.70 13.87 29.07
N PHE A 341 40.23 13.60 30.29
CA PHE A 341 38.87 13.10 30.52
C PHE A 341 38.09 14.02 31.43
N GLU A 342 36.95 14.48 30.92
CA GLU A 342 35.90 15.15 31.67
C GLU A 342 34.60 14.38 31.50
N SER A 343 33.97 14.01 32.60
CA SER A 343 32.63 13.42 32.53
C SER A 343 31.64 14.51 32.16
N PRO A 344 30.72 14.27 31.22
CA PRO A 344 29.68 15.29 30.94
C PRO A 344 28.81 15.59 32.14
N PHE A 345 28.79 14.69 33.13
CA PHE A 345 28.00 14.88 34.33
C PHE A 345 28.87 15.19 35.53
N GLN A 346 30.18 15.33 35.35
CA GLN A 346 31.09 15.62 36.48
C GLN A 346 31.05 14.48 37.50
N THR A 347 30.70 13.29 37.01
CA THR A 347 30.77 12.09 37.83
C THR A 347 32.19 11.91 38.35
N GLY A 348 32.33 11.62 39.66
CA GLY A 348 33.62 11.44 40.27
C GLY A 348 34.14 10.01 40.23
N VAL A 349 35.15 9.76 41.07
CA VAL A 349 35.93 8.52 41.04
C VAL A 349 35.99 7.96 42.45
N ARG A 350 35.72 6.66 42.59
CA ARG A 350 35.82 6.00 43.89
C ARG A 350 36.97 5.01 43.89
N ASP A 351 37.54 4.81 45.08
CA ASP A 351 38.59 3.84 45.28
C ASP A 351 38.08 2.43 44.97
N LEU A 352 39.00 1.57 44.56
CA LEU A 352 38.68 0.18 44.34
C LEU A 352 38.04 -0.41 45.59
N PRO A 353 37.04 -1.28 45.44
CA PRO A 353 36.46 -1.94 46.61
C PRO A 353 37.53 -2.67 47.41
N GLU A 354 37.34 -2.72 48.73
CA GLU A 354 38.25 -3.48 49.57
C GLU A 354 38.32 -4.93 49.08
N GLY A 355 39.51 -5.47 49.01
CA GLY A 355 39.69 -6.83 48.54
C GLY A 355 40.02 -6.93 47.06
N PHE A 356 39.97 -5.81 46.35
CA PHE A 356 40.34 -5.84 44.93
C PHE A 356 41.79 -6.32 44.78
N ASN A 357 41.98 -7.35 43.95
CA ASN A 357 43.28 -7.96 43.75
C ASN A 357 43.99 -7.25 42.60
N THR A 358 44.92 -6.36 42.93
CA THR A 358 45.61 -5.63 41.88
C THR A 358 46.51 -6.54 41.05
N GLY A 359 46.79 -7.75 41.54
CA GLY A 359 47.55 -8.73 40.79
C GLY A 359 46.89 -9.19 39.50
N VAL A 360 45.62 -8.85 39.27
CA VAL A 360 45.00 -9.25 38.01
C VAL A 360 45.50 -8.41 36.85
N VAL A 361 46.23 -7.34 37.16
CA VAL A 361 46.86 -6.48 36.17
C VAL A 361 48.36 -6.78 36.16
N ARG A 362 48.96 -6.72 34.98
CA ARG A 362 50.34 -7.15 34.84
C ARG A 362 51.26 -6.31 35.71
N GLU A 363 52.30 -6.97 36.21
CA GLU A 363 53.42 -6.30 36.84
C GLU A 363 53.95 -5.22 35.89
N GLY A 364 54.16 -4.03 36.44
CA GLY A 364 54.56 -2.89 35.66
C GLY A 364 53.43 -2.05 35.14
N GLY A 365 52.20 -2.55 35.16
CA GLY A 365 51.05 -1.75 34.77
C GLY A 365 51.03 -1.46 33.28
N TRP A 366 50.20 -0.50 32.91
CA TRP A 366 50.02 -0.12 31.51
C TRP A 366 50.47 1.31 31.28
N GLU A 367 51.20 1.52 30.19
CA GLU A 367 51.74 2.84 29.88
C GLU A 367 50.61 3.79 29.53
N LYS A 368 50.86 5.07 29.77
CA LYS A 368 49.91 6.10 29.37
C LYS A 368 49.64 6.02 27.88
N GLY A 369 48.35 5.97 27.51
CA GLY A 369 47.96 5.89 26.13
C GLY A 369 47.62 4.50 25.64
N ALA A 370 47.94 3.45 26.43
CA ALA A 370 47.48 2.11 26.07
C ALA A 370 45.98 2.12 25.87
N VAL A 371 45.28 2.77 26.78
CA VAL A 371 43.95 3.32 26.52
C VAL A 371 44.15 4.78 26.12
N LYS A 372 43.61 5.14 24.95
CA LYS A 372 43.79 6.47 24.42
CA LYS A 372 43.79 6.47 24.42
C LYS A 372 42.92 7.49 25.15
N GLY A 373 41.65 7.15 25.37
CA GLY A 373 40.77 8.06 26.05
C GLY A 373 39.47 7.37 26.40
N LEU A 374 38.69 8.06 27.25
CA LEU A 374 37.43 7.55 27.75
C LEU A 374 36.30 8.44 27.25
N ILE A 375 35.14 7.83 27.05
CA ILE A 375 33.91 8.57 26.75
C ILE A 375 32.82 8.11 27.70
N HIS A 376 32.34 9.02 28.55
CA HIS A 376 31.23 8.71 29.42
C HIS A 376 29.91 9.09 28.75
N THR A 377 29.05 8.10 28.49
CA THR A 377 27.73 8.38 27.90
C THR A 377 26.69 7.52 28.62
N ARG A 378 25.50 7.40 28.01
CA ARG A 378 24.36 6.76 28.65
C ARG A 378 23.32 6.43 27.60
N VAL A 379 22.28 5.68 28.03
CA VAL A 379 21.20 5.32 27.12
C VAL A 379 20.52 6.61 26.62
N GLY A 380 20.20 6.62 25.32
CA GLY A 380 19.74 7.81 24.63
C GLY A 380 18.41 7.61 23.92
N ASP A 381 17.93 8.71 23.31
CA ASP A 381 16.72 8.72 22.51
C ASP A 381 17.04 8.30 21.06
N GLY A 382 16.00 8.17 20.25
CA GLY A 382 16.21 7.82 18.86
C GLY A 382 16.60 9.02 18.02
N PRO A 383 16.58 8.88 16.67
CA PRO A 383 17.03 9.98 15.81
C PRO A 383 16.28 11.28 16.08
N ARG A 384 16.99 12.38 15.82
CA ARG A 384 16.51 13.74 16.08
C ARG A 384 16.46 14.49 14.77
N VAL A 385 15.32 15.10 14.47
CA VAL A 385 15.22 16.02 13.34
C VAL A 385 15.67 17.39 13.80
N LEU A 386 16.63 17.98 13.08
CA LEU A 386 17.27 19.21 13.51
C LEU A 386 16.73 20.39 12.73
N GLU A 387 17.23 21.58 13.06
CA GLU A 387 16.77 22.83 12.46
C GLU A 387 17.68 23.26 11.31
N LYS A 388 17.16 24.16 10.48
CA LYS A 388 17.92 24.72 9.37
C LYS A 388 19.33 25.13 9.79
N GLU A 389 19.47 25.66 11.00
CA GLU A 389 20.78 26.14 11.46
C GLU A 389 21.84 25.06 11.47
N ASP A 390 21.43 23.79 11.61
CA ASP A 390 22.33 22.64 11.69
C ASP A 390 22.70 22.06 10.33
N SER A 391 22.23 22.65 9.24
CA SER A 391 22.45 22.07 7.92
C SER A 391 23.94 21.95 7.61
N LEU A 392 24.31 20.83 7.02
CA LEU A 392 25.66 20.66 6.52
C LEU A 392 25.83 21.16 5.09
N LEU A 393 24.77 21.63 4.43
CA LEU A 393 24.84 22.08 3.05
C LEU A 393 24.75 23.60 2.96
N GLY A 394 25.52 24.18 2.04
CA GLY A 394 25.41 25.58 1.70
C GLY A 394 24.22 25.83 0.79
N GLU A 395 24.10 27.09 0.35
CA GLU A 395 22.88 27.52 -0.35
C GLU A 395 22.77 26.94 -1.76
N ASN A 396 23.87 26.47 -2.35
CA ASN A 396 23.82 25.85 -3.66
C ASN A 396 23.77 24.34 -3.59
N GLY A 397 23.64 23.77 -2.40
CA GLY A 397 23.56 22.34 -2.24
C GLY A 397 24.90 21.64 -2.13
N VAL A 398 25.99 22.37 -2.00
CA VAL A 398 27.34 21.81 -1.87
C VAL A 398 27.71 21.91 -0.39
N PRO A 399 28.41 20.94 0.18
CA PRO A 399 28.68 20.98 1.63
C PRO A 399 29.39 22.26 2.02
N LYS A 400 29.10 22.70 3.25
CA LYS A 400 29.80 23.85 3.81
C LYS A 400 31.26 23.51 4.10
N VAL A 401 31.55 22.28 4.50
CA VAL A 401 32.90 21.84 4.83
C VAL A 401 33.30 20.73 3.87
N LEU A 402 34.38 20.97 3.14
CA LEU A 402 34.97 19.96 2.25
C LEU A 402 36.37 19.63 2.74
N ALA A 403 36.65 18.34 2.92
CA ALA A 403 38.01 17.92 3.26
C ALA A 403 38.90 18.02 2.03
N HIS B 8 -14.98 -27.38 21.42
CA HIS B 8 -14.11 -26.27 21.01
C HIS B 8 -14.40 -25.01 21.84
N MET B 9 -13.45 -24.08 21.83
CA MET B 9 -13.49 -22.93 22.72
C MET B 9 -14.54 -21.91 22.29
N VAL B 10 -15.23 -21.35 23.26
CA VAL B 10 -16.19 -20.28 23.00
C VAL B 10 -15.48 -18.94 23.21
N HIS B 11 -15.60 -18.05 22.23
CA HIS B 11 -15.07 -16.70 22.33
C HIS B 11 -16.25 -15.76 22.44
N GLU B 12 -16.49 -15.25 23.64
CA GLU B 12 -17.71 -14.48 23.89
C GLU B 12 -17.47 -13.52 25.04
N ALA B 13 -18.10 -12.36 24.95
CA ALA B 13 -18.02 -11.37 26.02
C ALA B 13 -19.37 -10.69 26.23
N THR B 14 -19.67 -10.36 27.47
CA THR B 14 -20.89 -9.62 27.76
C THR B 14 -20.48 -8.36 28.53
N ALA B 15 -21.03 -7.21 28.14
CA ALA B 15 -20.77 -5.97 28.86
C ALA B 15 -22.05 -5.17 29.01
N SER B 16 -22.16 -4.42 30.11
CA SER B 16 -23.22 -3.41 30.21
C SER B 16 -22.63 -2.02 30.05
N ALA B 17 -23.49 -1.09 29.63
CA ALA B 17 -23.10 0.30 29.57
C ALA B 17 -24.20 1.18 30.16
N PRO B 18 -23.81 2.33 30.69
CA PRO B 18 -24.78 3.24 31.34
C PRO B 18 -25.47 4.19 30.37
N VAL B 19 -26.64 4.63 30.81
CA VAL B 19 -27.24 5.80 30.19
CA VAL B 19 -27.29 5.81 30.25
C VAL B 19 -26.51 7.05 30.70
N ASN B 20 -26.61 8.12 29.92
CA ASN B 20 -26.05 9.38 30.40
C ASN B 20 -27.03 10.49 30.03
N ILE B 21 -27.05 11.54 30.84
CA ILE B 21 -27.94 12.69 30.62
C ILE B 21 -27.08 13.92 30.44
N ALA B 22 -27.22 14.57 29.29
CA ALA B 22 -26.39 15.73 28.97
C ALA B 22 -26.86 16.94 29.77
N CYS B 23 -25.90 17.64 30.39
CA CYS B 23 -26.17 18.96 30.97
C CYS B 23 -25.93 20.06 29.95
N ILE B 24 -24.88 19.92 29.14
CA ILE B 24 -24.64 20.76 27.97
C ILE B 24 -24.99 19.91 26.74
N LYS B 25 -26.00 20.34 25.98
CA LYS B 25 -26.68 19.45 25.03
C LYS B 25 -25.98 19.32 23.69
N TYR B 26 -25.98 18.10 23.18
CA TYR B 26 -25.67 17.80 21.80
C TYR B 26 -26.92 17.99 20.96
N TRP B 27 -26.85 18.87 19.98
CA TRP B 27 -27.98 19.03 19.06
C TRP B 27 -27.42 19.70 17.81
N GLY B 28 -27.10 18.86 16.81
CA GLY B 28 -26.61 19.37 15.54
C GLY B 28 -25.32 18.68 15.17
N LYS B 29 -25.23 18.24 13.92
CA LYS B 29 -23.99 17.67 13.39
C LYS B 29 -23.42 18.57 12.31
N ARG B 30 -22.09 18.68 12.27
CA ARG B 30 -21.41 19.30 11.16
C ARG B 30 -20.96 18.28 10.11
N ASP B 31 -20.94 16.99 10.46
CA ASP B 31 -20.65 15.91 9.51
C ASP B 31 -21.59 14.76 9.88
N THR B 32 -22.54 14.45 9.00
CA THR B 32 -23.57 13.48 9.36
C THR B 32 -23.12 12.04 9.21
N ARG B 33 -22.05 11.78 8.45
CA ARG B 33 -21.55 10.42 8.35
C ARG B 33 -20.67 10.07 9.54
N LEU B 34 -19.67 10.90 9.79
CA LEU B 34 -18.75 10.65 10.91
C LEU B 34 -19.36 11.01 12.26
N ILE B 35 -20.53 11.65 12.28
CA ILE B 35 -21.15 12.14 13.51
C ILE B 35 -20.17 13.07 14.24
N LEU B 36 -19.80 14.16 13.58
CA LEU B 36 -19.07 15.21 14.25
C LEU B 36 -20.06 16.31 14.61
N PRO B 37 -20.05 16.81 15.84
CA PRO B 37 -21.11 17.73 16.27
C PRO B 37 -20.78 19.18 15.97
N THR B 38 -21.85 20.01 16.00
CA THR B 38 -21.67 21.46 15.87
C THR B 38 -21.12 22.12 17.14
N ASN B 39 -21.11 21.41 18.25
CA ASN B 39 -20.61 21.93 19.51
C ASN B 39 -20.27 20.77 20.41
N SER B 40 -19.46 21.07 21.44
CA SER B 40 -19.19 20.07 22.47
C SER B 40 -20.42 19.88 23.37
N SER B 41 -20.41 18.77 24.11
CA SER B 41 -21.48 18.47 25.06
C SER B 41 -20.87 17.85 26.32
N LEU B 42 -21.69 17.77 27.38
CA LEU B 42 -21.19 17.30 28.66
C LEU B 42 -22.35 16.66 29.43
N SER B 43 -22.10 15.52 30.05
CA SER B 43 -23.17 14.71 30.63
C SER B 43 -22.75 14.14 31.97
N VAL B 44 -23.76 13.69 32.72
CA VAL B 44 -23.57 12.85 33.90
C VAL B 44 -23.92 11.42 33.53
N THR B 45 -22.98 10.51 33.74
CA THR B 45 -23.25 9.09 33.56
C THR B 45 -24.10 8.58 34.72
N LEU B 46 -25.17 7.85 34.43
CA LEU B 46 -26.03 7.36 35.50
C LEU B 46 -25.67 5.91 35.87
N ASP B 47 -26.14 5.50 37.04
CA ASP B 47 -25.77 4.22 37.66
C ASP B 47 -26.41 3.03 36.94
N GLN B 48 -25.57 2.11 36.43
CA GLN B 48 -26.02 0.88 35.78
C GLN B 48 -26.76 -0.08 36.70
N ASP B 49 -26.69 0.12 38.02
CA ASP B 49 -27.54 -0.68 38.88
C ASP B 49 -29.01 -0.43 38.62
N HIS B 50 -29.34 0.72 38.02
CA HIS B 50 -30.72 1.12 37.81
C HIS B 50 -31.11 1.05 36.34
N LEU B 51 -30.41 1.75 35.47
CA LEU B 51 -30.69 1.72 34.05
C LEU B 51 -29.46 1.23 33.31
N ARG B 52 -29.66 0.37 32.32
CA ARG B 52 -28.48 -0.11 31.59
C ARG B 52 -28.90 -0.76 30.30
N SER B 53 -27.93 -0.88 29.40
CA SER B 53 -28.02 -1.77 28.25
C SER B 53 -26.94 -2.82 28.40
N THR B 54 -27.28 -4.05 28.04
CA THR B 54 -26.36 -5.18 28.16
C THR B 54 -26.23 -5.85 26.81
N THR B 55 -24.99 -6.18 26.43
CA THR B 55 -24.78 -6.77 25.11
C THR B 55 -23.80 -7.92 25.22
N THR B 56 -24.17 -9.05 24.62
CA THR B 56 -23.30 -10.22 24.50
C THR B 56 -22.89 -10.32 23.04
N SER B 57 -21.59 -10.48 22.79
CA SER B 57 -21.09 -10.67 21.43
CA SER B 57 -21.07 -10.66 21.43
C SER B 57 -20.21 -11.92 21.42
N ARG B 58 -20.38 -12.72 20.39
CA ARG B 58 -19.63 -13.97 20.26
C ARG B 58 -19.15 -14.07 18.83
N ALA B 59 -17.89 -14.50 18.66
CA ALA B 59 -17.30 -14.79 17.35
C ALA B 59 -16.99 -16.27 17.29
N ASP B 60 -17.32 -16.93 16.19
CA ASP B 60 -17.11 -18.37 16.10
C ASP B 60 -16.92 -18.71 14.64
N ALA B 61 -15.84 -19.45 14.32
CA ALA B 61 -15.54 -19.76 12.94
C ALA B 61 -16.61 -20.63 12.30
N SER B 62 -17.43 -21.29 13.10
CA SER B 62 -18.45 -22.20 12.60
C SER B 62 -19.83 -21.58 12.52
N PHE B 63 -19.96 -20.30 12.86
CA PHE B 63 -21.24 -19.63 12.66
C PHE B 63 -21.50 -19.52 11.17
N GLU B 64 -22.77 -19.56 10.79
CA GLU B 64 -23.10 -19.29 9.41
C GLU B 64 -22.61 -17.90 9.01
N ALA B 65 -22.13 -17.78 7.76
CA ALA B 65 -21.52 -16.53 7.32
C ALA B 65 -22.50 -15.36 7.44
N GLY B 66 -21.99 -14.20 7.82
CA GLY B 66 -22.81 -13.02 7.96
C GLY B 66 -23.09 -12.69 9.42
N ASP B 67 -22.87 -11.46 9.84
CA ASP B 67 -23.10 -11.12 11.25
C ASP B 67 -24.60 -11.01 11.51
N ARG B 68 -25.00 -11.28 12.75
CA ARG B 68 -26.41 -11.17 13.14
C ARG B 68 -26.49 -10.51 14.50
N LEU B 69 -27.46 -9.62 14.65
CA LEU B 69 -27.65 -8.88 15.87
C LEU B 69 -29.12 -8.87 16.26
N TRP B 70 -29.39 -9.01 17.55
CA TRP B 70 -30.74 -8.95 18.09
C TRP B 70 -30.81 -7.86 19.14
N LEU B 71 -31.91 -7.13 19.13
CA LEU B 71 -32.16 -6.08 20.11
CA LEU B 71 -32.19 -6.05 20.07
C LEU B 71 -33.48 -6.38 20.80
N ASN B 72 -33.42 -6.53 22.13
CA ASN B 72 -34.61 -6.86 22.92
C ASN B 72 -35.35 -8.05 22.33
N GLY B 73 -34.62 -9.01 21.76
CA GLY B 73 -35.21 -10.23 21.27
C GLY B 73 -35.62 -10.22 19.81
N ARG B 74 -35.50 -9.09 19.13
CA ARG B 74 -35.92 -8.96 17.74
C ARG B 74 -34.69 -8.75 16.88
N GLU B 75 -34.57 -9.51 15.80
CA GLU B 75 -33.38 -9.38 14.97
C GLU B 75 -33.40 -8.05 14.23
N GLU B 76 -32.25 -7.41 14.20
CA GLU B 76 -32.05 -6.16 13.49
C GLU B 76 -31.16 -6.38 12.30
N ALA B 77 -31.52 -5.82 11.15
CA ALA B 77 -30.68 -5.93 9.97
C ALA B 77 -29.44 -5.05 10.10
N ILE B 78 -28.28 -5.63 9.85
CA ILE B 78 -27.01 -4.89 9.92
C ILE B 78 -26.68 -4.51 8.48
N LYS B 79 -27.16 -3.36 8.04
CA LYS B 79 -27.01 -2.94 6.65
C LYS B 79 -25.66 -2.26 6.44
N GLU B 80 -24.98 -2.61 5.35
CA GLU B 80 -23.67 -2.02 5.08
C GLU B 80 -23.75 -0.51 5.08
N GLY B 81 -22.82 0.13 5.79
CA GLY B 81 -22.79 1.57 5.84
C GLY B 81 -23.61 2.18 6.94
N GLY B 82 -24.50 1.41 7.57
CA GLY B 82 -25.30 1.93 8.66
C GLY B 82 -24.51 2.03 9.95
N ARG B 83 -25.19 2.56 10.98
CA ARG B 83 -24.51 2.82 12.25
C ARG B 83 -23.91 1.54 12.85
N LEU B 84 -24.69 0.46 12.94
CA LEU B 84 -24.14 -0.77 13.53
C LEU B 84 -23.01 -1.33 12.70
N ALA B 85 -23.20 -1.37 11.38
CA ALA B 85 -22.19 -1.98 10.54
C ALA B 85 -20.88 -1.22 10.63
N VAL B 86 -20.95 0.11 10.70
CA VAL B 86 -19.72 0.90 10.77
C VAL B 86 -18.97 0.61 12.06
N CYS B 87 -19.70 0.55 13.17
CA CYS B 87 -19.05 0.26 14.44
CA CYS B 87 -19.07 0.25 14.44
C CYS B 87 -18.39 -1.10 14.42
N ILE B 88 -19.11 -2.13 13.95
CA ILE B 88 -18.53 -3.47 13.84
C ILE B 88 -17.30 -3.45 12.96
N LYS B 89 -17.37 -2.74 11.82
CA LYS B 89 -16.24 -2.69 10.89
CA LYS B 89 -16.25 -2.67 10.89
C LYS B 89 -15.00 -2.09 11.56
N GLU B 90 -15.17 -0.99 12.31
CA GLU B 90 -14.00 -0.38 12.93
C GLU B 90 -13.41 -1.27 14.02
N LEU B 91 -14.26 -1.95 14.79
CA LEU B 91 -13.72 -2.76 15.88
C LEU B 91 -13.06 -4.01 15.31
N ARG B 92 -13.65 -4.61 14.26
CA ARG B 92 -12.98 -5.72 13.58
CA ARG B 92 -12.99 -5.71 13.56
C ARG B 92 -11.61 -5.30 13.07
N ALA B 93 -11.50 -4.08 12.54
CA ALA B 93 -10.21 -3.63 12.02
C ALA B 93 -9.18 -3.53 13.12
N TRP B 94 -9.58 -3.06 14.30
CA TRP B 94 -8.62 -3.00 15.41
C TRP B 94 -8.22 -4.40 15.85
N ARG B 95 -9.15 -5.36 15.81
CA ARG B 95 -8.78 -6.73 16.12
C ARG B 95 -7.83 -7.30 15.07
N LYS B 96 -8.08 -7.04 13.79
CA LYS B 96 -7.21 -7.58 12.76
C LYS B 96 -5.80 -7.00 12.89
N GLU B 97 -5.69 -5.75 13.36
CA GLU B 97 -4.36 -5.20 13.65
C GLU B 97 -3.61 -6.05 14.65
N MET B 98 -4.29 -6.50 15.72
CA MET B 98 -3.62 -7.36 16.69
C MET B 98 -3.16 -8.66 16.05
N GLU B 99 -4.01 -9.22 15.19
CA GLU B 99 -3.69 -10.49 14.55
C GLU B 99 -2.55 -10.33 13.57
N THR B 100 -2.42 -9.16 12.94
CA THR B 100 -1.29 -8.92 12.05
C THR B 100 0.02 -8.84 12.84
N LYS B 101 -0.01 -8.20 14.01
CA LYS B 101 1.19 -8.03 14.83
C LYS B 101 1.59 -9.33 15.53
N ASP B 102 0.63 -10.22 15.83
CA ASP B 102 0.91 -11.51 16.46
C ASP B 102 0.19 -12.61 15.69
N LYS B 103 0.90 -13.25 14.76
CA LYS B 103 0.34 -14.27 13.88
C LYS B 103 -0.11 -15.53 14.62
N ASN B 104 0.22 -15.68 15.90
CA ASN B 104 -0.23 -16.83 16.66
C ASN B 104 -1.62 -16.67 17.23
N LEU B 105 -2.14 -15.44 17.33
CA LEU B 105 -3.45 -15.25 17.93
C LEU B 105 -4.53 -15.90 17.06
N PRO B 106 -5.58 -16.46 17.66
CA PRO B 106 -6.70 -16.94 16.86
C PRO B 106 -7.30 -15.79 16.05
N LYS B 107 -7.78 -16.13 14.84
CA LYS B 107 -8.25 -15.14 13.87
C LYS B 107 -9.69 -14.72 14.14
N LEU B 108 -9.95 -14.17 15.34
CA LEU B 108 -11.30 -13.78 15.70
C LEU B 108 -11.92 -12.82 14.70
N SER B 109 -11.10 -11.91 14.15
CA SER B 109 -11.63 -10.90 13.24
C SER B 109 -12.23 -11.52 11.98
N GLU B 110 -11.83 -12.73 11.63
CA GLU B 110 -12.29 -13.36 10.40
C GLU B 110 -13.60 -14.12 10.56
N TRP B 111 -14.15 -14.22 11.80
CA TRP B 111 -15.29 -15.08 12.04
C TRP B 111 -16.58 -14.28 12.13
N PRO B 112 -17.72 -14.88 11.80
CA PRO B 112 -18.99 -14.16 11.96
C PRO B 112 -19.28 -13.86 13.41
N LEU B 113 -20.02 -12.79 13.60
CA LEU B 113 -20.44 -12.37 14.93
C LEU B 113 -21.90 -12.71 15.19
N ARG B 114 -22.21 -13.04 16.44
CA ARG B 114 -23.59 -13.13 16.92
C ARG B 114 -23.68 -12.20 18.11
N ILE B 115 -24.61 -11.26 18.07
CA ILE B 115 -24.68 -10.17 19.04
C ILE B 115 -26.13 -10.07 19.55
N ALA B 116 -26.31 -10.05 20.87
CA ALA B 116 -27.65 -9.89 21.44
C ALA B 116 -27.58 -8.77 22.47
N SER B 117 -28.52 -7.84 22.40
CA SER B 117 -28.54 -6.74 23.36
CA SER B 117 -28.56 -6.71 23.31
C SER B 117 -29.93 -6.63 23.97
N TYR B 118 -29.96 -6.10 25.19
CA TYR B 118 -31.21 -5.87 25.91
CA TYR B 118 -31.21 -5.87 25.89
C TYR B 118 -31.05 -4.62 26.74
N ASN B 119 -32.06 -3.75 26.74
CA ASN B 119 -32.11 -2.58 27.62
CA ASN B 119 -32.06 -2.63 27.67
C ASN B 119 -33.16 -2.88 28.68
N ASN B 120 -32.89 -2.50 29.93
CA ASN B 120 -33.84 -2.81 30.99
C ASN B 120 -34.85 -1.69 31.23
N PHE B 121 -35.06 -0.81 30.24
CA PHE B 121 -35.93 0.33 30.56
C PHE B 121 -37.41 -0.10 30.54
N PRO B 122 -38.23 0.44 31.47
CA PRO B 122 -39.69 0.24 31.54
C PRO B 122 -40.39 0.31 30.19
N ALA B 124 -43.07 1.49 27.74
CA ALA B 124 -42.68 2.70 27.03
C ALA B 124 -42.53 3.88 27.99
N ALA B 125 -41.37 3.96 28.64
CA ALA B 125 -41.00 5.10 29.45
C ALA B 125 -40.41 6.23 28.62
N GLY B 126 -40.23 6.04 27.31
CA GLY B 126 -39.69 7.11 26.49
C GLY B 126 -38.23 7.44 26.75
N LEU B 127 -37.49 6.55 27.41
CA LEU B 127 -36.06 6.74 27.65
C LEU B 127 -35.28 6.45 26.37
N ALA B 128 -34.37 7.35 26.00
CA ALA B 128 -33.58 7.15 24.78
C ALA B 128 -32.57 6.04 25.01
N SER B 129 -32.54 5.05 24.11
CA SER B 129 -31.77 3.85 24.35
C SER B 129 -30.48 3.76 23.55
N SER B 130 -30.24 4.66 22.59
CA SER B 130 -29.14 4.48 21.65
CA SER B 130 -29.14 4.45 21.67
C SER B 130 -27.80 4.75 22.29
N ALA B 131 -27.72 5.72 23.20
CA ALA B 131 -26.42 6.01 23.79
C ALA B 131 -25.88 4.82 24.56
N SER B 132 -26.68 4.29 25.50
CA SER B 132 -26.23 3.14 26.27
C SER B 132 -26.13 1.91 25.38
N GLY B 133 -27.03 1.77 24.42
CA GLY B 133 -27.02 0.60 23.56
C GLY B 133 -25.74 0.52 22.73
N LEU B 134 -25.37 1.61 22.09
CA LEU B 134 -24.18 1.58 21.24
C LEU B 134 -22.92 1.53 22.10
N ALA B 135 -22.92 2.16 23.27
CA ALA B 135 -21.76 2.02 24.15
C ALA B 135 -21.58 0.58 24.60
N ALA B 136 -22.67 -0.15 24.89
CA ALA B 136 -22.54 -1.53 25.30
C ALA B 136 -22.05 -2.40 24.15
N LEU B 137 -22.53 -2.13 22.94
CA LEU B 137 -22.00 -2.84 21.77
C LEU B 137 -20.49 -2.70 21.69
N VAL B 138 -20.01 -1.46 21.83
CA VAL B 138 -18.57 -1.21 21.70
C VAL B 138 -17.81 -1.86 22.86
N ALA B 139 -18.31 -1.70 24.10
CA ALA B 139 -17.65 -2.33 25.23
C ALA B 139 -17.63 -3.84 25.07
N SER B 140 -18.74 -4.42 24.61
CA SER B 140 -18.82 -5.88 24.44
C SER B 140 -17.80 -6.38 23.42
N LEU B 141 -17.78 -5.76 22.24
CA LEU B 141 -16.86 -6.20 21.20
C LEU B 141 -15.41 -5.96 21.60
N ALA B 142 -15.14 -4.82 22.28
CA ALA B 142 -13.77 -4.56 22.72
C ALA B 142 -13.29 -5.63 23.70
N SER B 143 -14.18 -6.10 24.57
CA SER B 143 -13.82 -7.21 25.46
C SER B 143 -13.67 -8.53 24.70
N LEU B 144 -14.59 -8.84 23.78
CA LEU B 144 -14.50 -10.05 22.97
C LEU B 144 -13.17 -10.13 22.24
N TYR B 145 -12.73 -9.01 21.68
CA TYR B 145 -11.54 -8.93 20.85
C TYR B 145 -10.28 -8.63 21.67
N SER B 146 -10.41 -8.44 22.98
CA SER B 146 -9.29 -8.03 23.82
C SER B 146 -8.59 -6.80 23.27
N LEU B 147 -9.36 -5.83 22.81
CA LEU B 147 -8.75 -4.67 22.16
C LEU B 147 -7.94 -3.87 23.17
N PRO B 148 -6.76 -3.37 22.79
CA PRO B 148 -5.96 -2.55 23.71
C PRO B 148 -6.41 -1.10 23.81
N GLN B 149 -7.33 -0.64 22.95
CA GLN B 149 -7.67 0.77 22.88
C GLN B 149 -8.25 1.29 24.20
N SER B 150 -7.88 2.53 24.52
CA SER B 150 -8.40 3.18 25.71
C SER B 150 -9.88 3.49 25.57
N PRO B 151 -10.58 3.80 26.67
CA PRO B 151 -11.96 4.28 26.52
C PRO B 151 -12.08 5.49 25.62
N SER B 152 -11.12 6.42 25.67
CA SER B 152 -11.12 7.57 24.78
C SER B 152 -11.11 7.11 23.32
N GLN B 153 -10.22 6.18 23.00
CA GLN B 153 -10.14 5.68 21.63
CA GLN B 153 -10.14 5.68 21.63
C GLN B 153 -11.41 4.94 21.23
N LEU B 154 -11.96 4.13 22.14
CA LEU B 154 -13.20 3.42 21.84
C LEU B 154 -14.34 4.39 21.61
N SER B 155 -14.30 5.56 22.25
CA SER B 155 -15.42 6.49 22.14
C SER B 155 -15.50 7.05 20.72
N LEU B 156 -14.40 7.03 19.98
CA LEU B 156 -14.42 7.42 18.57
CA LEU B 156 -14.43 7.43 18.58
C LEU B 156 -15.35 6.52 17.77
N VAL B 157 -15.36 5.23 18.08
CA VAL B 157 -16.25 4.31 17.40
C VAL B 157 -17.68 4.47 17.90
N ALA B 158 -17.86 4.52 19.24
CA ALA B 158 -19.21 4.67 19.76
C ALA B 158 -19.89 5.90 19.18
N ARG B 159 -19.14 6.99 19.04
CA ARG B 159 -19.67 8.24 18.48
C ARG B 159 -20.32 8.02 17.12
N GLN B 160 -19.72 7.15 16.31
CA GLN B 160 -20.23 6.87 14.97
C GLN B 160 -21.45 5.97 14.98
N GLY B 161 -21.72 5.30 16.09
CA GLY B 161 -22.98 4.56 16.22
C GLY B 161 -24.12 5.47 16.61
N SER B 162 -23.82 6.37 17.52
CA SER B 162 -24.80 7.31 18.05
C SER B 162 -23.99 8.36 18.78
N GLY B 163 -24.17 9.64 18.47
CA GLY B 163 -23.23 10.62 19.00
C GLY B 163 -23.09 10.55 20.51
N SER B 164 -24.21 10.56 21.23
N SER B 164 -24.23 10.56 21.22
CA SER B 164 -24.08 10.63 22.68
CA SER B 164 -24.23 10.58 22.67
C SER B 164 -23.65 9.30 23.30
C SER B 164 -23.60 9.32 23.27
N ALA B 165 -23.57 8.21 22.52
CA ALA B 165 -22.96 6.99 23.03
C ALA B 165 -21.52 7.19 23.44
N CYS B 166 -20.82 8.16 22.82
CA CYS B 166 -19.40 8.26 23.14
C CYS B 166 -19.21 8.68 24.57
N ARG B 167 -20.14 9.45 25.11
CA ARG B 167 -20.04 9.87 26.50
C ARG B 167 -20.37 8.75 27.49
N SER B 168 -20.94 7.63 27.04
CA SER B 168 -21.17 6.51 27.96
C SER B 168 -19.99 5.55 28.07
N LEU B 169 -18.84 5.93 27.51
CA LEU B 169 -17.63 5.13 27.66
C LEU B 169 -16.88 5.46 28.94
N PHE B 170 -17.33 6.48 29.67
CA PHE B 170 -16.76 6.90 30.93
C PHE B 170 -17.85 7.02 31.99
N GLY B 171 -17.45 6.78 33.25
CA GLY B 171 -18.30 7.12 34.37
C GLY B 171 -18.18 8.58 34.75
N GLY B 172 -18.99 9.00 35.71
CA GLY B 172 -18.82 10.34 36.27
C GLY B 172 -19.40 11.43 35.39
N PHE B 173 -18.58 12.45 35.14
CA PHE B 173 -18.95 13.64 34.40
C PHE B 173 -18.07 13.69 33.16
N VAL B 174 -18.69 13.74 31.98
CA VAL B 174 -17.99 13.36 30.75
C VAL B 174 -18.27 14.37 29.67
N ALA B 175 -17.22 14.83 28.99
CA ALA B 175 -17.38 15.74 27.86
C ALA B 175 -17.24 14.97 26.55
N TRP B 176 -18.00 15.40 25.54
CA TRP B 176 -17.72 15.05 24.15
C TRP B 176 -17.09 16.30 23.55
N ARG B 177 -15.80 16.22 23.28
CA ARG B 177 -15.07 17.34 22.67
C ARG B 177 -15.38 17.37 21.19
N GLU B 178 -15.86 18.51 20.72
CA GLU B 178 -16.31 18.59 19.33
C GLU B 178 -15.21 18.20 18.35
N GLY B 179 -13.94 18.54 18.65
CA GLY B 179 -12.84 18.35 17.72
C GLY B 179 -12.82 19.35 16.58
N THR B 180 -11.67 19.51 15.92
CA THR B 180 -11.57 20.29 14.70
C THR B 180 -11.03 19.48 13.54
N ASP B 181 -10.65 18.22 13.77
CA ASP B 181 -10.16 17.40 12.66
C ASP B 181 -11.32 17.00 11.77
N PRO B 182 -11.29 17.30 10.47
CA PRO B 182 -12.38 16.84 9.59
C PRO B 182 -12.53 15.34 9.55
N ALA B 183 -11.47 14.59 9.83
CA ALA B 183 -11.55 13.14 9.85
C ALA B 183 -12.03 12.62 11.18
N GLY B 184 -12.18 13.48 12.19
CA GLY B 184 -12.81 13.12 13.44
C GLY B 184 -11.91 12.55 14.51
N SER B 185 -10.58 12.59 14.32
CA SER B 185 -9.68 11.93 15.25
C SER B 185 -9.75 12.52 16.65
N ASP B 186 -10.15 13.80 16.79
CA ASP B 186 -10.21 14.46 18.09
C ASP B 186 -11.63 14.75 18.56
N SER B 187 -12.64 14.16 17.95
CA SER B 187 -14.03 14.29 18.37
C SER B 187 -14.29 13.06 19.22
N LEU B 188 -14.07 13.19 20.53
CA LEU B 188 -14.11 12.02 21.39
CA LEU B 188 -13.88 12.07 21.46
C LEU B 188 -14.51 12.43 22.79
N ALA B 189 -14.80 11.42 23.60
CA ALA B 189 -15.24 11.65 24.97
C ALA B 189 -14.02 11.72 25.88
N GLU B 190 -14.19 12.46 26.98
CA GLU B 190 -13.10 12.74 27.91
C GLU B 190 -13.70 12.87 29.29
N GLU B 191 -13.09 12.25 30.31
CA GLU B 191 -13.58 12.43 31.67
C GLU B 191 -13.29 13.85 32.15
N VAL B 192 -14.33 14.53 32.62
CA VAL B 192 -14.13 15.80 33.31
C VAL B 192 -13.88 15.58 34.79
N ALA B 193 -14.64 14.67 35.40
CA ALA B 193 -14.37 14.19 36.76
C ALA B 193 -14.94 12.79 36.92
N PRO B 194 -14.26 11.92 37.68
CA PRO B 194 -14.79 10.57 37.89
C PRO B 194 -15.95 10.58 38.87
N ARG B 195 -16.70 9.47 38.85
CA ARG B 195 -17.80 9.29 39.78
C ARG B 195 -17.39 9.58 41.21
N GLU B 196 -16.22 9.09 41.62
CA GLU B 196 -15.76 9.24 42.99
CA GLU B 196 -15.81 9.24 43.01
C GLU B 196 -15.53 10.69 43.39
N HIS B 197 -15.42 11.61 42.43
CA HIS B 197 -15.22 13.02 42.74
C HIS B 197 -16.48 13.63 43.36
N TRP B 198 -17.67 13.17 42.95
CA TRP B 198 -18.89 13.82 43.46
C TRP B 198 -20.02 12.79 43.50
N PRO B 199 -19.87 11.72 44.29
CA PRO B 199 -20.82 10.61 44.22
C PRO B 199 -22.19 10.99 44.75
N GLU B 200 -22.27 12.10 45.46
CA GLU B 200 -23.53 12.58 46.01
C GLU B 200 -24.48 13.09 44.92
N MET B 201 -24.03 13.22 43.68
CA MET B 201 -24.93 13.73 42.66
C MET B 201 -25.98 12.68 42.33
N HIS B 202 -27.24 12.97 42.66
CA HIS B 202 -28.37 12.10 42.36
C HIS B 202 -29.25 12.68 41.26
N ALA B 203 -30.16 11.86 40.76
CA ALA B 203 -31.07 12.30 39.71
C ALA B 203 -32.42 11.63 39.86
N LEU B 204 -33.48 12.42 39.75
CA LEU B 204 -34.84 11.90 39.73
C LEU B 204 -35.41 12.05 38.31
N ILE B 205 -35.66 10.93 37.66
CA ILE B 205 -36.27 10.93 36.34
C ILE B 205 -37.78 10.87 36.50
N CYS B 206 -38.45 11.83 35.91
CA CYS B 206 -39.91 11.90 35.92
C CYS B 206 -40.36 11.47 34.54
N VAL B 207 -40.94 10.27 34.46
CA VAL B 207 -41.43 9.73 33.19
C VAL B 207 -42.79 10.36 32.91
N VAL B 208 -42.89 11.14 31.84
CA VAL B 208 -44.04 12.00 31.59
C VAL B 208 -44.93 11.39 30.51
N SER B 209 -46.24 11.34 30.77
CA SER B 209 -47.18 10.89 29.74
CA SER B 209 -47.18 10.90 29.75
C SER B 209 -47.07 11.78 28.52
N ASP B 210 -47.01 11.16 27.34
CA ASP B 210 -46.76 11.87 26.09
CA ASP B 210 -46.73 11.85 26.07
C ASP B 210 -47.75 11.36 25.05
N ALA B 211 -48.52 12.29 24.47
CA ALA B 211 -49.54 11.89 23.50
C ALA B 211 -48.97 11.81 22.09
N SER B 216 -38.14 12.68 15.48
CA SER B 216 -36.88 11.96 15.55
C SER B 216 -35.68 12.90 15.65
N SER B 217 -34.73 12.54 16.53
CA SER B 217 -33.61 13.41 16.87
C SER B 217 -32.63 13.55 15.72
N THR B 218 -32.36 12.48 14.97
CA THR B 218 -31.36 12.55 13.90
C THR B 218 -31.80 13.50 12.79
N SER B 219 -32.95 13.25 12.18
CA SER B 219 -33.44 14.16 11.15
C SER B 219 -33.83 15.51 11.75
N GLY B 220 -34.40 15.47 12.96
CA GLY B 220 -34.76 16.65 13.70
C GLY B 220 -33.58 17.60 13.85
N MET B 221 -32.47 17.15 14.44
CA MET B 221 -31.40 18.10 14.74
C MET B 221 -30.85 18.73 13.47
N GLN B 222 -30.85 18.01 12.33
CA GLN B 222 -30.29 18.63 11.14
C GLN B 222 -31.21 19.70 10.59
N LYS B 223 -32.52 19.58 10.82
CA LYS B 223 -33.42 20.65 10.43
C LYS B 223 -33.13 21.91 11.24
N THR B 224 -32.78 21.74 12.51
CA THR B 224 -32.39 22.89 13.32
C THR B 224 -31.13 23.53 12.75
N VAL B 225 -30.14 22.72 12.42
CA VAL B 225 -28.93 23.28 11.83
C VAL B 225 -29.26 24.04 10.56
N GLU B 226 -30.19 23.51 9.74
CA GLU B 226 -30.48 24.14 8.45
CA GLU B 226 -30.49 24.13 8.45
C GLU B 226 -31.27 25.43 8.60
N THR B 227 -32.19 25.51 9.57
CA THR B 227 -33.21 26.55 9.58
C THR B 227 -33.23 27.48 10.78
N SER B 228 -32.60 27.11 11.90
CA SER B 228 -32.70 27.95 13.10
C SER B 228 -31.62 29.02 13.09
N THR B 229 -32.02 30.29 12.93
CA THR B 229 -31.03 31.36 13.08
C THR B 229 -30.47 31.39 14.51
N LEU B 230 -31.32 31.15 15.52
CA LEU B 230 -30.88 31.25 16.90
C LEU B 230 -29.85 30.18 17.24
N LEU B 231 -29.87 29.04 16.55
CA LEU B 231 -28.84 28.02 16.79
C LEU B 231 -27.44 28.59 16.61
N GLN B 232 -27.25 29.57 15.70
CA GLN B 232 -25.88 30.08 15.51
C GLN B 232 -25.40 30.78 16.76
N GLU B 233 -26.30 31.45 17.47
CA GLU B 233 -25.90 32.07 18.73
C GLU B 233 -25.68 31.01 19.81
N ARG B 234 -26.52 29.97 19.83
CA ARG B 234 -26.27 28.88 20.76
C ARG B 234 -24.84 28.33 20.62
N LEU B 235 -24.37 28.14 19.38
CA LEU B 235 -23.01 27.61 19.20
C LEU B 235 -21.96 28.56 19.78
N ARG B 236 -22.26 29.86 19.82
CA ARG B 236 -21.29 30.79 20.39
CA ARG B 236 -21.29 30.79 20.39
C ARG B 236 -21.31 30.74 21.92
N VAL B 237 -22.45 30.40 22.52
CA VAL B 237 -22.59 30.40 23.97
C VAL B 237 -22.12 29.09 24.62
N VAL B 238 -22.25 27.97 23.89
CA VAL B 238 -21.91 26.66 24.48
C VAL B 238 -20.49 26.60 25.03
N PRO B 239 -19.44 27.08 24.33
CA PRO B 239 -18.09 26.97 24.90
C PRO B 239 -17.95 27.60 26.28
N LYS B 240 -18.57 28.76 26.50
CA LYS B 240 -18.52 29.39 27.82
C LYS B 240 -19.23 28.53 28.86
N ARG B 241 -20.35 27.90 28.49
CA ARG B 241 -21.05 27.03 29.44
C ARG B 241 -20.23 25.76 29.72
N MET B 242 -19.58 25.19 28.69
CA MET B 242 -18.70 24.04 28.92
C MET B 242 -17.62 24.36 29.95
N ASP B 243 -16.96 25.51 29.79
CA ASP B 243 -15.90 25.85 30.72
CA ASP B 243 -15.90 25.87 30.72
C ASP B 243 -16.45 26.08 32.11
N ALA B 244 -17.59 26.78 32.22
CA ALA B 244 -18.12 27.15 33.52
C ALA B 244 -18.66 25.92 34.24
N ILE B 245 -19.27 24.98 33.51
CA ILE B 245 -19.84 23.82 34.19
C ILE B 245 -18.74 22.84 34.58
N SER B 246 -17.67 22.77 33.78
CA SER B 246 -16.51 22.00 34.21
C SER B 246 -15.92 22.56 35.48
N GLN B 247 -15.82 23.88 35.60
CA GLN B 247 -15.29 24.44 36.84
CA GLN B 247 -15.30 24.46 36.83
C GLN B 247 -16.24 24.21 38.01
N ALA B 248 -17.56 24.29 37.76
CA ALA B 248 -18.51 24.03 38.85
C ALA B 248 -18.40 22.59 39.33
N ILE B 249 -18.26 21.65 38.40
CA ILE B 249 -18.14 20.24 38.78
C ILE B 249 -16.87 20.02 39.61
N LYS B 250 -15.74 20.55 39.13
CA LYS B 250 -14.49 20.41 39.88
C LYS B 250 -14.59 21.01 41.27
N ALA B 251 -15.31 22.13 41.41
CA ALA B 251 -15.47 22.77 42.70
C ALA B 251 -16.61 22.20 43.53
N ARG B 252 -17.37 21.24 42.99
CA ARG B 252 -18.59 20.71 43.61
C ARG B 252 -19.55 21.85 43.98
N ASP B 253 -19.69 22.79 43.04
CA ASP B 253 -20.54 23.98 43.24
C ASP B 253 -21.90 23.65 42.66
N PHE B 254 -22.80 23.13 43.51
CA PHE B 254 -24.07 22.63 42.97
C PHE B 254 -24.87 23.76 42.33
N ALA B 255 -24.92 24.93 42.98
CA ALA B 255 -25.75 26.01 42.46
C ALA B 255 -25.34 26.40 41.04
N GLU B 256 -24.03 26.53 40.79
CA GLU B 256 -23.61 26.94 39.45
CA GLU B 256 -23.58 26.93 39.47
C GLU B 256 -23.78 25.81 38.46
N PHE B 257 -23.49 24.57 38.87
CA PHE B 257 -23.80 23.41 38.05
C PHE B 257 -25.26 23.42 37.63
N ALA B 258 -26.14 23.69 38.60
CA ALA B 258 -27.57 23.68 38.35
C ALA B 258 -28.02 24.80 37.41
N LYS B 259 -27.53 26.03 37.63
CA LYS B 259 -27.92 27.14 36.77
C LYS B 259 -27.53 26.85 35.34
N LEU B 260 -26.32 26.32 35.14
CA LEU B 260 -25.87 26.06 33.77
C LEU B 260 -26.69 24.95 33.12
N THR B 261 -27.08 23.94 33.92
CA THR B 261 -27.84 22.82 33.42
C THR B 261 -29.23 23.28 33.00
N MET B 262 -29.89 24.09 33.83
CA MET B 262 -31.20 24.59 33.44
C MET B 262 -31.09 25.52 32.23
N ALA B 263 -30.09 26.40 32.23
CA ALA B 263 -30.00 27.36 31.14
C ALA B 263 -29.74 26.65 29.83
N ASP B 264 -28.90 25.60 29.84
CA ASP B 264 -28.64 24.98 28.54
C ASP B 264 -29.80 24.09 28.10
N SER B 265 -30.55 23.48 29.04
CA SER B 265 -31.75 22.75 28.66
C SER B 265 -32.71 23.67 27.93
N ASN B 266 -32.98 24.83 28.52
CA ASN B 266 -33.94 25.76 27.93
C ASN B 266 -33.44 26.28 26.59
N SER B 267 -32.12 26.53 26.48
CA SER B 267 -31.51 26.94 25.21
C SER B 267 -31.74 25.90 24.12
N PHE B 268 -31.56 24.62 24.44
CA PHE B 268 -31.79 23.55 23.48
C PHE B 268 -33.25 23.52 23.03
N HIS B 269 -34.18 23.61 23.99
CA HIS B 269 -35.58 23.58 23.57
C HIS B 269 -35.96 24.85 22.83
N ALA B 270 -35.27 25.96 23.09
CA ALA B 270 -35.50 27.20 22.34
C ALA B 270 -35.10 27.04 20.88
N VAL B 271 -33.92 26.46 20.62
CA VAL B 271 -33.56 26.36 19.19
C VAL B 271 -34.45 25.34 18.46
N CYS B 272 -35.00 24.35 19.19
CA CYS B 272 -36.00 23.46 18.60
C CYS B 272 -37.23 24.25 18.18
N LEU B 273 -37.68 25.16 19.04
CA LEU B 273 -38.86 25.94 18.73
CA LEU B 273 -38.86 25.95 18.73
C LEU B 273 -38.59 26.89 17.55
N ASP B 274 -37.34 27.33 17.38
CA ASP B 274 -36.95 28.26 16.33
C ASP B 274 -36.66 27.55 15.03
N THR B 275 -36.74 26.22 15.03
CA THR B 275 -36.61 25.46 13.80
C THR B 275 -37.83 25.66 12.91
N ALA B 276 -37.65 25.51 11.60
CA ALA B 276 -38.77 25.64 10.68
C ALA B 276 -38.94 24.36 9.89
N PRO B 277 -39.99 23.55 10.13
CA PRO B 277 -41.05 23.80 11.11
C PRO B 277 -40.58 23.53 12.53
N PRO B 278 -41.24 24.14 13.49
CA PRO B 278 -40.79 24.02 14.89
C PRO B 278 -40.85 22.59 15.42
N ILE B 279 -39.92 22.30 16.33
CA ILE B 279 -39.81 21.01 17.00
C ILE B 279 -40.25 21.20 18.45
N PHE B 280 -41.17 20.35 18.91
CA PHE B 280 -41.70 20.45 20.28
C PHE B 280 -41.46 19.15 21.04
N TYR B 281 -40.74 19.25 22.15
CA TYR B 281 -40.52 18.11 23.03
C TYR B 281 -41.14 18.29 24.41
N LEU B 282 -41.01 19.47 24.98
CA LEU B 282 -41.64 19.75 26.27
C LEU B 282 -43.16 19.77 26.08
N ASN B 283 -43.90 19.21 27.04
CA ASN B 283 -45.36 19.38 26.98
C ASN B 283 -45.80 20.12 28.24
N ASP B 284 -47.11 20.21 28.45
CA ASP B 284 -47.61 20.99 29.58
C ASP B 284 -47.14 20.40 30.90
N VAL B 285 -46.95 19.07 30.96
CA VAL B 285 -46.48 18.49 32.21
C VAL B 285 -45.01 18.83 32.43
N SER B 286 -44.21 18.77 31.37
CA SER B 286 -42.81 19.22 31.44
C SER B 286 -42.73 20.64 32.01
N ARG B 287 -43.58 21.53 31.48
CA ARG B 287 -43.55 22.91 31.93
CA ARG B 287 -43.60 22.93 31.91
C ARG B 287 -43.96 23.03 33.40
N ALA B 288 -44.90 22.20 33.86
CA ALA B 288 -45.30 22.23 35.26
C ALA B 288 -44.16 21.75 36.16
N ILE B 289 -43.43 20.73 35.72
CA ILE B 289 -42.29 20.26 36.50
C ILE B 289 -41.26 21.37 36.62
N ILE B 290 -41.01 22.10 35.53
CA ILE B 290 -40.11 23.25 35.58
C ILE B 290 -40.61 24.28 36.60
N ALA B 291 -41.91 24.57 36.56
CA ALA B 291 -42.47 25.54 37.52
C ALA B 291 -42.23 25.10 38.95
N VAL B 292 -42.37 23.80 39.22
CA VAL B 292 -42.20 23.28 40.58
C VAL B 292 -40.74 23.36 41.01
N VAL B 293 -39.82 22.99 40.13
CA VAL B 293 -38.40 23.03 40.46
C VAL B 293 -37.95 24.46 40.70
N GLU B 294 -38.37 25.38 39.82
CA GLU B 294 -37.98 26.79 39.98
CA GLU B 294 -37.93 26.76 40.01
C GLU B 294 -38.51 27.34 41.29
N GLU B 295 -39.77 27.02 41.61
CA GLU B 295 -40.36 27.54 42.84
C GLU B 295 -39.73 26.87 44.05
N LEU B 296 -39.38 25.58 43.94
CA LEU B 296 -38.67 24.90 45.04
C LEU B 296 -37.37 25.64 45.34
N ASN B 297 -36.59 25.93 44.32
CA ASN B 297 -35.34 26.70 44.49
C ASN B 297 -35.63 28.09 45.05
N ARG B 298 -36.66 28.75 44.55
CA ARG B 298 -36.93 30.11 45.03
C ARG B 298 -37.36 30.11 46.50
N ALA B 299 -38.31 29.23 46.87
CA ALA B 299 -38.78 29.20 48.25
C ALA B 299 -37.72 28.71 49.21
N ALA B 300 -36.87 27.76 48.78
CA ALA B 300 -35.79 27.27 49.61
C ALA B 300 -34.73 28.34 49.87
N GLY B 301 -34.71 29.39 49.05
CA GLY B 301 -33.69 30.41 49.15
C GLY B 301 -32.32 29.94 48.77
N GLU B 302 -32.23 28.82 48.05
CA GLU B 302 -30.97 28.24 47.63
C GLU B 302 -31.27 27.29 46.48
N ILE B 303 -30.39 27.23 45.49
CA ILE B 303 -30.62 26.35 44.35
C ILE B 303 -30.21 24.94 44.75
N ILE B 304 -31.21 24.08 44.94
CA ILE B 304 -30.98 22.71 45.37
C ILE B 304 -31.38 21.68 44.33
N ALA B 305 -32.00 22.08 43.22
CA ALA B 305 -32.42 21.12 42.21
C ALA B 305 -32.25 21.77 40.85
N ALA B 306 -31.99 20.94 39.84
CA ALA B 306 -31.82 21.41 38.46
C ALA B 306 -32.54 20.46 37.52
N TYR B 307 -33.48 20.98 36.71
CA TYR B 307 -34.12 20.16 35.68
C TYR B 307 -33.30 20.18 34.40
N THR B 308 -33.49 19.12 33.62
CA THR B 308 -33.03 19.10 32.23
C THR B 308 -33.91 18.15 31.42
N PHE B 309 -34.04 18.42 30.14
CA PHE B 309 -34.94 17.66 29.29
C PHE B 309 -34.22 17.35 28.01
N ASP B 310 -34.26 16.09 27.61
CA ASP B 310 -33.73 15.68 26.32
C ASP B 310 -34.82 15.79 25.26
N ALA B 311 -34.77 14.91 24.25
CA ALA B 311 -35.65 15.05 23.08
C ALA B 311 -37.00 14.36 23.34
N GLY B 312 -37.69 14.86 24.37
CA GLY B 312 -38.95 14.30 24.81
C GLY B 312 -39.35 15.03 26.07
N PRO B 313 -40.54 14.75 26.59
CA PRO B 313 -41.03 15.52 27.74
C PRO B 313 -40.59 15.00 29.10
N ASN B 314 -39.86 13.88 29.17
CA ASN B 314 -39.40 13.40 30.48
C ASN B 314 -38.45 14.39 31.13
N ALA B 315 -38.63 14.61 32.45
CA ALA B 315 -37.69 15.44 33.21
C ALA B 315 -36.60 14.60 33.85
N VAL B 316 -35.39 15.13 33.88
CA VAL B 316 -34.34 14.65 34.80
C VAL B 316 -34.06 15.78 35.78
N ILE B 317 -34.15 15.50 37.08
CA ILE B 317 -33.92 16.52 38.09
C ILE B 317 -32.68 16.13 38.89
N TYR B 318 -31.60 16.90 38.73
CA TYR B 318 -30.41 16.65 39.52
C TYR B 318 -30.61 17.26 40.89
N THR B 319 -30.06 16.59 41.90
CA THR B 319 -30.02 17.14 43.25
C THR B 319 -29.02 16.30 44.04
N LEU B 320 -28.37 16.92 45.02
CA LEU B 320 -27.49 16.12 45.88
C LEU B 320 -28.35 15.18 46.74
N GLU B 321 -27.81 13.98 47.00
CA GLU B 321 -28.55 12.96 47.76
C GLU B 321 -29.22 13.55 49.00
N LYS B 322 -28.51 14.40 49.72
CA LYS B 322 -29.04 14.90 50.99
C LYS B 322 -30.28 15.75 50.80
N ASN B 323 -30.45 16.33 49.61
CA ASN B 323 -31.61 17.16 49.30
C ASN B 323 -32.71 16.41 48.58
N MET B 324 -32.53 15.13 48.27
CA MET B 324 -33.60 14.41 47.57
C MET B 324 -34.94 14.41 48.33
N PRO B 325 -35.00 14.36 49.66
CA PRO B 325 -36.33 14.41 50.29
C PRO B 325 -37.12 15.66 49.92
N PHE B 326 -36.44 16.79 49.70
CA PHE B 326 -37.15 18.01 49.32
C PHE B 326 -37.69 17.92 47.90
N VAL B 327 -36.88 17.37 46.99
CA VAL B 327 -37.27 17.23 45.58
C VAL B 327 -38.38 16.21 45.45
N LEU B 328 -38.20 15.03 46.04
CA LEU B 328 -39.26 14.02 46.07
C LEU B 328 -40.55 14.54 46.67
N GLY B 329 -40.47 15.26 47.80
CA GLY B 329 -41.68 15.77 48.41
C GLY B 329 -42.43 16.70 47.47
N ALA B 330 -41.71 17.57 46.77
CA ALA B 330 -42.35 18.51 45.85
C ALA B 330 -42.96 17.80 44.66
N ILE B 331 -42.24 16.84 44.09
CA ILE B 331 -42.76 16.18 42.90
C ILE B 331 -43.95 15.31 43.26
N LYS B 332 -43.86 14.56 44.38
CA LYS B 332 -45.00 13.72 44.77
C LYS B 332 -46.21 14.57 45.17
N ARG B 333 -45.97 15.81 45.62
CA ARG B 333 -47.10 16.67 46.01
CA ARG B 333 -47.09 16.66 46.01
C ARG B 333 -47.97 17.02 44.81
N PHE B 334 -47.36 17.22 43.66
CA PHE B 334 -48.10 17.77 42.53
C PHE B 334 -48.33 16.78 41.41
N PHE B 335 -47.61 15.66 41.39
CA PHE B 335 -47.64 14.74 40.24
C PHE B 335 -47.78 13.31 40.74
N PRO B 336 -48.96 12.94 41.26
CA PRO B 336 -49.18 11.55 41.68
C PRO B 336 -48.96 10.60 40.51
N THR B 337 -48.31 9.48 40.77
CA THR B 337 -47.92 8.60 39.68
C THR B 337 -48.89 7.45 39.53
N SER B 338 -48.92 6.89 38.32
CA SER B 338 -49.74 5.70 38.08
C SER B 338 -48.97 4.41 38.32
N GLU B 339 -47.66 4.41 38.07
CA GLU B 339 -46.82 3.25 38.34
C GLU B 339 -45.91 3.56 39.54
N GLU B 340 -45.77 2.60 40.45
CA GLU B 340 -44.89 2.79 41.60
C GLU B 340 -43.61 2.00 41.34
N PHE B 341 -42.69 2.61 40.58
CA PHE B 341 -41.32 2.12 40.50
C PHE B 341 -40.72 2.16 41.91
N GLU B 342 -40.14 1.04 42.34
CA GLU B 342 -39.55 1.00 43.68
C GLU B 342 -38.29 1.86 43.72
N SER B 343 -38.12 2.60 44.81
CA SER B 343 -36.91 3.39 45.01
C SER B 343 -35.82 2.52 45.62
N PRO B 344 -34.67 2.37 44.98
CA PRO B 344 -33.59 1.60 45.59
C PRO B 344 -33.07 2.24 46.85
N PHE B 345 -33.25 3.56 46.99
CA PHE B 345 -32.70 4.29 48.13
C PHE B 345 -33.71 4.44 49.26
N GLN B 346 -35.01 4.32 48.96
CA GLN B 346 -36.07 4.37 49.97
C GLN B 346 -36.12 5.71 50.69
N THR B 347 -35.72 6.76 49.96
CA THR B 347 -35.69 8.13 50.45
C THR B 347 -37.08 8.59 50.87
N GLY B 348 -37.16 9.26 52.03
CA GLY B 348 -38.39 9.91 52.48
C GLY B 348 -38.65 11.25 51.80
N VAL B 349 -39.55 12.03 52.41
CA VAL B 349 -39.96 13.28 51.79
C VAL B 349 -39.92 14.39 52.82
N ARG B 350 -40.03 15.62 52.32
CA ARG B 350 -40.29 16.76 53.16
C ARG B 350 -41.51 17.50 52.66
N ASP B 351 -42.20 18.17 53.58
CA ASP B 351 -43.20 19.15 53.21
C ASP B 351 -42.56 20.24 52.36
N LEU B 352 -43.39 20.94 51.59
CA LEU B 352 -42.88 22.06 50.82
C LEU B 352 -42.28 23.10 51.76
N PRO B 353 -41.21 23.78 51.35
CA PRO B 353 -40.65 24.85 52.18
C PRO B 353 -41.68 25.93 52.43
N GLU B 354 -41.61 26.52 53.62
CA GLU B 354 -42.41 27.70 53.91
CA GLU B 354 -42.40 27.71 53.92
C GLU B 354 -42.21 28.74 52.81
N GLY B 355 -43.30 29.35 52.38
CA GLY B 355 -43.23 30.31 51.32
C GLY B 355 -43.38 29.73 49.93
N PHE B 356 -43.48 28.40 49.80
CA PHE B 356 -43.66 27.83 48.47
C PHE B 356 -45.04 28.20 47.95
N ASN B 357 -45.07 28.76 46.73
CA ASN B 357 -46.30 29.23 46.10
C ASN B 357 -46.92 28.07 45.34
N THR B 358 -47.89 27.39 45.95
CA THR B 358 -48.49 26.26 45.24
C THR B 358 -49.25 26.72 44.01
N GLY B 359 -49.51 28.02 43.87
CA GLY B 359 -50.15 28.56 42.68
C GLY B 359 -49.31 28.48 41.42
N VAL B 360 -48.02 28.13 41.50
CA VAL B 360 -47.26 27.92 40.28
C VAL B 360 -47.72 26.67 39.53
N VAL B 361 -48.53 25.82 40.17
CA VAL B 361 -49.16 24.66 39.53
C VAL B 361 -50.67 24.90 39.48
N ARG B 362 -51.32 24.34 38.46
CA ARG B 362 -52.79 24.35 38.36
C ARG B 362 -53.43 23.92 39.68
N GLU B 363 -54.67 24.37 39.90
CA GLU B 363 -55.39 24.09 41.13
C GLU B 363 -55.54 22.59 41.37
N GLY B 364 -55.10 22.14 42.55
CA GLY B 364 -55.21 20.74 42.93
C GLY B 364 -54.19 19.81 42.29
N GLY B 365 -53.18 20.34 41.62
CA GLY B 365 -52.15 19.46 41.06
C GLY B 365 -52.66 18.74 39.83
N TRP B 366 -51.85 17.79 39.37
CA TRP B 366 -52.12 17.06 38.14
C TRP B 366 -52.79 15.73 38.46
N GLU B 367 -53.50 15.19 37.45
CA GLU B 367 -54.16 13.90 37.61
C GLU B 367 -53.12 12.81 37.78
N LYS B 368 -53.51 11.74 38.47
CA LYS B 368 -52.66 10.58 38.61
C LYS B 368 -52.28 10.06 37.23
N GLY B 369 -50.98 9.81 37.02
CA GLY B 369 -50.52 9.32 35.74
C GLY B 369 -50.05 10.37 34.77
N ALA B 370 -50.30 11.66 35.04
CA ALA B 370 -49.71 12.70 34.21
C ALA B 370 -48.21 12.54 34.18
N VAL B 371 -47.60 12.31 35.35
CA VAL B 371 -46.32 11.67 35.45
C VAL B 371 -46.59 10.18 35.68
N LYS B 372 -46.04 9.35 34.80
CA LYS B 372 -46.29 7.91 34.90
C LYS B 372 -45.55 7.30 36.08
N GLY B 373 -44.31 7.73 36.32
CA GLY B 373 -43.50 7.11 37.36
C GLY B 373 -42.19 7.86 37.53
N LEU B 374 -41.48 7.51 38.61
CA LEU B 374 -40.23 8.16 38.96
C LEU B 374 -39.11 7.13 39.04
N ILE B 375 -37.93 7.52 38.54
CA ILE B 375 -36.74 6.69 38.63
C ILE B 375 -35.69 7.46 39.42
N HIS B 376 -35.32 6.97 40.61
CA HIS B 376 -34.30 7.63 41.43
C HIS B 376 -32.99 6.92 41.16
N THR B 377 -32.05 7.64 40.57
CA THR B 377 -30.73 7.08 40.27
C THR B 377 -29.67 8.11 40.67
N ARG B 378 -28.45 7.91 40.21
CA ARG B 378 -27.35 8.74 40.67
C ARG B 378 -26.18 8.60 39.70
N VAL B 379 -25.15 9.43 39.92
CA VAL B 379 -23.97 9.32 39.06
C VAL B 379 -23.32 7.94 39.24
N GLY B 380 -22.87 7.35 38.12
CA GLY B 380 -22.38 5.99 38.10
C GLY B 380 -21.03 5.84 37.40
N ASP B 381 -20.57 4.57 37.36
CA ASP B 381 -19.31 4.23 36.73
C ASP B 381 -19.50 4.02 35.22
N GLY B 382 -18.41 3.72 34.54
CA GLY B 382 -18.43 3.44 33.11
C GLY B 382 -18.83 1.99 32.84
N PRO B 383 -18.73 1.54 31.58
CA PRO B 383 -19.15 0.19 31.22
C PRO B 383 -18.52 -0.88 32.08
N ARG B 384 -19.27 -1.96 32.29
CA ARG B 384 -18.85 -3.09 33.12
C ARG B 384 -18.74 -4.33 32.24
N VAL B 385 -17.62 -5.05 32.31
CA VAL B 385 -17.55 -6.37 31.72
C VAL B 385 -18.12 -7.39 32.70
N LEU B 386 -19.05 -8.20 32.22
CA LEU B 386 -19.85 -9.13 33.02
C LEU B 386 -19.30 -10.55 32.92
N GLU B 387 -19.98 -11.48 33.57
CA GLU B 387 -19.55 -12.86 33.70
CA GLU B 387 -19.53 -12.85 33.68
C GLU B 387 -20.26 -13.75 32.70
N LYS B 388 -19.73 -14.98 32.54
CA LYS B 388 -20.34 -15.99 31.67
C LYS B 388 -21.82 -16.16 31.97
N GLU B 389 -22.19 -16.19 33.24
CA GLU B 389 -23.58 -16.45 33.59
C GLU B 389 -24.52 -15.36 33.08
N ASP B 390 -23.99 -14.18 32.73
CA ASP B 390 -24.80 -13.07 32.25
C ASP B 390 -25.01 -13.08 30.75
N SER B 391 -24.51 -14.10 30.07
CA SER B 391 -24.61 -14.12 28.61
C SER B 391 -26.06 -14.09 28.17
N LEU B 392 -26.34 -13.31 27.12
CA LEU B 392 -27.63 -13.29 26.46
C LEU B 392 -27.74 -14.32 25.34
N LEU B 393 -26.68 -15.07 25.03
CA LEU B 393 -26.67 -16.02 23.93
C LEU B 393 -26.72 -17.46 24.42
N GLY B 394 -27.49 -18.29 23.72
CA GLY B 394 -27.45 -19.73 23.89
C GLY B 394 -26.21 -20.37 23.24
N GLU B 395 -26.13 -21.69 23.39
CA GLU B 395 -24.95 -22.43 22.95
C GLU B 395 -24.71 -22.30 21.45
N ASN B 396 -25.79 -22.23 20.67
CA ASN B 396 -25.65 -22.15 19.22
C ASN B 396 -25.44 -20.72 18.73
N GLY B 397 -25.33 -19.75 19.65
CA GLY B 397 -25.16 -18.39 19.23
C GLY B 397 -26.44 -17.65 18.92
N VAL B 398 -27.59 -18.24 19.20
CA VAL B 398 -28.88 -17.57 19.04
C VAL B 398 -29.28 -17.04 20.42
N PRO B 399 -29.90 -15.87 20.51
CA PRO B 399 -30.35 -15.37 21.81
C PRO B 399 -31.20 -16.36 22.59
N LYS B 400 -30.99 -16.36 23.92
CA LYS B 400 -31.85 -17.15 24.81
C LYS B 400 -33.30 -16.66 24.78
N VAL B 401 -33.51 -15.37 24.56
CA VAL B 401 -34.83 -14.76 24.62
C VAL B 401 -35.15 -14.11 23.29
N LEU B 402 -36.19 -14.61 22.62
CA LEU B 402 -36.60 -14.10 21.32
C LEU B 402 -38.02 -13.58 21.37
N ALA B 403 -38.31 -12.60 20.52
CA ALA B 403 -39.66 -12.06 20.39
C ALA B 403 -40.35 -12.67 19.19
N HIS C 8 10.72 -77.66 -17.04
CA HIS C 8 11.67 -76.61 -16.71
C HIS C 8 11.13 -75.76 -15.57
N MET C 9 11.99 -74.91 -14.99
CA MET C 9 11.58 -74.01 -13.93
C MET C 9 10.85 -72.81 -14.52
N VAL C 10 9.69 -72.48 -13.94
CA VAL C 10 8.89 -71.35 -14.40
C VAL C 10 9.33 -70.10 -13.65
N HIS C 11 9.63 -69.04 -14.37
CA HIS C 11 9.98 -67.75 -13.78
C HIS C 11 8.82 -66.79 -13.99
N GLU C 12 8.05 -66.55 -12.93
CA GLU C 12 6.84 -65.76 -13.08
C GLU C 12 6.60 -65.05 -11.76
N ALA C 13 6.19 -63.78 -11.84
CA ALA C 13 5.85 -63.01 -10.65
C ALA C 13 4.55 -62.26 -10.88
N THR C 14 3.72 -62.21 -9.84
CA THR C 14 2.51 -61.40 -9.83
C THR C 14 2.57 -60.39 -8.71
N ALA C 15 2.32 -59.12 -9.03
CA ALA C 15 2.26 -58.09 -8.00
C ALA C 15 1.03 -57.22 -8.20
N SER C 16 0.48 -56.73 -7.11
CA SER C 16 -0.54 -55.68 -7.22
C SER C 16 0.05 -54.35 -6.82
N ALA C 17 -0.56 -53.27 -7.29
CA ALA C 17 -0.14 -51.94 -6.89
C ALA C 17 -1.39 -51.10 -6.60
N PRO C 18 -1.28 -50.16 -5.67
CA PRO C 18 -2.42 -49.34 -5.26
C PRO C 18 -2.66 -48.14 -6.15
N VAL C 19 -3.92 -47.69 -6.15
CA VAL C 19 -4.19 -46.35 -6.63
CA VAL C 19 -4.27 -46.35 -6.60
C VAL C 19 -3.79 -45.35 -5.55
N ASN C 20 -3.54 -44.11 -5.99
CA ASN C 20 -3.27 -43.05 -5.02
C ASN C 20 -4.03 -41.81 -5.44
N ILE C 21 -4.39 -40.98 -4.47
CA ILE C 21 -5.16 -39.75 -4.74
C ILE C 21 -4.32 -38.57 -4.28
N ALA C 22 -4.04 -37.65 -5.20
CA ALA C 22 -3.18 -36.52 -4.86
C ALA C 22 -3.92 -35.49 -4.00
N CYS C 23 -3.31 -35.13 -2.87
CA CYS C 23 -3.75 -33.94 -2.12
C CYS C 23 -3.12 -32.67 -2.65
N ILE C 24 -1.83 -32.68 -2.93
CA ILE C 24 -1.18 -31.59 -3.65
C ILE C 24 -1.01 -32.07 -5.09
N LYS C 25 -1.63 -31.36 -6.03
CA LYS C 25 -1.87 -31.90 -7.36
C LYS C 25 -0.68 -31.74 -8.28
N TYR C 26 -0.39 -32.82 -9.03
CA TYR C 26 0.45 -32.79 -10.23
C TYR C 26 -0.39 -32.34 -11.41
N TRP C 27 0.04 -31.24 -12.04
CA TRP C 27 -0.65 -30.75 -13.25
C TRP C 27 0.34 -29.87 -14.00
N GLY C 28 0.97 -30.43 -15.03
CA GLY C 28 1.98 -29.64 -15.72
C GLY C 28 3.32 -30.35 -15.71
N LYS C 29 3.90 -30.48 -16.89
CA LYS C 29 5.25 -31.01 -17.06
CA LYS C 29 5.25 -31.01 -17.07
C LYS C 29 6.20 -29.91 -17.52
N ARG C 30 7.39 -29.87 -16.89
CA ARG C 30 8.45 -29.03 -17.39
C ARG C 30 9.30 -29.75 -18.46
N ASP C 31 9.28 -31.08 -18.49
CA ASP C 31 9.97 -31.86 -19.52
C ASP C 31 9.03 -32.99 -19.95
N THR C 32 8.53 -32.94 -21.18
CA THR C 32 7.56 -33.95 -21.63
C THR C 32 8.21 -35.28 -21.99
N ARG C 33 9.50 -35.31 -22.30
CA ARG C 33 10.14 -36.58 -22.63
C ARG C 33 10.43 -37.43 -21.38
N LEU C 34 10.99 -36.81 -20.34
CA LEU C 34 11.34 -37.53 -19.12
C LEU C 34 10.23 -37.54 -18.08
N ILE C 35 9.14 -36.81 -18.34
CA ILE C 35 8.04 -36.61 -17.41
C ILE C 35 8.60 -36.02 -16.11
N LEU C 36 9.16 -34.80 -16.22
CA LEU C 36 9.50 -34.06 -15.03
C LEU C 36 8.42 -33.01 -14.80
N PRO C 37 7.89 -32.87 -13.59
CA PRO C 37 6.73 -31.99 -13.36
C PRO C 37 7.13 -30.55 -13.10
N THR C 38 6.15 -29.66 -13.25
CA THR C 38 6.37 -28.24 -12.92
C THR C 38 6.36 -27.97 -11.42
N ASN C 39 5.92 -28.94 -10.62
CA ASN C 39 5.89 -28.76 -9.16
C ASN C 39 5.86 -30.14 -8.54
N SER C 40 6.20 -30.20 -7.25
CA SER C 40 6.04 -31.45 -6.52
C SER C 40 4.57 -31.71 -6.23
N SER C 41 4.28 -32.96 -5.88
CA SER C 41 2.91 -33.36 -5.57
C SER C 41 2.98 -34.34 -4.40
N LEU C 42 1.81 -34.61 -3.82
CA LEU C 42 1.78 -35.44 -2.61
C LEU C 42 0.44 -36.15 -2.58
N SER C 43 0.45 -37.45 -2.33
CA SER C 43 -0.79 -38.23 -2.43
C SER C 43 -0.94 -39.14 -1.22
N VAL C 44 -2.17 -39.65 -1.04
CA VAL C 44 -2.44 -40.73 -0.10
C VAL C 44 -2.61 -42.01 -0.90
N THR C 45 -1.86 -43.06 -0.56
CA THR C 45 -2.01 -44.37 -1.18
C THR C 45 -3.24 -45.06 -0.61
N LEU C 46 -4.12 -45.57 -1.47
CA LEU C 46 -5.34 -46.24 -1.02
C LEU C 46 -5.13 -47.75 -0.88
N ASP C 47 -6.00 -48.39 -0.08
CA ASP C 47 -5.89 -49.81 0.27
C ASP C 47 -6.13 -50.74 -0.92
N GLN C 48 -5.17 -51.60 -1.21
CA GLN C 48 -5.35 -52.59 -2.27
C GLN C 48 -6.37 -53.66 -1.91
N ASP C 49 -6.83 -53.74 -0.65
CA ASP C 49 -7.94 -54.64 -0.37
C ASP C 49 -9.19 -54.20 -1.13
N HIS C 50 -9.28 -52.93 -1.53
CA HIS C 50 -10.46 -52.38 -2.18
C HIS C 50 -10.24 -52.09 -3.66
N LEU C 51 -9.18 -51.37 -4.00
CA LEU C 51 -8.88 -51.04 -5.40
C LEU C 51 -7.44 -51.44 -5.69
N ARG C 52 -7.22 -52.12 -6.82
CA ARG C 52 -5.86 -52.54 -7.13
CA ARG C 52 -5.85 -52.51 -7.14
C ARG C 52 -5.72 -52.77 -8.63
N SER C 53 -4.51 -52.56 -9.12
CA SER C 53 -4.07 -53.06 -10.43
C SER C 53 -3.15 -54.25 -10.18
N THR C 54 -3.33 -55.32 -10.96
CA THR C 54 -2.54 -56.53 -10.76
C THR C 54 -1.85 -56.88 -12.07
N THR C 55 -0.55 -57.22 -11.99
CA THR C 55 0.21 -57.60 -13.19
C THR C 55 1.01 -58.86 -12.92
N THR C 56 0.93 -59.81 -13.84
CA THR C 56 1.76 -61.01 -13.85
C THR C 56 2.75 -60.87 -14.99
N SER C 57 4.05 -61.09 -14.71
CA SER C 57 5.08 -61.13 -15.74
CA SER C 57 5.07 -61.13 -15.75
C SER C 57 5.81 -62.46 -15.66
N ARG C 58 6.06 -63.04 -16.82
CA ARG C 58 6.80 -64.29 -16.90
C ARG C 58 7.86 -64.15 -17.98
N ALA C 59 9.05 -64.67 -17.70
CA ALA C 59 10.13 -64.74 -18.66
C ALA C 59 10.41 -66.21 -18.89
N ASP C 60 10.49 -66.61 -20.17
CA ASP C 60 10.76 -68.01 -20.48
C ASP C 60 11.61 -68.10 -21.73
N ALA C 61 12.64 -68.94 -21.68
CA ALA C 61 13.58 -69.05 -22.78
C ALA C 61 12.95 -69.56 -24.06
N SER C 62 11.77 -70.17 -23.99
CA SER C 62 11.18 -70.78 -25.19
C SER C 62 9.99 -70.00 -25.73
N PHE C 63 9.63 -68.86 -25.13
CA PHE C 63 8.60 -68.01 -25.70
C PHE C 63 9.02 -67.55 -27.10
N GLU C 64 8.04 -67.35 -27.97
CA GLU C 64 8.34 -66.72 -29.26
C GLU C 64 8.96 -65.35 -29.04
N ALA C 65 9.99 -65.04 -29.82
CA ALA C 65 10.74 -63.79 -29.61
C ALA C 65 9.81 -62.59 -29.64
N GLY C 66 10.12 -61.61 -28.78
CA GLY C 66 9.32 -60.41 -28.68
C GLY C 66 8.41 -60.43 -27.48
N ASP C 67 8.41 -59.35 -26.72
CA ASP C 67 7.55 -59.26 -25.54
C ASP C 67 6.11 -59.07 -25.95
N ARG C 68 5.20 -59.55 -25.10
CA ARG C 68 3.77 -59.38 -25.35
C ARG C 68 3.09 -58.96 -24.06
N LEU C 69 2.11 -58.06 -24.19
CA LEU C 69 1.41 -57.51 -23.04
C LEU C 69 -0.09 -57.53 -23.30
N TRP C 70 -0.86 -57.90 -22.29
CA TRP C 70 -2.31 -57.82 -22.34
C TRP C 70 -2.80 -56.94 -21.19
N LEU C 71 -3.79 -56.10 -21.47
CA LEU C 71 -4.43 -55.25 -20.47
CA LEU C 71 -4.43 -55.26 -20.46
C LEU C 71 -5.91 -55.60 -20.42
N ASN C 72 -6.39 -56.07 -19.27
CA ASN C 72 -7.79 -56.53 -19.13
C ASN C 72 -8.20 -57.45 -20.29
N GLY C 73 -7.30 -58.38 -20.65
CA GLY C 73 -7.63 -59.40 -21.60
C GLY C 73 -7.47 -59.02 -23.06
N ARG C 74 -7.12 -57.78 -23.36
CA ARG C 74 -6.89 -57.34 -24.74
C ARG C 74 -5.40 -57.11 -24.93
N GLU C 75 -4.85 -57.68 -25.99
CA GLU C 75 -3.43 -57.48 -26.25
C GLU C 75 -3.17 -56.01 -26.58
N GLU C 76 -2.11 -55.48 -25.99
CA GLU C 76 -1.68 -54.11 -26.20
C GLU C 76 -0.32 -54.12 -26.89
N ALA C 77 -0.15 -53.24 -27.88
CA ALA C 77 1.12 -53.15 -28.58
C ALA C 77 2.18 -52.48 -27.71
N ILE C 78 3.40 -53.02 -27.77
CA ILE C 78 4.55 -52.46 -27.06
C ILE C 78 5.51 -51.88 -28.10
N LYS C 79 5.17 -50.71 -28.65
CA LYS C 79 5.99 -50.14 -29.72
C LYS C 79 7.35 -49.73 -29.18
N GLU C 80 8.43 -50.16 -29.85
CA GLU C 80 9.78 -49.79 -29.42
C GLU C 80 9.88 -48.28 -29.28
N GLY C 81 10.55 -47.84 -28.21
CA GLY C 81 10.60 -46.42 -27.90
C GLY C 81 9.39 -45.86 -27.18
N GLY C 82 8.29 -46.61 -27.10
CA GLY C 82 7.13 -46.16 -26.35
C GLY C 82 7.38 -46.25 -24.85
N ARG C 83 6.40 -45.76 -24.09
CA ARG C 83 6.56 -45.66 -22.64
C ARG C 83 6.74 -47.03 -22.00
N LEU C 84 5.87 -47.99 -22.34
CA LEU C 84 5.98 -49.34 -21.78
C LEU C 84 7.28 -49.99 -22.19
N ALA C 85 7.65 -49.87 -23.48
CA ALA C 85 8.88 -50.50 -23.95
C ALA C 85 10.10 -49.95 -23.24
N VAL C 86 10.15 -48.65 -22.99
CA VAL C 86 11.30 -48.04 -22.33
C VAL C 86 11.35 -48.49 -20.88
N CYS C 87 10.19 -48.61 -20.25
CA CYS C 87 10.14 -49.12 -18.87
CA CYS C 87 10.13 -49.13 -18.87
C CYS C 87 10.68 -50.55 -18.81
N ILE C 88 10.16 -51.42 -19.67
CA ILE C 88 10.64 -52.80 -19.71
C ILE C 88 12.12 -52.82 -20.00
N LYS C 89 12.56 -51.95 -20.91
CA LYS C 89 13.98 -51.91 -21.28
C LYS C 89 14.86 -51.58 -20.09
N GLU C 90 14.43 -50.63 -19.25
CA GLU C 90 15.32 -50.22 -18.16
C GLU C 90 15.37 -51.28 -17.07
N LEU C 91 14.24 -51.93 -16.79
CA LEU C 91 14.24 -52.97 -15.78
C LEU C 91 15.00 -54.20 -16.28
N ARG C 92 14.82 -54.55 -17.56
CA ARG C 92 15.60 -55.64 -18.14
CA ARG C 92 15.60 -55.63 -18.13
C ARG C 92 17.09 -55.34 -18.01
N ALA C 93 17.48 -54.08 -18.23
CA ALA C 93 18.89 -53.71 -18.11
C ALA C 93 19.38 -53.87 -16.67
N TRP C 94 18.54 -53.57 -15.68
CA TRP C 94 18.98 -53.80 -14.31
C TRP C 94 19.15 -55.29 -14.02
N ARG C 95 18.29 -56.12 -14.60
CA ARG C 95 18.46 -57.56 -14.47
C ARG C 95 19.74 -58.02 -15.14
N LYS C 96 20.03 -57.50 -16.34
CA LYS C 96 21.26 -57.90 -17.03
C LYS C 96 22.47 -57.48 -16.22
N GLU C 97 22.37 -56.35 -15.51
CA GLU C 97 23.46 -55.94 -14.63
CA GLU C 97 23.44 -55.92 -14.62
C GLU C 97 23.71 -56.98 -13.55
N MET C 98 22.66 -57.58 -12.99
CA MET C 98 22.82 -58.67 -12.04
C MET C 98 23.57 -59.84 -12.67
N GLU C 99 23.16 -60.24 -13.88
CA GLU C 99 23.74 -61.41 -14.54
C GLU C 99 25.18 -61.16 -14.96
N THR C 100 25.54 -59.90 -15.22
CA THR C 100 26.93 -59.59 -15.54
C THR C 100 27.82 -59.74 -14.30
N LYS C 101 27.29 -59.41 -13.12
CA LYS C 101 28.03 -59.54 -11.87
C LYS C 101 28.10 -60.97 -11.37
N ASP C 102 27.08 -61.79 -11.63
CA ASP C 102 27.05 -63.20 -11.21
C ASP C 102 26.71 -64.07 -12.42
N LYS C 103 27.74 -64.70 -12.99
CA LYS C 103 27.60 -65.47 -14.22
C LYS C 103 26.87 -66.80 -14.01
N ASN C 104 26.57 -67.17 -12.76
CA ASN C 104 25.80 -68.38 -12.50
C ASN C 104 24.31 -68.14 -12.59
N LEU C 105 23.87 -66.89 -12.52
CA LEU C 105 22.44 -66.60 -12.57
C LEU C 105 21.89 -66.99 -13.94
N PRO C 106 20.66 -67.52 -13.99
CA PRO C 106 20.01 -67.74 -15.28
C PRO C 106 19.84 -66.43 -16.06
N LYS C 107 19.86 -66.53 -17.38
CA LYS C 107 19.87 -65.35 -18.23
C LYS C 107 18.45 -64.84 -18.49
N LEU C 108 17.74 -64.53 -17.39
CA LEU C 108 16.36 -64.08 -17.49
C LEU C 108 16.23 -62.86 -18.40
N SER C 109 17.19 -61.93 -18.34
CA SER C 109 17.14 -60.74 -19.19
C SER C 109 17.14 -61.08 -20.68
N GLU C 110 17.60 -62.26 -21.05
CA GLU C 110 17.64 -62.63 -22.47
C GLU C 110 16.29 -63.13 -22.99
N TRP C 111 15.34 -63.45 -22.10
CA TRP C 111 14.18 -64.21 -22.53
C TRP C 111 12.99 -63.30 -22.79
N PRO C 112 12.14 -63.64 -23.76
CA PRO C 112 10.94 -62.82 -24.00
C PRO C 112 10.03 -62.80 -22.78
N LEU C 113 9.24 -61.73 -22.67
CA LEU C 113 8.32 -61.53 -21.58
C LEU C 113 6.90 -61.77 -22.04
N ARG C 114 6.10 -62.32 -21.16
CA ARG C 114 4.65 -62.37 -21.32
C ARG C 114 4.07 -61.67 -20.10
N ILE C 115 3.23 -60.65 -20.33
CA ILE C 115 2.78 -59.76 -19.26
C ILE C 115 1.28 -59.59 -19.39
N ALA C 116 0.55 -59.83 -18.31
CA ALA C 116 -0.90 -59.64 -18.29
C ALA C 116 -1.28 -58.77 -17.09
N SER C 117 -2.18 -57.82 -17.32
CA SER C 117 -2.57 -56.91 -16.26
CA SER C 117 -2.57 -56.84 -16.31
C SER C 117 -4.08 -56.79 -16.22
N TYR C 118 -4.57 -56.42 -15.04
CA TYR C 118 -6.00 -56.34 -14.77
C TYR C 118 -6.16 -55.31 -13.65
N ASN C 119 -7.25 -54.59 -13.65
CA ASN C 119 -7.58 -53.89 -12.43
C ASN C 119 -8.99 -54.27 -12.06
N ASN C 120 -9.31 -54.08 -10.79
CA ASN C 120 -10.58 -54.52 -10.26
C ASN C 120 -11.57 -53.37 -10.13
N PHE C 121 -11.33 -52.26 -10.81
CA PHE C 121 -12.12 -51.07 -10.54
C PHE C 121 -13.59 -51.31 -10.94
N PRO C 122 -14.53 -50.73 -10.18
CA PRO C 122 -15.94 -50.91 -10.52
C PRO C 122 -16.25 -50.39 -11.92
N THR C 123 -17.11 -51.15 -12.59
CA THR C 123 -17.62 -50.82 -13.91
C THR C 123 -18.17 -49.40 -13.97
N ALA C 124 -17.62 -48.58 -14.87
CA ALA C 124 -18.08 -47.21 -15.11
C ALA C 124 -17.81 -46.29 -13.92
N ALA C 125 -16.79 -46.60 -13.13
CA ALA C 125 -16.37 -45.71 -12.06
C ALA C 125 -15.64 -44.49 -12.58
N GLY C 126 -15.08 -44.53 -13.78
CA GLY C 126 -14.27 -43.42 -14.23
C GLY C 126 -13.00 -43.22 -13.45
N LEU C 127 -12.44 -44.29 -12.87
CA LEU C 127 -11.20 -44.19 -12.13
C LEU C 127 -10.00 -44.24 -13.06
N ALA C 128 -9.04 -43.33 -12.82
CA ALA C 128 -7.78 -43.33 -13.57
C ALA C 128 -6.96 -44.56 -13.22
N SER C 129 -6.44 -45.23 -14.24
CA SER C 129 -5.83 -46.54 -14.04
C SER C 129 -4.42 -46.70 -14.57
N SER C 130 -3.93 -45.77 -15.41
CA SER C 130 -2.60 -45.96 -16.00
CA SER C 130 -2.60 -45.96 -16.01
C SER C 130 -1.50 -45.90 -14.95
N ALA C 131 -1.68 -45.10 -13.91
CA ALA C 131 -0.63 -44.92 -12.92
C ALA C 131 -0.44 -46.16 -12.07
N SER C 132 -1.52 -46.67 -11.45
CA SER C 132 -1.40 -47.92 -10.68
C SER C 132 -1.04 -49.08 -11.59
N GLY C 133 -1.53 -49.06 -12.84
CA GLY C 133 -1.18 -50.11 -13.77
C GLY C 133 0.31 -50.19 -14.02
N LEU C 134 0.95 -49.04 -14.26
CA LEU C 134 2.38 -49.08 -14.53
C LEU C 134 3.17 -49.38 -13.26
N ALA C 135 2.69 -48.90 -12.12
CA ALA C 135 3.33 -49.27 -10.85
C ALA C 135 3.30 -50.78 -10.65
N ALA C 136 2.15 -51.41 -10.94
CA ALA C 136 2.10 -52.86 -10.82
C ALA C 136 3.04 -53.53 -11.81
N LEU C 137 3.16 -52.98 -13.03
CA LEU C 137 4.11 -53.56 -13.99
C LEU C 137 5.54 -53.52 -13.43
N VAL C 138 5.93 -52.37 -12.86
CA VAL C 138 7.27 -52.21 -12.32
C VAL C 138 7.48 -53.16 -11.14
N ALA C 139 6.51 -53.23 -10.24
CA ALA C 139 6.64 -54.13 -9.09
C ALA C 139 6.71 -55.59 -9.53
N SER C 140 5.90 -55.96 -10.53
CA SER C 140 5.89 -57.33 -11.03
C SER C 140 7.23 -57.72 -11.67
N LEU C 141 7.73 -56.86 -12.57
CA LEU C 141 9.01 -57.15 -13.20
C LEU C 141 10.15 -57.09 -12.20
N ALA C 142 10.08 -56.19 -11.21
CA ALA C 142 11.11 -56.17 -10.17
C ALA C 142 11.11 -57.47 -9.38
N SER C 143 9.93 -58.06 -9.15
CA SER C 143 9.89 -59.34 -8.44
C SER C 143 10.36 -60.48 -9.33
N LEU C 144 9.92 -60.49 -10.59
CA LEU C 144 10.35 -61.53 -11.54
C LEU C 144 11.87 -61.60 -11.62
N TYR C 145 12.50 -60.45 -11.75
CA TYR C 145 13.94 -60.34 -11.95
C TYR C 145 14.72 -60.32 -10.64
N SER C 146 14.02 -60.37 -9.49
CA SER C 146 14.65 -60.24 -8.18
C SER C 146 15.55 -59.02 -8.10
N LEU C 147 15.08 -57.90 -8.64
CA LEU C 147 15.92 -56.71 -8.69
C LEU C 147 16.20 -56.20 -7.28
N PRO C 148 17.43 -55.79 -6.99
CA PRO C 148 17.74 -55.24 -5.66
C PRO C 148 17.36 -53.79 -5.46
N GLN C 149 16.95 -53.09 -6.52
CA GLN C 149 16.69 -51.65 -6.42
C GLN C 149 15.59 -51.33 -5.40
N SER C 150 15.75 -50.19 -4.74
CA SER C 150 14.80 -49.73 -3.75
C SER C 150 13.52 -49.23 -4.41
N PRO C 151 12.43 -49.12 -3.65
CA PRO C 151 11.22 -48.49 -4.22
C PRO C 151 11.48 -47.10 -4.76
N SER C 152 12.35 -46.34 -4.09
CA SER C 152 12.75 -45.03 -4.58
C SER C 152 13.36 -45.12 -5.98
N GLN C 153 14.32 -46.03 -6.16
CA GLN C 153 14.94 -46.20 -7.46
CA GLN C 153 14.93 -46.17 -7.47
C GLN C 153 13.92 -46.67 -8.50
N LEU C 154 13.05 -47.61 -8.12
CA LEU C 154 12.05 -48.08 -9.08
C LEU C 154 11.08 -46.97 -9.45
N SER C 155 10.86 -46.02 -8.54
CA SER C 155 9.90 -44.95 -8.83
C SER C 155 10.37 -44.08 -9.98
N LEU C 156 11.68 -43.99 -10.20
CA LEU C 156 12.22 -43.26 -11.35
CA LEU C 156 12.20 -43.25 -11.35
C LEU C 156 11.74 -43.88 -12.65
N VAL C 157 11.75 -45.21 -12.73
CA VAL C 157 11.28 -45.87 -13.93
C VAL C 157 9.77 -45.67 -14.08
N ALA C 158 9.05 -45.77 -12.97
CA ALA C 158 7.60 -45.61 -13.00
C ALA C 158 7.24 -44.18 -13.41
N ARG C 159 8.01 -43.19 -12.94
CA ARG C 159 7.79 -41.78 -13.32
C ARG C 159 7.92 -41.58 -14.82
N GLN C 160 9.03 -42.07 -15.40
CA GLN C 160 9.26 -41.87 -16.82
C GLN C 160 8.22 -42.59 -17.65
N GLY C 161 7.67 -43.68 -17.12
CA GLY C 161 6.69 -44.45 -17.85
C GLY C 161 5.30 -43.88 -17.72
N SER C 162 4.94 -43.35 -16.56
CA SER C 162 3.58 -42.86 -16.40
C SER C 162 3.40 -41.89 -15.25
N GLY C 163 4.32 -40.95 -15.06
CA GLY C 163 4.11 -39.81 -14.18
C GLY C 163 3.80 -40.18 -12.73
N SER C 164 2.55 -39.96 -12.31
CA SER C 164 2.15 -40.17 -10.92
C SER C 164 2.19 -41.64 -10.51
N ALA C 165 2.42 -42.55 -11.46
CA ALA C 165 2.74 -43.94 -11.10
C ALA C 165 3.82 -44.03 -10.03
N CYS C 166 4.79 -43.10 -10.06
CA CYS C 166 5.88 -43.19 -9.09
C CYS C 166 5.37 -43.14 -7.67
N ARG C 167 4.26 -42.42 -7.43
CA ARG C 167 3.77 -42.32 -6.06
C ARG C 167 3.07 -43.60 -5.58
N SER C 168 2.73 -44.52 -6.48
CA SER C 168 2.14 -45.77 -6.06
C SER C 168 3.18 -46.84 -5.70
N LEU C 169 4.48 -46.50 -5.73
CA LEU C 169 5.52 -47.42 -5.28
C LEU C 169 5.66 -47.42 -3.75
N PHE C 170 4.93 -46.56 -3.06
CA PHE C 170 4.99 -46.45 -1.61
C PHE C 170 3.59 -46.48 -1.02
N GLY C 171 3.48 -47.02 0.20
CA GLY C 171 2.25 -46.88 0.94
C GLY C 171 2.19 -45.56 1.69
N GLY C 172 1.03 -45.27 2.26
CA GLY C 172 0.92 -44.14 3.18
C GLY C 172 0.78 -42.81 2.46
N PHE C 173 1.64 -41.87 2.82
CA PHE C 173 1.58 -40.48 2.37
C PHE C 173 2.88 -40.24 1.62
N VAL C 174 2.79 -39.91 0.33
CA VAL C 174 3.91 -40.05 -0.58
C VAL C 174 4.09 -38.76 -1.37
N ALA C 175 5.31 -38.27 -1.46
CA ALA C 175 5.59 -37.12 -2.31
C ALA C 175 6.21 -37.58 -3.63
N TRP C 176 5.86 -36.86 -4.70
CA TRP C 176 6.67 -36.87 -5.91
C TRP C 176 7.47 -35.58 -5.87
N ARG C 177 8.77 -35.72 -5.60
CA ARG C 177 9.64 -34.55 -5.59
C ARG C 177 9.91 -34.10 -7.02
N GLU C 178 9.71 -32.80 -7.28
CA GLU C 178 9.91 -32.29 -8.63
C GLU C 178 11.35 -32.46 -9.09
N GLY C 179 12.31 -32.32 -8.17
CA GLY C 179 13.72 -32.40 -8.54
C GLY C 179 14.22 -31.21 -9.33
N THR C 180 15.55 -31.05 -9.40
CA THR C 180 16.14 -29.99 -10.20
C THR C 180 17.16 -30.50 -11.21
N ASP C 181 17.45 -31.79 -11.21
CA ASP C 181 18.37 -32.38 -12.19
C ASP C 181 17.68 -32.43 -13.54
N PRO C 182 18.21 -31.76 -14.56
CA PRO C 182 17.59 -31.82 -15.88
C PRO C 182 17.52 -33.21 -16.46
N ALA C 183 18.34 -34.14 -15.98
CA ALA C 183 18.27 -35.53 -16.43
C ALA C 183 17.27 -36.33 -15.63
N GLY C 184 16.71 -35.74 -14.57
CA GLY C 184 15.63 -36.35 -13.83
C GLY C 184 16.03 -37.26 -12.69
N SER C 185 17.32 -37.32 -12.33
CA SER C 185 17.73 -38.34 -11.36
C SER C 185 17.15 -38.12 -9.98
N ASP C 186 16.67 -36.91 -9.68
CA ASP C 186 16.09 -36.61 -8.38
C ASP C 186 14.59 -36.33 -8.44
N SER C 187 13.94 -36.63 -9.57
CA SER C 187 12.48 -36.51 -9.69
C SER C 187 11.95 -37.91 -9.40
N LEU C 188 11.64 -38.16 -8.13
CA LEU C 188 11.25 -39.49 -7.72
CA LEU C 188 11.41 -39.48 -7.56
C LEU C 188 10.26 -39.39 -6.58
N ALA C 189 9.72 -40.54 -6.21
CA ALA C 189 8.77 -40.59 -5.12
C ALA C 189 9.49 -40.88 -3.81
N GLU C 190 8.90 -40.41 -2.73
CA GLU C 190 9.51 -40.46 -1.42
C GLU C 190 8.41 -40.59 -0.37
N GLU C 191 8.62 -41.48 0.60
CA GLU C 191 7.64 -41.58 1.69
C GLU C 191 7.71 -40.35 2.59
N VAL C 192 6.56 -39.70 2.79
CA VAL C 192 6.42 -38.68 3.82
C VAL C 192 6.04 -39.30 5.16
N ALA C 193 5.14 -40.28 5.15
CA ALA C 193 4.81 -41.03 6.34
C ALA C 193 4.23 -42.35 5.91
N PRO C 194 4.56 -43.46 6.59
CA PRO C 194 4.01 -44.76 6.21
C PRO C 194 2.55 -44.88 6.61
N ARG C 195 1.88 -45.89 6.05
CA ARG C 195 0.50 -46.16 6.42
C ARG C 195 0.31 -46.25 7.94
N GLU C 196 1.21 -46.97 8.63
CA GLU C 196 1.05 -47.18 10.07
CA GLU C 196 1.10 -47.19 10.07
C GLU C 196 1.17 -45.89 10.88
N HIS C 197 1.60 -44.79 10.26
CA HIS C 197 1.64 -43.52 10.98
C HIS C 197 0.25 -42.92 11.19
N TRP C 198 -0.67 -43.11 10.25
CA TRP C 198 -2.00 -42.51 10.37
C TRP C 198 -3.03 -43.42 9.71
N PRO C 199 -3.16 -44.66 10.18
CA PRO C 199 -4.05 -45.60 9.47
C PRO C 199 -5.51 -45.25 9.59
N GLU C 200 -5.87 -44.34 10.49
CA GLU C 200 -7.24 -43.85 10.62
C GLU C 200 -7.70 -43.00 9.44
N MET C 201 -6.82 -42.65 8.51
CA MET C 201 -7.22 -41.83 7.37
C MET C 201 -8.03 -42.66 6.38
N HIS C 202 -9.31 -42.35 6.26
CA HIS C 202 -10.20 -43.03 5.33
C HIS C 202 -10.58 -42.10 4.20
N ALA C 203 -11.18 -42.68 3.17
CA ALA C 203 -11.54 -41.92 1.99
C ALA C 203 -12.82 -42.48 1.39
N LEU C 204 -13.72 -41.61 0.97
CA LEU C 204 -14.95 -42.02 0.30
C LEU C 204 -14.89 -41.52 -1.12
N ILE C 205 -14.85 -42.43 -2.07
CA ILE C 205 -14.87 -42.04 -3.48
C ILE C 205 -16.32 -41.94 -3.92
N CYS C 206 -16.69 -40.78 -4.46
CA CYS C 206 -18.04 -40.55 -4.94
C CYS C 206 -17.99 -40.56 -6.46
N VAL C 207 -18.52 -41.62 -7.06
CA VAL C 207 -18.52 -41.74 -8.50
C VAL C 207 -19.68 -40.90 -9.05
N VAL C 208 -19.34 -39.84 -9.81
CA VAL C 208 -20.33 -38.85 -10.25
C VAL C 208 -20.70 -39.08 -11.70
N SER C 209 -22.01 -39.01 -11.99
CA SER C 209 -22.49 -39.10 -13.37
CA SER C 209 -22.48 -39.10 -13.37
C SER C 209 -21.84 -38.02 -14.22
N ASP C 210 -21.31 -38.42 -15.38
CA ASP C 210 -20.46 -37.56 -16.20
C ASP C 210 -21.00 -37.66 -17.62
N ALA C 211 -21.69 -36.62 -18.06
CA ALA C 211 -22.28 -36.59 -19.38
C ALA C 211 -21.20 -36.38 -20.43
N SER C 216 -7.96 -35.67 -22.52
CA SER C 216 -6.85 -36.34 -21.86
C SER C 216 -6.03 -35.40 -20.98
N SER C 217 -5.63 -35.93 -19.81
CA SER C 217 -4.83 -35.13 -18.89
C SER C 217 -3.46 -34.80 -19.45
N THR C 218 -2.82 -35.73 -20.17
CA THR C 218 -1.45 -35.50 -20.63
C THR C 218 -1.36 -34.32 -21.58
N SER C 219 -2.15 -34.33 -22.66
CA SER C 219 -2.17 -33.18 -23.55
C SER C 219 -2.88 -31.99 -22.92
N GLY C 220 -3.92 -32.26 -22.11
CA GLY C 220 -4.59 -31.24 -21.36
C GLY C 220 -3.66 -30.40 -20.51
N MET C 221 -2.87 -31.03 -19.63
CA MET C 221 -2.07 -30.25 -18.70
C MET C 221 -1.05 -29.38 -19.41
N GLN C 222 -0.56 -29.79 -20.58
CA GLN C 222 0.44 -28.96 -21.25
C GLN C 222 -0.20 -27.70 -21.83
N LYS C 223 -1.50 -27.76 -22.17
CA LYS C 223 -2.18 -26.52 -22.57
C LYS C 223 -2.22 -25.52 -21.41
N THR C 224 -2.42 -26.01 -20.17
CA THR C 224 -2.40 -25.12 -19.01
C THR C 224 -1.03 -24.50 -18.84
N VAL C 225 0.01 -25.32 -18.98
CA VAL C 225 1.37 -24.79 -18.92
C VAL C 225 1.55 -23.70 -19.97
N GLU C 226 1.02 -23.93 -21.17
CA GLU C 226 1.28 -23.00 -22.26
C GLU C 226 0.53 -21.69 -22.10
N THR C 227 -0.66 -21.72 -21.49
CA THR C 227 -1.61 -20.61 -21.65
C THR C 227 -2.12 -20.00 -20.36
N SER C 228 -2.02 -20.68 -19.22
CA SER C 228 -2.60 -20.16 -17.99
C SER C 228 -1.64 -19.20 -17.31
N THR C 229 -2.01 -17.92 -17.21
CA THR C 229 -1.15 -17.00 -16.45
C THR C 229 -1.21 -17.34 -14.97
N LEU C 230 -2.37 -17.78 -14.50
CA LEU C 230 -2.51 -18.03 -13.08
C LEU C 230 -1.64 -19.20 -12.65
N LEU C 231 -1.35 -20.14 -13.56
CA LEU C 231 -0.50 -21.27 -13.19
C LEU C 231 0.83 -20.82 -12.60
N GLN C 232 1.36 -19.70 -13.07
CA GLN C 232 2.67 -19.32 -12.54
C GLN C 232 2.61 -18.94 -11.07
N GLU C 233 1.49 -18.36 -10.62
CA GLU C 233 1.31 -18.15 -9.19
C GLU C 233 1.04 -19.46 -8.46
N ARG C 234 0.28 -20.37 -9.07
CA ARG C 234 0.11 -21.70 -8.47
C ARG C 234 1.46 -22.34 -8.16
N LEU C 235 2.42 -22.22 -9.09
CA LEU C 235 3.73 -22.85 -8.88
C LEU C 235 4.49 -22.19 -7.72
N ARG C 236 4.20 -20.91 -7.43
CA ARG C 236 4.81 -20.25 -6.29
C ARG C 236 4.19 -20.72 -4.98
N VAL C 237 2.92 -21.10 -5.01
CA VAL C 237 2.19 -21.45 -3.79
C VAL C 237 2.38 -22.92 -3.42
N VAL C 238 2.59 -23.79 -4.41
CA VAL C 238 2.65 -25.24 -4.12
C VAL C 238 3.75 -25.60 -3.12
N PRO C 239 4.98 -25.04 -3.18
CA PRO C 239 5.96 -25.41 -2.16
C PRO C 239 5.50 -25.14 -0.74
N LYS C 240 4.81 -24.02 -0.51
CA LYS C 240 4.29 -23.74 0.84
CA LYS C 240 4.30 -23.74 0.84
C LYS C 240 3.28 -24.79 1.26
N ARG C 241 2.40 -25.20 0.33
CA ARG C 241 1.40 -26.22 0.66
C ARG C 241 2.06 -27.57 0.91
N MET C 242 3.07 -27.92 0.12
CA MET C 242 3.80 -29.17 0.34
C MET C 242 4.39 -29.22 1.74
N ASP C 243 5.06 -28.14 2.16
CA ASP C 243 5.67 -28.08 3.48
CA ASP C 243 5.66 -28.09 3.48
C ASP C 243 4.59 -28.15 4.57
N ALA C 244 3.53 -27.36 4.40
CA ALA C 244 2.47 -27.31 5.40
C ALA C 244 1.73 -28.63 5.49
N ILE C 245 1.46 -29.28 4.35
CA ILE C 245 0.70 -30.53 4.45
C ILE C 245 1.57 -31.66 4.97
N SER C 246 2.88 -31.62 4.71
CA SER C 246 3.77 -32.61 5.31
C SER C 246 3.83 -32.44 6.82
N GLN C 247 3.87 -31.20 7.29
CA GLN C 247 3.82 -30.96 8.74
C GLN C 247 2.51 -31.44 9.33
N ALA C 248 1.38 -31.17 8.66
CA ALA C 248 0.08 -31.61 9.16
C ALA C 248 0.01 -33.14 9.21
N ILE C 249 0.48 -33.83 8.16
CA ILE C 249 0.50 -35.30 8.20
C ILE C 249 1.34 -35.78 9.39
N LYS C 250 2.54 -35.22 9.55
CA LYS C 250 3.39 -35.70 10.62
C LYS C 250 2.76 -35.46 11.99
N ALA C 251 1.96 -34.41 12.12
CA ALA C 251 1.31 -34.08 13.38
C ALA C 251 -0.04 -34.78 13.56
N ARG C 252 -0.50 -35.48 12.53
CA ARG C 252 -1.86 -36.05 12.47
C ARG C 252 -2.91 -34.97 12.72
N ASP C 253 -2.69 -33.81 12.10
CA ASP C 253 -3.54 -32.63 12.22
C ASP C 253 -4.56 -32.71 11.09
N PHE C 254 -5.73 -33.32 11.37
CA PHE C 254 -6.67 -33.51 10.26
C PHE C 254 -7.19 -32.20 9.72
N ALA C 255 -7.49 -31.23 10.60
CA ALA C 255 -8.07 -29.99 10.09
C ALA C 255 -7.13 -29.28 9.13
N GLU C 256 -5.84 -29.20 9.45
CA GLU C 256 -4.91 -28.51 8.55
CA GLU C 256 -4.91 -28.51 8.55
C GLU C 256 -4.67 -29.33 7.29
N PHE C 257 -4.49 -30.66 7.43
CA PHE C 257 -4.47 -31.54 6.26
C PHE C 257 -5.65 -31.25 5.33
N ALA C 258 -6.84 -31.11 5.92
CA ALA C 258 -8.06 -30.96 5.14
C ALA C 258 -8.11 -29.61 4.44
N LYS C 259 -7.80 -28.53 5.16
CA LYS C 259 -7.79 -27.20 4.55
CA LYS C 259 -7.82 -27.21 4.53
C LYS C 259 -6.87 -27.16 3.34
N LEU C 260 -5.67 -27.73 3.49
CA LEU C 260 -4.69 -27.72 2.40
C LEU C 260 -5.16 -28.56 1.22
N THR C 261 -5.76 -29.72 1.50
CA THR C 261 -6.31 -30.56 0.44
C THR C 261 -7.39 -29.84 -0.36
N MET C 262 -8.33 -29.22 0.35
CA MET C 262 -9.40 -28.54 -0.37
C MET C 262 -8.88 -27.34 -1.13
N ALA C 263 -7.96 -26.58 -0.51
CA ALA C 263 -7.39 -25.40 -1.19
C ALA C 263 -6.67 -25.82 -2.46
N ASP C 264 -5.86 -26.89 -2.38
CA ASP C 264 -5.11 -27.23 -3.58
C ASP C 264 -5.99 -27.85 -4.64
N SER C 265 -7.05 -28.57 -4.27
CA SER C 265 -7.96 -29.08 -5.29
C SER C 265 -8.59 -27.91 -6.06
N ASN C 266 -9.05 -26.91 -5.34
CA ASN C 266 -9.68 -25.76 -6.01
C ASN C 266 -8.68 -24.98 -6.85
N SER C 267 -7.44 -24.90 -6.37
CA SER C 267 -6.36 -24.23 -7.12
C SER C 267 -6.14 -24.91 -8.46
N PHE C 268 -6.06 -26.25 -8.44
CA PHE C 268 -5.92 -27.04 -9.66
C PHE C 268 -7.08 -26.77 -10.63
N HIS C 269 -8.32 -26.83 -10.13
CA HIS C 269 -9.43 -26.63 -11.07
C HIS C 269 -9.50 -25.18 -11.55
N ALA C 270 -9.00 -24.23 -10.73
CA ALA C 270 -8.92 -22.85 -11.17
C ALA C 270 -7.93 -22.68 -12.33
N VAL C 271 -6.76 -23.31 -12.25
CA VAL C 271 -5.82 -23.12 -13.37
C VAL C 271 -6.31 -23.84 -14.60
N CYS C 272 -7.09 -24.94 -14.44
CA CYS C 272 -7.79 -25.51 -15.61
C CYS C 272 -8.75 -24.51 -16.22
N LEU C 273 -9.51 -23.82 -15.40
CA LEU C 273 -10.47 -22.85 -15.93
C LEU C 273 -9.76 -21.73 -16.65
N ASP C 274 -8.55 -21.41 -16.21
CA ASP C 274 -7.79 -20.28 -16.75
C ASP C 274 -6.98 -20.65 -17.99
N THR C 275 -7.04 -21.92 -18.37
CA THR C 275 -6.40 -22.40 -19.59
C THR C 275 -7.18 -21.85 -20.76
N ALA C 276 -6.50 -21.69 -21.92
CA ALA C 276 -7.18 -21.24 -23.13
C ALA C 276 -6.99 -22.27 -24.23
N PRO C 277 -8.05 -22.97 -24.67
CA PRO C 277 -9.42 -22.90 -24.15
C PRO C 277 -9.54 -23.50 -22.76
N PRO C 278 -10.57 -23.13 -21.99
CA PRO C 278 -10.67 -23.62 -20.60
C PRO C 278 -10.94 -25.11 -20.55
N ILE C 279 -10.45 -25.71 -19.47
CA ILE C 279 -10.61 -27.13 -19.19
C ILE C 279 -11.57 -27.25 -18.02
N PHE C 280 -12.63 -28.06 -18.18
CA PHE C 280 -13.66 -28.20 -17.14
C PHE C 280 -13.75 -29.67 -16.74
N TYR C 281 -13.58 -29.91 -15.45
CA TYR C 281 -13.72 -31.26 -14.88
C TYR C 281 -14.84 -31.36 -13.85
N LEU C 282 -14.96 -30.36 -12.97
CA LEU C 282 -16.06 -30.33 -12.01
C LEU C 282 -17.36 -30.06 -12.74
N ASN C 283 -18.43 -30.74 -12.34
CA ASN C 283 -19.74 -30.42 -12.91
C ASN C 283 -20.66 -29.96 -11.77
N ASP C 284 -21.95 -29.83 -12.08
CA ASP C 284 -22.86 -29.30 -11.06
C ASP C 284 -23.01 -30.26 -9.88
N VAL C 285 -22.88 -31.58 -10.11
CA VAL C 285 -22.90 -32.52 -8.99
C VAL C 285 -21.66 -32.35 -8.12
N SER C 286 -20.47 -32.19 -8.73
CA SER C 286 -19.25 -31.92 -7.96
C SER C 286 -19.42 -30.71 -7.07
N ARG C 287 -20.00 -29.64 -7.63
CA ARG C 287 -20.21 -28.42 -6.87
C ARG C 287 -21.14 -28.67 -5.70
N ALA C 288 -22.17 -29.49 -5.91
CA ALA C 288 -23.10 -29.80 -4.81
C ALA C 288 -22.41 -30.61 -3.72
N ILE C 289 -21.54 -31.55 -4.10
CA ILE C 289 -20.79 -32.31 -3.09
C ILE C 289 -19.92 -31.38 -2.25
N ILE C 290 -19.27 -30.43 -2.91
CA ILE C 290 -18.46 -29.44 -2.21
C ILE C 290 -19.32 -28.65 -1.22
N ALA C 291 -20.48 -28.19 -1.67
CA ALA C 291 -21.37 -27.47 -0.74
C ALA C 291 -21.72 -28.32 0.47
N VAL C 292 -21.96 -29.63 0.26
CA VAL C 292 -22.35 -30.51 1.36
C VAL C 292 -21.19 -30.74 2.31
N VAL C 293 -19.99 -30.96 1.78
CA VAL C 293 -18.84 -31.15 2.65
C VAL C 293 -18.55 -29.88 3.47
N GLU C 294 -18.60 -28.71 2.81
CA GLU C 294 -18.33 -27.48 3.55
CA GLU C 294 -18.34 -27.46 3.53
C GLU C 294 -19.38 -27.23 4.63
N GLU C 295 -20.65 -27.51 4.33
CA GLU C 295 -21.69 -27.33 5.34
C GLU C 295 -21.60 -28.40 6.41
N LEU C 296 -21.15 -29.62 6.06
CA LEU C 296 -20.92 -30.63 7.09
C LEU C 296 -19.86 -30.18 8.08
N ASN C 297 -18.72 -29.70 7.58
CA ASN C 297 -17.67 -29.19 8.46
C ASN C 297 -18.19 -28.05 9.33
N ARG C 298 -18.92 -27.11 8.74
CA ARG C 298 -19.41 -25.98 9.54
C ARG C 298 -20.35 -26.42 10.66
N ALA C 299 -21.38 -27.20 10.29
CA ALA C 299 -22.39 -27.67 11.24
C ALA C 299 -21.78 -28.58 12.31
N ALA C 300 -20.76 -29.37 11.97
CA ALA C 300 -20.12 -30.19 13.00
C ALA C 300 -19.31 -29.36 13.99
N GLY C 301 -19.00 -28.10 13.66
CA GLY C 301 -18.17 -27.31 14.55
C GLY C 301 -16.68 -27.60 14.47
N GLU C 302 -16.24 -28.31 13.44
CA GLU C 302 -14.92 -28.89 13.37
C GLU C 302 -14.75 -29.40 11.97
N ILE C 303 -13.56 -29.24 11.39
CA ILE C 303 -13.33 -29.77 10.05
CA ILE C 303 -13.30 -29.76 10.05
C ILE C 303 -13.13 -31.28 10.18
N ILE C 304 -14.08 -32.04 9.64
CA ILE C 304 -14.03 -33.49 9.72
C ILE C 304 -13.89 -34.14 8.36
N ALA C 305 -14.04 -33.40 7.27
CA ALA C 305 -14.01 -33.99 5.93
C ALA C 305 -13.27 -33.06 4.97
N ALA C 306 -12.63 -33.63 3.95
CA ALA C 306 -11.90 -32.84 2.97
C ALA C 306 -12.16 -33.41 1.59
N TYR C 307 -12.79 -32.62 0.70
CA TYR C 307 -12.92 -33.10 -0.67
C TYR C 307 -11.65 -32.84 -1.48
N THR C 308 -11.50 -33.65 -2.55
CA THR C 308 -10.53 -33.34 -3.58
C THR C 308 -11.01 -33.98 -4.89
N PHE C 309 -10.68 -33.31 -5.99
CA PHE C 309 -11.13 -33.72 -7.32
C PHE C 309 -9.94 -33.80 -8.25
N ASP C 310 -9.83 -34.91 -8.97
CA ASP C 310 -8.85 -35.04 -10.06
C ASP C 310 -9.44 -34.61 -11.39
N ALA C 311 -9.02 -35.28 -12.48
CA ALA C 311 -9.38 -34.81 -13.82
C ALA C 311 -10.72 -35.40 -14.25
N GLY C 312 -11.75 -35.03 -13.52
CA GLY C 312 -13.09 -35.48 -13.79
C GLY C 312 -13.95 -35.05 -12.63
N PRO C 313 -15.26 -35.35 -12.67
CA PRO C 313 -16.17 -34.84 -11.64
C PRO C 313 -16.23 -35.70 -10.37
N ASN C 314 -15.61 -36.89 -10.34
CA ASN C 314 -15.65 -37.72 -9.13
C ASN C 314 -15.02 -37.01 -7.93
N ALA C 315 -15.65 -37.15 -6.77
CA ALA C 315 -15.08 -36.60 -5.54
C ALA C 315 -14.38 -37.70 -4.75
N VAL C 316 -13.28 -37.36 -4.09
CA VAL C 316 -12.72 -38.18 -3.02
C VAL C 316 -12.86 -37.35 -1.76
N ILE C 317 -13.45 -37.92 -0.72
CA ILE C 317 -13.64 -37.19 0.53
C ILE C 317 -12.84 -37.89 1.61
N TYR C 318 -11.77 -37.24 2.05
CA TYR C 318 -11.03 -37.79 3.18
C TYR C 318 -11.76 -37.51 4.49
N THR C 319 -11.64 -38.46 5.41
CA THR C 319 -12.16 -38.29 6.77
C THR C 319 -11.51 -39.34 7.67
N LEU C 320 -11.40 -39.03 8.97
CA LEU C 320 -10.95 -40.07 9.89
C LEU C 320 -12.01 -41.16 9.96
N GLU C 321 -11.56 -42.39 10.19
CA GLU C 321 -12.49 -43.52 10.29
C GLU C 321 -13.68 -43.22 11.19
N LYS C 322 -13.45 -42.60 12.34
CA LYS C 322 -14.55 -42.35 13.27
C LYS C 322 -15.61 -41.39 12.72
N ASN C 323 -15.26 -40.58 11.72
CA ASN C 323 -16.19 -39.61 11.18
C ASN C 323 -16.82 -40.04 9.86
N MET C 324 -16.38 -41.16 9.31
CA MET C 324 -16.99 -41.64 8.07
C MET C 324 -18.51 -41.77 8.17
N PRO C 325 -19.10 -42.20 9.28
CA PRO C 325 -20.57 -42.24 9.35
C PRO C 325 -21.24 -40.89 9.10
N PHE C 326 -20.61 -39.77 9.53
CA PHE C 326 -21.16 -38.47 9.21
C PHE C 326 -21.08 -38.18 7.72
N VAL C 327 -19.93 -38.48 7.11
CA VAL C 327 -19.73 -38.22 5.69
C VAL C 327 -20.67 -39.07 4.86
N LEU C 328 -20.71 -40.39 5.14
CA LEU C 328 -21.62 -41.28 4.44
CA LEU C 328 -21.62 -41.27 4.42
C LEU C 328 -23.06 -40.82 4.58
N GLY C 329 -23.47 -40.46 5.80
CA GLY C 329 -24.83 -40.05 6.02
C GLY C 329 -25.20 -38.81 5.24
N ALA C 330 -24.28 -37.83 5.19
CA ALA C 330 -24.55 -36.59 4.48
C ALA C 330 -24.66 -36.82 2.97
N ILE C 331 -23.76 -37.64 2.42
CA ILE C 331 -23.80 -37.88 0.98
C ILE C 331 -25.03 -38.67 0.61
N LYS C 332 -25.38 -39.70 1.39
CA LYS C 332 -26.56 -40.49 1.06
C LYS C 332 -27.83 -39.69 1.25
N ARG C 333 -27.82 -38.71 2.16
CA ARG C 333 -28.98 -37.84 2.36
C ARG C 333 -29.35 -37.08 1.09
N PHE C 334 -28.36 -36.60 0.34
CA PHE C 334 -28.63 -35.69 -0.76
C PHE C 334 -28.40 -36.29 -2.13
N PHE C 335 -27.68 -37.42 -2.21
CA PHE C 335 -27.28 -38.01 -3.50
C PHE C 335 -27.56 -39.51 -3.47
N PRO C 336 -28.82 -39.92 -3.53
CA PRO C 336 -29.13 -41.36 -3.56
C PRO C 336 -28.44 -42.05 -4.74
N THR C 337 -27.81 -43.20 -4.46
CA THR C 337 -26.92 -43.84 -5.42
C THR C 337 -27.63 -44.90 -6.26
N SER C 338 -26.98 -45.26 -7.37
CA SER C 338 -27.52 -46.25 -8.30
C SER C 338 -27.47 -47.66 -7.73
N GLU C 339 -28.45 -48.47 -8.16
CA GLU C 339 -28.47 -49.89 -7.83
C GLU C 339 -27.21 -50.61 -8.28
N GLU C 340 -26.70 -50.27 -9.47
CA GLU C 340 -25.54 -50.94 -10.06
C GLU C 340 -24.27 -50.82 -9.22
N PHE C 341 -24.24 -49.99 -8.19
CA PHE C 341 -23.03 -49.79 -7.37
C PHE C 341 -23.22 -50.22 -5.91
N GLY C 348 -22.83 -48.04 7.86
CA GLY C 348 -23.50 -47.32 8.93
C GLY C 348 -23.41 -45.80 8.79
N VAL C 349 -24.56 -45.13 8.95
CA VAL C 349 -24.65 -43.69 8.71
C VAL C 349 -25.14 -42.99 9.97
N ARG C 350 -24.69 -41.74 10.14
CA ARG C 350 -25.21 -40.85 11.16
C ARG C 350 -25.98 -39.72 10.48
N ASP C 351 -26.99 -39.22 11.18
CA ASP C 351 -27.77 -38.09 10.73
C ASP C 351 -26.90 -36.84 10.60
N LEU C 352 -27.41 -35.88 9.83
CA LEU C 352 -26.73 -34.61 9.72
C LEU C 352 -26.56 -33.99 11.09
N PRO C 353 -25.42 -33.36 11.36
CA PRO C 353 -25.26 -32.64 12.62
C PRO C 353 -26.36 -31.59 12.80
N GLU C 354 -26.76 -31.39 14.05
CA GLU C 354 -27.77 -30.37 14.32
C GLU C 354 -27.26 -29.02 13.81
N GLY C 355 -28.14 -28.28 13.18
CA GLY C 355 -27.77 -27.01 12.60
C GLY C 355 -27.36 -27.07 11.14
N PHE C 356 -27.24 -28.28 10.56
CA PHE C 356 -26.91 -28.37 9.14
C PHE C 356 -28.00 -27.71 8.32
N ASN C 357 -27.59 -26.80 7.44
CA ASN C 357 -28.53 -26.03 6.64
C ASN C 357 -28.78 -26.79 5.33
N THR C 358 -29.94 -27.44 5.23
CA THR C 358 -30.23 -28.19 4.01
C THR C 358 -30.41 -27.28 2.79
N GLY C 359 -30.48 -25.97 3.01
CA GLY C 359 -30.57 -25.04 1.90
C GLY C 359 -29.32 -24.94 1.06
N VAL C 360 -28.20 -25.55 1.48
CA VAL C 360 -27.00 -25.54 0.65
C VAL C 360 -27.12 -26.48 -0.54
N VAL C 361 -28.16 -27.31 -0.57
CA VAL C 361 -28.45 -28.24 -1.65
C VAL C 361 -29.80 -27.85 -2.22
N ARG C 362 -29.97 -28.06 -3.53
CA ARG C 362 -31.27 -27.86 -4.17
C ARG C 362 -32.36 -28.60 -3.40
N GLU C 363 -33.56 -28.01 -3.38
CA GLU C 363 -34.65 -28.58 -2.61
C GLU C 363 -34.94 -30.01 -3.08
N GLY C 364 -35.00 -30.95 -2.13
CA GLY C 364 -35.26 -32.33 -2.45
C GLY C 364 -34.06 -33.14 -2.85
N GLY C 365 -32.86 -32.54 -2.88
CA GLY C 365 -31.67 -33.28 -3.23
C GLY C 365 -31.64 -33.61 -4.72
N TRP C 366 -30.75 -34.51 -5.06
CA TRP C 366 -30.48 -34.88 -6.44
C TRP C 366 -31.20 -36.17 -6.80
N GLU C 367 -31.36 -36.40 -8.11
CA GLU C 367 -31.98 -37.61 -8.58
CA GLU C 367 -31.97 -37.62 -8.59
C GLU C 367 -31.13 -38.84 -8.23
N LYS C 368 -31.79 -39.95 -8.01
CA LYS C 368 -31.06 -41.21 -7.81
C LYS C 368 -30.12 -41.45 -8.98
N GLY C 369 -28.84 -41.69 -8.68
CA GLY C 369 -27.88 -41.97 -9.72
C GLY C 369 -27.07 -40.78 -10.20
N ALA C 370 -27.45 -39.55 -9.80
CA ALA C 370 -26.58 -38.40 -10.05
C ALA C 370 -25.18 -38.67 -9.51
N VAL C 371 -25.11 -39.17 -8.28
CA VAL C 371 -23.95 -39.88 -7.78
C VAL C 371 -24.25 -41.35 -7.97
N LYS C 372 -23.41 -42.03 -8.76
CA LYS C 372 -23.71 -43.40 -9.14
C LYS C 372 -23.43 -44.36 -8.01
N GLY C 373 -22.38 -44.11 -7.25
CA GLY C 373 -22.01 -45.08 -6.23
C GLY C 373 -20.88 -44.54 -5.39
N LEU C 374 -20.64 -45.24 -4.26
CA LEU C 374 -19.69 -44.81 -3.24
C LEU C 374 -18.71 -45.95 -2.99
N ILE C 375 -17.43 -45.62 -2.86
CA ILE C 375 -16.40 -46.60 -2.54
C ILE C 375 -15.71 -46.16 -1.27
N HIS C 376 -15.82 -46.97 -0.22
CA HIS C 376 -15.21 -46.65 1.08
C HIS C 376 -13.87 -47.38 1.14
N THR C 377 -12.78 -46.61 1.14
CA THR C 377 -11.46 -47.17 1.29
C THR C 377 -10.68 -46.35 2.33
N ARG C 378 -9.36 -46.51 2.36
CA ARG C 378 -8.55 -45.96 3.44
C ARG C 378 -7.10 -45.99 3.00
N VAL C 379 -6.23 -45.32 3.76
CA VAL C 379 -4.81 -45.32 3.43
C VAL C 379 -4.29 -46.74 3.53
N GLY C 380 -3.43 -47.14 2.58
CA GLY C 380 -2.95 -48.51 2.47
C GLY C 380 -1.45 -48.60 2.29
N ASP C 381 -0.98 -49.82 2.12
CA ASP C 381 0.45 -50.04 1.96
C ASP C 381 0.85 -49.92 0.50
N GLY C 382 2.15 -50.11 0.24
CA GLY C 382 2.67 -50.11 -1.12
C GLY C 382 2.43 -51.43 -1.85
N PRO C 383 3.03 -51.58 -3.03
CA PRO C 383 2.79 -52.77 -3.86
C PRO C 383 2.97 -54.07 -3.09
N ARG C 384 2.19 -55.08 -3.47
CA ARG C 384 2.18 -56.38 -2.82
C ARG C 384 2.60 -57.45 -3.82
N VAL C 385 3.53 -58.31 -3.43
CA VAL C 385 3.90 -59.46 -4.26
C VAL C 385 2.96 -60.61 -3.89
N LEU C 386 2.28 -61.16 -4.88
CA LEU C 386 1.20 -62.11 -4.64
C LEU C 386 1.69 -63.54 -4.86
N GLU C 387 0.76 -64.48 -4.76
CA GLU C 387 1.06 -65.92 -4.79
C GLU C 387 0.78 -66.51 -6.17
N LYS C 388 1.25 -67.75 -6.35
CA LYS C 388 1.06 -68.42 -7.63
C LYS C 388 -0.41 -68.45 -8.03
N GLU C 389 -1.31 -68.71 -7.08
CA GLU C 389 -2.74 -68.82 -7.40
C GLU C 389 -3.31 -67.52 -7.95
N ASP C 390 -2.63 -66.40 -7.74
CA ASP C 390 -3.12 -65.11 -8.22
C ASP C 390 -2.67 -64.78 -9.63
N SER C 391 -1.92 -65.67 -10.27
CA SER C 391 -1.38 -65.36 -11.58
C SER C 391 -2.49 -65.09 -12.58
N LEU C 392 -2.24 -64.12 -13.46
CA LEU C 392 -3.09 -63.82 -14.59
C LEU C 392 -2.78 -64.63 -15.83
N LEU C 393 -1.70 -65.40 -15.83
CA LEU C 393 -1.25 -66.12 -17.03
C LEU C 393 -1.52 -67.62 -16.89
N GLY C 394 -1.89 -68.27 -17.99
CA GLY C 394 -1.96 -69.71 -18.04
C GLY C 394 -0.59 -70.33 -18.23
N GLU C 395 -0.58 -71.67 -18.27
CA GLU C 395 0.69 -72.37 -18.37
C GLU C 395 1.46 -72.05 -19.64
N ASN C 396 0.77 -71.62 -20.71
CA ASN C 396 1.43 -71.31 -21.97
C ASN C 396 1.96 -69.88 -22.01
N GLY C 397 1.76 -69.10 -20.95
CA GLY C 397 2.13 -67.70 -20.98
C GLY C 397 1.10 -66.82 -21.64
N VAL C 398 -0.07 -67.34 -21.98
CA VAL C 398 -1.17 -66.53 -22.50
C VAL C 398 -2.13 -66.26 -21.34
N PRO C 399 -2.80 -65.11 -21.28
CA PRO C 399 -3.68 -64.85 -20.13
C PRO C 399 -4.78 -65.90 -19.98
N LYS C 400 -5.12 -66.16 -18.72
CA LYS C 400 -6.25 -67.03 -18.41
C LYS C 400 -7.54 -66.46 -18.96
N VAL C 401 -7.65 -65.14 -19.05
CA VAL C 401 -8.87 -64.45 -19.50
C VAL C 401 -8.52 -63.57 -20.68
N LEU C 402 -9.14 -63.83 -21.82
CA LEU C 402 -8.96 -63.00 -23.01
C LEU C 402 -10.28 -62.33 -23.36
N ALA C 403 -10.22 -61.05 -23.71
CA ALA C 403 -11.40 -60.30 -24.11
C ALA C 403 -11.96 -60.81 -25.43
N HIS D 8 50.79 -26.57 -7.57
CA HIS D 8 49.51 -27.27 -7.58
C HIS D 8 48.77 -27.00 -8.89
N MET D 9 47.60 -27.60 -9.03
CA MET D 9 46.84 -27.50 -10.28
C MET D 9 46.37 -26.07 -10.48
N VAL D 10 46.35 -25.63 -11.74
CA VAL D 10 45.79 -24.33 -12.10
C VAL D 10 44.37 -24.54 -12.61
N HIS D 11 43.43 -23.81 -12.01
CA HIS D 11 42.04 -23.82 -12.44
C HIS D 11 41.77 -22.49 -13.11
N GLU D 12 41.69 -22.51 -14.45
CA GLU D 12 41.63 -21.26 -15.21
C GLU D 12 40.88 -21.50 -16.51
N ALA D 13 40.09 -20.51 -16.93
CA ALA D 13 39.42 -20.64 -18.22
C ALA D 13 39.43 -19.30 -18.94
N THR D 14 39.53 -19.34 -20.27
CA THR D 14 39.43 -18.13 -21.05
C THR D 14 38.33 -18.30 -22.09
N ALA D 15 37.50 -17.28 -22.24
CA ALA D 15 36.43 -17.32 -23.23
C ALA D 15 36.31 -15.97 -23.91
N SER D 16 35.91 -15.99 -25.19
CA SER D 16 35.52 -14.76 -25.86
C SER D 16 34.02 -14.74 -26.04
N ALA D 17 33.47 -13.54 -26.15
CA ALA D 17 32.04 -13.39 -26.47
C ALA D 17 31.86 -12.32 -27.54
N PRO D 18 30.77 -12.44 -28.30
CA PRO D 18 30.55 -11.52 -29.42
C PRO D 18 29.79 -10.26 -29.03
N VAL D 19 30.00 -9.22 -29.84
CA VAL D 19 29.07 -8.09 -29.80
CA VAL D 19 29.10 -8.07 -29.86
C VAL D 19 27.78 -8.49 -30.52
N ASN D 20 26.70 -7.79 -30.17
CA ASN D 20 25.47 -7.99 -30.91
C ASN D 20 24.82 -6.63 -31.16
N ILE D 21 24.06 -6.54 -32.25
CA ILE D 21 23.40 -5.30 -32.64
C ILE D 21 21.90 -5.55 -32.70
N ALA D 22 21.17 -4.82 -31.88
CA ALA D 22 19.73 -5.04 -31.78
C ALA D 22 19.02 -4.50 -33.01
N CYS D 23 18.11 -5.30 -33.57
CA CYS D 23 17.20 -4.82 -34.62
C CYS D 23 15.90 -4.31 -34.01
N ILE D 24 15.41 -5.02 -33.00
CA ILE D 24 14.32 -4.58 -32.16
C ILE D 24 14.95 -4.14 -30.84
N LYS D 25 14.82 -2.86 -30.50
CA LYS D 25 15.69 -2.24 -29.52
C LYS D 25 15.23 -2.45 -28.08
N TYR D 26 16.20 -2.70 -27.21
CA TYR D 26 16.01 -2.62 -25.76
C TYR D 26 16.18 -1.16 -25.34
N TRP D 27 15.15 -0.60 -24.67
CA TRP D 27 15.27 0.76 -24.17
C TRP D 27 14.18 0.93 -23.10
N GLY D 28 14.56 0.73 -21.86
CA GLY D 28 13.63 0.91 -20.76
C GLY D 28 13.61 -0.34 -19.90
N LYS D 29 13.68 -0.16 -18.59
CA LYS D 29 13.58 -1.24 -17.63
C LYS D 29 12.32 -1.10 -16.80
N ARG D 30 11.64 -2.23 -16.52
CA ARG D 30 10.58 -2.25 -15.52
C ARG D 30 11.08 -2.62 -14.13
N ASP D 31 12.30 -3.17 -14.04
CA ASP D 31 12.93 -3.49 -12.74
C ASP D 31 14.42 -3.20 -12.91
N THR D 32 14.91 -2.17 -12.22
CA THR D 32 16.28 -1.72 -12.47
C THR D 32 17.32 -2.58 -11.77
N ARG D 33 16.95 -3.32 -10.72
CA ARG D 33 17.93 -4.19 -10.07
C ARG D 33 18.10 -5.50 -10.85
N LEU D 34 16.98 -6.16 -11.16
CA LEU D 34 17.03 -7.43 -11.89
C LEU D 34 17.31 -7.24 -13.38
N ILE D 35 17.18 -6.01 -13.86
CA ILE D 35 17.31 -5.70 -15.28
C ILE D 35 16.26 -6.51 -16.03
N LEU D 36 14.99 -6.23 -15.71
CA LEU D 36 13.87 -6.70 -16.52
C LEU D 36 13.38 -5.57 -17.39
N PRO D 37 13.20 -5.80 -18.69
CA PRO D 37 12.94 -4.72 -19.64
C PRO D 37 11.45 -4.41 -19.78
N THR D 38 11.16 -3.22 -20.35
CA THR D 38 9.78 -2.86 -20.68
C THR D 38 9.26 -3.55 -21.94
N ASN D 39 10.12 -4.21 -22.69
CA ASN D 39 9.72 -4.88 -23.92
C ASN D 39 10.80 -5.89 -24.27
N SER D 40 10.44 -6.83 -25.14
CA SER D 40 11.42 -7.76 -25.70
C SER D 40 12.32 -7.04 -26.70
N SER D 41 13.45 -7.67 -27.03
CA SER D 41 14.38 -7.14 -28.03
C SER D 41 14.95 -8.30 -28.84
N LEU D 42 15.57 -7.97 -29.98
CA LEU D 42 16.06 -9.01 -30.87
C LEU D 42 17.28 -8.46 -31.60
N SER D 43 18.35 -9.27 -31.69
CA SER D 43 19.62 -8.78 -32.21
C SER D 43 20.23 -9.79 -33.18
N VAL D 44 21.19 -9.32 -33.95
CA VAL D 44 22.10 -10.17 -34.73
C VAL D 44 23.42 -10.23 -33.99
N THR D 45 23.89 -11.44 -33.71
CA THR D 45 25.20 -11.64 -33.12
C THR D 45 26.27 -11.45 -34.18
N LEU D 46 27.30 -10.65 -33.87
CA LEU D 46 28.34 -10.41 -34.87
C LEU D 46 29.54 -11.35 -34.68
N ASP D 47 30.36 -11.45 -35.73
CA ASP D 47 31.45 -12.43 -35.81
C ASP D 47 32.62 -12.08 -34.89
N GLN D 48 32.93 -12.96 -33.93
CA GLN D 48 34.06 -12.73 -33.02
C GLN D 48 35.40 -12.74 -33.72
N ASP D 49 35.49 -13.16 -35.00
CA ASP D 49 36.75 -13.00 -35.70
C ASP D 49 37.10 -11.52 -35.89
N HIS D 50 36.12 -10.62 -35.77
CA HIS D 50 36.32 -9.20 -36.01
C HIS D 50 36.23 -8.38 -34.74
N LEU D 51 35.14 -8.47 -34.03
CA LEU D 51 34.98 -7.75 -32.76
C LEU D 51 34.73 -8.76 -31.65
N ARG D 52 35.39 -8.57 -30.52
CA ARG D 52 35.14 -9.51 -29.43
C ARG D 52 35.62 -8.93 -28.12
N SER D 53 35.08 -9.46 -27.03
CA SER D 53 35.66 -9.29 -25.70
C SER D 53 36.19 -10.65 -25.25
N THR D 54 37.36 -10.66 -24.61
CA THR D 54 37.95 -11.90 -24.13
C THR D 54 38.18 -11.79 -22.63
N THR D 55 37.83 -12.85 -21.89
CA THR D 55 38.01 -12.82 -20.43
C THR D 55 38.64 -14.12 -19.95
N THR D 56 39.68 -13.99 -19.09
CA THR D 56 40.32 -15.11 -18.40
C THR D 56 39.93 -15.04 -16.93
N SER D 57 39.43 -16.15 -16.37
CA SER D 57 39.14 -16.20 -14.94
CA SER D 57 39.11 -16.23 -14.95
C SER D 57 39.87 -17.39 -14.31
N ARG D 58 40.43 -17.15 -13.14
CA ARG D 58 41.17 -18.17 -12.41
C ARG D 58 40.73 -18.12 -10.96
N ALA D 59 40.53 -19.30 -10.39
CA ALA D 59 40.28 -19.48 -8.97
C ALA D 59 41.44 -20.28 -8.38
N ASP D 60 41.96 -19.83 -7.24
CA ASP D 60 43.10 -20.50 -6.63
C ASP D 60 43.00 -20.29 -5.13
N ALA D 61 43.11 -21.38 -4.37
CA ALA D 61 42.93 -21.26 -2.92
C ALA D 61 44.01 -20.42 -2.26
N SER D 62 45.14 -20.23 -2.93
CA SER D 62 46.26 -19.49 -2.38
C SER D 62 46.30 -18.03 -2.83
N PHE D 63 45.31 -17.57 -3.61
CA PHE D 63 45.20 -16.15 -3.91
C PHE D 63 44.93 -15.37 -2.64
N GLU D 64 45.44 -14.14 -2.57
CA GLU D 64 45.01 -13.27 -1.49
C GLU D 64 43.50 -13.08 -1.50
N ALA D 65 42.93 -12.98 -0.30
CA ALA D 65 41.47 -12.96 -0.19
C ALA D 65 40.89 -11.74 -0.88
N GLY D 66 39.70 -11.92 -1.47
CA GLY D 66 39.03 -10.89 -2.23
C GLY D 66 39.21 -11.07 -3.73
N ASP D 67 38.12 -11.01 -4.49
CA ASP D 67 38.20 -11.12 -5.95
C ASP D 67 38.81 -9.84 -6.54
N ARG D 68 39.55 -10.00 -7.63
CA ARG D 68 40.09 -8.84 -8.34
C ARG D 68 39.80 -9.00 -9.82
N LEU D 69 39.48 -7.88 -10.47
CA LEU D 69 39.15 -7.91 -11.88
C LEU D 69 39.84 -6.75 -12.58
N TRP D 70 40.36 -7.01 -13.78
CA TRP D 70 40.98 -6.00 -14.60
C TRP D 70 40.28 -5.95 -15.94
N LEU D 71 40.16 -4.74 -16.47
CA LEU D 71 39.54 -4.53 -17.77
C LEU D 71 40.47 -3.67 -18.59
N ASN D 72 40.89 -4.18 -19.76
CA ASN D 72 41.84 -3.49 -20.63
C ASN D 72 43.09 -3.06 -19.86
N GLY D 73 43.52 -3.91 -18.92
CA GLY D 73 44.72 -3.67 -18.15
C GLY D 73 44.55 -2.79 -16.93
N ARG D 74 43.35 -2.30 -16.66
CA ARG D 74 43.10 -1.39 -15.55
C ARG D 74 42.25 -2.09 -14.49
N GLU D 75 42.66 -2.01 -13.24
CA GLU D 75 41.88 -2.73 -12.24
C GLU D 75 40.54 -2.02 -12.02
N GLU D 76 39.49 -2.82 -11.90
CA GLU D 76 38.14 -2.34 -11.63
C GLU D 76 37.71 -2.80 -10.24
N ALA D 77 37.14 -1.89 -9.45
CA ALA D 77 36.65 -2.29 -8.13
C ALA D 77 35.36 -3.09 -8.28
N ILE D 78 35.28 -4.24 -7.62
CA ILE D 78 34.09 -5.10 -7.66
C ILE D 78 33.31 -4.79 -6.39
N LYS D 79 32.43 -3.80 -6.44
CA LYS D 79 31.73 -3.39 -5.23
C LYS D 79 30.48 -4.24 -5.02
N GLU D 80 30.23 -4.61 -3.75
CA GLU D 80 29.10 -5.48 -3.46
C GLU D 80 27.80 -4.87 -3.97
N GLY D 81 26.99 -5.68 -4.63
CA GLY D 81 25.71 -5.23 -5.15
C GLY D 81 25.78 -4.67 -6.55
N GLY D 82 26.97 -4.29 -7.03
CA GLY D 82 27.13 -3.81 -8.39
C GLY D 82 27.02 -4.91 -9.42
N ARG D 83 27.05 -4.49 -10.70
CA ARG D 83 26.79 -5.41 -11.79
C ARG D 83 27.75 -6.60 -11.79
N LEU D 84 29.04 -6.33 -11.68
CA LEU D 84 30.03 -7.42 -11.70
C LEU D 84 29.87 -8.34 -10.50
N ALA D 85 29.72 -7.75 -9.31
CA ALA D 85 29.62 -8.56 -8.09
C ALA D 85 28.41 -9.47 -8.14
N VAL D 86 27.29 -8.97 -8.66
CA VAL D 86 26.09 -9.77 -8.74
C VAL D 86 26.31 -10.97 -9.65
N CYS D 87 26.94 -10.73 -10.79
CA CYS D 87 27.18 -11.83 -11.72
CA CYS D 87 27.19 -11.82 -11.72
C CYS D 87 28.06 -12.89 -11.08
N ILE D 88 29.19 -12.47 -10.50
CA ILE D 88 30.10 -13.41 -9.86
C ILE D 88 29.41 -14.17 -8.75
N LYS D 89 28.59 -13.48 -7.94
CA LYS D 89 27.85 -14.13 -6.86
C LYS D 89 26.92 -15.23 -7.37
N GLU D 90 26.18 -14.97 -8.47
CA GLU D 90 25.25 -15.99 -8.96
C GLU D 90 26.00 -17.19 -9.52
N LEU D 91 27.13 -16.96 -10.20
CA LEU D 91 27.84 -18.07 -10.81
C LEU D 91 28.57 -18.90 -9.75
N ARG D 92 29.13 -18.23 -8.74
CA ARG D 92 29.70 -18.94 -7.61
C ARG D 92 28.62 -19.80 -6.94
N ALA D 93 27.38 -19.29 -6.84
CA ALA D 93 26.33 -20.09 -6.20
C ALA D 93 26.06 -21.36 -7.00
N TRP D 94 26.03 -21.25 -8.33
CA TRP D 94 25.81 -22.44 -9.13
C TRP D 94 26.98 -23.41 -8.97
N ARG D 95 28.21 -22.90 -8.88
CA ARG D 95 29.34 -23.80 -8.64
C ARG D 95 29.24 -24.48 -7.28
N LYS D 96 28.82 -23.73 -6.25
CA LYS D 96 28.71 -24.33 -4.94
C LYS D 96 27.65 -25.44 -4.92
N GLU D 97 26.58 -25.26 -5.70
CA GLU D 97 25.59 -26.34 -5.83
C GLU D 97 26.25 -27.63 -6.32
N MET D 98 27.12 -27.53 -7.33
CA MET D 98 27.85 -28.72 -7.78
C MET D 98 28.64 -29.36 -6.66
N GLU D 99 29.37 -28.54 -5.88
CA GLU D 99 30.20 -29.06 -4.81
C GLU D 99 29.35 -29.68 -3.69
N THR D 100 28.15 -29.14 -3.48
CA THR D 100 27.25 -29.74 -2.50
C THR D 100 26.80 -31.13 -2.95
N LYS D 101 26.47 -31.29 -4.23
CA LYS D 101 26.01 -32.58 -4.74
C LYS D 101 27.15 -33.58 -4.85
N ASP D 102 28.38 -33.13 -5.04
CA ASP D 102 29.54 -34.01 -5.13
C ASP D 102 30.66 -33.46 -4.24
N LYS D 103 30.72 -33.98 -3.01
CA LYS D 103 31.70 -33.54 -2.03
C LYS D 103 33.14 -33.85 -2.42
N ASN D 104 33.37 -34.66 -3.45
CA ASN D 104 34.72 -34.94 -3.90
C ASN D 104 35.28 -33.87 -4.85
N LEU D 105 34.43 -33.01 -5.40
CA LEU D 105 34.91 -31.96 -6.28
C LEU D 105 35.81 -30.99 -5.51
N PRO D 106 36.84 -30.43 -6.16
CA PRO D 106 37.60 -29.37 -5.52
C PRO D 106 36.69 -28.17 -5.27
N LYS D 107 36.95 -27.44 -4.19
CA LYS D 107 36.02 -26.41 -3.71
C LYS D 107 36.29 -25.07 -4.39
N LEU D 108 36.19 -25.06 -5.73
CA LEU D 108 36.51 -23.84 -6.48
C LEU D 108 35.73 -22.62 -5.99
N SER D 109 34.48 -22.83 -5.59
CA SER D 109 33.62 -21.69 -5.24
C SER D 109 34.12 -20.98 -4.00
N GLU D 110 34.92 -21.65 -3.17
CA GLU D 110 35.44 -21.09 -1.94
C GLU D 110 36.65 -20.19 -2.15
N TRP D 111 37.24 -20.19 -3.38
CA TRP D 111 38.54 -19.56 -3.57
C TRP D 111 38.38 -18.19 -4.22
N PRO D 112 39.30 -17.27 -3.94
CA PRO D 112 39.25 -15.97 -4.61
C PRO D 112 39.41 -16.11 -6.11
N LEU D 113 38.83 -15.16 -6.84
CA LEU D 113 38.94 -15.10 -8.30
C LEU D 113 39.94 -14.02 -8.71
N ARG D 114 40.62 -14.29 -9.83
CA ARG D 114 41.38 -13.28 -10.54
C ARG D 114 40.85 -13.28 -11.96
N ILE D 115 40.41 -12.12 -12.42
CA ILE D 115 39.73 -12.03 -13.73
C ILE D 115 40.35 -10.91 -14.55
N ALA D 116 40.67 -11.18 -15.82
CA ALA D 116 41.24 -10.16 -16.69
C ALA D 116 40.47 -10.20 -18.00
N SER D 117 40.03 -9.03 -18.44
CA SER D 117 39.27 -8.94 -19.68
CA SER D 117 39.21 -8.88 -19.64
C SER D 117 39.86 -7.88 -20.58
N TYR D 118 39.66 -8.08 -21.90
CA TYR D 118 40.14 -7.17 -22.92
CA TYR D 118 40.12 -7.13 -22.90
C TYR D 118 39.09 -7.08 -24.02
N ASN D 119 38.79 -5.86 -24.49
CA ASN D 119 37.97 -5.70 -25.69
C ASN D 119 38.91 -5.32 -26.82
N ASN D 120 38.72 -5.88 -28.03
CA ASN D 120 39.62 -5.57 -29.13
C ASN D 120 39.17 -4.38 -29.97
N PHE D 121 38.22 -3.60 -29.46
CA PHE D 121 37.63 -2.55 -30.28
C PHE D 121 38.67 -1.47 -30.60
N PRO D 122 38.57 -0.86 -31.77
CA PRO D 122 39.44 0.28 -32.09
C PRO D 122 39.36 1.36 -31.02
N THR D 123 40.46 2.09 -30.86
CA THR D 123 40.46 3.25 -29.97
C THR D 123 39.55 4.34 -30.53
N ALA D 124 38.68 4.87 -29.67
CA ALA D 124 37.77 5.97 -30.00
C ALA D 124 36.79 5.57 -31.10
N ALA D 125 36.33 4.31 -31.07
CA ALA D 125 35.28 3.86 -31.97
C ALA D 125 33.88 4.10 -31.42
N GLY D 126 33.73 4.31 -30.11
CA GLY D 126 32.40 4.48 -29.58
C GLY D 126 31.51 3.26 -29.63
N LEU D 127 32.08 2.07 -29.84
CA LEU D 127 31.29 0.84 -29.79
C LEU D 127 31.04 0.46 -28.33
N ALA D 128 29.80 0.11 -28.03
CA ALA D 128 29.43 -0.24 -26.65
C ALA D 128 30.02 -1.60 -26.29
N SER D 129 30.69 -1.67 -25.14
CA SER D 129 31.45 -2.86 -24.80
C SER D 129 30.81 -3.74 -23.75
N SER D 130 29.74 -3.30 -23.09
CA SER D 130 29.23 -4.06 -21.95
CA SER D 130 29.22 -4.05 -21.95
C SER D 130 28.49 -5.32 -22.36
N ALA D 131 27.83 -5.34 -23.53
CA ALA D 131 27.13 -6.58 -23.89
C ALA D 131 28.12 -7.72 -24.06
N SER D 132 29.15 -7.52 -24.90
CA SER D 132 30.15 -8.57 -25.10
C SER D 132 30.98 -8.78 -23.84
N GLY D 133 31.30 -7.70 -23.12
CA GLY D 133 32.16 -7.84 -21.96
C GLY D 133 31.53 -8.69 -20.87
N LEU D 134 30.26 -8.44 -20.55
CA LEU D 134 29.62 -9.21 -19.50
C LEU D 134 29.31 -10.63 -19.98
N ALA D 135 28.99 -10.81 -21.26
CA ALA D 135 28.78 -12.17 -21.76
C ALA D 135 30.08 -12.98 -21.67
N ALA D 136 31.23 -12.34 -21.94
CA ALA D 136 32.50 -13.07 -21.84
C ALA D 136 32.84 -13.38 -20.38
N LEU D 137 32.51 -12.47 -19.47
CA LEU D 137 32.67 -12.78 -18.05
C LEU D 137 31.87 -14.03 -17.68
N VAL D 138 30.60 -14.08 -18.08
CA VAL D 138 29.76 -15.23 -17.74
C VAL D 138 30.29 -16.50 -18.40
N ALA D 139 30.59 -16.44 -19.70
CA ALA D 139 31.13 -17.63 -20.37
C ALA D 139 32.43 -18.10 -19.74
N SER D 140 33.31 -17.17 -19.37
CA SER D 140 34.59 -17.55 -18.79
C SER D 140 34.40 -18.24 -17.44
N LEU D 141 33.60 -17.64 -16.56
CA LEU D 141 33.36 -18.25 -15.25
C LEU D 141 32.59 -19.55 -15.39
N ALA D 142 31.63 -19.62 -16.31
CA ALA D 142 30.93 -20.90 -16.52
C ALA D 142 31.90 -21.99 -16.91
N SER D 143 32.88 -21.67 -17.78
CA SER D 143 33.87 -22.68 -18.16
C SER D 143 34.79 -23.03 -16.99
N LEU D 144 35.24 -22.00 -16.25
CA LEU D 144 36.12 -22.23 -15.11
C LEU D 144 35.47 -23.19 -14.12
N TYR D 145 34.19 -22.96 -13.84
CA TYR D 145 33.46 -23.73 -12.83
C TYR D 145 32.83 -24.98 -13.40
N SER D 146 33.02 -25.25 -14.70
CA SER D 146 32.36 -26.37 -15.38
C SER D 146 30.86 -26.40 -15.11
N LEU D 147 30.21 -25.25 -15.17
CA LEU D 147 28.79 -25.21 -14.83
C LEU D 147 27.97 -26.00 -15.85
N PRO D 148 26.96 -26.74 -15.41
CA PRO D 148 26.11 -27.48 -16.34
C PRO D 148 25.06 -26.62 -17.04
N GLN D 149 24.87 -25.38 -16.60
CA GLN D 149 23.76 -24.57 -17.08
C GLN D 149 23.80 -24.32 -18.59
N SER D 150 22.61 -24.29 -19.19
CA SER D 150 22.48 -24.01 -20.60
C SER D 150 22.80 -22.55 -20.91
N PRO D 151 23.04 -22.24 -22.18
CA PRO D 151 23.17 -20.82 -22.56
C PRO D 151 21.98 -19.98 -22.13
N SER D 152 20.77 -20.52 -22.25
CA SER D 152 19.56 -19.82 -21.79
C SER D 152 19.66 -19.50 -20.30
N GLN D 153 20.03 -20.50 -19.51
CA GLN D 153 20.15 -20.28 -18.06
CA GLN D 153 20.13 -20.26 -18.06
C GLN D 153 21.23 -19.26 -17.75
N LEU D 154 22.40 -19.38 -18.40
CA LEU D 154 23.48 -18.43 -18.20
C LEU D 154 23.05 -17.02 -18.58
N SER D 155 22.16 -16.90 -19.57
CA SER D 155 21.77 -15.55 -20.02
C SER D 155 21.01 -14.79 -18.94
N LEU D 156 20.36 -15.50 -18.02
CA LEU D 156 19.74 -14.85 -16.87
CA LEU D 156 19.73 -14.84 -16.88
C LEU D 156 20.75 -14.09 -16.04
N VAL D 157 21.96 -14.64 -15.91
CA VAL D 157 22.99 -13.95 -15.15
C VAL D 157 23.58 -12.82 -15.97
N ALA D 158 23.89 -13.07 -17.25
CA ALA D 158 24.44 -12.01 -18.08
C ALA D 158 23.50 -10.80 -18.12
N ARG D 159 22.19 -11.06 -18.16
CA ARG D 159 21.20 -9.99 -18.21
C ARG D 159 21.36 -9.03 -17.03
N GLN D 160 21.70 -9.58 -15.87
CA GLN D 160 21.82 -8.75 -14.68
C GLN D 160 23.14 -7.98 -14.64
N GLY D 161 24.10 -8.36 -15.47
CA GLY D 161 25.31 -7.57 -15.61
C GLY D 161 25.08 -6.40 -16.53
N SER D 162 24.37 -6.67 -17.63
CA SER D 162 24.03 -5.67 -18.63
C SER D 162 22.95 -6.28 -19.50
N GLY D 163 21.83 -5.58 -19.66
CA GLY D 163 20.68 -6.16 -20.31
C GLY D 163 21.02 -6.83 -21.62
N SER D 164 21.66 -6.10 -22.52
CA SER D 164 21.89 -6.67 -23.85
CA SER D 164 21.93 -6.63 -23.86
C SER D 164 22.97 -7.76 -23.84
N ALA D 165 23.71 -7.91 -22.75
CA ALA D 165 24.66 -9.02 -22.71
C ALA D 165 23.94 -10.36 -22.78
N CYS D 166 22.68 -10.45 -22.34
CA CYS D 166 22.07 -11.77 -22.36
C CYS D 166 21.95 -12.27 -23.78
N ARG D 167 21.80 -11.35 -24.74
CA ARG D 167 21.68 -11.79 -26.14
C ARG D 167 23.00 -12.24 -26.75
N SER D 168 24.14 -11.96 -26.10
CA SER D 168 25.41 -12.43 -26.64
C SER D 168 25.75 -13.83 -26.17
N LEU D 169 24.82 -14.53 -25.52
CA LEU D 169 25.04 -15.92 -25.14
C LEU D 169 24.75 -16.90 -26.25
N PHE D 170 24.19 -16.42 -27.37
CA PHE D 170 23.82 -17.22 -28.53
C PHE D 170 24.42 -16.57 -29.77
N GLY D 171 24.74 -17.43 -30.75
CA GLY D 171 25.05 -16.95 -32.09
C GLY D 171 23.77 -16.68 -32.88
N GLY D 172 23.95 -16.12 -34.07
CA GLY D 172 22.82 -15.97 -35.00
C GLY D 172 21.91 -14.82 -34.66
N PHE D 173 20.62 -15.13 -34.58
CA PHE D 173 19.55 -14.15 -34.40
C PHE D 173 18.88 -14.48 -33.08
N VAL D 174 18.87 -13.52 -32.15
CA VAL D 174 18.69 -13.84 -30.75
C VAL D 174 17.66 -12.90 -30.14
N ALA D 175 16.66 -13.46 -29.46
CA ALA D 175 15.68 -12.63 -28.77
C ALA D 175 16.02 -12.55 -27.28
N TRP D 176 15.74 -11.41 -26.69
CA TRP D 176 15.60 -11.27 -25.24
C TRP D 176 14.11 -11.19 -24.95
N ARG D 177 13.56 -12.26 -24.36
CA ARG D 177 12.16 -12.30 -24.03
C ARG D 177 11.93 -11.48 -22.76
N GLU D 178 10.98 -10.54 -22.83
CA GLU D 178 10.79 -9.64 -21.69
C GLU D 178 10.43 -10.41 -20.43
N GLY D 179 9.64 -11.48 -20.56
CA GLY D 179 9.17 -12.20 -19.39
C GLY D 179 8.06 -11.52 -18.62
N THR D 180 7.33 -12.28 -17.76
CA THR D 180 6.34 -11.68 -16.87
C THR D 180 6.54 -12.08 -15.42
N ASP D 181 7.53 -12.90 -15.12
CA ASP D 181 7.79 -13.28 -13.72
C ASP D 181 8.44 -12.13 -12.99
N PRO D 182 7.87 -11.62 -11.89
CA PRO D 182 8.54 -10.53 -11.17
C PRO D 182 9.94 -10.86 -10.72
N ALA D 183 10.25 -12.16 -10.56
CA ALA D 183 11.58 -12.55 -10.14
C ALA D 183 12.54 -12.74 -11.31
N GLY D 184 12.05 -12.62 -12.55
CA GLY D 184 12.89 -12.61 -13.72
C GLY D 184 13.25 -13.98 -14.29
N SER D 185 12.58 -15.06 -13.85
CA SER D 185 13.04 -16.37 -14.30
C SER D 185 12.80 -16.61 -15.77
N ASP D 186 11.88 -15.86 -16.38
CA ASP D 186 11.57 -16.00 -17.80
C ASP D 186 11.99 -14.81 -18.61
N SER D 187 12.82 -13.93 -18.07
CA SER D 187 13.42 -12.83 -18.86
C SER D 187 14.79 -13.35 -19.27
N LEU D 188 14.86 -13.96 -20.46
CA LEU D 188 16.10 -14.59 -20.85
CA LEU D 188 16.02 -14.75 -20.87
C LEU D 188 16.24 -14.53 -22.36
N ALA D 189 17.42 -14.89 -22.82
CA ALA D 189 17.71 -14.94 -24.26
C ALA D 189 17.31 -16.29 -24.85
N GLU D 190 16.96 -16.27 -26.13
CA GLU D 190 16.49 -17.44 -26.85
C GLU D 190 16.91 -17.29 -28.30
N GLU D 191 17.43 -18.36 -28.87
CA GLU D 191 17.80 -18.36 -30.28
C GLU D 191 16.54 -18.31 -31.13
N VAL D 192 16.49 -17.34 -32.03
CA VAL D 192 15.42 -17.29 -33.02
C VAL D 192 15.83 -18.07 -34.26
N ALA D 193 17.10 -17.94 -34.67
CA ALA D 193 17.65 -18.81 -35.71
C ALA D 193 19.15 -18.83 -35.55
N PRO D 194 19.82 -19.94 -35.80
CA PRO D 194 21.27 -19.99 -35.64
C PRO D 194 21.97 -19.29 -36.78
N ARG D 195 23.26 -19.01 -36.57
CA ARG D 195 24.08 -18.41 -37.60
CA ARG D 195 24.07 -18.40 -37.61
C ARG D 195 23.95 -19.16 -38.92
N GLU D 196 23.97 -20.50 -38.86
CA GLU D 196 23.95 -21.31 -40.08
CA GLU D 196 23.96 -21.27 -40.11
C GLU D 196 22.65 -21.19 -40.87
N HIS D 197 21.59 -20.66 -40.26
CA HIS D 197 20.33 -20.43 -40.98
C HIS D 197 20.47 -19.34 -42.04
N TRP D 198 21.28 -18.32 -41.77
CA TRP D 198 21.35 -17.21 -42.73
C TRP D 198 22.74 -16.57 -42.64
N PRO D 199 23.79 -17.29 -43.02
CA PRO D 199 25.15 -16.78 -42.79
C PRO D 199 25.52 -15.65 -43.71
N GLU D 200 24.71 -15.41 -44.75
CA GLU D 200 24.94 -14.35 -45.71
C GLU D 200 24.67 -12.97 -45.12
N MET D 201 24.13 -12.90 -43.92
CA MET D 201 23.81 -11.60 -43.32
C MET D 201 25.10 -10.89 -42.91
N HIS D 202 25.44 -9.82 -43.60
CA HIS D 202 26.64 -9.03 -43.30
C HIS D 202 26.25 -7.68 -42.69
N ALA D 203 27.26 -6.98 -42.19
CA ALA D 203 27.02 -5.69 -41.53
C ALA D 203 28.22 -4.79 -41.74
N LEU D 204 27.96 -3.57 -42.15
CA LEU D 204 28.99 -2.55 -42.26
C LEU D 204 28.79 -1.55 -41.13
N ILE D 205 29.74 -1.48 -40.21
CA ILE D 205 29.69 -0.50 -39.13
C ILE D 205 30.40 0.77 -39.59
N CYS D 206 29.71 1.89 -39.56
CA CYS D 206 30.31 3.18 -39.88
C CYS D 206 30.59 3.87 -38.56
N VAL D 207 31.87 4.00 -38.21
CA VAL D 207 32.26 4.69 -36.99
C VAL D 207 32.22 6.19 -37.26
N VAL D 208 31.34 6.91 -36.57
CA VAL D 208 31.01 8.30 -36.88
C VAL D 208 31.69 9.24 -35.89
N SER D 209 32.32 10.30 -36.41
CA SER D 209 32.90 11.32 -35.54
C SER D 209 31.81 11.96 -34.68
N ASP D 210 32.08 12.09 -33.38
CA ASP D 210 31.08 12.40 -32.38
C ASP D 210 31.68 13.50 -31.50
N ALA D 211 31.27 14.75 -31.71
CA ALA D 211 31.78 15.82 -30.86
C ALA D 211 31.15 15.81 -29.47
N LYS D 212 30.04 15.10 -29.31
CA LYS D 212 29.29 15.03 -28.07
C LYS D 212 29.74 13.84 -27.21
N SER D 216 24.56 9.00 -20.65
CA SER D 216 24.66 7.56 -20.43
C SER D 216 23.30 6.90 -20.61
N SER D 217 23.31 5.68 -21.17
CA SER D 217 22.04 5.06 -21.52
C SER D 217 21.38 4.34 -20.35
N THR D 218 22.11 3.98 -19.29
CA THR D 218 21.46 3.34 -18.13
C THR D 218 20.52 4.31 -17.43
N SER D 219 21.01 5.50 -17.08
CA SER D 219 20.13 6.51 -16.51
C SER D 219 19.25 7.15 -17.58
N GLY D 220 19.76 7.20 -18.81
CA GLY D 220 18.99 7.77 -19.89
C GLY D 220 17.69 7.02 -20.10
N MET D 221 17.77 5.69 -20.27
CA MET D 221 16.56 4.97 -20.66
C MET D 221 15.48 5.09 -19.59
N GLN D 222 15.86 5.19 -18.32
CA GLN D 222 14.80 5.31 -17.32
C GLN D 222 14.12 6.68 -17.39
N LYS D 223 14.84 7.72 -17.84
CA LYS D 223 14.18 9.00 -18.04
C LYS D 223 13.14 8.90 -19.14
N THR D 224 13.43 8.13 -20.20
CA THR D 224 12.43 7.87 -21.24
C THR D 224 11.22 7.15 -20.66
N VAL D 225 11.46 6.13 -19.84
CA VAL D 225 10.34 5.41 -19.21
C VAL D 225 9.50 6.38 -18.39
N GLU D 226 10.15 7.28 -17.66
CA GLU D 226 9.43 8.18 -16.78
CA GLU D 226 9.43 8.18 -16.78
C GLU D 226 8.67 9.27 -17.54
N THR D 227 9.20 9.74 -18.67
CA THR D 227 8.72 11.01 -19.24
C THR D 227 8.17 10.95 -20.66
N SER D 228 8.47 9.92 -21.42
CA SER D 228 8.06 9.89 -22.83
C SER D 228 6.65 9.34 -22.94
N THR D 229 5.69 10.19 -23.32
CA THR D 229 4.36 9.65 -23.59
C THR D 229 4.38 8.72 -24.81
N LEU D 230 5.19 9.04 -25.82
CA LEU D 230 5.20 8.20 -27.01
C LEU D 230 5.73 6.79 -26.74
N LEU D 231 6.54 6.60 -25.70
CA LEU D 231 7.01 5.25 -25.35
C LEU D 231 5.86 4.30 -25.12
N GLN D 232 4.72 4.78 -24.61
CA GLN D 232 3.63 3.86 -24.32
C GLN D 232 3.09 3.21 -25.59
N GLU D 233 3.14 3.94 -26.71
CA GLU D 233 2.77 3.37 -27.99
C GLU D 233 3.87 2.47 -28.53
N ARG D 234 5.14 2.87 -28.33
CA ARG D 234 6.24 1.98 -28.71
C ARG D 234 6.08 0.61 -28.07
N LEU D 235 5.72 0.56 -26.79
CA LEU D 235 5.58 -0.74 -26.13
C LEU D 235 4.47 -1.59 -26.74
N ARG D 236 3.48 -0.98 -27.41
CA ARG D 236 2.45 -1.76 -28.09
C ARG D 236 2.90 -2.26 -29.46
N VAL D 237 3.77 -1.51 -30.14
CA VAL D 237 4.22 -1.89 -31.49
C VAL D 237 5.32 -2.94 -31.42
N VAL D 238 6.17 -2.86 -30.40
CA VAL D 238 7.32 -3.79 -30.35
C VAL D 238 6.91 -5.25 -30.47
N PRO D 239 5.89 -5.76 -29.75
CA PRO D 239 5.55 -7.19 -29.95
C PRO D 239 5.19 -7.54 -31.38
N LYS D 240 4.51 -6.62 -32.08
CA LYS D 240 4.22 -6.83 -33.50
C LYS D 240 5.49 -6.94 -34.32
N ARG D 241 6.47 -6.07 -34.03
CA ARG D 241 7.72 -6.12 -34.79
C ARG D 241 8.54 -7.35 -34.43
N MET D 242 8.51 -7.75 -33.15
CA MET D 242 9.18 -9.01 -32.78
C MET D 242 8.64 -10.18 -33.59
N ASP D 243 7.32 -10.31 -33.66
CA ASP D 243 6.70 -11.39 -34.43
CA ASP D 243 6.72 -11.40 -34.43
C ASP D 243 7.09 -11.29 -35.90
N ALA D 244 6.99 -10.10 -36.47
CA ALA D 244 7.17 -9.96 -37.91
C ALA D 244 8.62 -10.16 -38.30
N ILE D 245 9.56 -9.69 -37.47
CA ILE D 245 10.97 -9.83 -37.81
C ILE D 245 11.43 -11.27 -37.60
N SER D 246 10.87 -11.98 -36.62
CA SER D 246 11.15 -13.42 -36.51
C SER D 246 10.69 -14.16 -37.75
N GLN D 247 9.48 -13.85 -38.23
CA GLN D 247 9.02 -14.47 -39.46
CA GLN D 247 9.02 -14.46 -39.46
C GLN D 247 9.92 -14.13 -40.63
N ALA D 248 10.36 -12.87 -40.73
CA ALA D 248 11.25 -12.47 -41.84
C ALA D 248 12.57 -13.22 -41.78
N ILE D 249 13.11 -13.38 -40.57
CA ILE D 249 14.38 -14.11 -40.44
C ILE D 249 14.19 -15.57 -40.84
N LYS D 250 13.13 -16.21 -40.35
CA LYS D 250 12.93 -17.62 -40.69
C LYS D 250 12.74 -17.81 -42.19
N ALA D 251 12.09 -16.85 -42.86
CA ALA D 251 11.90 -16.90 -44.31
C ALA D 251 13.07 -16.34 -45.12
N ARG D 252 14.14 -15.85 -44.49
CA ARG D 252 15.26 -15.18 -45.15
C ARG D 252 14.74 -14.07 -46.05
N ASP D 253 13.79 -13.31 -45.53
CA ASP D 253 13.12 -12.22 -46.25
C ASP D 253 13.86 -10.94 -45.92
N PHE D 254 14.85 -10.59 -46.76
CA PHE D 254 15.70 -9.47 -46.39
C PHE D 254 14.92 -8.17 -46.36
N ALA D 255 14.08 -7.94 -47.38
CA ALA D 255 13.37 -6.67 -47.45
C ALA D 255 12.52 -6.43 -46.20
N GLU D 256 11.79 -7.45 -45.73
CA GLU D 256 10.97 -7.27 -44.53
C GLU D 256 11.85 -7.15 -43.28
N PHE D 257 12.92 -7.96 -43.19
CA PHE D 257 13.86 -7.79 -42.09
C PHE D 257 14.38 -6.36 -42.04
N ALA D 258 14.71 -5.81 -43.21
CA ALA D 258 15.26 -4.46 -43.33
C ALA D 258 14.25 -3.39 -42.93
N LYS D 259 13.01 -3.49 -43.43
CA LYS D 259 12.00 -2.47 -43.09
C LYS D 259 11.79 -2.42 -41.60
N LEU D 260 11.69 -3.59 -40.97
CA LEU D 260 11.45 -3.64 -39.52
C LEU D 260 12.63 -3.07 -38.75
N THR D 261 13.84 -3.42 -39.19
CA THR D 261 15.05 -2.89 -38.57
C THR D 261 15.12 -1.37 -38.67
N MET D 262 14.89 -0.81 -39.85
CA MET D 262 14.94 0.65 -39.93
C MET D 262 13.81 1.31 -39.12
N ALA D 263 12.61 0.73 -39.16
CA ALA D 263 11.49 1.33 -38.45
C ALA D 263 11.73 1.28 -36.95
N ASP D 264 12.27 0.18 -36.44
CA ASP D 264 12.43 0.17 -34.98
C ASP D 264 13.60 1.03 -34.54
N SER D 265 14.63 1.19 -35.37
CA SER D 265 15.71 2.11 -35.04
C SER D 265 15.17 3.52 -34.91
N ASN D 266 14.39 3.94 -35.90
CA ASN D 266 13.82 5.29 -35.86
C ASN D 266 12.86 5.47 -34.69
N SER D 267 12.09 4.42 -34.36
CA SER D 267 11.19 4.47 -33.21
C SER D 267 11.94 4.70 -31.92
N PHE D 268 13.06 4.01 -31.75
CA PHE D 268 13.91 4.17 -30.57
C PHE D 268 14.43 5.61 -30.48
N HIS D 269 14.98 6.14 -31.57
CA HIS D 269 15.49 7.50 -31.48
C HIS D 269 14.36 8.50 -31.33
N ALA D 270 13.16 8.17 -31.83
CA ALA D 270 12.02 9.03 -31.59
C ALA D 270 11.65 9.10 -30.11
N VAL D 271 11.59 7.95 -29.42
CA VAL D 271 11.20 8.07 -27.99
C VAL D 271 12.29 8.76 -27.19
N CYS D 272 13.56 8.66 -27.64
CA CYS D 272 14.63 9.43 -27.01
C CYS D 272 14.38 10.93 -27.17
N LEU D 273 13.97 11.35 -28.39
CA LEU D 273 13.67 12.75 -28.64
CA LEU D 273 13.67 12.75 -28.63
C LEU D 273 12.49 13.22 -27.80
N ASP D 274 11.53 12.32 -27.52
CA ASP D 274 10.32 12.64 -26.79
C ASP D 274 10.52 12.59 -25.28
N THR D 275 11.72 12.24 -24.83
CA THR D 275 12.06 12.27 -23.41
C THR D 275 12.20 13.72 -22.95
N ALA D 276 11.94 13.98 -21.65
CA ALA D 276 12.10 15.30 -21.08
C ALA D 276 13.15 15.23 -19.99
N PRO D 277 14.35 15.81 -20.19
CA PRO D 277 14.80 16.50 -21.40
C PRO D 277 15.15 15.51 -22.49
N PRO D 278 15.15 15.97 -23.74
CA PRO D 278 15.36 15.04 -24.85
C PRO D 278 16.75 14.46 -24.86
N ILE D 279 16.84 13.25 -25.41
CA ILE D 279 18.08 12.49 -25.57
C ILE D 279 18.40 12.43 -27.05
N PHE D 280 19.64 12.80 -27.40
CA PHE D 280 20.09 12.89 -28.79
C PHE D 280 21.29 11.98 -28.97
N TYR D 281 21.18 11.02 -29.90
CA TYR D 281 22.26 10.12 -30.27
C TYR D 281 22.66 10.27 -31.72
N LEU D 282 21.69 10.30 -32.63
CA LEU D 282 21.99 10.57 -34.03
C LEU D 282 22.60 11.96 -34.18
N ASN D 283 23.60 12.11 -35.05
CA ASN D 283 24.05 13.46 -35.39
C ASN D 283 23.87 13.69 -36.90
N ASP D 284 24.41 14.82 -37.40
CA ASP D 284 24.19 15.15 -38.82
C ASP D 284 24.79 14.09 -39.73
N VAL D 285 25.92 13.49 -39.35
CA VAL D 285 26.48 12.40 -40.15
C VAL D 285 25.56 11.18 -40.14
N SER D 286 25.05 10.80 -38.96
CA SER D 286 24.08 9.70 -38.89
C SER D 286 22.94 9.93 -39.87
N ARG D 287 22.38 11.15 -39.87
CA ARG D 287 21.26 11.46 -40.74
C ARG D 287 21.66 11.36 -42.21
N ALA D 288 22.91 11.75 -42.54
CA ALA D 288 23.36 11.65 -43.93
C ALA D 288 23.48 10.19 -44.35
N ILE D 289 23.98 9.33 -43.44
CA ILE D 289 24.08 7.91 -43.74
C ILE D 289 22.68 7.34 -43.99
N ILE D 290 21.71 7.74 -43.18
CA ILE D 290 20.32 7.34 -43.41
C ILE D 290 19.85 7.80 -44.78
N ALA D 291 20.10 9.07 -45.14
CA ALA D 291 19.72 9.56 -46.47
C ALA D 291 20.32 8.71 -47.56
N VAL D 292 21.60 8.33 -47.41
CA VAL D 292 22.26 7.55 -48.46
C VAL D 292 21.65 6.16 -48.56
N VAL D 293 21.42 5.51 -47.42
CA VAL D 293 20.85 4.16 -47.45
C VAL D 293 19.45 4.21 -48.02
N GLU D 294 18.64 5.17 -47.58
CA GLU D 294 17.28 5.28 -48.12
C GLU D 294 17.31 5.48 -49.64
N GLU D 295 18.20 6.34 -50.11
CA GLU D 295 18.25 6.62 -51.54
C GLU D 295 18.84 5.44 -52.31
N LEU D 296 19.75 4.69 -51.69
CA LEU D 296 20.27 3.49 -52.36
C LEU D 296 19.15 2.49 -52.59
N ASN D 297 18.36 2.23 -51.55
CA ASN D 297 17.21 1.33 -51.69
C ASN D 297 16.22 1.86 -52.71
N ARG D 298 15.94 3.16 -52.66
CA ARG D 298 14.99 3.73 -53.60
C ARG D 298 15.48 3.59 -55.04
N ALA D 299 16.75 3.96 -55.29
CA ALA D 299 17.25 3.95 -56.67
C ALA D 299 17.47 2.53 -57.19
N ALA D 300 17.82 1.60 -56.31
CA ALA D 300 17.96 0.19 -56.70
C ALA D 300 16.63 -0.46 -57.02
N GLY D 301 15.52 0.14 -56.57
CA GLY D 301 14.21 -0.44 -56.76
C GLY D 301 13.98 -1.70 -55.95
N GLU D 302 14.75 -1.87 -54.88
CA GLU D 302 14.69 -3.04 -54.04
C GLU D 302 15.39 -2.67 -52.76
N ILE D 303 14.86 -3.14 -51.63
CA ILE D 303 15.49 -2.84 -50.34
C ILE D 303 16.66 -3.81 -50.20
N ILE D 304 17.88 -3.30 -50.28
CA ILE D 304 19.08 -4.13 -50.18
C ILE D 304 19.91 -3.80 -48.96
N ALA D 305 19.59 -2.75 -48.22
CA ALA D 305 20.41 -2.36 -47.08
C ALA D 305 19.48 -1.85 -46.00
N ALA D 306 19.87 -2.05 -44.73
CA ALA D 306 19.09 -1.53 -43.60
C ALA D 306 20.02 -0.92 -42.56
N TYR D 307 19.77 0.34 -42.22
CA TYR D 307 20.52 0.96 -41.13
C TYR D 307 19.88 0.69 -39.78
N THR D 308 20.73 0.79 -38.76
CA THR D 308 20.24 0.85 -37.39
C THR D 308 21.28 1.53 -36.53
N PHE D 309 20.80 2.18 -35.46
CA PHE D 309 21.67 3.02 -34.64
C PHE D 309 21.37 2.69 -33.20
N ASP D 310 22.43 2.43 -32.43
CA ASP D 310 22.27 2.27 -30.97
C ASP D 310 22.43 3.60 -30.25
N ALA D 311 22.96 3.61 -29.02
CA ALA D 311 22.95 4.83 -28.22
C ALA D 311 24.19 5.68 -28.54
N GLY D 312 24.25 6.09 -29.80
CA GLY D 312 25.34 6.91 -30.28
C GLY D 312 25.18 7.05 -31.78
N PRO D 313 26.06 7.82 -32.42
CA PRO D 313 25.82 8.16 -33.83
C PRO D 313 26.33 7.13 -34.81
N ASN D 314 27.04 6.09 -34.35
CA ASN D 314 27.57 5.08 -35.30
C ASN D 314 26.44 4.35 -36.02
N ALA D 315 26.60 4.15 -37.34
CA ALA D 315 25.61 3.37 -38.09
C ALA D 315 26.05 1.91 -38.18
N VAL D 316 25.08 0.99 -38.11
CA VAL D 316 25.28 -0.39 -38.56
C VAL D 316 24.37 -0.60 -39.75
N ILE D 317 24.95 -1.00 -40.90
CA ILE D 317 24.17 -1.21 -42.10
C ILE D 317 24.18 -2.70 -42.41
N TYR D 318 23.03 -3.33 -42.29
CA TYR D 318 22.92 -4.74 -42.66
C TYR D 318 22.71 -4.86 -44.17
N THR D 319 23.28 -5.91 -44.74
CA THR D 319 23.10 -6.19 -46.17
C THR D 319 23.54 -7.63 -46.39
N LEU D 320 22.93 -8.31 -47.34
CA LEU D 320 23.47 -9.64 -47.66
C LEU D 320 24.84 -9.48 -48.31
N GLU D 321 25.71 -10.47 -48.08
CA GLU D 321 27.08 -10.38 -48.58
C GLU D 321 27.11 -10.05 -50.06
N LYS D 322 26.24 -10.67 -50.86
CA LYS D 322 26.27 -10.45 -52.31
C LYS D 322 26.00 -9.01 -52.69
N ASN D 323 25.37 -8.23 -51.80
CA ASN D 323 25.03 -6.84 -52.07
C ASN D 323 25.97 -5.86 -51.40
N MET D 324 26.95 -6.33 -50.64
CA MET D 324 27.87 -5.39 -50.03
C MET D 324 28.62 -4.50 -51.02
N PRO D 325 28.97 -4.90 -52.26
CA PRO D 325 29.60 -3.92 -53.15
C PRO D 325 28.74 -2.68 -53.38
N PHE D 326 27.41 -2.85 -53.43
CA PHE D 326 26.53 -1.70 -53.63
C PHE D 326 26.56 -0.77 -52.42
N VAL D 327 26.54 -1.34 -51.23
CA VAL D 327 26.53 -0.55 -50.01
C VAL D 327 27.88 0.13 -49.79
N LEU D 328 28.96 -0.65 -49.90
CA LEU D 328 30.29 -0.07 -49.77
CA LEU D 328 30.30 -0.07 -49.80
C LEU D 328 30.53 1.04 -50.81
N GLY D 329 30.12 0.82 -52.06
CA GLY D 329 30.31 1.86 -53.06
C GLY D 329 29.60 3.15 -52.69
N ALA D 330 28.38 3.04 -52.19
CA ALA D 330 27.61 4.22 -51.80
C ALA D 330 28.24 4.91 -50.60
N ILE D 331 28.65 4.14 -49.58
CA ILE D 331 29.21 4.76 -48.38
C ILE D 331 30.56 5.39 -48.70
N LYS D 332 31.39 4.69 -49.48
CA LYS D 332 32.70 5.26 -49.80
C LYS D 332 32.59 6.50 -50.68
N ARG D 333 31.54 6.58 -51.50
CA ARG D 333 31.33 7.73 -52.38
CA ARG D 333 31.35 7.72 -52.39
C ARG D 333 31.15 9.00 -51.59
N PHE D 334 30.42 8.95 -50.49
CA PHE D 334 30.02 10.14 -49.78
C PHE D 334 30.78 10.39 -48.48
N PHE D 335 31.42 9.37 -47.91
CA PHE D 335 31.99 9.45 -46.57
C PHE D 335 33.43 8.93 -46.58
N PRO D 336 34.38 9.70 -47.14
CA PRO D 336 35.78 9.26 -47.11
C PRO D 336 36.26 9.14 -45.67
N THR D 337 37.01 8.08 -45.40
CA THR D 337 37.37 7.76 -44.03
C THR D 337 38.74 8.28 -43.70
N SER D 338 38.97 8.54 -42.40
CA SER D 338 40.29 8.96 -41.96
C SER D 338 41.16 7.79 -41.53
N GLU D 339 40.55 6.67 -41.17
CA GLU D 339 41.27 5.46 -40.80
C GLU D 339 40.86 4.35 -41.76
N GLU D 340 41.82 3.58 -42.25
CA GLU D 340 41.52 2.46 -43.15
C GLU D 340 41.61 1.18 -42.34
N PHE D 341 40.52 0.83 -41.66
CA PHE D 341 40.40 -0.51 -41.09
C PHE D 341 40.40 -1.52 -42.24
N GLU D 342 41.24 -2.54 -42.14
CA GLU D 342 41.35 -3.50 -43.22
C GLU D 342 40.08 -4.34 -43.32
N SER D 343 39.62 -4.57 -44.54
CA SER D 343 38.45 -5.43 -44.75
C SER D 343 38.88 -6.89 -44.78
N PRO D 344 38.37 -7.73 -43.89
CA PRO D 344 38.69 -9.16 -43.97
C PRO D 344 38.18 -9.81 -45.24
N PHE D 345 37.12 -9.26 -45.84
CA PHE D 345 36.52 -9.87 -47.02
C PHE D 345 37.02 -9.29 -48.32
N GLN D 346 37.60 -8.07 -48.29
CA GLN D 346 38.23 -7.47 -49.48
C GLN D 346 37.23 -7.21 -50.60
N THR D 347 35.99 -6.98 -50.19
CA THR D 347 34.89 -6.72 -51.10
C THR D 347 35.17 -5.47 -51.93
N GLY D 348 34.84 -5.53 -53.22
CA GLY D 348 34.89 -4.39 -54.12
C GLY D 348 33.66 -3.50 -54.01
N VAL D 349 33.49 -2.63 -55.02
CA VAL D 349 32.44 -1.63 -54.98
C VAL D 349 31.67 -1.66 -56.29
N ARG D 350 30.54 -0.95 -56.28
CA ARG D 350 29.79 -0.65 -57.48
C ARG D 350 29.56 0.84 -57.57
N ASP D 351 29.46 1.34 -58.80
CA ASP D 351 28.94 2.66 -59.01
C ASP D 351 27.52 2.77 -58.45
N LEU D 352 27.11 4.00 -58.13
CA LEU D 352 25.75 4.21 -57.68
C LEU D 352 24.77 3.76 -58.76
N PRO D 353 23.60 3.27 -58.37
CA PRO D 353 22.58 2.94 -59.37
C PRO D 353 22.27 4.18 -60.21
N GLU D 354 22.02 3.93 -61.49
CA GLU D 354 21.38 4.95 -62.31
C GLU D 354 20.12 5.40 -61.62
N GLY D 355 19.88 6.70 -61.61
CA GLY D 355 18.75 7.24 -60.93
C GLY D 355 19.03 7.68 -59.50
N PHE D 356 20.21 7.36 -58.95
CA PHE D 356 20.54 7.79 -57.59
C PHE D 356 20.70 9.30 -57.55
N ASN D 357 19.93 9.95 -56.69
CA ASN D 357 19.95 11.41 -56.53
C ASN D 357 21.08 11.76 -55.55
N THR D 358 22.26 12.12 -56.06
CA THR D 358 23.34 12.51 -55.16
C THR D 358 22.99 13.75 -54.34
N GLY D 359 21.93 14.46 -54.72
CA GLY D 359 21.44 15.60 -53.96
C GLY D 359 20.91 15.26 -52.57
N VAL D 360 20.69 13.99 -52.25
CA VAL D 360 20.31 13.67 -50.86
C VAL D 360 21.43 13.91 -49.87
N VAL D 361 22.65 14.14 -50.36
CA VAL D 361 23.81 14.48 -49.56
C VAL D 361 24.23 15.91 -49.91
N ARG D 362 24.76 16.64 -48.92
CA ARG D 362 25.36 17.94 -49.19
C ARG D 362 26.33 17.88 -50.38
N GLU D 363 26.51 19.02 -51.06
CA GLU D 363 27.32 19.06 -52.27
C GLU D 363 28.76 18.66 -51.98
N GLY D 364 29.30 17.78 -52.81
CA GLY D 364 30.65 17.31 -52.62
C GLY D 364 30.84 16.30 -51.50
N GLY D 365 29.76 15.85 -50.87
CA GLY D 365 29.90 14.85 -49.82
C GLY D 365 30.51 15.44 -48.56
N TRP D 366 30.93 14.54 -47.69
CA TRP D 366 31.41 14.92 -46.37
C TRP D 366 32.93 14.95 -46.35
N GLU D 367 33.48 15.74 -45.44
CA GLU D 367 34.92 15.83 -45.34
C GLU D 367 35.50 14.52 -44.83
N LYS D 368 36.76 14.27 -45.19
CA LYS D 368 37.43 13.06 -44.77
C LYS D 368 37.43 12.97 -43.24
N GLY D 369 37.03 11.83 -42.72
CA GLY D 369 36.99 11.62 -41.28
C GLY D 369 35.68 11.91 -40.61
N ALA D 370 34.71 12.53 -41.30
CA ALA D 370 33.37 12.66 -40.70
C ALA D 370 32.85 11.27 -40.32
N VAL D 371 33.02 10.31 -41.21
CA VAL D 371 33.09 8.90 -40.84
C VAL D 371 34.55 8.55 -40.65
N LYS D 372 34.89 8.05 -39.48
CA LYS D 372 36.28 7.78 -39.16
C LYS D 372 36.77 6.54 -39.87
N GLY D 373 35.96 5.49 -39.90
CA GLY D 373 36.38 4.21 -40.43
C GLY D 373 35.20 3.28 -40.57
N LEU D 374 35.41 2.19 -41.31
CA LEU D 374 34.37 1.19 -41.55
C LEU D 374 34.82 -0.15 -41.02
N ILE D 375 33.89 -0.90 -40.45
CA ILE D 375 34.15 -2.27 -39.99
C ILE D 375 33.18 -3.18 -40.71
N HIS D 376 33.71 -4.07 -41.54
CA HIS D 376 32.87 -5.02 -42.27
C HIS D 376 32.89 -6.33 -41.49
N THR D 377 31.73 -6.71 -40.97
CA THR D 377 31.59 -7.96 -40.23
C THR D 377 30.30 -8.65 -40.70
N ARG D 378 29.85 -9.64 -39.92
CA ARG D 378 28.76 -10.52 -40.37
C ARG D 378 28.21 -11.29 -39.18
N VAL D 379 27.10 -11.97 -39.42
CA VAL D 379 26.51 -12.77 -38.35
C VAL D 379 27.50 -13.87 -37.93
N GLY D 380 27.58 -14.07 -36.61
CA GLY D 380 28.58 -14.96 -36.03
C GLY D 380 27.99 -15.95 -35.03
N ASP D 381 28.90 -16.77 -34.49
CA ASP D 381 28.54 -17.78 -33.51
C ASP D 381 28.48 -17.17 -32.10
N GLY D 382 28.09 -18.02 -31.15
CA GLY D 382 28.09 -17.66 -29.74
C GLY D 382 29.46 -17.69 -29.11
N PRO D 383 29.52 -17.48 -27.78
CA PRO D 383 30.81 -17.42 -27.08
C PRO D 383 31.67 -18.64 -27.36
N ARG D 384 32.99 -18.42 -27.33
CA ARG D 384 33.97 -19.44 -27.64
C ARG D 384 34.84 -19.71 -26.41
N VAL D 385 35.02 -20.97 -26.04
CA VAL D 385 36.00 -21.30 -25.01
C VAL D 385 37.37 -21.45 -25.68
N LEU D 386 38.35 -20.72 -25.16
CA LEU D 386 39.67 -20.67 -25.79
C LEU D 386 40.66 -21.60 -25.08
N GLU D 387 41.91 -21.59 -25.56
CA GLU D 387 42.96 -22.48 -25.08
C GLU D 387 43.85 -21.80 -24.07
N LYS D 388 44.69 -22.60 -23.40
CA LYS D 388 45.60 -22.09 -22.39
C LYS D 388 46.45 -20.95 -22.95
N GLU D 389 46.87 -21.08 -24.20
CA GLU D 389 47.78 -20.07 -24.74
C GLU D 389 47.15 -18.69 -24.85
N ASP D 390 45.81 -18.60 -24.81
CA ASP D 390 45.09 -17.34 -24.92
C ASP D 390 44.85 -16.68 -23.57
N SER D 391 45.39 -17.25 -22.50
CA SER D 391 45.16 -16.68 -21.18
C SER D 391 45.67 -15.26 -21.09
N LEU D 392 44.87 -14.39 -20.46
CA LEU D 392 45.27 -13.03 -20.15
C LEU D 392 45.99 -12.89 -18.80
N LEU D 393 46.14 -13.98 -18.03
CA LEU D 393 46.76 -13.91 -16.71
C LEU D 393 48.13 -14.55 -16.70
N GLY D 394 49.05 -13.93 -15.97
CA GLY D 394 50.34 -14.53 -15.67
C GLY D 394 50.23 -15.57 -14.57
N GLU D 395 51.40 -16.11 -14.19
CA GLU D 395 51.42 -17.25 -13.28
C GLU D 395 50.91 -16.89 -11.90
N ASN D 396 51.04 -15.63 -11.47
CA ASN D 396 50.59 -15.28 -10.13
C ASN D 396 49.15 -14.79 -10.11
N GLY D 397 48.42 -14.89 -11.22
CA GLY D 397 47.06 -14.40 -11.25
C GLY D 397 46.93 -12.93 -11.58
N VAL D 398 48.03 -12.23 -11.86
CA VAL D 398 47.97 -10.83 -12.24
C VAL D 398 48.01 -10.76 -13.78
N PRO D 399 47.25 -9.86 -14.41
CA PRO D 399 47.27 -9.80 -15.88
C PRO D 399 48.66 -9.70 -16.48
N LYS D 400 48.83 -10.33 -17.65
CA LYS D 400 50.07 -10.19 -18.41
C LYS D 400 50.28 -8.74 -18.86
N VAL D 401 49.20 -8.04 -19.21
CA VAL D 401 49.29 -6.67 -19.71
C VAL D 401 48.55 -5.75 -18.73
N LEU D 402 49.27 -4.77 -18.19
CA LEU D 402 48.76 -3.87 -17.18
C LEU D 402 48.92 -2.43 -17.66
N ALA D 403 47.93 -1.60 -17.36
CA ALA D 403 47.94 -0.19 -17.73
C ALA D 403 48.62 0.64 -16.65
N MET E 9 73.42 -55.35 47.08
CA MET E 9 72.53 -55.34 45.91
C MET E 9 71.66 -54.07 45.88
N VAL E 10 72.07 -53.10 45.07
CA VAL E 10 71.29 -51.87 44.89
C VAL E 10 70.19 -52.12 43.87
N HIS E 11 68.97 -51.72 44.19
CA HIS E 11 67.84 -51.80 43.27
C HIS E 11 67.45 -50.39 42.85
N GLU E 12 67.83 -50.00 41.64
CA GLU E 12 67.68 -48.62 41.26
C GLU E 12 67.47 -48.56 39.76
N ALA E 13 66.56 -47.71 39.31
CA ALA E 13 66.30 -47.53 37.88
C ALA E 13 66.14 -46.06 37.54
N THR E 14 66.63 -45.69 36.37
CA THR E 14 66.47 -44.31 35.88
C THR E 14 65.81 -44.38 34.52
N ALA E 15 64.76 -43.58 34.31
CA ALA E 15 64.17 -43.49 32.98
C ALA E 15 63.89 -42.04 32.63
N SER E 16 63.89 -41.73 31.33
CA SER E 16 63.40 -40.45 30.88
C SER E 16 62.06 -40.62 30.18
N ALA E 17 61.30 -39.53 30.13
CA ALA E 17 60.06 -39.55 29.37
C ALA E 17 59.95 -38.26 28.56
N PRO E 18 59.28 -38.32 27.42
CA PRO E 18 59.19 -37.16 26.54
C PRO E 18 58.03 -36.23 26.88
N VAL E 19 58.19 -34.99 26.43
CA VAL E 19 57.08 -34.04 26.31
C VAL E 19 56.20 -34.47 25.14
N ASN E 20 54.91 -34.11 25.19
CA ASN E 20 54.07 -34.33 24.02
C ASN E 20 53.21 -33.08 23.85
N ILE E 21 52.82 -32.81 22.60
CA ILE E 21 52.03 -31.63 22.27
C ILE E 21 50.74 -32.09 21.62
N ALA E 22 49.60 -31.72 22.18
CA ALA E 22 48.31 -32.14 21.65
C ALA E 22 47.96 -31.41 20.37
N CYS E 23 47.61 -32.18 19.33
CA CYS E 23 46.95 -31.67 18.13
C CYS E 23 45.44 -31.59 18.34
N ILE E 24 44.86 -32.61 18.94
CA ILE E 24 43.46 -32.59 19.35
C ILE E 24 43.49 -32.44 20.86
N LYS E 25 42.90 -31.36 21.37
CA LYS E 25 43.19 -30.89 22.73
C LYS E 25 42.34 -31.58 23.78
N TYR E 26 43.01 -31.95 24.88
CA TYR E 26 42.36 -32.28 26.14
C TYR E 26 42.05 -30.98 26.89
N TRP E 27 40.77 -30.75 27.19
CA TRP E 27 40.37 -29.59 28.00
C TRP E 27 39.01 -29.93 28.59
N GLY E 28 38.99 -30.30 29.87
CA GLY E 28 37.72 -30.68 30.50
C GLY E 28 37.75 -32.13 30.97
N LYS E 29 37.39 -32.29 32.24
CA LYS E 29 37.27 -33.60 32.87
C LYS E 29 35.81 -33.87 33.17
N ARG E 30 35.37 -35.09 32.87
CA ARG E 30 34.09 -35.60 33.34
C ARG E 30 34.19 -36.23 34.71
N ASP E 31 35.39 -36.60 35.15
CA ASP E 31 35.63 -37.11 36.49
C ASP E 31 36.94 -36.50 36.98
N THR E 32 36.87 -35.64 38.02
CA THR E 32 38.07 -35.00 38.53
C THR E 32 38.89 -35.90 39.46
N ARG E 33 38.32 -36.99 39.96
CA ARG E 33 39.05 -37.86 40.89
C ARG E 33 39.92 -38.86 40.14
N LEU E 34 39.38 -39.48 39.10
CA LEU E 34 40.11 -40.45 38.29
C LEU E 34 40.79 -39.81 37.08
N ILE E 35 40.52 -38.53 36.83
CA ILE E 35 40.99 -37.78 35.66
C ILE E 35 40.53 -38.50 34.39
N LEU E 36 39.23 -38.53 34.22
CA LEU E 36 38.61 -38.95 32.98
C LEU E 36 38.18 -37.73 32.20
N PRO E 37 38.51 -37.66 30.92
CA PRO E 37 38.27 -36.44 30.14
C PRO E 37 36.87 -36.39 29.54
N THR E 38 36.48 -35.17 29.13
CA THR E 38 35.23 -34.96 28.41
C THR E 38 35.34 -35.36 26.96
N ASN E 39 36.55 -35.60 26.47
CA ASN E 39 36.72 -35.96 25.08
C ASN E 39 38.08 -36.63 24.93
N SER E 40 38.25 -37.34 23.82
CA SER E 40 39.56 -37.91 23.51
C SER E 40 40.49 -36.80 23.03
N SER E 41 41.79 -37.10 23.02
CA SER E 41 42.79 -36.16 22.59
C SER E 41 43.87 -36.94 21.84
N LEU E 42 44.76 -36.23 21.18
CA LEU E 42 45.77 -36.85 20.32
C LEU E 42 46.96 -35.90 20.23
N SER E 43 48.16 -36.44 20.39
CA SER E 43 49.37 -35.62 20.49
C SER E 43 50.49 -36.22 19.65
N VAL E 44 51.51 -35.40 19.42
CA VAL E 44 52.79 -35.85 18.89
C VAL E 44 53.78 -35.88 20.05
N THR E 45 54.46 -37.01 20.22
CA THR E 45 55.53 -37.13 21.21
C THR E 45 56.80 -36.49 20.64
N LEU E 46 57.45 -35.63 21.42
CA LEU E 46 58.65 -34.96 20.95
C LEU E 46 59.91 -35.71 21.39
N ASP E 47 61.01 -35.40 20.71
CA ASP E 47 62.29 -36.13 20.88
C ASP E 47 62.93 -35.81 22.23
N GLN E 48 63.20 -36.86 23.02
CA GLN E 48 63.89 -36.69 24.30
C GLN E 48 65.35 -36.30 24.13
N ASP E 49 65.89 -36.37 22.91
CA ASP E 49 67.22 -35.78 22.69
C ASP E 49 67.19 -34.29 22.99
N HIS E 50 66.03 -33.66 22.92
CA HIS E 50 65.92 -32.23 23.09
C HIS E 50 65.29 -31.83 24.42
N LEU E 51 64.12 -32.36 24.73
CA LEU E 51 63.40 -32.03 25.96
C LEU E 51 63.07 -33.35 26.64
N ARG E 52 63.30 -33.43 27.95
CA ARG E 52 62.97 -34.67 28.63
CA ARG E 52 62.98 -34.68 28.63
C ARG E 52 62.83 -34.42 30.12
N SER E 53 62.05 -35.27 30.77
CA SER E 53 62.01 -35.38 32.22
C SER E 53 62.71 -36.69 32.58
N THR E 54 63.53 -36.68 33.64
CA THR E 54 64.32 -37.86 33.99
C THR E 54 64.06 -38.17 35.45
N THR E 55 63.80 -39.45 35.77
CA THR E 55 63.51 -39.83 37.16
C THR E 55 64.29 -41.08 37.53
N THR E 56 64.99 -41.02 38.67
CA THR E 56 65.63 -42.18 39.28
C THR E 56 64.80 -42.62 40.48
N SER E 57 64.50 -43.92 40.57
CA SER E 57 63.85 -44.50 41.74
CA SER E 57 63.86 -44.48 41.75
C SER E 57 64.70 -45.62 42.31
N ARG E 58 64.79 -45.68 43.63
CA ARG E 58 65.51 -46.76 44.28
C ARG E 58 64.69 -47.28 45.44
N ALA E 59 64.64 -48.59 45.59
CA ALA E 59 64.06 -49.21 46.78
C ALA E 59 65.15 -49.92 47.58
N ASP E 60 65.14 -49.71 48.90
CA ASP E 60 66.16 -50.34 49.71
C ASP E 60 65.58 -50.68 51.07
N ALA E 61 65.81 -51.91 51.52
CA ALA E 61 65.24 -52.41 52.76
C ALA E 61 65.68 -51.61 53.96
N SER E 62 66.79 -50.88 53.88
CA SER E 62 67.30 -50.16 55.06
C SER E 62 67.07 -48.65 55.00
N PHE E 63 66.40 -48.14 53.98
CA PHE E 63 65.99 -46.74 54.01
C PHE E 63 65.10 -46.45 55.22
N GLU E 64 65.15 -45.21 55.69
CA GLU E 64 64.22 -44.79 56.73
C GLU E 64 62.78 -44.91 56.21
N ALA E 65 61.87 -45.33 57.10
CA ALA E 65 60.49 -45.56 56.73
C ALA E 65 59.87 -44.33 56.08
N GLY E 66 59.05 -44.56 55.05
CA GLY E 66 58.43 -43.48 54.31
C GLY E 66 59.11 -43.16 52.99
N ASP E 67 58.32 -43.03 51.92
CA ASP E 67 58.90 -42.67 50.64
C ASP E 67 59.30 -41.20 50.65
N ARG E 68 60.31 -40.86 49.84
CA ARG E 68 60.72 -39.48 49.69
C ARG E 68 60.95 -39.20 48.22
N LEU E 69 60.60 -37.99 47.80
CA LEU E 69 60.74 -37.60 46.41
C LEU E 69 61.29 -36.18 46.33
N TRP E 70 62.20 -35.94 45.38
CA TRP E 70 62.71 -34.61 45.11
C TRP E 70 62.44 -34.25 43.64
N LEU E 71 62.15 -32.97 43.39
CA LEU E 71 61.99 -32.46 42.03
CA LEU E 71 61.95 -32.43 42.04
C LEU E 71 62.92 -31.27 41.83
N ASN E 72 63.79 -31.39 40.82
CA ASN E 72 64.81 -30.39 40.52
C ASN E 72 65.60 -29.99 41.77
N GLY E 73 65.85 -30.97 42.64
CA GLY E 73 66.67 -30.77 43.82
C GLY E 73 65.95 -30.34 45.06
N ARG E 74 64.64 -30.09 44.98
CA ARG E 74 63.85 -29.67 46.13
C ARG E 74 62.93 -30.83 46.52
N GLU E 75 62.90 -31.16 47.81
CA GLU E 75 62.05 -32.26 48.23
C GLU E 75 60.58 -31.87 48.14
N GLU E 76 59.75 -32.82 47.72
CA GLU E 76 58.32 -32.63 47.54
C GLU E 76 57.58 -33.57 48.48
N ALA E 77 56.58 -33.05 49.18
CA ALA E 77 55.78 -33.90 50.05
C ALA E 77 54.93 -34.87 49.22
N ILE E 78 54.81 -36.10 49.69
CA ILE E 78 53.98 -37.12 49.05
C ILE E 78 52.86 -37.51 50.01
N LYS E 79 51.87 -36.64 50.18
CA LYS E 79 50.81 -36.93 51.15
C LYS E 79 49.90 -38.05 50.64
N GLU E 80 49.49 -38.94 51.56
CA GLU E 80 48.65 -40.06 51.19
C GLU E 80 47.38 -39.58 50.49
N GLY E 81 46.93 -40.36 49.51
CA GLY E 81 45.78 -40.00 48.72
C GLY E 81 46.00 -38.90 47.71
N GLY E 82 47.16 -38.25 47.74
CA GLY E 82 47.53 -37.31 46.69
C GLY E 82 47.84 -38.05 45.40
N ARG E 83 48.09 -37.28 44.35
CA ARG E 83 48.34 -37.86 43.02
CA ARG E 83 48.32 -37.87 43.03
C ARG E 83 49.57 -38.75 43.03
N LEU E 84 50.71 -38.19 43.45
CA LEU E 84 51.95 -38.98 43.48
C LEU E 84 51.79 -40.23 44.34
N ALA E 85 51.16 -40.08 45.50
CA ALA E 85 51.02 -41.21 46.41
C ALA E 85 50.16 -42.32 45.80
N VAL E 86 49.08 -41.96 45.12
CA VAL E 86 48.22 -43.00 44.54
C VAL E 86 48.93 -43.67 43.37
N CYS E 87 49.68 -42.89 42.58
CA CYS E 87 50.47 -43.48 41.52
CA CYS E 87 50.49 -43.47 41.51
C CYS E 87 51.46 -44.50 42.06
N ILE E 88 52.23 -44.13 43.08
CA ILE E 88 53.18 -45.05 43.70
C ILE E 88 52.47 -46.27 44.25
N LYS E 89 51.34 -46.05 44.93
CA LYS E 89 50.60 -47.17 45.50
C LYS E 89 50.19 -48.18 44.43
N GLU E 90 49.67 -47.69 43.30
CA GLU E 90 49.24 -48.59 42.24
CA GLU E 90 49.24 -48.58 42.23
C GLU E 90 50.41 -49.38 41.67
N LEU E 91 51.57 -48.73 41.49
CA LEU E 91 52.73 -49.43 40.94
C LEU E 91 53.31 -50.41 41.95
N ARG E 92 53.33 -50.04 43.23
CA ARG E 92 53.75 -50.95 44.28
C ARG E 92 52.86 -52.19 44.32
N ALA E 93 51.56 -52.01 44.11
CA ALA E 93 50.63 -53.14 44.15
C ALA E 93 50.89 -54.10 42.99
N TRP E 94 51.21 -53.57 41.82
CA TRP E 94 51.57 -54.44 40.70
C TRP E 94 52.86 -55.19 41.01
N ARG E 95 53.81 -54.56 41.70
CA ARG E 95 55.00 -55.29 42.10
C ARG E 95 54.67 -56.36 43.14
N LYS E 96 53.81 -56.04 44.11
CA LYS E 96 53.42 -57.01 45.12
C LYS E 96 52.72 -58.21 44.51
N GLU E 97 51.94 -58.00 43.44
CA GLU E 97 51.37 -59.12 42.68
C GLU E 97 52.45 -60.04 42.15
N MET E 98 53.57 -59.48 41.69
CA MET E 98 54.67 -60.30 41.19
C MET E 98 55.25 -61.16 42.29
N GLU E 99 55.50 -60.54 43.46
CA GLU E 99 56.11 -61.26 44.57
C GLU E 99 55.19 -62.34 45.12
N THR E 100 53.87 -62.15 45.02
CA THR E 100 52.95 -63.18 45.45
C THR E 100 53.03 -64.40 44.54
N LYS E 101 53.08 -64.17 43.23
CA LYS E 101 53.20 -65.27 42.28
C LYS E 101 54.55 -65.98 42.37
N ASP E 102 55.61 -65.24 42.68
CA ASP E 102 56.96 -65.81 42.73
C ASP E 102 57.58 -65.48 44.08
N LYS E 103 57.52 -66.46 45.01
CA LYS E 103 57.95 -66.24 46.38
C LYS E 103 59.45 -66.06 46.51
N ASN E 104 60.22 -66.40 45.47
CA ASN E 104 61.66 -66.20 45.51
C ASN E 104 62.07 -64.75 45.29
N LEU E 105 61.20 -63.94 44.70
CA LEU E 105 61.59 -62.58 44.35
C LEU E 105 61.89 -61.78 45.62
N PRO E 106 62.86 -60.86 45.56
CA PRO E 106 63.05 -59.94 46.68
C PRO E 106 61.80 -59.09 46.88
N LYS E 107 61.53 -58.75 48.14
CA LYS E 107 60.30 -58.03 48.49
C LYS E 107 60.48 -56.52 48.29
N LEU E 108 60.81 -56.15 47.04
CA LEU E 108 60.97 -54.74 46.70
C LEU E 108 59.77 -53.91 47.10
N SER E 109 58.56 -54.45 46.92
CA SER E 109 57.36 -53.66 47.19
C SER E 109 57.28 -53.24 48.64
N GLU E 110 57.91 -53.98 49.55
CA GLU E 110 57.87 -53.71 50.98
C GLU E 110 58.85 -52.62 51.42
N TRP E 111 59.73 -52.13 50.54
CA TRP E 111 60.82 -51.29 50.99
C TRP E 111 60.56 -49.83 50.63
N PRO E 112 61.07 -48.89 51.43
CA PRO E 112 60.84 -47.47 51.11
C PRO E 112 61.48 -47.08 49.79
N LEU E 113 60.91 -46.05 49.18
CA LEU E 113 61.37 -45.51 47.89
C LEU E 113 62.09 -44.20 48.10
N ARG E 114 63.18 -44.00 47.35
CA ARG E 114 63.81 -42.69 47.18
C ARG E 114 63.72 -42.35 45.71
N ILE E 115 63.11 -41.20 45.41
CA ILE E 115 62.85 -40.83 44.02
C ILE E 115 63.36 -39.42 43.77
N ALA E 116 64.14 -39.24 42.69
CA ALA E 116 64.61 -37.91 42.30
C ALA E 116 64.26 -37.67 40.85
N SER E 117 63.80 -36.46 40.53
CA SER E 117 63.45 -36.15 39.16
CA SER E 117 63.38 -36.12 39.19
C SER E 117 64.05 -34.81 38.76
N TYR E 118 64.24 -34.65 37.44
CA TYR E 118 64.84 -33.46 36.89
C TYR E 118 64.30 -33.28 35.47
N ASN E 119 64.00 -32.05 35.08
CA ASN E 119 63.77 -31.88 33.66
CA ASN E 119 63.66 -31.73 33.70
C ASN E 119 64.80 -30.91 33.11
N ASN E 120 65.04 -31.05 31.80
CA ASN E 120 66.10 -30.26 31.20
C ASN E 120 65.56 -29.05 30.47
N PHE E 121 64.32 -28.65 30.76
CA PHE E 121 63.71 -27.59 29.97
C PHE E 121 64.50 -26.29 30.10
N PRO E 122 64.59 -25.51 29.02
CA PRO E 122 65.30 -24.23 29.10
C PRO E 122 64.68 -23.29 30.13
N THR E 123 65.55 -22.56 30.81
CA THR E 123 65.18 -21.51 31.74
C THR E 123 64.16 -20.54 31.15
N ALA E 124 63.00 -20.43 31.82
CA ALA E 124 61.96 -19.46 31.52
C ALA E 124 61.20 -19.79 30.23
N ALA E 125 61.24 -21.04 29.78
CA ALA E 125 60.52 -21.41 28.57
C ALA E 125 59.01 -21.44 28.76
N GLY E 126 58.53 -21.58 29.99
CA GLY E 126 57.09 -21.67 30.16
C GLY E 126 56.52 -23.01 29.74
N LEU E 127 57.36 -24.02 29.59
CA LEU E 127 56.88 -25.34 29.17
C LEU E 127 56.27 -26.10 30.33
N ALA E 128 55.09 -26.69 30.10
CA ALA E 128 54.44 -27.51 31.11
C ALA E 128 55.19 -28.81 31.33
N SER E 129 55.45 -29.15 32.59
CA SER E 129 56.34 -30.24 32.92
C SER E 129 55.69 -31.41 33.65
N SER E 130 54.46 -31.26 34.14
CA SER E 130 53.89 -32.31 34.97
CA SER E 130 53.87 -32.30 34.97
C SER E 130 53.63 -33.58 34.19
N ALA E 131 53.29 -33.47 32.91
CA ALA E 131 52.94 -34.65 32.13
C ALA E 131 54.15 -35.55 31.91
N SER E 132 55.21 -35.02 31.27
CA SER E 132 56.43 -35.80 31.11
C SER E 132 57.05 -36.18 32.45
N GLY E 133 56.86 -35.33 33.47
CA GLY E 133 57.38 -35.64 34.79
C GLY E 133 56.76 -36.90 35.37
N LEU E 134 55.43 -37.00 35.32
CA LEU E 134 54.79 -38.17 35.87
CA LEU E 134 54.72 -38.17 35.83
C LEU E 134 55.00 -39.38 34.97
N ALA E 135 55.04 -39.19 33.65
CA ALA E 135 55.36 -40.32 32.77
C ALA E 135 56.72 -40.89 33.11
N ALA E 136 57.70 -40.01 33.42
CA ALA E 136 59.03 -40.51 33.78
C ALA E 136 58.99 -41.23 35.13
N LEU E 137 58.20 -40.74 36.08
CA LEU E 137 58.07 -41.46 37.36
C LEU E 137 57.54 -42.86 37.12
N VAL E 138 56.49 -42.99 36.31
CA VAL E 138 55.89 -44.28 36.03
C VAL E 138 56.88 -45.20 35.33
N ALA E 139 57.56 -44.69 34.29
CA ALA E 139 58.52 -45.54 33.60
C ALA E 139 59.66 -45.97 34.51
N SER E 140 60.09 -45.09 35.42
CA SER E 140 61.21 -45.41 36.29
C SER E 140 60.83 -46.46 37.32
N LEU E 141 59.66 -46.31 37.94
CA LEU E 141 59.21 -47.32 38.88
C LEU E 141 58.86 -48.62 38.17
N ALA E 142 58.31 -48.56 36.96
CA ALA E 142 58.08 -49.82 36.26
C ALA E 142 59.38 -50.55 35.98
N SER E 143 60.46 -49.82 35.69
CA SER E 143 61.74 -50.47 35.46
C SER E 143 62.33 -50.99 36.76
N LEU E 144 62.26 -50.17 37.82
CA LEU E 144 62.74 -50.58 39.13
C LEU E 144 62.13 -51.89 39.58
N TYR E 145 60.82 -52.01 39.41
CA TYR E 145 60.05 -53.16 39.85
C TYR E 145 59.99 -54.28 38.83
N SER E 146 60.54 -54.05 37.63
CA SER E 146 60.49 -55.02 36.54
C SER E 146 59.04 -55.38 36.19
N LEU E 147 58.14 -54.40 36.17
CA LEU E 147 56.74 -54.70 35.99
C LEU E 147 56.49 -55.26 34.59
N PRO E 148 55.62 -56.27 34.45
CA PRO E 148 55.28 -56.80 33.12
C PRO E 148 54.27 -55.96 32.35
N GLN E 149 53.62 -55.00 33.01
CA GLN E 149 52.51 -54.29 32.40
C GLN E 149 52.92 -53.57 31.13
N SER E 150 52.01 -53.55 30.15
CA SER E 150 52.26 -52.86 28.89
C SER E 150 52.28 -51.35 29.07
N PRO E 151 52.82 -50.62 28.09
CA PRO E 151 52.70 -49.16 28.10
C PRO E 151 51.26 -48.69 28.22
N SER E 152 50.34 -49.36 27.54
CA SER E 152 48.91 -49.05 27.65
C SER E 152 48.45 -49.18 29.10
N GLN E 153 48.75 -50.31 29.74
CA GLN E 153 48.37 -50.50 31.13
CA GLN E 153 48.35 -50.49 31.13
C GLN E 153 49.01 -49.46 32.04
N LEU E 154 50.30 -49.17 31.81
CA LEU E 154 50.98 -48.15 32.60
C LEU E 154 50.33 -46.78 32.40
N SER E 155 49.82 -46.51 31.21
CA SER E 155 49.25 -45.19 30.95
C SER E 155 48.02 -44.92 31.81
N LEU E 156 47.33 -45.96 32.27
CA LEU E 156 46.23 -45.79 33.21
CA LEU E 156 46.23 -45.79 33.21
C LEU E 156 46.70 -45.12 34.50
N VAL E 157 47.88 -45.53 34.98
CA VAL E 157 48.41 -44.95 36.21
C VAL E 157 48.86 -43.52 35.95
N ALA E 158 49.56 -43.30 34.83
CA ALA E 158 49.98 -41.96 34.47
C ALA E 158 48.78 -41.03 34.31
N ARG E 159 47.70 -41.54 33.71
CA ARG E 159 46.51 -40.71 33.48
C ARG E 159 45.94 -40.23 34.82
N GLN E 160 45.79 -41.15 35.76
CA GLN E 160 45.22 -40.82 37.05
C GLN E 160 46.11 -39.85 37.83
N GLY E 161 47.41 -39.93 37.64
N GLY E 161 47.41 -39.80 37.50
CA GLY E 161 48.30 -39.09 38.41
CA GLY E 161 48.33 -38.83 38.07
C GLY E 161 48.49 -37.73 37.78
C GLY E 161 48.36 -37.47 37.39
N SER E 162 48.32 -37.61 36.46
N SER E 162 48.33 -37.45 36.06
CA SER E 162 48.60 -36.35 35.81
CA SER E 162 48.24 -36.20 35.31
C SER E 162 48.05 -36.24 34.39
C SER E 162 47.71 -36.53 33.92
N GLY E 163 46.89 -36.84 34.10
N GLY E 163 46.46 -36.15 33.65
CA GLY E 163 46.19 -36.52 32.87
CA GLY E 163 45.74 -36.59 32.47
C GLY E 163 46.91 -36.85 31.58
C GLY E 163 46.58 -36.84 31.23
N SER E 164 47.31 -35.81 30.82
CA SER E 164 48.00 -36.01 29.55
CA SER E 164 48.05 -35.91 29.56
C SER E 164 49.35 -36.67 29.70
N ALA E 165 49.81 -36.91 30.94
CA ALA E 165 50.98 -37.78 31.12
C ALA E 165 50.79 -39.13 30.42
N CYS E 166 49.54 -39.61 30.33
CA CYS E 166 49.34 -40.92 29.75
C CYS E 166 49.81 -40.96 28.30
N ARG E 167 49.73 -39.83 27.57
CA ARG E 167 50.15 -39.82 26.17
C ARG E 167 51.67 -39.85 26.01
N SER E 168 52.41 -39.64 27.09
CA SER E 168 53.88 -39.69 26.99
C SER E 168 54.42 -41.08 27.27
N LEU E 169 53.55 -42.09 27.41
CA LEU E 169 53.99 -43.48 27.55
C LEU E 169 54.29 -44.13 26.20
N PHE E 170 54.02 -43.42 25.10
CA PHE E 170 54.22 -43.91 23.74
C PHE E 170 54.98 -42.88 22.95
N GLY E 171 55.77 -43.34 21.95
CA GLY E 171 56.35 -42.43 21.00
C GLY E 171 55.39 -42.18 19.85
N GLY E 172 55.78 -41.26 18.96
CA GLY E 172 55.05 -41.08 17.71
C GLY E 172 53.79 -40.26 17.84
N PHE E 173 52.67 -40.83 17.44
CA PHE E 173 51.38 -40.13 17.39
C PHE E 173 50.42 -40.90 18.28
N VAL E 174 49.91 -40.25 19.33
CA VAL E 174 49.35 -40.98 20.46
C VAL E 174 47.97 -40.43 20.80
N ALA E 175 46.98 -41.33 20.94
CA ALA E 175 45.65 -40.92 21.38
C ALA E 175 45.47 -41.19 22.87
N TRP E 176 44.79 -40.28 23.57
CA TRP E 176 44.18 -40.61 24.85
C TRP E 176 42.70 -40.88 24.55
N ARG E 177 42.33 -42.15 24.61
CA ARG E 177 40.93 -42.51 24.42
C ARG E 177 40.12 -42.14 25.66
N GLU E 178 39.01 -41.42 25.46
CA GLU E 178 38.24 -40.95 26.60
C GLU E 178 37.71 -42.11 27.44
N GLY E 179 37.33 -43.21 26.79
CA GLY E 179 36.68 -44.32 27.48
C GLY E 179 35.25 -44.07 27.91
N THR E 180 34.52 -45.16 28.23
CA THR E 180 33.17 -45.04 28.78
C THR E 180 33.00 -45.71 30.12
N ASP E 181 34.00 -46.45 30.59
CA ASP E 181 33.95 -47.10 31.90
C ASP E 181 34.02 -46.05 33.01
N PRO E 182 32.99 -45.90 33.83
CA PRO E 182 33.07 -45.01 35.00
C PRO E 182 34.27 -45.23 35.91
N ALA E 183 34.84 -46.43 35.96
CA ALA E 183 36.03 -46.67 36.77
C ALA E 183 37.32 -46.38 36.03
N GLY E 184 37.22 -46.01 34.75
CA GLY E 184 38.37 -45.56 33.99
C GLY E 184 39.21 -46.62 33.33
N SER E 185 38.76 -47.89 33.31
CA SER E 185 39.65 -48.96 32.82
C SER E 185 39.99 -48.81 31.35
N ASP E 186 39.17 -48.11 30.57
CA ASP E 186 39.39 -47.90 29.15
C ASP E 186 39.76 -46.47 28.80
N SER E 187 40.07 -45.64 29.79
CA SER E 187 40.56 -44.28 29.53
C SER E 187 42.07 -44.36 29.58
N LEU E 188 42.70 -44.60 28.43
CA LEU E 188 44.14 -44.81 28.43
C LEU E 188 44.73 -44.36 27.10
N ALA E 189 46.05 -44.40 27.03
CA ALA E 189 46.74 -44.02 25.80
C ALA E 189 46.88 -45.19 24.86
N GLU E 190 46.94 -44.87 23.57
CA GLU E 190 47.02 -45.87 22.50
C GLU E 190 47.85 -45.27 21.38
N GLU E 191 48.73 -46.06 20.80
CA GLU E 191 49.55 -45.57 19.70
C GLU E 191 48.69 -45.49 18.44
N VAL E 192 48.69 -44.32 17.79
CA VAL E 192 48.03 -44.17 16.50
C VAL E 192 49.01 -44.51 15.38
N ALA E 193 50.25 -44.03 15.51
CA ALA E 193 51.31 -44.47 14.62
C ALA E 193 52.63 -44.28 15.34
N PRO E 194 53.60 -45.18 15.16
CA PRO E 194 54.89 -45.02 15.83
C PRO E 194 55.71 -43.91 15.18
N ARG E 195 56.77 -43.51 15.88
CA ARG E 195 57.69 -42.49 15.35
C ARG E 195 58.17 -42.85 13.95
N GLU E 196 58.54 -44.11 13.72
CA GLU E 196 59.11 -44.48 12.43
CA GLU E 196 59.10 -44.51 12.44
C GLU E 196 58.11 -44.38 11.29
N HIS E 197 56.83 -44.16 11.60
CA HIS E 197 55.83 -44.02 10.54
C HIS E 197 55.97 -42.68 9.82
N TRP E 198 56.32 -41.62 10.54
CA TRP E 198 56.43 -40.30 9.93
C TRP E 198 57.53 -39.50 10.61
N PRO E 199 58.78 -39.95 10.56
CA PRO E 199 59.83 -39.28 11.34
C PRO E 199 60.18 -37.91 10.82
N GLU E 200 59.71 -37.57 9.61
CA GLU E 200 59.90 -36.25 9.04
C GLU E 200 59.13 -35.16 9.77
N MET E 201 58.26 -35.50 10.70
CA MET E 201 57.41 -34.51 11.37
C MET E 201 58.26 -33.74 12.36
N HIS E 202 58.53 -32.48 12.10
CA HIS E 202 59.31 -31.63 13.00
C HIS E 202 58.41 -30.59 13.66
N ALA E 203 58.98 -29.87 14.63
CA ALA E 203 58.20 -28.92 15.40
C ALA E 203 59.14 -27.82 15.90
N LEU E 204 58.67 -26.59 15.83
CA LEU E 204 59.41 -25.43 16.31
C LEU E 204 58.62 -24.85 17.47
N ILE E 205 59.18 -24.90 18.66
CA ILE E 205 58.55 -24.29 19.81
C ILE E 205 58.97 -22.83 19.87
N CYS E 206 58.01 -21.91 19.91
CA CYS E 206 58.31 -20.48 19.96
C CYS E 206 57.95 -20.04 21.37
N VAL E 207 58.97 -19.73 22.16
CA VAL E 207 58.73 -19.31 23.54
C VAL E 207 58.36 -17.85 23.52
N VAL E 208 57.14 -17.52 23.97
CA VAL E 208 56.57 -16.18 23.82
C VAL E 208 56.59 -15.44 25.15
N SER E 209 57.04 -14.18 25.11
CA SER E 209 57.00 -13.31 26.29
CA SER E 209 56.99 -13.29 26.28
C SER E 209 55.57 -13.20 26.83
N ASP E 210 55.43 -13.37 28.15
CA ASP E 210 54.11 -13.57 28.76
C ASP E 210 54.08 -12.74 30.04
N ALA E 211 53.41 -11.60 29.99
CA ALA E 211 53.30 -10.73 31.15
C ALA E 211 52.15 -11.19 32.05
N SER E 216 45.65 -21.39 35.67
CA SER E 216 45.70 -22.74 36.22
C SER E 216 44.88 -23.72 35.39
N SER E 217 45.57 -24.69 34.79
CA SER E 217 44.91 -25.61 33.85
C SER E 217 43.85 -26.44 34.56
N THR E 218 44.19 -27.08 35.67
CA THR E 218 43.28 -28.02 36.34
C THR E 218 41.98 -27.34 36.75
N SER E 219 42.08 -26.29 37.57
CA SER E 219 40.85 -25.58 37.96
C SER E 219 40.23 -24.87 36.77
N GLY E 220 41.07 -24.31 35.88
CA GLY E 220 40.62 -23.57 34.72
C GLY E 220 39.66 -24.39 33.87
N MET E 221 40.10 -25.58 33.42
CA MET E 221 39.29 -26.36 32.50
C MET E 221 37.95 -26.73 33.10
N GLN E 222 37.86 -26.94 34.41
CA GLN E 222 36.56 -27.29 34.98
C GLN E 222 35.60 -26.11 34.92
N LYS E 223 36.12 -24.87 34.93
CA LYS E 223 35.23 -23.72 34.76
C LYS E 223 34.64 -23.71 33.37
N THR E 224 35.41 -24.13 32.39
CA THR E 224 34.90 -24.25 31.01
C THR E 224 33.81 -25.31 30.95
N VAL E 225 34.05 -26.46 31.57
CA VAL E 225 33.04 -27.51 31.65
C VAL E 225 31.75 -26.96 32.27
N GLU E 226 31.89 -26.20 33.34
CA GLU E 226 30.71 -25.71 34.05
CA GLU E 226 30.73 -25.70 34.07
C GLU E 226 29.96 -24.64 33.26
N THR E 227 30.67 -23.78 32.51
CA THR E 227 30.02 -22.54 32.05
C THR E 227 29.96 -22.33 30.56
N SER E 228 30.77 -23.02 29.76
CA SER E 228 30.84 -22.74 28.33
C SER E 228 29.73 -23.50 27.60
N THR E 229 28.80 -22.78 26.99
CA THR E 229 27.82 -23.46 26.17
C THR E 229 28.50 -24.00 24.89
N LEU E 230 29.47 -23.25 24.34
CA LEU E 230 30.07 -23.70 23.10
C LEU E 230 30.87 -24.99 23.30
N LEU E 231 31.36 -25.23 24.52
CA LEU E 231 32.05 -26.49 24.79
C LEU E 231 31.20 -27.69 24.39
N GLN E 232 29.89 -27.62 24.60
CA GLN E 232 29.05 -28.77 24.28
C GLN E 232 29.08 -29.11 22.78
N GLU E 233 29.24 -28.10 21.93
CA GLU E 233 29.39 -28.37 20.51
C GLU E 233 30.81 -28.85 20.18
N ARG E 234 31.81 -28.28 20.84
CA ARG E 234 33.18 -28.82 20.72
C ARG E 234 33.18 -30.32 20.98
N LEU E 235 32.47 -30.79 22.02
CA LEU E 235 32.50 -32.22 22.33
C LEU E 235 31.88 -33.06 21.22
N ARG E 236 30.97 -32.47 20.43
CA ARG E 236 30.40 -33.16 19.27
C ARG E 236 31.36 -33.18 18.09
N VAL E 237 32.20 -32.15 17.97
CA VAL E 237 33.09 -31.99 16.82
C VAL E 237 34.37 -32.81 17.01
N VAL E 238 34.85 -32.96 18.26
CA VAL E 238 36.14 -33.62 18.49
C VAL E 238 36.21 -35.03 17.93
N PRO E 239 35.21 -35.91 18.10
CA PRO E 239 35.35 -37.25 17.51
C PRO E 239 35.58 -37.22 16.02
N LYS E 240 34.94 -36.28 15.30
CA LYS E 240 35.18 -36.12 13.86
C LYS E 240 36.61 -35.73 13.58
N ARG E 241 37.17 -34.82 14.38
CA ARG E 241 38.57 -34.41 14.18
C ARG E 241 39.51 -35.55 14.53
N MET E 242 39.19 -36.34 15.57
CA MET E 242 40.05 -37.47 15.93
C MET E 242 40.15 -38.44 14.77
N ASP E 243 39.01 -38.81 14.21
CA ASP E 243 39.02 -39.74 13.09
CA ASP E 243 39.00 -39.74 13.09
C ASP E 243 39.76 -39.15 11.90
N ALA E 244 39.49 -37.88 11.59
CA ALA E 244 40.09 -37.26 10.42
C ALA E 244 41.59 -37.12 10.58
N ILE E 245 42.06 -36.74 11.77
CA ILE E 245 43.50 -36.55 11.93
C ILE E 245 44.22 -37.89 12.01
N SER E 246 43.58 -38.93 12.53
CA SER E 246 44.19 -40.26 12.49
C SER E 246 44.34 -40.76 11.07
N GLN E 247 43.35 -40.47 10.23
CA GLN E 247 43.47 -40.83 8.81
C GLN E 247 44.57 -40.02 8.14
N ALA E 248 44.67 -38.71 8.47
CA ALA E 248 45.70 -37.88 7.87
C ALA E 248 47.07 -38.35 8.29
N ILE E 249 47.23 -38.72 9.56
CA ILE E 249 48.52 -39.26 10.01
C ILE E 249 48.85 -40.55 9.27
N LYS E 250 47.88 -41.45 9.13
CA LYS E 250 48.17 -42.71 8.47
C LYS E 250 48.52 -42.49 7.01
N ALA E 251 47.91 -41.48 6.38
CA ALA E 251 48.20 -41.17 5.00
C ALA E 251 49.44 -40.29 4.83
N ARG E 252 50.03 -39.83 5.93
CA ARG E 252 51.17 -38.90 5.89
C ARG E 252 50.80 -37.67 5.05
N ASP E 253 49.58 -37.20 5.25
CA ASP E 253 49.02 -36.04 4.56
C ASP E 253 49.24 -34.81 5.41
N PHE E 254 50.32 -34.06 5.15
CA PHE E 254 50.63 -32.97 6.06
C PHE E 254 49.55 -31.89 6.01
N ALA E 255 49.06 -31.55 4.82
CA ALA E 255 48.07 -30.46 4.75
C ALA E 255 46.81 -30.75 5.56
N GLU E 256 46.30 -31.97 5.51
CA GLU E 256 45.10 -32.29 6.28
CA GLU E 256 45.09 -32.28 6.27
C GLU E 256 45.42 -32.36 7.77
N PHE E 257 46.55 -32.99 8.14
CA PHE E 257 47.03 -32.93 9.51
C PHE E 257 47.11 -31.49 10.00
N ALA E 258 47.61 -30.58 9.16
CA ALA E 258 47.82 -29.20 9.55
C ALA E 258 46.50 -28.46 9.76
N LYS E 259 45.57 -28.61 8.82
CA LYS E 259 44.27 -27.94 8.95
C LYS E 259 43.58 -28.35 10.24
N LEU E 260 43.59 -29.65 10.54
CA LEU E 260 42.92 -30.16 11.73
C LEU E 260 43.58 -29.64 12.99
N THR E 261 44.92 -29.61 13.00
CA THR E 261 45.65 -29.09 14.15
C THR E 261 45.33 -27.61 14.39
N MET E 262 45.37 -26.79 13.34
CA MET E 262 45.07 -25.38 13.56
C MET E 262 43.62 -25.17 13.96
N ALA E 263 42.70 -25.92 13.33
CA ALA E 263 41.28 -25.79 13.69
C ALA E 263 41.03 -26.16 15.13
N ASP E 264 41.65 -27.27 15.60
CA ASP E 264 41.33 -27.63 16.98
C ASP E 264 42.03 -26.73 17.98
N SER E 265 43.20 -26.19 17.65
CA SER E 265 43.81 -25.24 18.56
C SER E 265 42.89 -24.03 18.73
N ASN E 266 42.37 -23.52 17.63
CA ASN E 266 41.52 -22.36 17.73
C ASN E 266 40.22 -22.70 18.45
N SER E 267 39.71 -23.91 18.25
CA SER E 267 38.51 -24.38 18.94
C SER E 267 38.72 -24.37 20.47
N PHE E 268 39.86 -24.89 20.91
CA PHE E 268 40.21 -24.90 22.33
C PHE E 268 40.25 -23.47 22.89
N HIS E 269 40.96 -22.57 22.21
CA HIS E 269 41.02 -21.20 22.73
C HIS E 269 39.67 -20.51 22.64
N ALA E 270 38.82 -20.90 21.70
CA ALA E 270 37.47 -20.35 21.64
C ALA E 270 36.66 -20.75 22.89
N VAL E 271 36.69 -22.03 23.27
CA VAL E 271 35.88 -22.39 24.44
C VAL E 271 36.45 -21.82 25.72
N CYS E 272 37.77 -21.55 25.75
CA CYS E 272 38.31 -20.78 26.88
C CYS E 272 37.73 -19.38 26.89
N LEU E 273 37.65 -18.73 25.74
CA LEU E 273 37.07 -17.39 25.69
C LEU E 273 35.61 -17.42 26.11
N ASP E 274 34.91 -18.50 25.81
CA ASP E 274 33.48 -18.63 26.11
C ASP E 274 33.20 -19.06 27.55
N THR E 275 34.23 -19.30 28.34
CA THR E 275 34.09 -19.60 29.76
C THR E 275 33.67 -18.33 30.49
N ALA E 276 33.01 -18.50 31.65
CA ALA E 276 32.57 -17.37 32.45
C ALA E 276 33.14 -17.54 33.85
N PRO E 277 34.13 -16.74 34.27
CA PRO E 277 34.81 -15.67 33.51
C PRO E 277 35.68 -16.23 32.38
N PRO E 278 35.96 -15.44 31.35
CA PRO E 278 36.76 -15.97 30.23
C PRO E 278 38.20 -16.28 30.62
N ILE E 279 38.77 -17.24 29.92
CA ILE E 279 40.14 -17.69 30.08
C ILE E 279 40.91 -17.29 28.83
N PHE E 280 42.04 -16.60 29.03
CA PHE E 280 42.84 -16.08 27.92
C PHE E 280 44.25 -16.64 28.04
N TYR E 281 44.71 -17.30 26.99
CA TYR E 281 46.08 -17.81 26.90
C TYR E 281 46.85 -17.19 25.75
N LEU E 282 46.23 -17.04 24.58
CA LEU E 282 46.89 -16.40 23.45
C LEU E 282 47.06 -14.92 23.77
N ASN E 283 48.20 -14.33 23.42
CA ASN E 283 48.32 -12.89 23.54
C ASN E 283 48.57 -12.30 22.15
N ASP E 284 48.95 -11.01 22.13
CA ASP E 284 49.12 -10.36 20.83
C ASP E 284 50.27 -10.96 20.03
N VAL E 285 51.32 -11.45 20.69
CA VAL E 285 52.41 -12.13 19.98
C VAL E 285 51.92 -13.46 19.40
N SER E 286 51.16 -14.23 20.19
CA SER E 286 50.54 -15.45 19.68
C SER E 286 49.75 -15.15 18.41
N ARG E 287 48.95 -14.09 18.46
CA ARG E 287 48.13 -13.72 17.30
CA ARG E 287 48.14 -13.70 17.32
C ARG E 287 48.99 -13.38 16.09
N ALA E 288 50.12 -12.70 16.33
CA ALA E 288 51.03 -12.36 15.22
C ALA E 288 51.68 -13.60 14.61
N ILE E 289 52.05 -14.58 15.46
CA ILE E 289 52.61 -15.82 14.94
C ILE E 289 51.60 -16.54 14.06
N ILE E 290 50.34 -16.57 14.48
CA ILE E 290 49.28 -17.17 13.66
C ILE E 290 49.19 -16.45 12.33
N ALA E 291 49.19 -15.11 12.35
CA ALA E 291 49.14 -14.38 11.09
C ALA E 291 50.30 -14.75 10.17
N VAL E 292 51.50 -14.92 10.72
CA VAL E 292 52.66 -15.23 9.90
C VAL E 292 52.58 -16.64 9.34
N VAL E 293 52.15 -17.60 10.15
CA VAL E 293 52.05 -18.98 9.66
C VAL E 293 50.99 -19.07 8.57
N GLU E 294 49.84 -18.41 8.77
CA GLU E 294 48.80 -18.47 7.75
CA GLU E 294 48.78 -18.44 7.76
C GLU E 294 49.25 -17.81 6.45
N GLU E 295 49.97 -16.69 6.54
CA GLU E 295 50.48 -16.05 5.33
C GLU E 295 51.63 -16.83 4.70
N LEU E 296 52.46 -17.49 5.52
CA LEU E 296 53.47 -18.38 4.97
C LEU E 296 52.83 -19.49 4.14
N ASN E 297 51.80 -20.16 4.70
CA ASN E 297 51.11 -21.21 3.95
C ASN E 297 50.52 -20.67 2.66
N ARG E 298 49.91 -19.49 2.71
CA ARG E 298 49.32 -18.93 1.49
C ARG E 298 50.38 -18.61 0.45
N ALA E 299 51.42 -17.88 0.85
CA ALA E 299 52.44 -17.43 -0.09
C ALA E 299 53.22 -18.62 -0.68
N ALA E 300 53.43 -19.67 0.12
CA ALA E 300 54.06 -20.88 -0.38
C ALA E 300 53.19 -21.65 -1.38
N GLY E 301 51.89 -21.38 -1.44
CA GLY E 301 51.04 -22.11 -2.37
C GLY E 301 50.64 -23.49 -1.92
N GLU E 302 50.89 -23.84 -0.66
CA GLU E 302 50.52 -25.14 -0.11
C GLU E 302 50.74 -25.06 1.38
N ILE E 303 50.01 -25.87 2.13
CA ILE E 303 50.12 -25.82 3.58
CA ILE E 303 50.10 -25.84 3.58
C ILE E 303 51.41 -26.51 3.99
N ILE E 304 52.32 -25.75 4.57
CA ILE E 304 53.60 -26.31 5.00
C ILE E 304 53.83 -26.20 6.48
N ALA E 305 52.97 -25.48 7.21
CA ALA E 305 53.20 -25.29 8.64
C ALA E 305 51.86 -25.31 9.38
N ALA E 306 51.87 -25.74 10.65
CA ALA E 306 50.64 -25.77 11.43
C ALA E 306 50.91 -25.32 12.84
N TYR E 307 50.30 -24.22 13.25
CA TYR E 307 50.49 -23.78 14.63
C TYR E 307 49.54 -24.51 15.57
N THR E 308 49.96 -24.63 16.83
CA THR E 308 49.04 -25.02 17.88
C THR E 308 49.51 -24.40 19.18
N PHE E 309 48.56 -24.12 20.06
CA PHE E 309 48.81 -23.42 21.32
C PHE E 309 48.17 -24.19 22.44
N ASP E 310 48.92 -24.42 23.50
CA ASP E 310 48.39 -25.00 24.73
C ASP E 310 47.94 -23.91 25.71
N ALA E 311 48.08 -24.16 27.02
CA ALA E 311 47.52 -23.25 28.02
C ALA E 311 48.52 -22.14 28.34
N GLY E 312 48.77 -21.34 27.33
CA GLY E 312 49.68 -20.22 27.42
C GLY E 312 49.95 -19.71 26.03
N PRO E 313 50.77 -18.66 25.91
CA PRO E 313 50.96 -18.00 24.61
C PRO E 313 52.02 -18.63 23.73
N ASN E 314 52.82 -19.59 24.22
CA ASN E 314 53.83 -20.24 23.40
C ASN E 314 53.21 -20.91 22.19
N ALA E 315 53.88 -20.82 21.04
CA ALA E 315 53.44 -21.54 19.86
C ALA E 315 54.28 -22.79 19.67
N VAL E 316 53.63 -23.83 19.13
CA VAL E 316 54.34 -24.97 18.56
C VAL E 316 53.94 -25.00 17.09
N ILE E 317 54.92 -25.02 16.21
CA ILE E 317 54.64 -25.00 14.76
C ILE E 317 55.15 -26.30 14.18
N TYR E 318 54.23 -27.15 13.76
CA TYR E 318 54.59 -28.38 13.06
C TYR E 318 54.98 -28.07 11.62
N THR E 319 55.94 -28.81 11.12
CA THR E 319 56.35 -28.69 9.73
C THR E 319 57.17 -29.92 9.40
N LEU E 320 57.13 -30.35 8.13
CA LEU E 320 58.03 -31.40 7.71
C LEU E 320 59.46 -30.88 7.76
N GLU E 321 60.40 -31.79 8.05
CA GLU E 321 61.79 -31.40 8.18
C GLU E 321 62.26 -30.56 6.99
N LYS E 322 61.84 -30.91 5.77
CA LYS E 322 62.34 -30.20 4.60
C LYS E 322 61.85 -28.74 4.53
N ASN E 323 60.77 -28.41 5.23
CA ASN E 323 60.22 -27.05 5.21
C ASN E 323 60.57 -26.24 6.44
N MET E 324 61.27 -26.83 7.42
CA MET E 324 61.67 -26.05 8.58
C MET E 324 62.46 -24.80 8.22
N PRO E 325 63.35 -24.77 7.20
CA PRO E 325 64.01 -23.51 6.85
C PRO E 325 63.04 -22.38 6.53
N PHE E 326 61.91 -22.68 5.89
CA PHE E 326 60.91 -21.64 5.62
C PHE E 326 60.28 -21.15 6.90
N VAL E 327 59.96 -22.07 7.81
CA VAL E 327 59.30 -21.70 9.05
C VAL E 327 60.25 -20.91 9.93
N LEU E 328 61.47 -21.41 10.10
CA LEU E 328 62.45 -20.67 10.90
CA LEU E 328 62.48 -20.69 10.89
C LEU E 328 62.74 -19.30 10.30
N GLY E 329 62.84 -19.22 8.96
CA GLY E 329 63.10 -17.94 8.32
C GLY E 329 61.97 -16.94 8.55
N ALA E 330 60.72 -17.39 8.46
CA ALA E 330 59.59 -16.49 8.65
C ALA E 330 59.51 -15.99 10.08
N ILE E 331 59.73 -16.89 11.05
CA ILE E 331 59.66 -16.47 12.45
C ILE E 331 60.82 -15.53 12.76
N LYS E 332 62.03 -15.85 12.32
CA LYS E 332 63.13 -14.97 12.66
C LYS E 332 63.04 -13.63 11.93
N ARG E 333 62.35 -13.58 10.79
CA ARG E 333 62.15 -12.33 10.09
CA ARG E 333 62.15 -12.33 10.09
C ARG E 333 61.32 -11.35 10.92
N PHE E 334 60.28 -11.84 11.58
CA PHE E 334 59.35 -10.92 12.26
C PHE E 334 59.53 -10.87 13.76
N PHE E 335 60.19 -11.87 14.36
CA PHE E 335 60.26 -11.97 15.81
C PHE E 335 61.69 -12.26 16.26
N PRO E 336 62.58 -11.26 16.20
CA PRO E 336 63.96 -11.50 16.64
C PRO E 336 64.00 -11.98 18.08
N THR E 337 64.83 -13.00 18.34
CA THR E 337 64.81 -13.68 19.64
C THR E 337 65.85 -13.13 20.60
N SER E 338 65.67 -13.49 21.89
CA SER E 338 66.54 -13.02 22.96
C SER E 338 67.86 -13.77 22.98
N GLU E 339 68.88 -13.09 23.51
CA GLU E 339 70.20 -13.68 23.68
C GLU E 339 70.19 -14.88 24.63
N GLU E 340 69.32 -14.84 25.65
CA GLU E 340 69.29 -15.87 26.68
C GLU E 340 68.85 -17.25 26.16
N PHE E 341 68.30 -17.33 24.95
CA PHE E 341 67.92 -18.62 24.36
C PHE E 341 68.81 -18.99 23.19
N THR E 347 71.39 -22.58 12.34
CA THR E 347 70.33 -23.28 11.62
C THR E 347 70.01 -22.56 10.31
N GLY E 348 69.94 -23.31 9.21
CA GLY E 348 69.68 -22.71 7.92
C GLY E 348 68.26 -22.17 7.84
N VAL E 349 68.12 -21.00 7.21
CA VAL E 349 66.82 -20.37 7.00
C VAL E 349 66.69 -20.00 5.54
N ARG E 350 65.43 -19.97 5.07
CA ARG E 350 65.12 -19.51 3.74
C ARG E 350 64.36 -18.19 3.83
N ASP E 351 64.53 -17.36 2.81
CA ASP E 351 63.75 -16.14 2.70
C ASP E 351 62.27 -16.47 2.63
N LEU E 352 61.46 -15.44 2.87
CA LEU E 352 60.02 -15.56 2.71
C LEU E 352 59.70 -15.95 1.27
N PRO E 353 58.71 -16.81 1.06
CA PRO E 353 58.27 -17.12 -0.31
C PRO E 353 57.88 -15.83 -1.04
N GLU E 354 58.12 -15.83 -2.35
CA GLU E 354 57.72 -14.68 -3.16
C GLU E 354 56.22 -14.45 -3.02
N GLY E 355 55.83 -13.20 -2.87
CA GLY E 355 54.44 -12.85 -2.69
C GLY E 355 53.99 -12.79 -1.24
N PHE E 356 54.82 -13.19 -0.29
CA PHE E 356 54.47 -13.02 1.11
C PHE E 356 54.17 -11.56 1.39
N ASN E 357 53.01 -11.31 1.99
CA ASN E 357 52.56 -9.95 2.26
C ASN E 357 53.01 -9.57 3.66
N THR E 358 54.04 -8.72 3.76
CA THR E 358 54.55 -8.38 5.08
C THR E 358 53.57 -7.52 5.87
N GLY E 359 52.49 -7.05 5.22
CA GLY E 359 51.45 -6.29 5.89
C GLY E 359 50.70 -7.08 6.95
N VAL E 360 50.80 -8.41 6.92
CA VAL E 360 50.09 -9.19 7.93
C VAL E 360 50.70 -9.04 9.31
N VAL E 361 51.88 -8.44 9.39
CA VAL E 361 52.56 -8.13 10.64
C VAL E 361 52.69 -6.62 10.76
N ARG E 362 52.64 -6.15 12.02
CA ARG E 362 52.90 -4.74 12.28
C ARG E 362 54.19 -4.30 11.58
N GLU E 363 54.19 -3.04 11.13
CA GLU E 363 55.34 -2.50 10.41
C GLU E 363 56.61 -2.64 11.24
N GLY E 364 57.66 -3.15 10.60
CA GLY E 364 58.94 -3.32 11.25
C GLY E 364 59.05 -4.55 12.11
N GLY E 365 57.98 -5.32 12.25
CA GLY E 365 58.00 -6.51 13.08
C GLY E 365 57.99 -6.17 14.56
N TRP E 366 58.35 -7.16 15.36
CA TRP E 366 58.25 -7.10 16.81
C TRP E 366 59.60 -6.82 17.45
N GLU E 367 59.56 -6.28 18.67
CA GLU E 367 60.79 -5.99 19.39
CA GLU E 367 60.80 -5.99 19.38
C GLU E 367 61.56 -7.28 19.69
N LYS E 368 62.88 -7.14 19.80
CA LYS E 368 63.71 -8.29 20.16
C LYS E 368 63.29 -8.83 21.51
N GLY E 369 63.02 -10.14 21.57
CA GLY E 369 62.61 -10.80 22.79
C GLY E 369 61.12 -10.94 22.99
N ALA E 370 60.29 -10.31 22.13
CA ALA E 370 58.85 -10.59 22.14
C ALA E 370 58.61 -12.08 22.00
N VAL E 371 59.29 -12.71 21.06
CA VAL E 371 59.55 -14.14 21.12
C VAL E 371 60.91 -14.32 21.77
N LYS E 372 60.95 -15.04 22.89
CA LYS E 372 62.20 -15.14 23.64
C LYS E 372 63.18 -16.09 22.96
N GLY E 373 62.68 -17.16 22.37
CA GLY E 373 63.60 -18.16 21.83
C GLY E 373 62.83 -19.26 21.13
N LEU E 374 63.60 -20.08 20.42
CA LEU E 374 63.06 -21.11 19.55
C LEU E 374 63.72 -22.44 19.91
N ILE E 375 62.91 -23.50 19.96
CA ILE E 375 63.41 -24.86 20.16
C ILE E 375 63.00 -25.71 18.98
N HIS E 376 63.98 -26.24 18.25
CA HIS E 376 63.72 -27.10 17.09
C HIS E 376 63.77 -28.55 17.55
N THR E 377 62.63 -29.24 17.49
CA THR E 377 62.58 -30.65 17.84
C THR E 377 61.74 -31.40 16.81
N ARG E 378 61.39 -32.64 17.12
CA ARG E 378 60.79 -33.50 16.11
C ARG E 378 60.08 -34.64 16.81
N VAL E 379 59.33 -35.44 16.05
CA VAL E 379 58.61 -36.55 16.65
C VAL E 379 59.62 -37.55 17.18
N GLY E 380 59.36 -38.11 18.37
CA GLY E 380 60.33 -38.96 19.03
C GLY E 380 59.71 -40.26 19.54
N ASP E 381 60.56 -41.07 20.18
CA ASP E 381 60.12 -42.36 20.69
C ASP E 381 59.54 -42.21 22.10
N GLY E 382 59.11 -43.34 22.68
CA GLY E 382 58.54 -43.31 24.02
C GLY E 382 59.61 -43.28 25.09
N PRO E 383 59.21 -43.47 26.35
CA PRO E 383 60.17 -43.41 27.47
C PRO E 383 61.38 -44.32 27.27
N ARG E 384 62.51 -43.89 27.82
CA ARG E 384 63.79 -44.59 27.68
C ARG E 384 64.29 -45.02 29.03
N VAL E 385 64.68 -46.28 29.17
CA VAL E 385 65.35 -46.71 30.39
C VAL E 385 66.83 -46.41 30.24
N LEU E 386 67.40 -45.71 31.22
CA LEU E 386 68.74 -45.16 31.14
C LEU E 386 69.73 -46.03 31.93
N GLU E 387 70.98 -45.57 31.98
CA GLU E 387 72.08 -46.35 32.53
C GLU E 387 72.42 -45.87 33.93
N LYS E 388 73.24 -46.67 34.62
CA LYS E 388 73.67 -46.32 35.97
C LYS E 388 74.28 -44.93 36.02
N GLU E 389 75.04 -44.56 34.98
CA GLU E 389 75.71 -43.26 34.98
C GLU E 389 74.71 -42.11 34.96
N ASP E 390 73.48 -42.35 34.52
CA ASP E 390 72.46 -41.32 34.46
C ASP E 390 71.72 -41.15 35.79
N SER E 391 72.07 -41.89 36.83
CA SER E 391 71.32 -41.83 38.08
C SER E 391 71.35 -40.43 38.67
N LEU E 392 70.20 -40.01 39.21
CA LEU E 392 70.09 -38.75 39.92
C LEU E 392 70.34 -38.89 41.42
N LEU E 393 70.56 -40.11 41.93
CA LEU E 393 70.73 -40.35 43.35
C LEU E 393 72.17 -40.73 43.69
N GLY E 394 72.64 -40.25 44.85
CA GLY E 394 73.93 -40.66 45.38
C GLY E 394 73.83 -42.01 46.07
N GLU E 395 74.94 -42.39 46.71
CA GLU E 395 75.01 -43.73 47.30
C GLU E 395 74.01 -43.94 48.43
N ASN E 396 73.64 -42.88 49.15
CA ASN E 396 72.75 -42.99 50.30
C ASN E 396 71.29 -42.85 49.93
N GLY E 397 70.96 -42.73 48.65
CA GLY E 397 69.59 -42.51 48.25
C GLY E 397 69.12 -41.09 48.37
N VAL E 398 70.02 -40.12 48.57
CA VAL E 398 69.69 -38.70 48.53
C VAL E 398 70.14 -38.17 47.18
N PRO E 399 69.45 -37.21 46.57
CA PRO E 399 69.86 -36.75 45.23
C PRO E 399 71.30 -36.23 45.24
N LYS E 400 71.98 -36.45 44.11
CA LYS E 400 73.32 -35.88 43.92
C LYS E 400 73.28 -34.37 43.98
N VAL E 401 72.24 -33.75 43.43
CA VAL E 401 72.14 -32.30 43.33
C VAL E 401 70.95 -31.85 44.15
N LEU E 402 71.20 -31.02 45.15
CA LEU E 402 70.16 -30.49 46.01
C LEU E 402 70.08 -28.98 45.81
N ALA E 403 68.85 -28.46 45.83
CA ALA E 403 68.65 -27.02 45.76
C ALA E 403 69.14 -26.36 47.05
N MET F 9 -14.96 56.56 -58.14
CA MET F 9 -15.12 55.75 -56.93
C MET F 9 -14.23 54.50 -56.98
N VAL F 10 -13.09 54.57 -56.29
CA VAL F 10 -12.13 53.46 -56.25
C VAL F 10 -12.44 52.58 -55.04
N HIS F 11 -12.54 51.27 -55.27
CA HIS F 11 -12.78 50.29 -54.21
C HIS F 11 -11.52 49.45 -54.08
N GLU F 12 -10.74 49.72 -53.04
CA GLU F 12 -9.47 49.03 -52.86
C GLU F 12 -9.16 48.96 -51.37
N ALA F 13 -8.64 47.82 -50.93
CA ALA F 13 -8.27 47.65 -49.54
C ALA F 13 -6.91 46.94 -49.44
N THR F 14 -6.09 47.40 -48.51
CA THR F 14 -4.78 46.82 -48.26
C THR F 14 -4.74 46.39 -46.81
N ALA F 15 -4.36 45.14 -46.56
CA ALA F 15 -4.23 44.69 -45.19
C ALA F 15 -2.92 43.93 -45.03
N SER F 16 -2.38 43.97 -43.82
CA SER F 16 -1.26 43.11 -43.49
C SER F 16 -1.72 42.04 -42.50
N ALA F 17 -1.03 40.90 -42.52
CA ALA F 17 -1.32 39.83 -41.59
C ALA F 17 -0.03 39.34 -40.95
N PRO F 18 -0.09 38.87 -39.70
CA PRO F 18 1.12 38.43 -39.01
C PRO F 18 1.48 36.98 -39.30
N VAL F 19 2.73 36.65 -39.05
CA VAL F 19 3.11 35.25 -38.92
C VAL F 19 2.78 34.78 -37.51
N ASN F 20 2.75 33.46 -37.35
CA ASN F 20 2.52 32.91 -36.02
C ASN F 20 3.43 31.68 -35.85
N ILE F 21 3.76 31.38 -34.61
CA ILE F 21 4.61 30.24 -34.28
C ILE F 21 3.82 29.30 -33.38
N ALA F 22 3.68 28.04 -33.82
CA ALA F 22 2.92 27.06 -33.04
C ALA F 22 3.66 26.61 -31.80
N CYS F 23 2.99 26.72 -30.64
CA CYS F 23 3.46 26.04 -29.44
C CYS F 23 2.97 24.59 -29.40
N ILE F 24 1.70 24.37 -29.69
CA ILE F 24 1.14 23.03 -29.86
C ILE F 24 1.03 22.83 -31.36
N LYS F 25 1.76 21.84 -31.89
CA LYS F 25 2.01 21.79 -33.33
C LYS F 25 0.86 21.16 -34.12
N TYR F 26 0.56 21.79 -35.26
CA TYR F 26 -0.20 21.18 -36.33
C TYR F 26 0.74 20.36 -37.21
N TRP F 27 0.44 19.07 -37.34
CA TRP F 27 1.20 18.17 -38.20
C TRP F 27 0.31 16.96 -38.46
N GLY F 28 -0.37 16.95 -39.62
CA GLY F 28 -1.21 15.85 -40.07
C GLY F 28 -2.62 16.35 -40.33
N LYS F 29 -3.16 15.96 -41.48
CA LYS F 29 -4.55 16.21 -41.83
C LYS F 29 -5.38 14.93 -41.77
N ARG F 30 -6.58 15.05 -41.21
CA ARG F 30 -7.56 13.98 -41.28
C ARG F 30 -8.43 14.07 -42.52
N ASP F 31 -8.47 15.24 -43.16
CA ASP F 31 -9.21 15.44 -44.39
C ASP F 31 -8.38 16.40 -45.23
N THR F 32 -7.80 15.90 -46.32
CA THR F 32 -6.92 16.74 -47.13
C THR F 32 -7.68 17.64 -48.09
N ARG F 33 -8.96 17.39 -48.34
CA ARG F 33 -9.69 18.28 -49.23
CA ARG F 33 -9.72 18.27 -49.23
C ARG F 33 -10.13 19.55 -48.51
N LEU F 34 -10.65 19.41 -47.28
CA LEU F 34 -11.10 20.56 -46.50
C LEU F 34 -10.02 21.10 -45.57
N ILE F 35 -8.87 20.43 -45.53
CA ILE F 35 -7.78 20.73 -44.60
C ILE F 35 -8.33 20.74 -43.17
N LEU F 36 -8.85 19.58 -42.74
CA LEU F 36 -9.14 19.42 -41.32
C LEU F 36 -7.98 18.67 -40.68
N PRO F 37 -7.52 19.13 -39.51
CA PRO F 37 -6.29 18.57 -38.92
C PRO F 37 -6.59 17.32 -38.10
N THR F 38 -5.53 16.52 -37.87
CA THR F 38 -5.66 15.37 -36.97
C THR F 38 -5.73 15.78 -35.52
N ASN F 39 -5.38 17.03 -35.19
CA ASN F 39 -5.41 17.49 -33.81
C ASN F 39 -5.48 19.00 -33.80
N SER F 40 -5.86 19.56 -32.65
CA SER F 40 -5.87 21.00 -32.51
C SER F 40 -4.45 21.52 -32.39
N SER F 41 -4.29 22.84 -32.56
CA SER F 41 -2.97 23.45 -32.46
C SER F 41 -3.14 24.82 -31.81
N LEU F 42 -2.03 25.40 -31.34
CA LEU F 42 -2.12 26.67 -30.64
C LEU F 42 -0.82 27.41 -30.90
N SER F 43 -0.91 28.70 -31.21
CA SER F 43 0.25 29.48 -31.60
C SER F 43 0.26 30.85 -30.92
N VAL F 44 1.43 31.48 -30.93
CA VAL F 44 1.59 32.89 -30.55
C VAL F 44 1.70 33.70 -31.83
N THR F 45 0.87 34.72 -31.97
CA THR F 45 1.00 35.64 -33.10
C THR F 45 2.17 36.60 -32.86
N LEU F 46 3.00 36.81 -33.88
CA LEU F 46 4.14 37.71 -33.76
C LEU F 46 3.80 39.10 -34.29
N ASP F 47 4.56 40.09 -33.83
CA ASP F 47 4.33 41.51 -34.11
C ASP F 47 4.61 41.83 -35.57
N GLN F 48 3.62 42.42 -36.26
CA GLN F 48 3.76 42.91 -37.62
C GLN F 48 4.64 44.16 -37.71
N ASP F 49 4.99 44.79 -36.59
CA ASP F 49 6.05 45.78 -36.63
C ASP F 49 7.35 45.17 -37.15
N HIS F 50 7.47 43.85 -37.12
CA HIS F 50 8.71 43.16 -37.46
C HIS F 50 8.57 42.28 -38.71
N LEU F 51 7.52 41.47 -38.78
CA LEU F 51 7.33 40.52 -39.87
C LEU F 51 5.87 40.57 -40.30
N ARG F 52 5.62 40.63 -41.61
CA ARG F 52 4.24 40.75 -42.06
CA ARG F 52 4.24 40.80 -42.07
C ARG F 52 4.14 40.41 -43.55
N SER F 53 2.99 39.86 -43.92
CA SER F 53 2.59 39.73 -45.33
C SER F 53 1.54 40.81 -45.58
N THR F 54 1.59 41.44 -46.75
CA THR F 54 0.66 42.50 -47.11
C THR F 54 -0.05 42.15 -48.41
N THR F 55 -1.34 42.44 -48.50
CA THR F 55 -2.12 42.22 -49.71
C THR F 55 -3.01 43.41 -50.00
N THR F 56 -2.99 43.87 -51.25
CA THR F 56 -3.92 44.86 -51.74
C THR F 56 -4.90 44.20 -52.70
N SER F 57 -6.19 44.49 -52.52
CA SER F 57 -7.26 43.97 -53.37
CA SER F 57 -7.25 43.97 -53.38
C SER F 57 -8.10 45.13 -53.88
N ARG F 58 -8.37 45.16 -55.18
CA ARG F 58 -9.20 46.20 -55.79
C ARG F 58 -10.19 45.58 -56.76
N ALA F 59 -11.44 46.03 -56.70
CA ALA F 59 -12.48 45.59 -57.63
C ALA F 59 -12.97 46.78 -58.43
N ASP F 60 -13.07 46.60 -59.75
CA ASP F 60 -13.49 47.67 -60.64
C ASP F 60 -14.29 47.08 -61.78
N ALA F 61 -15.50 47.62 -62.00
CA ALA F 61 -16.35 47.13 -63.08
C ALA F 61 -15.67 47.25 -64.43
N SER F 62 -14.76 48.21 -64.59
CA SER F 62 -14.11 48.49 -65.88
C SER F 62 -12.83 47.68 -66.11
N PHE F 63 -12.50 46.75 -65.21
CA PHE F 63 -11.39 45.85 -65.43
C PHE F 63 -11.74 44.85 -66.53
N GLU F 64 -10.71 44.38 -67.24
CA GLU F 64 -10.93 43.29 -68.18
C GLU F 64 -11.39 42.06 -67.42
N ALA F 65 -12.26 41.27 -68.05
CA ALA F 65 -12.86 40.13 -67.37
C ALA F 65 -11.78 39.20 -66.83
N GLY F 66 -11.99 38.73 -65.61
CA GLY F 66 -11.08 37.77 -65.00
C GLY F 66 -10.27 38.37 -63.86
N ASP F 67 -10.16 37.62 -62.77
CA ASP F 67 -9.30 38.05 -61.68
C ASP F 67 -7.84 37.86 -62.05
N ARG F 68 -6.97 38.69 -61.48
CA ARG F 68 -5.54 38.55 -61.67
C ARG F 68 -4.84 38.76 -60.34
N LEU F 69 -3.75 38.02 -60.13
CA LEU F 69 -3.04 38.04 -58.86
C LEU F 69 -1.54 38.16 -59.11
N TRP F 70 -0.87 38.94 -58.27
CA TRP F 70 0.57 39.06 -58.27
C TRP F 70 1.09 38.73 -56.88
N LEU F 71 2.16 37.93 -56.83
CA LEU F 71 2.84 37.61 -55.59
CA LEU F 71 2.84 37.60 -55.59
C LEU F 71 4.31 37.95 -55.75
N ASN F 72 4.81 38.85 -54.89
CA ASN F 72 6.21 39.29 -54.96
C ASN F 72 6.55 39.85 -56.33
N GLY F 73 5.58 40.51 -56.97
CA GLY F 73 5.81 41.20 -58.22
C GLY F 73 5.66 40.35 -59.47
N ARG F 74 5.40 39.05 -59.34
CA ARG F 74 5.22 38.17 -60.49
C ARG F 74 3.77 37.68 -60.53
N GLU F 75 3.15 37.74 -61.70
CA GLU F 75 1.78 37.28 -61.83
C GLU F 75 1.73 35.75 -61.72
N GLU F 76 0.69 35.26 -61.05
CA GLU F 76 0.45 33.83 -60.91
C GLU F 76 -1.01 33.57 -61.22
N ALA F 77 -1.27 32.39 -61.77
CA ALA F 77 -2.61 32.04 -62.21
C ALA F 77 -3.45 31.58 -61.03
N ILE F 78 -4.75 31.76 -61.16
CA ILE F 78 -5.71 31.34 -60.15
C ILE F 78 -6.52 30.19 -60.76
N LYS F 79 -6.04 28.97 -60.58
CA LYS F 79 -6.68 27.83 -61.23
C LYS F 79 -8.08 27.64 -60.67
N GLU F 80 -9.07 27.50 -61.55
CA GLU F 80 -10.44 27.26 -61.11
C GLU F 80 -10.48 26.01 -60.25
N GLY F 81 -11.15 26.10 -59.10
CA GLY F 81 -11.19 25.00 -58.17
C GLY F 81 -10.01 24.89 -57.24
N GLY F 82 -8.95 25.66 -57.45
CA GLY F 82 -7.81 25.66 -56.57
C GLY F 82 -8.07 26.40 -55.27
N ARG F 83 -7.05 26.41 -54.41
CA ARG F 83 -7.19 26.96 -53.06
C ARG F 83 -7.50 28.45 -53.09
N LEU F 84 -6.74 29.21 -53.87
CA LEU F 84 -7.00 30.65 -53.97
C LEU F 84 -8.35 30.92 -54.58
N ALA F 85 -8.67 30.22 -55.68
CA ALA F 85 -9.93 30.46 -56.38
C ALA F 85 -11.13 30.18 -55.48
N VAL F 86 -11.07 29.11 -54.71
CA VAL F 86 -12.16 28.78 -53.80
C VAL F 86 -12.28 29.83 -52.69
N CYS F 87 -11.15 30.32 -52.21
CA CYS F 87 -11.15 31.34 -51.16
C CYS F 87 -11.83 32.62 -51.66
N ILE F 88 -11.42 33.08 -52.84
CA ILE F 88 -12.05 34.23 -53.47
C ILE F 88 -13.53 33.97 -53.72
N LYS F 89 -13.84 32.78 -54.23
CA LYS F 89 -15.23 32.40 -54.51
C LYS F 89 -16.08 32.53 -53.25
N GLU F 90 -15.61 31.96 -52.13
CA GLU F 90 -16.37 31.99 -50.89
C GLU F 90 -16.57 33.42 -50.39
N LEU F 91 -15.54 34.28 -50.52
CA LEU F 91 -15.66 35.65 -50.05
C LEU F 91 -16.54 36.49 -50.97
N ARG F 92 -16.50 36.23 -52.27
CA ARG F 92 -17.43 36.87 -53.19
C ARG F 92 -18.86 36.51 -52.86
N ALA F 93 -19.11 35.25 -52.50
CA ALA F 93 -20.45 34.84 -52.11
C ALA F 93 -20.94 35.64 -50.92
N TRP F 94 -20.08 35.85 -49.93
CA TRP F 94 -20.48 36.61 -48.75
C TRP F 94 -20.76 38.07 -49.10
N ARG F 95 -19.99 38.63 -50.03
CA ARG F 95 -20.30 39.97 -50.51
C ARG F 95 -21.65 39.99 -51.22
N LYS F 96 -21.86 39.06 -52.16
CA LYS F 96 -23.13 38.99 -52.88
C LYS F 96 -24.30 38.83 -51.93
N GLU F 97 -24.11 38.17 -50.78
CA GLU F 97 -25.15 38.14 -49.75
C GLU F 97 -25.55 39.55 -49.34
N MET F 98 -24.56 40.44 -49.15
CA MET F 98 -24.87 41.81 -48.75
C MET F 98 -25.60 42.56 -49.85
N GLU F 99 -25.24 42.30 -51.11
CA GLU F 99 -25.84 43.04 -52.22
C GLU F 99 -27.27 42.58 -52.47
N THR F 100 -27.58 41.32 -52.18
CA THR F 100 -28.97 40.87 -52.23
C THR F 100 -29.79 41.48 -51.10
N LYS F 101 -29.18 41.71 -49.94
CA LYS F 101 -29.89 42.35 -48.84
C LYS F 101 -30.07 43.85 -49.05
N ASP F 102 -29.30 44.46 -49.95
CA ASP F 102 -29.44 45.88 -50.22
C ASP F 102 -29.06 46.15 -51.68
N LYS F 103 -30.07 46.42 -52.51
CA LYS F 103 -29.78 46.72 -53.91
C LYS F 103 -29.09 48.06 -54.09
N ASN F 104 -29.10 48.93 -53.06
CA ASN F 104 -28.48 50.24 -53.18
C ASN F 104 -26.97 50.19 -53.00
N LEU F 105 -26.42 49.05 -52.54
CA LEU F 105 -24.97 48.85 -52.49
C LEU F 105 -24.42 48.61 -53.89
N PRO F 106 -23.23 49.12 -54.20
CA PRO F 106 -22.59 48.79 -55.47
C PRO F 106 -22.39 47.28 -55.59
N LYS F 107 -22.35 46.80 -56.83
CA LYS F 107 -22.25 45.36 -57.08
C LYS F 107 -20.78 44.91 -57.17
N LEU F 108 -20.08 45.07 -56.05
CA LEU F 108 -18.66 44.75 -56.01
C LEU F 108 -18.39 43.29 -56.35
N SER F 109 -19.27 42.39 -55.91
CA SER F 109 -19.04 40.97 -56.14
C SER F 109 -18.97 40.63 -57.63
N GLU F 110 -19.59 41.45 -58.47
CA GLU F 110 -19.61 41.18 -59.90
C GLU F 110 -18.37 41.66 -60.64
N TRP F 111 -17.53 42.45 -60.00
CA TRP F 111 -16.45 43.08 -60.74
C TRP F 111 -15.17 42.27 -60.64
N PRO F 112 -14.31 42.34 -61.65
CA PRO F 112 -13.03 41.63 -61.59
C PRO F 112 -12.12 42.19 -60.49
N LEU F 113 -11.22 41.34 -60.00
CA LEU F 113 -10.31 41.68 -58.92
C LEU F 113 -8.89 41.81 -59.44
N ARG F 114 -8.15 42.76 -58.87
CA ARG F 114 -6.70 42.85 -59.01
C ARG F 114 -6.09 42.76 -57.62
N ILE F 115 -5.22 41.77 -57.42
CA ILE F 115 -4.70 41.41 -56.10
C ILE F 115 -3.18 41.33 -56.18
N ALA F 116 -2.48 42.01 -55.28
CA ALA F 116 -1.03 41.97 -55.25
C ALA F 116 -0.53 41.76 -53.82
N SER F 117 0.45 40.87 -53.66
CA SER F 117 0.92 40.49 -52.33
C SER F 117 2.44 40.57 -52.25
N TYR F 118 2.94 40.75 -51.03
CA TYR F 118 4.37 40.84 -50.73
CA TYR F 118 4.36 40.57 -50.77
C TYR F 118 4.56 40.44 -49.26
N ASN F 119 5.78 40.08 -48.89
CA ASN F 119 6.10 39.99 -47.47
C ASN F 119 7.51 40.50 -47.26
N ASN F 120 7.83 40.80 -46.00
CA ASN F 120 9.11 41.40 -45.67
C ASN F 120 10.05 40.41 -44.98
N PHE F 121 9.76 39.11 -45.05
CA PHE F 121 10.54 38.14 -44.30
C PHE F 121 11.98 38.09 -44.82
N PRO F 122 12.96 37.97 -43.94
CA PRO F 122 14.37 38.00 -44.37
C PRO F 122 14.67 36.93 -45.41
N THR F 123 15.35 37.35 -46.48
CA THR F 123 15.84 36.40 -47.47
C THR F 123 16.82 35.44 -46.82
N ALA F 124 16.85 34.20 -47.33
CA ALA F 124 17.74 33.15 -46.84
C ALA F 124 17.59 32.90 -45.33
N ALA F 125 16.45 33.25 -44.76
CA ALA F 125 16.22 32.94 -43.35
C ALA F 125 15.50 31.62 -43.17
N GLY F 126 14.71 31.20 -44.15
CA GLY F 126 13.91 30.00 -44.01
C GLY F 126 12.62 30.19 -43.24
N LEU F 127 12.12 31.41 -43.15
CA LEU F 127 10.79 31.64 -42.58
C LEU F 127 9.70 31.28 -43.59
N ALA F 128 8.64 30.64 -43.11
CA ALA F 128 7.54 30.21 -43.96
C ALA F 128 6.51 31.33 -44.14
N SER F 129 5.89 31.38 -45.33
CA SER F 129 5.16 32.58 -45.76
C SER F 129 3.77 32.36 -46.34
N SER F 130 3.38 31.14 -46.70
CA SER F 130 2.10 30.95 -47.39
C SER F 130 0.92 31.17 -46.45
N ALA F 131 1.10 30.90 -45.16
CA ALA F 131 0.01 31.01 -44.19
C ALA F 131 -0.34 32.47 -43.91
N SER F 132 0.62 33.28 -43.48
CA SER F 132 0.34 34.71 -43.33
C SER F 132 -0.06 35.34 -44.65
N GLY F 133 0.41 34.79 -45.77
CA GLY F 133 0.05 35.36 -47.06
C GLY F 133 -1.43 35.23 -47.34
N LEU F 134 -1.99 34.05 -47.11
CA LEU F 134 -3.42 33.87 -47.33
C LEU F 134 -4.23 34.60 -46.28
N ALA F 135 -3.73 34.66 -45.05
CA ALA F 135 -4.41 35.44 -44.03
C ALA F 135 -4.58 36.89 -44.49
N ALA F 136 -3.51 37.48 -45.02
CA ALA F 136 -3.57 38.86 -45.49
C ALA F 136 -4.55 39.01 -46.65
N LEU F 137 -4.59 38.02 -47.54
CA LEU F 137 -5.55 38.03 -48.64
C LEU F 137 -6.98 38.03 -48.10
N VAL F 138 -7.27 37.20 -47.10
CA VAL F 138 -8.62 37.14 -46.56
C VAL F 138 -8.98 38.46 -45.88
N ALA F 139 -8.06 39.00 -45.08
CA ALA F 139 -8.30 40.28 -44.43
C ALA F 139 -8.51 41.39 -45.45
N SER F 140 -7.70 41.40 -46.50
CA SER F 140 -7.81 42.41 -47.56
C SER F 140 -9.18 42.36 -48.21
N LEU F 141 -9.60 41.17 -48.67
CA LEU F 141 -10.87 41.06 -49.37
C LEU F 141 -12.05 41.32 -48.44
N ALA F 142 -11.94 40.88 -47.17
CA ALA F 142 -13.00 41.19 -46.21
C ALA F 142 -13.18 42.68 -46.04
N SER F 143 -12.07 43.42 -46.05
CA SER F 143 -12.15 44.87 -45.94
C SER F 143 -12.66 45.50 -47.23
N LEU F 144 -12.16 45.02 -48.38
CA LEU F 144 -12.64 45.50 -49.67
C LEU F 144 -14.16 45.38 -49.77
N TYR F 145 -14.68 44.20 -49.41
CA TYR F 145 -16.11 43.95 -49.47
C TYR F 145 -16.87 44.44 -48.24
N SER F 146 -16.17 44.95 -47.22
CA SER F 146 -16.83 45.35 -45.97
C SER F 146 -17.67 44.20 -45.41
N LEU F 147 -17.12 42.99 -45.47
CA LEU F 147 -17.83 41.81 -45.01
C LEU F 147 -18.11 41.93 -43.51
N PRO F 148 -19.30 41.57 -43.05
CA PRO F 148 -19.59 41.62 -41.61
C PRO F 148 -19.13 40.41 -40.83
N GLN F 149 -18.55 39.41 -41.50
CA GLN F 149 -18.19 38.16 -40.84
C GLN F 149 -17.10 38.34 -39.79
N SER F 150 -17.23 37.61 -38.69
CA SER F 150 -16.25 37.69 -37.62
C SER F 150 -14.92 37.11 -38.06
N PRO F 151 -13.83 37.46 -37.38
CA PRO F 151 -12.56 36.77 -37.66
C PRO F 151 -12.67 35.25 -37.56
N SER F 152 -13.49 34.75 -36.63
CA SER F 152 -13.70 33.31 -36.53
C SER F 152 -14.30 32.74 -37.81
N GLN F 153 -15.35 33.38 -38.33
CA GLN F 153 -15.96 32.92 -39.56
CA GLN F 153 -15.96 32.89 -39.56
C GLN F 153 -14.98 33.02 -40.72
N LEU F 154 -14.25 34.15 -40.81
CA LEU F 154 -13.24 34.29 -41.85
C LEU F 154 -12.19 33.21 -41.75
N SER F 155 -11.91 32.73 -40.54
CA SER F 155 -10.85 31.73 -40.41
C SER F 155 -11.22 30.41 -41.06
N LEU F 156 -12.51 30.10 -41.19
CA LEU F 156 -12.92 28.91 -41.95
CA LEU F 156 -12.89 28.90 -41.94
C LEU F 156 -12.43 28.99 -43.39
N VAL F 157 -12.57 30.17 -44.01
CA VAL F 157 -12.09 30.34 -45.38
C VAL F 157 -10.57 30.22 -45.42
N ALA F 158 -9.87 30.83 -44.46
CA ALA F 158 -8.41 30.73 -44.40
C ALA F 158 -7.96 29.30 -44.15
N ARG F 159 -8.68 28.57 -43.30
CA ARG F 159 -8.29 27.18 -43.03
C ARG F 159 -8.36 26.36 -44.31
N GLN F 160 -9.48 26.48 -45.02
CA GLN F 160 -9.68 25.71 -46.24
C GLN F 160 -8.68 26.12 -47.30
N GLY F 161 -8.28 27.38 -47.30
CA GLY F 161 -7.33 27.86 -48.28
C GLY F 161 -5.91 27.45 -47.96
N SER F 162 -5.52 27.51 -46.68
CA SER F 162 -4.11 27.31 -46.35
C SER F 162 -3.87 26.95 -44.88
N GLY F 163 -4.75 26.15 -44.29
CA GLY F 163 -4.43 25.50 -43.03
C GLY F 163 -4.20 26.47 -41.88
N SER F 164 -2.98 26.49 -41.35
CA SER F 164 -2.66 27.31 -40.19
C SER F 164 -2.76 28.81 -40.47
N ALA F 165 -2.97 29.23 -41.72
CA ALA F 165 -3.36 30.60 -42.00
C ALA F 165 -4.50 31.05 -41.10
N CYS F 166 -5.36 30.11 -40.69
CA CYS F 166 -6.51 30.48 -39.88
C CYS F 166 -6.07 31.09 -38.56
N ARG F 167 -4.92 30.66 -38.02
CA ARG F 167 -4.51 31.18 -36.72
C ARG F 167 -3.96 32.61 -36.81
N SER F 168 -3.63 33.07 -38.02
CA SER F 168 -3.13 34.42 -38.24
C SER F 168 -4.23 35.45 -38.39
N LEU F 169 -5.49 35.05 -38.28
CA LEU F 169 -6.60 35.99 -38.27
C LEU F 169 -6.86 36.58 -36.90
N PHE F 170 -6.09 36.19 -35.90
CA PHE F 170 -6.19 36.67 -34.53
C PHE F 170 -4.81 37.08 -34.02
N GLY F 171 -4.80 38.09 -33.14
CA GLY F 171 -3.60 38.42 -32.40
C GLY F 171 -3.48 37.61 -31.11
N GLY F 172 -2.33 37.73 -30.47
CA GLY F 172 -2.16 37.09 -29.16
C GLY F 172 -1.93 35.59 -29.25
N PHE F 173 -2.69 34.83 -28.45
CA PHE F 173 -2.54 33.39 -28.29
C PHE F 173 -3.77 32.72 -28.90
N VAL F 174 -3.56 31.87 -29.90
CA VAL F 174 -4.62 31.50 -30.85
C VAL F 174 -4.66 29.98 -31.03
N ALA F 175 -5.85 29.40 -30.87
CA ALA F 175 -6.04 27.97 -31.10
C ALA F 175 -6.63 27.75 -32.49
N TRP F 176 -6.21 26.67 -33.15
CA TRP F 176 -6.96 26.13 -34.27
C TRP F 176 -7.67 24.89 -33.73
N ARG F 177 -8.98 24.97 -33.60
CA ARG F 177 -9.76 23.87 -33.06
C ARG F 177 -9.94 22.80 -34.14
N GLU F 178 -9.61 21.55 -33.80
CA GLU F 178 -9.70 20.50 -34.79
C GLU F 178 -11.13 20.32 -35.28
N GLY F 179 -12.11 20.49 -34.38
CA GLY F 179 -13.51 20.30 -34.69
C GLY F 179 -13.89 18.84 -34.82
N THR F 180 -15.20 18.55 -34.81
CA THR F 180 -15.68 17.21 -35.09
C THR F 180 -16.65 17.14 -36.27
N ASP F 181 -17.07 18.27 -36.82
CA ASP F 181 -17.97 18.24 -37.98
C ASP F 181 -17.21 17.74 -39.20
N PRO F 182 -17.61 16.63 -39.82
CA PRO F 182 -16.91 16.20 -41.05
C PRO F 182 -16.98 17.22 -42.17
N ALA F 183 -17.96 18.12 -42.15
CA ALA F 183 -18.05 19.20 -43.14
C ALA F 183 -17.15 20.39 -42.79
N GLY F 184 -16.59 20.41 -41.58
CA GLY F 184 -15.56 21.38 -41.23
C GLY F 184 -16.04 22.68 -40.64
N SER F 185 -17.32 22.78 -40.28
CA SER F 185 -17.86 24.07 -39.82
C SER F 185 -17.30 24.50 -38.48
N ASP F 186 -16.78 23.56 -37.68
CA ASP F 186 -16.23 23.89 -36.37
C ASP F 186 -14.71 23.77 -36.33
N SER F 187 -14.06 23.58 -37.49
CA SER F 187 -12.60 23.58 -37.52
C SER F 187 -12.17 25.00 -37.87
N LEU F 188 -11.90 25.81 -36.84
CA LEU F 188 -11.59 27.21 -37.09
C LEU F 188 -10.67 27.73 -35.99
N ALA F 189 -10.24 28.98 -36.15
CA ALA F 189 -9.39 29.61 -35.15
C ALA F 189 -10.23 30.32 -34.11
N GLU F 190 -9.63 30.48 -32.93
CA GLU F 190 -10.31 31.02 -31.76
C GLU F 190 -9.25 31.67 -30.90
N GLU F 191 -9.55 32.85 -30.38
CA GLU F 191 -8.62 33.50 -29.47
C GLU F 191 -8.58 32.80 -28.11
N VAL F 192 -7.40 32.39 -27.67
CA VAL F 192 -7.24 31.90 -26.30
C VAL F 192 -6.98 33.05 -25.33
N ALA F 193 -6.13 34.01 -25.74
CA ALA F 193 -5.97 35.25 -24.98
C ALA F 193 -5.47 36.32 -25.92
N PRO F 194 -5.90 37.57 -25.77
CA PRO F 194 -5.43 38.63 -26.69
C PRO F 194 -4.02 39.06 -26.32
N ARG F 195 -3.41 39.81 -27.25
CA ARG F 195 -2.04 40.31 -27.05
C ARG F 195 -1.91 41.05 -25.74
N GLU F 196 -2.89 41.89 -25.41
CA GLU F 196 -2.80 42.73 -24.23
CA GLU F 196 -2.85 42.74 -24.22
C GLU F 196 -2.85 41.94 -22.93
N HIS F 197 -3.18 40.65 -22.99
CA HIS F 197 -3.18 39.85 -21.77
C HIS F 197 -1.76 39.52 -21.33
N TRP F 198 -0.83 39.38 -22.27
CA TRP F 198 0.51 38.95 -21.91
C TRP F 198 1.50 39.57 -22.89
N PRO F 199 1.57 40.90 -22.94
CA PRO F 199 2.38 41.54 -23.99
C PRO F 199 3.87 41.37 -23.78
N GLU F 200 4.29 41.00 -22.57
CA GLU F 200 5.69 40.74 -22.28
C GLU F 200 6.23 39.47 -22.94
N MET F 201 5.39 38.68 -23.61
CA MET F 201 5.88 37.45 -24.25
C MET F 201 6.69 37.80 -25.50
N HIS F 202 8.00 37.58 -25.44
CA HIS F 202 8.90 37.85 -26.54
C HIS F 202 9.40 36.54 -27.12
N ALA F 203 9.99 36.64 -28.31
CA ALA F 203 10.46 35.49 -29.07
C ALA F 203 11.74 35.86 -29.78
N LEU F 204 12.75 34.99 -29.69
CA LEU F 204 14.01 35.18 -30.39
C LEU F 204 14.09 34.10 -31.47
N ILE F 205 14.06 34.51 -32.74
CA ILE F 205 14.24 33.57 -33.85
C ILE F 205 15.73 33.44 -34.12
N CYS F 206 16.23 32.20 -34.07
CA CYS F 206 17.66 31.93 -34.29
C CYS F 206 17.75 31.25 -35.65
N VAL F 207 18.24 31.99 -36.65
CA VAL F 207 18.39 31.45 -38.00
C VAL F 207 19.63 30.56 -38.04
N VAL F 208 19.44 29.26 -38.33
CA VAL F 208 20.48 28.26 -38.18
C VAL F 208 20.99 27.85 -39.56
N SER F 209 22.31 27.74 -39.67
CA SER F 209 22.94 27.22 -40.88
C SER F 209 22.48 25.80 -41.16
N ASP F 210 22.16 25.51 -42.42
CA ASP F 210 21.59 24.21 -42.80
C ASP F 210 22.37 23.63 -43.97
N ALA F 211 23.64 24.00 -44.08
CA ALA F 211 24.42 23.78 -45.30
C ALA F 211 24.75 22.30 -45.50
N LYS F 212 24.94 21.55 -44.43
CA LYS F 212 25.46 20.19 -44.52
C LYS F 212 24.39 19.14 -44.83
N LYS F 213 23.11 19.52 -44.82
CA LYS F 213 22.07 18.59 -45.26
C LYS F 213 21.95 18.62 -46.77
N GLY F 214 21.40 17.54 -47.32
CA GLY F 214 21.16 17.49 -48.75
C GLY F 214 19.77 17.97 -49.07
N THR F 215 19.08 17.26 -49.97
CA THR F 215 17.74 17.63 -50.40
C THR F 215 16.81 16.42 -50.32
N GLY F 220 4.79 15.57 -46.95
CA GLY F 220 5.44 15.51 -45.65
C GLY F 220 4.54 15.02 -44.53
N MET F 221 3.69 15.92 -44.01
CA MET F 221 2.89 15.54 -42.86
C MET F 221 2.00 14.34 -43.16
N GLN F 222 1.55 14.18 -44.41
CA GLN F 222 0.66 13.03 -44.62
C GLN F 222 1.41 11.72 -44.60
N LYS F 223 2.72 11.73 -44.87
CA LYS F 223 3.49 10.51 -44.71
C LYS F 223 3.54 10.10 -43.24
N THR F 224 3.66 11.08 -42.36
CA THR F 224 3.59 10.82 -40.93
C THR F 224 2.25 10.19 -40.54
N VAL F 225 1.15 10.78 -41.01
CA VAL F 225 -0.17 10.20 -40.74
C VAL F 225 -0.23 8.75 -41.21
N GLU F 226 0.33 8.47 -42.38
CA GLU F 226 0.23 7.14 -42.98
CA GLU F 226 0.24 7.14 -42.99
C GLU F 226 1.11 6.11 -42.27
N THR F 227 2.28 6.52 -41.80
CA THR F 227 3.30 5.55 -41.41
C THR F 227 3.75 5.60 -39.96
N SER F 228 3.55 6.71 -39.24
CA SER F 228 4.08 6.76 -37.88
C SER F 228 3.10 6.13 -36.88
N THR F 229 3.50 5.03 -36.24
CA THR F 229 2.66 4.49 -35.18
C THR F 229 2.61 5.44 -33.99
N LEU F 230 3.73 6.10 -33.69
CA LEU F 230 3.78 6.94 -32.51
C LEU F 230 2.84 8.14 -32.66
N LEU F 231 2.57 8.58 -33.89
CA LEU F 231 1.64 9.70 -34.08
C LEU F 231 0.31 9.45 -33.38
N GLN F 232 -0.16 8.19 -33.37
CA GLN F 232 -1.45 7.91 -32.76
C GLN F 232 -1.45 8.22 -31.26
N GLU F 233 -0.31 8.01 -30.59
CA GLU F 233 -0.24 8.42 -29.18
C GLU F 233 -0.10 9.92 -29.06
N ARG F 234 0.61 10.56 -29.99
CA ARG F 234 0.64 12.01 -30.00
C ARG F 234 -0.77 12.59 -30.04
N LEU F 235 -1.66 11.99 -30.84
CA LEU F 235 -3.02 12.54 -30.93
C LEU F 235 -3.77 12.40 -29.61
N ARG F 236 -3.43 11.41 -28.79
CA ARG F 236 -4.06 11.25 -27.48
C ARG F 236 -3.55 12.29 -26.50
N VAL F 237 -2.30 12.71 -26.66
CA VAL F 237 -1.62 13.60 -25.73
C VAL F 237 -1.92 15.07 -26.01
N VAL F 238 -2.18 15.41 -27.27
CA VAL F 238 -2.31 16.83 -27.63
C VAL F 238 -3.48 17.50 -26.91
N PRO F 239 -4.67 16.89 -26.77
CA PRO F 239 -5.75 17.59 -26.06
C PRO F 239 -5.38 17.98 -24.63
N LYS F 240 -4.64 17.12 -23.92
CA LYS F 240 -4.19 17.45 -22.57
C LYS F 240 -3.26 18.66 -22.59
N ARG F 241 -2.36 18.69 -23.56
CA ARG F 241 -1.42 19.81 -23.67
C ARG F 241 -2.14 21.09 -24.07
N MET F 242 -3.12 20.99 -25.00
CA MET F 242 -3.94 22.17 -25.34
C MET F 242 -4.59 22.76 -24.11
N ASP F 243 -5.21 21.90 -23.29
CA ASP F 243 -5.89 22.39 -22.09
CA ASP F 243 -5.89 22.36 -22.09
C ASP F 243 -4.90 23.00 -21.11
N ALA F 244 -3.77 22.31 -20.86
CA ALA F 244 -2.80 22.80 -19.89
C ALA F 244 -2.13 24.09 -20.36
N ILE F 245 -1.81 24.20 -21.66
CA ILE F 245 -1.13 25.42 -22.09
C ILE F 245 -2.11 26.60 -22.12
N SER F 246 -3.39 26.35 -22.38
CA SER F 246 -4.35 27.43 -22.30
C SER F 246 -4.49 27.93 -20.87
N GLN F 247 -4.53 27.02 -19.91
CA GLN F 247 -4.57 27.44 -18.51
C GLN F 247 -3.30 28.20 -18.15
N ALA F 248 -2.13 27.77 -18.64
CA ALA F 248 -0.87 28.44 -18.33
C ALA F 248 -0.84 29.84 -18.90
N ILE F 249 -1.32 30.01 -20.12
CA ILE F 249 -1.40 31.34 -20.75
C ILE F 249 -2.34 32.24 -19.96
N LYS F 250 -3.54 31.75 -19.63
CA LYS F 250 -4.48 32.53 -18.83
C LYS F 250 -3.90 32.96 -17.49
N ALA F 251 -3.09 32.10 -16.86
CA ALA F 251 -2.47 32.39 -15.57
C ALA F 251 -1.15 33.15 -15.68
N ARG F 252 -0.65 33.34 -16.90
CA ARG F 252 0.69 33.89 -17.18
C ARG F 252 1.77 33.09 -16.46
N ASP F 253 1.59 31.78 -16.47
CA ASP F 253 2.50 30.83 -15.83
C ASP F 253 3.58 30.49 -16.85
N PHE F 254 4.67 31.25 -16.87
CA PHE F 254 5.62 31.06 -17.95
C PHE F 254 6.25 29.67 -17.88
N ALA F 255 6.60 29.21 -16.67
CA ALA F 255 7.28 27.90 -16.59
C ALA F 255 6.43 26.78 -17.17
N GLU F 256 5.11 26.77 -16.90
CA GLU F 256 4.29 25.72 -17.47
CA GLU F 256 4.29 25.72 -17.47
C GLU F 256 4.10 25.91 -18.97
N PHE F 257 3.87 27.15 -19.41
CA PHE F 257 3.83 27.43 -20.83
C PHE F 257 5.09 26.90 -21.54
N ALA F 258 6.25 27.14 -20.93
CA ALA F 258 7.52 26.75 -21.50
C ALA F 258 7.66 25.24 -21.56
N LYS F 259 7.38 24.55 -20.43
CA LYS F 259 7.51 23.09 -20.41
C LYS F 259 6.66 22.46 -21.51
N LEU F 260 5.42 22.93 -21.65
CA LEU F 260 4.51 22.38 -22.64
C LEU F 260 4.99 22.67 -24.06
N THR F 261 5.47 23.90 -24.31
CA THR F 261 6.02 24.24 -25.62
C THR F 261 7.19 23.32 -25.97
N MET F 262 8.12 23.13 -25.03
CA MET F 262 9.28 22.30 -25.37
C MET F 262 8.88 20.85 -25.56
N ALA F 263 8.00 20.34 -24.68
CA ALA F 263 7.54 18.96 -24.82
C ALA F 263 6.85 18.75 -26.16
N ASP F 264 5.99 19.70 -26.59
CA ASP F 264 5.30 19.43 -27.85
C ASP F 264 6.22 19.59 -29.04
N SER F 265 7.18 20.52 -29.00
CA SER F 265 8.15 20.62 -30.07
C SER F 265 8.88 19.29 -30.21
N ASN F 266 9.34 18.73 -29.09
CA ASN F 266 10.07 17.48 -29.20
C ASN F 266 9.17 16.33 -29.63
N SER F 267 7.90 16.35 -29.22
CA SER F 267 6.93 15.34 -29.66
C SER F 267 6.74 15.38 -31.17
N PHE F 268 6.64 16.58 -31.71
CA PHE F 268 6.52 16.74 -33.16
C PHE F 268 7.74 16.19 -33.89
N HIS F 269 8.95 16.55 -33.45
CA HIS F 269 10.11 16.06 -34.16
C HIS F 269 10.27 14.55 -34.00
N ALA F 270 9.81 14.02 -32.86
CA ALA F 270 9.79 12.56 -32.68
C ALA F 270 8.91 11.84 -33.70
N VAL F 271 7.69 12.34 -33.95
CA VAL F 271 6.85 11.62 -34.90
C VAL F 271 7.37 11.81 -36.31
N CYS F 272 8.08 12.91 -36.59
CA CYS F 272 8.79 13.02 -37.86
C CYS F 272 9.86 11.93 -37.98
N LEU F 273 10.60 11.70 -36.91
CA LEU F 273 11.64 10.67 -36.94
C LEU F 273 11.05 9.27 -37.12
N ASP F 274 9.85 9.05 -36.60
CA ASP F 274 9.16 7.76 -36.65
C ASP F 274 8.39 7.57 -37.94
N THR F 275 8.39 8.57 -38.82
CA THR F 275 7.83 8.43 -40.16
C THR F 275 8.73 7.50 -40.99
N ALA F 276 8.15 6.83 -41.99
CA ALA F 276 8.91 5.94 -42.87
C ALA F 276 8.70 6.40 -44.30
N PRO F 277 9.72 6.98 -44.96
CA PRO F 277 11.06 7.21 -44.43
C PRO F 277 11.08 8.36 -43.43
N PRO F 278 12.09 8.40 -42.56
CA PRO F 278 12.13 9.42 -41.52
C PRO F 278 12.32 10.84 -42.07
N ILE F 279 11.74 11.79 -41.33
CA ILE F 279 11.78 13.21 -41.64
C ILE F 279 12.67 13.87 -40.59
N PHE F 280 13.70 14.59 -41.04
CA PHE F 280 14.65 15.24 -40.14
C PHE F 280 14.65 16.74 -40.40
N TYR F 281 14.45 17.50 -39.32
CA TYR F 281 14.47 18.96 -39.37
C TYR F 281 15.52 19.54 -38.43
N LEU F 282 15.60 19.03 -37.20
CA LEU F 282 16.65 19.50 -36.28
C LEU F 282 18.00 19.07 -36.84
N ASN F 283 19.02 19.93 -36.68
CA ASN F 283 20.39 19.49 -36.99
C ASN F 283 21.25 19.64 -35.73
N ASP F 284 22.57 19.48 -35.91
CA ASP F 284 23.45 19.50 -34.73
C ASP F 284 23.40 20.85 -34.02
N VAL F 285 23.27 21.95 -34.76
CA VAL F 285 23.14 23.26 -34.14
C VAL F 285 21.83 23.38 -33.36
N SER F 286 20.71 22.89 -33.92
CA SER F 286 19.44 22.89 -33.18
C SER F 286 19.61 22.19 -31.83
N ARG F 287 20.22 21.00 -31.85
CA ARG F 287 20.45 20.25 -30.62
C ARG F 287 21.32 21.03 -29.65
N ALA F 288 22.32 21.75 -30.16
CA ALA F 288 23.18 22.51 -29.26
C ALA F 288 22.40 23.67 -28.63
N ILE F 289 21.52 24.31 -29.39
CA ILE F 289 20.66 25.36 -28.83
C ILE F 289 19.76 24.81 -27.73
N ILE F 290 19.18 23.61 -27.95
CA ILE F 290 18.36 22.97 -26.93
C ILE F 290 19.17 22.76 -25.66
N ALA F 291 20.40 22.26 -25.79
CA ALA F 291 21.21 22.04 -24.59
C ALA F 291 21.47 23.36 -23.86
N VAL F 292 21.71 24.43 -24.61
CA VAL F 292 22.01 25.72 -23.97
C VAL F 292 20.77 26.26 -23.27
N VAL F 293 19.60 26.19 -23.92
CA VAL F 293 18.36 26.65 -23.28
C VAL F 293 18.06 25.84 -22.01
N GLU F 294 18.18 24.52 -22.09
CA GLU F 294 17.90 23.71 -20.91
CA GLU F 294 17.91 23.68 -20.91
C GLU F 294 18.85 24.01 -19.77
N GLU F 295 20.14 24.25 -20.09
CA GLU F 295 21.10 24.57 -19.03
C GLU F 295 20.89 25.99 -18.51
N LEU F 296 20.48 26.92 -19.39
CA LEU F 296 20.11 28.25 -18.92
C LEU F 296 18.98 28.16 -17.90
N ASN F 297 17.94 27.37 -18.20
CA ASN F 297 16.83 27.24 -17.26
C ASN F 297 17.28 26.60 -15.97
N ARG F 298 18.14 25.57 -16.07
CA ARG F 298 18.60 24.92 -14.85
C ARG F 298 19.44 25.87 -13.99
N ALA F 299 20.43 26.52 -14.60
CA ALA F 299 21.35 27.36 -13.85
C ALA F 299 20.65 28.59 -13.28
N ALA F 300 19.58 29.06 -13.95
CA ALA F 300 18.77 30.17 -13.43
C ALA F 300 17.92 29.78 -12.24
N GLY F 301 17.72 28.48 -12.04
CA GLY F 301 16.86 28.01 -10.96
C GLY F 301 15.39 28.22 -11.21
N GLU F 302 15.02 28.56 -12.44
CA GLU F 302 13.65 28.87 -12.85
CA GLU F 302 13.64 28.76 -12.85
C GLU F 302 13.61 28.71 -14.37
N ILE F 303 12.53 28.16 -14.90
CA ILE F 303 12.36 28.08 -16.35
CA ILE F 303 12.40 28.10 -16.35
C ILE F 303 12.13 29.49 -16.87
N ILE F 304 13.07 30.05 -17.65
CA ILE F 304 12.94 31.39 -18.18
C ILE F 304 12.90 31.43 -19.70
N ALA F 305 13.14 30.31 -20.36
CA ALA F 305 13.15 30.30 -21.82
C ALA F 305 12.55 29.00 -22.32
N ALA F 306 11.98 29.04 -23.52
CA ALA F 306 11.36 27.85 -24.11
C ALA F 306 11.69 27.79 -25.59
N TYR F 307 12.37 26.72 -26.03
CA TYR F 307 12.61 26.57 -27.45
C TYR F 307 11.41 25.91 -28.13
N THR F 308 11.26 26.19 -29.42
CA THR F 308 10.40 25.39 -30.26
C THR F 308 10.92 25.42 -31.69
N PHE F 309 10.70 24.34 -32.43
CA PHE F 309 11.26 24.17 -33.77
C PHE F 309 10.14 23.78 -34.72
N ASP F 310 10.09 24.43 -35.87
CA ASP F 310 9.15 24.04 -36.93
C ASP F 310 9.82 23.12 -37.94
N ALA F 311 9.45 23.25 -39.21
CA ALA F 311 9.88 22.31 -40.25
C ALA F 311 11.24 22.75 -40.82
N GLY F 312 12.23 22.78 -39.93
CA GLY F 312 13.58 23.17 -40.29
C GLY F 312 14.39 23.34 -39.02
N PRO F 313 15.67 23.68 -39.13
CA PRO F 313 16.54 23.71 -37.93
C PRO F 313 16.47 24.99 -37.13
N ASN F 314 15.84 26.06 -37.64
CA ASN F 314 15.78 27.34 -36.91
C ASN F 314 15.10 27.19 -35.57
N ALA F 315 15.67 27.82 -34.54
CA ALA F 315 15.04 27.85 -33.24
C ALA F 315 14.21 29.11 -33.05
N VAL F 316 13.07 28.96 -32.38
CA VAL F 316 12.33 30.09 -31.82
C VAL F 316 12.40 29.91 -30.32
N ILE F 317 12.88 30.92 -29.60
CA ILE F 317 13.04 30.81 -28.15
C ILE F 317 12.14 31.87 -27.53
N TYR F 318 11.08 31.42 -26.86
CA TYR F 318 10.21 32.31 -26.12
C TYR F 318 10.84 32.68 -24.79
N THR F 319 10.60 33.93 -24.40
CA THR F 319 11.05 34.38 -23.09
C THR F 319 10.32 35.68 -22.77
N LEU F 320 10.07 35.93 -21.49
CA LEU F 320 9.51 37.23 -21.16
C LEU F 320 10.54 38.32 -21.48
N GLU F 321 10.03 39.51 -21.82
CA GLU F 321 10.90 40.62 -22.20
C GLU F 321 12.02 40.83 -21.19
N LYS F 322 11.71 40.72 -19.90
CA LYS F 322 12.72 41.00 -18.89
C LYS F 322 13.85 39.96 -18.88
N ASN F 323 13.62 38.77 -19.44
CA ASN F 323 14.66 37.74 -19.48
C ASN F 323 15.35 37.63 -20.83
N MET F 324 14.91 38.39 -21.84
CA MET F 324 15.60 38.33 -23.13
C MET F 324 17.10 38.61 -23.04
N PRO F 325 17.60 39.53 -22.20
CA PRO F 325 19.05 39.71 -22.12
C PRO F 325 19.81 38.45 -21.71
N PHE F 326 19.24 37.58 -20.87
CA PHE F 326 19.90 36.31 -20.56
C PHE F 326 19.93 35.40 -21.76
N VAL F 327 18.80 35.29 -22.46
CA VAL F 327 18.73 34.42 -23.63
C VAL F 327 19.69 34.91 -24.72
N LEU F 328 19.62 36.20 -25.05
CA LEU F 328 20.54 36.76 -26.04
CA LEU F 328 20.54 36.76 -26.03
C LEU F 328 21.99 36.56 -25.61
N GLY F 329 22.28 36.77 -24.33
CA GLY F 329 23.64 36.59 -23.86
C GLY F 329 24.14 35.18 -24.08
N ALA F 330 23.29 34.19 -23.78
CA ALA F 330 23.67 32.79 -23.91
C ALA F 330 23.88 32.43 -25.38
N ILE F 331 22.94 32.82 -26.23
CA ILE F 331 23.06 32.48 -27.66
C ILE F 331 24.28 33.14 -28.27
N LYS F 332 24.52 34.43 -27.94
CA LYS F 332 25.68 35.09 -28.50
C LYS F 332 26.98 34.51 -27.97
N ARG F 333 26.98 34.06 -26.70
CA ARG F 333 28.19 33.50 -26.12
CA ARG F 333 28.19 33.50 -26.11
C ARG F 333 28.60 32.21 -26.84
N PHE F 334 27.64 31.33 -27.11
CA PHE F 334 27.99 30.02 -27.64
C PHE F 334 27.86 29.91 -29.16
N PHE F 335 27.11 30.80 -29.80
CA PHE F 335 26.84 30.72 -31.25
C PHE F 335 27.07 32.08 -31.90
N PRO F 336 28.31 32.58 -31.88
CA PRO F 336 28.57 33.89 -32.47
C PRO F 336 28.13 33.94 -33.93
N THR F 337 27.55 35.08 -34.33
CA THR F 337 26.95 35.18 -35.66
C THR F 337 27.92 35.66 -36.75
N GLU F 342 24.88 40.42 -38.70
CA GLU F 342 25.60 41.25 -37.74
C GLU F 342 25.22 42.73 -37.89
N SER F 343 24.84 43.37 -36.75
CA SER F 343 24.28 44.71 -36.69
C SER F 343 25.20 45.67 -35.94
N PRO F 344 25.35 46.91 -36.43
CA PRO F 344 26.11 47.91 -35.68
C PRO F 344 25.39 48.41 -34.45
N PHE F 345 24.11 48.08 -34.31
CA PHE F 345 23.34 48.60 -33.19
C PHE F 345 23.59 47.72 -31.97
N GLN F 346 23.50 48.34 -30.81
CA GLN F 346 24.07 47.80 -29.59
C GLN F 346 22.92 47.33 -28.70
N THR F 347 22.82 46.03 -28.47
CA THR F 347 21.73 45.49 -27.66
C THR F 347 22.26 44.84 -26.38
N GLY F 348 21.49 44.97 -25.30
CA GLY F 348 21.98 44.55 -23.99
C GLY F 348 21.87 43.05 -23.76
N VAL F 349 22.88 42.50 -23.09
CA VAL F 349 22.90 41.10 -22.69
C VAL F 349 23.34 41.04 -21.24
N ARG F 350 23.10 39.89 -20.60
CA ARG F 350 23.56 39.64 -19.25
C ARG F 350 24.43 38.38 -19.24
N ASP F 351 25.31 38.29 -18.25
CA ASP F 351 26.17 37.13 -18.08
C ASP F 351 25.32 35.86 -17.86
N LEU F 352 25.92 34.70 -18.16
CA LEU F 352 25.29 33.44 -17.79
C LEU F 352 25.02 33.40 -16.28
N PRO F 353 23.92 32.80 -15.85
CA PRO F 353 23.65 32.66 -14.41
C PRO F 353 24.75 31.87 -13.74
N GLU F 354 25.00 32.19 -12.47
CA GLU F 354 26.01 31.47 -11.71
CA GLU F 354 26.01 31.47 -11.72
C GLU F 354 25.73 29.98 -11.76
N GLY F 355 26.79 29.20 -11.98
CA GLY F 355 26.61 27.76 -12.01
C GLY F 355 26.30 27.17 -13.38
N PHE F 356 26.12 28.00 -14.41
CA PHE F 356 25.96 27.48 -15.76
C PHE F 356 27.13 26.57 -16.11
N ASN F 357 26.82 25.37 -16.53
CA ASN F 357 27.83 24.38 -16.90
C ASN F 357 28.13 24.52 -18.39
N THR F 358 29.26 25.18 -18.72
CA THR F 358 29.63 25.33 -20.13
C THR F 358 29.95 24.00 -20.80
N GLY F 359 30.03 22.91 -20.04
CA GLY F 359 30.24 21.60 -20.62
C GLY F 359 29.07 21.09 -21.43
N VAL F 360 27.91 21.74 -21.37
CA VAL F 360 26.80 21.31 -22.22
C VAL F 360 27.02 21.68 -23.68
N VAL F 361 28.05 22.47 -23.95
CA VAL F 361 28.43 22.86 -25.29
C VAL F 361 29.71 22.11 -25.65
N ARG F 362 29.81 21.67 -26.89
CA ARG F 362 30.92 20.83 -27.32
C ARG F 362 32.27 21.49 -27.01
N GLU F 363 33.25 20.64 -26.67
CA GLU F 363 34.61 21.10 -26.47
C GLU F 363 35.12 21.80 -27.72
N GLY F 364 35.66 23.01 -27.54
CA GLY F 364 36.07 23.83 -28.64
C GLY F 364 35.03 24.83 -29.12
N GLY F 365 33.76 24.65 -28.73
CA GLY F 365 32.73 25.60 -29.10
C GLY F 365 32.33 25.54 -30.57
N TRP F 366 31.59 26.57 -30.99
CA TRP F 366 30.99 26.63 -32.31
C TRP F 366 31.56 27.77 -33.13
N GLU F 367 31.81 27.51 -34.40
CA GLU F 367 32.38 28.51 -35.28
C GLU F 367 31.34 29.59 -35.58
N LYS F 368 31.83 30.80 -35.89
CA LYS F 368 30.95 31.89 -36.26
C LYS F 368 30.08 31.46 -37.43
N GLY F 369 28.81 31.85 -37.38
CA GLY F 369 27.89 31.55 -38.45
C GLY F 369 27.10 30.27 -38.34
N ALA F 370 27.35 29.44 -37.32
CA ALA F 370 26.47 28.29 -37.09
C ALA F 370 25.04 28.76 -36.86
N VAL F 371 24.87 29.78 -36.03
CA VAL F 371 23.69 30.64 -36.05
C VAL F 371 24.00 31.83 -36.95
N LYS F 372 23.17 32.04 -37.97
CA LYS F 372 23.44 33.04 -38.99
C LYS F 372 22.91 34.41 -38.62
N GLY F 373 21.78 34.46 -37.91
CA GLY F 373 21.17 35.73 -37.60
C GLY F 373 20.11 35.55 -36.53
N LEU F 374 19.72 36.66 -35.94
CA LEU F 374 18.75 36.66 -34.86
C LEU F 374 17.66 37.66 -35.19
N ILE F 375 16.42 37.29 -34.91
CA ILE F 375 15.28 38.19 -35.08
C ILE F 375 14.54 38.27 -33.75
N HIS F 376 14.53 39.47 -33.14
CA HIS F 376 13.89 39.66 -31.85
C HIS F 376 12.50 40.24 -32.10
N THR F 377 11.46 39.45 -31.81
CA THR F 377 10.10 39.95 -31.94
C THR F 377 9.31 39.60 -30.67
N ARG F 378 7.98 39.68 -30.75
CA ARG F 378 7.15 39.59 -29.56
C ARG F 378 5.72 39.29 -30.00
N VAL F 379 4.87 38.96 -29.02
CA VAL F 379 3.47 38.72 -29.34
C VAL F 379 2.83 39.99 -29.89
N GLY F 380 2.00 39.83 -30.94
CA GLY F 380 1.40 40.97 -31.63
C GLY F 380 -0.09 40.82 -31.81
N ASP F 381 -0.68 41.84 -32.43
CA ASP F 381 -2.10 41.91 -32.73
C ASP F 381 -2.44 41.16 -34.02
N GLY F 382 -3.74 41.12 -34.35
CA GLY F 382 -4.20 40.42 -35.53
C GLY F 382 -4.01 41.25 -36.78
N PRO F 383 -4.59 40.82 -37.91
CA PRO F 383 -4.44 41.59 -39.16
C PRO F 383 -4.78 43.06 -39.00
N ARG F 384 -4.11 43.88 -39.81
CA ARG F 384 -4.26 45.34 -39.75
C ARG F 384 -4.74 45.84 -41.11
N VAL F 385 -5.81 46.61 -41.13
CA VAL F 385 -6.24 47.25 -42.37
C VAL F 385 -5.46 48.54 -42.55
N LEU F 386 -4.80 48.69 -43.70
CA LEU F 386 -3.84 49.76 -43.87
C LEU F 386 -4.42 50.91 -44.72
N GLU F 387 -3.58 51.92 -44.92
CA GLU F 387 -3.97 53.13 -45.63
C GLU F 387 -3.63 53.05 -47.11
N LYS F 388 -4.25 53.95 -47.89
CA LYS F 388 -3.99 54.03 -49.31
C LYS F 388 -2.51 54.16 -49.61
N GLU F 389 -1.78 54.86 -48.74
CA GLU F 389 -0.34 55.05 -48.95
C GLU F 389 0.39 53.72 -49.03
N ASP F 390 -0.14 52.69 -48.36
CA ASP F 390 0.51 51.40 -48.30
C ASP F 390 0.08 50.45 -49.43
N SER F 391 -0.73 50.92 -50.36
CA SER F 391 -1.24 50.06 -51.41
C SER F 391 -0.10 49.47 -52.21
N LEU F 392 -0.27 48.22 -52.65
CA LEU F 392 0.65 47.58 -53.56
C LEU F 392 0.29 47.82 -55.02
N LEU F 393 -0.85 48.44 -55.28
CA LEU F 393 -1.32 48.69 -56.63
C LEU F 393 -1.16 50.16 -56.98
N GLY F 394 -0.86 50.42 -58.25
CA GLY F 394 -0.85 51.76 -58.78
C GLY F 394 -2.23 52.19 -59.19
N GLU F 395 -2.31 53.40 -59.79
CA GLU F 395 -3.59 53.97 -60.15
C GLU F 395 -4.35 53.11 -61.14
N ASN F 396 -3.64 52.42 -62.03
CA ASN F 396 -4.26 51.64 -63.08
C ASN F 396 -4.61 50.21 -62.65
N GLY F 397 -4.52 49.89 -61.37
CA GLY F 397 -4.82 48.54 -60.94
C GLY F 397 -3.72 47.53 -61.17
N VAL F 398 -2.52 47.98 -61.52
CA VAL F 398 -1.37 47.11 -61.79
C VAL F 398 -0.37 47.34 -60.67
N PRO F 399 0.32 46.30 -60.19
CA PRO F 399 1.26 46.49 -59.07
C PRO F 399 2.25 47.63 -59.32
N LYS F 400 2.56 48.35 -58.24
CA LYS F 400 3.58 49.40 -58.31
C LYS F 400 4.94 48.83 -58.64
N VAL F 401 5.22 47.60 -58.18
CA VAL F 401 6.54 46.99 -58.31
C VAL F 401 6.38 45.65 -58.99
N LEU F 402 6.97 45.49 -60.17
CA LEU F 402 6.87 44.27 -60.96
C LEU F 402 8.24 43.62 -61.09
N ALA F 403 8.26 42.29 -61.03
CA ALA F 403 9.50 41.50 -61.10
C ALA F 403 10.24 41.72 -62.42
N MET G 9 -71.89 75.69 24.85
CA MET G 9 -71.34 74.83 23.79
C MET G 9 -70.50 73.73 24.41
N VAL G 10 -70.62 72.51 23.89
CA VAL G 10 -69.97 71.35 24.47
C VAL G 10 -68.78 70.97 23.60
N HIS G 11 -67.60 70.84 24.22
CA HIS G 11 -66.38 70.44 23.54
C HIS G 11 -66.07 69.01 23.93
N GLU G 12 -66.44 68.07 23.07
CA GLU G 12 -66.31 66.66 23.40
C GLU G 12 -66.05 65.86 22.14
N ALA G 13 -65.19 64.85 22.25
CA ALA G 13 -64.86 63.98 21.13
C ALA G 13 -64.84 62.54 21.62
N THR G 14 -65.43 61.65 20.83
CA THR G 14 -65.42 60.21 21.07
C THR G 14 -64.76 59.53 19.88
N ALA G 15 -63.77 58.68 20.17
CA ALA G 15 -63.08 57.93 19.12
C ALA G 15 -62.94 56.48 19.54
N SER G 16 -62.94 55.59 18.55
CA SER G 16 -62.55 54.21 18.77
C SER G 16 -61.19 53.97 18.13
N ALA G 17 -60.50 52.96 18.63
CA ALA G 17 -59.22 52.59 18.06
C ALA G 17 -59.19 51.07 17.96
N PRO G 18 -58.46 50.54 16.98
CA PRO G 18 -58.44 49.10 16.78
C PRO G 18 -57.37 48.35 17.58
N VAL G 19 -57.59 47.06 17.72
CA VAL G 19 -56.55 46.14 18.15
CA VAL G 19 -56.52 46.17 18.15
C VAL G 19 -55.65 45.85 16.95
N ASN G 20 -54.40 45.46 17.23
CA ASN G 20 -53.51 45.03 16.17
C ASN G 20 -52.76 43.79 16.65
N ILE G 21 -52.38 42.94 15.69
CA ILE G 21 -51.67 41.69 15.95
C ILE G 21 -50.31 41.80 15.27
N ALA G 22 -49.24 41.69 16.06
CA ALA G 22 -47.89 41.78 15.52
C ALA G 22 -47.49 40.53 14.73
N CYS G 23 -47.03 40.74 13.50
CA CYS G 23 -46.34 39.68 12.77
C CYS G 23 -44.85 39.62 13.07
N ILE G 24 -44.17 40.75 13.09
CA ILE G 24 -42.82 40.85 13.62
C ILE G 24 -42.96 41.38 15.04
N LYS G 25 -42.49 40.61 16.01
CA LYS G 25 -42.88 40.83 17.41
C LYS G 25 -42.03 41.90 18.08
N TYR G 26 -42.72 42.77 18.83
CA TYR G 26 -42.09 43.61 19.85
C TYR G 26 -41.93 42.81 21.13
N TRP G 27 -40.70 42.70 21.63
CA TRP G 27 -40.44 42.01 22.89
C TRP G 27 -39.06 42.49 23.34
N GLY G 28 -39.04 43.47 24.24
CA GLY G 28 -37.82 43.99 24.87
C GLY G 28 -37.73 45.48 24.60
N LYS G 29 -37.41 46.22 25.67
CA LYS G 29 -37.16 47.65 25.62
C LYS G 29 -35.68 47.93 25.84
N ARG G 30 -35.13 48.83 25.03
CA ARG G 30 -33.81 49.38 25.30
C ARG G 30 -33.85 50.59 26.22
N ASP G 31 -35.00 51.25 26.34
CA ASP G 31 -35.19 52.36 27.26
C ASP G 31 -36.57 52.19 27.88
N THR G 32 -36.61 51.91 29.18
CA THR G 32 -37.90 51.65 29.82
C THR G 32 -38.67 52.92 30.15
N ARG G 33 -38.01 54.07 30.27
CA ARG G 33 -38.72 55.31 30.58
C ARG G 33 -39.47 55.84 29.37
N LEU G 34 -38.80 55.88 28.22
CA LEU G 34 -39.37 56.36 26.98
C LEU G 34 -40.10 55.28 26.19
N ILE G 35 -39.97 54.00 26.59
CA ILE G 35 -40.48 52.84 25.85
C ILE G 35 -39.96 52.88 24.42
N LEU G 36 -38.65 52.82 24.30
CA LEU G 36 -37.96 52.57 23.05
C LEU G 36 -37.66 51.08 22.97
N PRO G 37 -37.97 50.41 21.86
CA PRO G 37 -37.83 48.95 21.80
C PRO G 37 -36.43 48.54 21.38
N THR G 38 -36.12 47.26 21.64
CA THR G 38 -34.85 46.69 21.19
C THR G 38 -34.83 46.41 19.69
N ASN G 39 -35.99 46.39 19.04
CA ASN G 39 -36.09 46.09 17.62
C ASN G 39 -37.39 46.66 17.09
N SER G 40 -37.46 46.80 15.77
CA SER G 40 -38.70 47.23 15.14
C SER G 40 -39.73 46.10 15.18
N SER G 41 -41.00 46.46 14.97
CA SER G 41 -42.08 45.48 14.92
C SER G 41 -43.05 45.87 13.82
N LEU G 42 -43.94 44.93 13.49
CA LEU G 42 -44.87 45.19 12.39
C LEU G 42 -46.13 44.37 12.61
N SER G 43 -47.29 45.00 12.42
CA SER G 43 -48.56 44.41 12.80
C SER G 43 -49.62 44.60 11.72
N VAL G 44 -50.67 43.78 11.82
CA VAL G 44 -51.91 43.97 11.06
C VAL G 44 -52.94 44.59 12.00
N THR G 45 -53.50 45.73 11.59
CA THR G 45 -54.61 46.35 12.29
C THR G 45 -55.90 45.58 12.00
N LEU G 46 -56.66 45.25 13.04
CA LEU G 46 -57.89 44.49 12.85
C LEU G 46 -59.12 45.40 12.80
N ASP G 47 -60.20 44.85 12.24
CA ASP G 47 -61.44 45.58 11.98
C ASP G 47 -62.13 45.98 13.28
N GLN G 48 -62.39 47.27 13.44
CA GLN G 48 -63.18 47.81 14.56
C GLN G 48 -64.66 47.46 14.46
N ASP G 49 -65.12 46.88 13.33
CA ASP G 49 -66.46 46.31 13.31
C ASP G 49 -66.59 45.20 14.33
N HIS G 50 -65.49 44.55 14.68
CA HIS G 50 -65.48 43.37 15.54
C HIS G 50 -64.93 43.63 16.93
N LEU G 51 -63.73 44.21 17.03
CA LEU G 51 -63.07 44.50 18.30
C LEU G 51 -62.64 45.97 18.31
N ARG G 52 -62.88 46.67 19.42
CA ARG G 52 -62.53 48.09 19.48
CA ARG G 52 -62.54 48.08 19.48
C ARG G 52 -62.46 48.57 20.92
N SER G 53 -61.63 49.57 21.14
CA SER G 53 -61.62 50.34 22.37
C SER G 53 -62.21 51.70 22.03
N THR G 54 -63.00 52.27 22.94
CA THR G 54 -63.61 53.58 22.69
C THR G 54 -63.32 54.50 23.85
N THR G 55 -63.03 55.77 23.54
CA THR G 55 -62.81 56.77 24.57
C THR G 55 -63.53 58.07 24.21
N THR G 56 -64.20 58.65 25.20
CA THR G 56 -64.78 59.99 25.08
C THR G 56 -63.97 60.95 25.95
N SER G 57 -63.60 62.09 25.38
CA SER G 57 -62.94 63.16 26.10
C SER G 57 -63.78 64.42 26.00
N ARG G 58 -64.02 65.08 27.14
CA ARG G 58 -64.73 66.34 27.17
CA ARG G 58 -64.73 66.34 27.17
C ARG G 58 -63.97 67.31 28.07
N ALA G 59 -63.80 68.54 27.58
CA ALA G 59 -63.21 69.64 28.32
C ALA G 59 -64.26 70.72 28.49
N ASP G 60 -64.31 71.31 29.68
CA ASP G 60 -65.31 72.32 29.99
C ASP G 60 -64.80 73.16 31.15
N ALA G 61 -64.91 74.49 31.02
CA ALA G 61 -64.45 75.37 32.08
C ALA G 61 -65.28 75.23 33.35
N SER G 62 -66.55 74.87 33.21
CA SER G 62 -67.45 74.69 34.35
C SER G 62 -67.20 73.38 35.12
N PHE G 63 -66.27 72.53 34.66
CA PHE G 63 -65.91 71.33 35.40
C PHE G 63 -65.09 71.69 36.64
N GLU G 64 -65.32 70.96 37.73
CA GLU G 64 -64.48 71.11 38.90
C GLU G 64 -63.02 70.85 38.52
N ALA G 65 -62.12 71.67 39.06
CA ALA G 65 -60.72 71.59 38.66
C ALA G 65 -60.15 70.21 38.94
N GLY G 66 -59.22 69.79 38.09
CA GLY G 66 -58.65 68.45 38.16
C GLY G 66 -59.20 67.56 37.06
N ASP G 67 -58.36 66.71 36.48
CA ASP G 67 -58.80 65.77 35.46
C ASP G 67 -59.29 64.48 36.13
N ARG G 68 -60.40 63.95 35.61
CA ARG G 68 -60.95 62.68 36.07
C ARG G 68 -61.02 61.71 34.90
N LEU G 69 -60.71 60.45 35.17
CA LEU G 69 -60.68 59.42 34.15
C LEU G 69 -61.36 58.17 34.67
N TRP G 70 -62.21 57.57 33.84
CA TRP G 70 -62.89 56.32 34.15
C TRP G 70 -62.50 55.29 33.10
N LEU G 71 -62.23 54.07 33.56
CA LEU G 71 -62.00 52.94 32.67
CA LEU G 71 -61.99 52.93 32.67
C LEU G 71 -62.99 51.85 33.03
N ASN G 72 -63.79 51.43 32.05
CA ASN G 72 -64.81 50.40 32.25
C ASN G 72 -65.78 50.76 33.37
N GLY G 73 -66.10 52.04 33.53
CA GLY G 73 -67.09 52.47 34.49
C GLY G 73 -66.58 52.82 35.88
N ARG G 74 -65.33 52.50 36.19
CA ARG G 74 -64.75 52.78 37.51
C ARG G 74 -63.69 53.86 37.37
N GLU G 75 -63.72 54.85 38.24
CA GLU G 75 -62.75 55.92 38.17
C GLU G 75 -61.36 55.39 38.53
N GLU G 76 -60.35 55.87 37.81
CA GLU G 76 -58.97 55.61 38.13
C GLU G 76 -58.24 56.94 38.30
N ALA G 77 -57.39 57.02 39.31
CA ALA G 77 -56.62 58.24 39.52
C ALA G 77 -55.49 58.34 38.52
N ILE G 78 -55.12 59.57 38.20
CA ILE G 78 -54.07 59.87 37.22
C ILE G 78 -52.88 60.45 37.99
N LYS G 79 -51.82 59.66 38.11
CA LYS G 79 -50.68 60.06 38.94
C LYS G 79 -49.76 60.97 38.16
N GLU G 80 -49.45 62.13 38.74
CA GLU G 80 -48.50 63.06 38.11
C GLU G 80 -47.21 62.33 37.78
N GLY G 81 -46.73 62.50 36.55
CA GLY G 81 -45.59 61.75 36.09
C GLY G 81 -45.89 60.36 35.58
N GLY G 82 -47.11 59.85 35.78
CA GLY G 82 -47.49 58.56 35.25
C GLY G 82 -47.74 58.60 33.75
N ARG G 83 -48.03 57.41 33.21
CA ARG G 83 -48.15 57.26 31.76
C ARG G 83 -49.31 58.07 31.20
N LEU G 84 -50.52 57.87 31.75
CA LEU G 84 -51.67 58.64 31.27
C LEU G 84 -51.45 60.12 31.49
N ALA G 85 -50.93 60.50 32.66
CA ALA G 85 -50.71 61.91 32.98
C ALA G 85 -49.81 62.57 31.94
N VAL G 86 -48.68 61.93 31.63
CA VAL G 86 -47.75 62.50 30.66
C VAL G 86 -48.38 62.55 29.27
N CYS G 87 -49.14 61.52 28.89
CA CYS G 87 -49.82 61.54 27.61
CA CYS G 87 -49.82 61.54 27.61
C CYS G 87 -50.76 62.73 27.51
N ILE G 88 -51.64 62.89 28.49
CA ILE G 88 -52.54 64.04 28.54
C ILE G 88 -51.74 65.33 28.54
N LYS G 89 -50.68 65.38 29.36
CA LYS G 89 -49.84 66.58 29.43
C LYS G 89 -49.30 66.96 28.05
N GLU G 90 -48.82 65.97 27.29
CA GLU G 90 -48.23 66.28 25.99
C GLU G 90 -49.29 66.63 24.94
N LEU G 91 -50.49 66.07 25.05
CA LEU G 91 -51.55 66.44 24.12
C LEU G 91 -52.14 67.80 24.44
N ARG G 92 -52.18 68.17 25.73
CA ARG G 92 -52.56 69.52 26.11
C ARG G 92 -51.54 70.54 25.62
N ALA G 93 -50.26 70.17 25.63
CA ALA G 93 -49.22 71.10 25.19
C ALA G 93 -49.38 71.41 23.70
N TRP G 94 -49.71 70.40 22.91
CA TRP G 94 -49.94 70.63 21.48
C TRP G 94 -51.16 71.50 21.25
N ARG G 95 -52.17 71.38 22.11
CA ARG G 95 -53.35 72.22 21.95
C ARG G 95 -53.04 73.67 22.32
N LYS G 96 -52.33 73.87 23.44
CA LYS G 96 -51.92 75.21 23.82
C LYS G 96 -51.06 75.86 22.75
N GLU G 97 -50.28 75.06 22.03
CA GLU G 97 -49.53 75.58 20.88
C GLU G 97 -50.47 76.27 19.90
N MET G 98 -51.60 75.63 19.58
CA MET G 98 -52.57 76.24 18.67
C MET G 98 -53.18 77.49 19.27
N GLU G 99 -53.42 77.49 20.58
CA GLU G 99 -54.01 78.65 21.23
C GLU G 99 -53.04 79.82 21.24
N THR G 100 -51.74 79.53 21.41
CA THR G 100 -50.72 80.58 21.33
C THR G 100 -50.67 81.19 19.94
N LYS G 101 -50.81 80.36 18.90
CA LYS G 101 -50.84 80.91 17.55
C LYS G 101 -52.08 81.77 17.34
N ASP G 102 -53.24 81.27 17.72
CA ASP G 102 -54.53 81.92 17.47
C ASP G 102 -55.15 82.26 18.83
N LYS G 103 -54.97 83.51 19.26
CA LYS G 103 -55.55 83.95 20.52
C LYS G 103 -57.07 83.99 20.47
N ASN G 104 -57.67 83.96 19.27
CA ASN G 104 -59.12 83.97 19.17
C ASN G 104 -59.73 82.60 19.48
N LEU G 105 -58.96 81.52 19.39
CA LEU G 105 -59.50 80.21 19.69
C LEU G 105 -59.84 80.11 21.18
N PRO G 106 -60.89 79.35 21.52
CA PRO G 106 -61.17 79.09 22.94
C PRO G 106 -60.00 78.38 23.59
N LYS G 107 -59.85 78.57 24.90
CA LYS G 107 -58.72 78.00 25.64
C LYS G 107 -59.07 76.61 26.16
N LEU G 108 -59.20 75.67 25.21
CA LEU G 108 -59.55 74.30 25.56
C LEU G 108 -58.52 73.66 26.47
N SER G 109 -57.24 73.99 26.27
CA SER G 109 -56.18 73.33 27.03
C SER G 109 -56.27 73.63 28.52
N GLU G 110 -56.84 74.78 28.89
CA GLU G 110 -56.92 75.21 30.28
C GLU G 110 -58.02 74.52 31.08
N TRP G 111 -58.93 73.82 30.42
CA TRP G 111 -60.12 73.30 31.10
C TRP G 111 -59.88 71.87 31.60
N PRO G 112 -60.42 71.54 32.77
CA PRO G 112 -60.36 70.15 33.25
C PRO G 112 -60.96 69.18 32.24
N LEU G 113 -60.42 67.96 32.22
CA LEU G 113 -60.90 66.93 31.32
C LEU G 113 -61.73 65.91 32.08
N ARG G 114 -62.75 65.37 31.39
CA ARG G 114 -63.48 64.19 31.83
C ARG G 114 -63.35 63.12 30.76
N ILE G 115 -62.79 61.97 31.13
CA ILE G 115 -62.42 60.93 30.17
C ILE G 115 -63.04 59.61 30.62
N ALA G 116 -63.72 58.93 29.70
CA ALA G 116 -64.27 57.61 29.95
C ALA G 116 -63.93 56.68 28.81
N SER G 117 -63.68 55.41 29.12
CA SER G 117 -63.22 54.41 28.16
C SER G 117 -63.88 53.06 28.43
N TYR G 118 -63.99 52.26 27.38
CA TYR G 118 -64.61 50.94 27.38
CA TYR G 118 -64.34 50.86 27.53
C TYR G 118 -64.00 50.12 26.25
N ASN G 119 -64.16 48.81 26.29
CA ASN G 119 -63.82 47.96 25.16
C ASN G 119 -64.90 46.90 24.99
N ASN G 120 -65.00 46.34 23.79
CA ASN G 120 -66.03 45.35 23.50
C ASN G 120 -65.48 43.93 23.45
N PHE G 121 -64.34 43.67 24.10
CA PHE G 121 -63.73 42.35 23.94
C PHE G 121 -64.50 41.31 24.75
N PRO G 122 -64.56 40.08 24.25
CA PRO G 122 -65.17 39.00 25.04
C PRO G 122 -64.42 38.79 26.36
N THR G 123 -65.18 38.68 27.44
CA THR G 123 -64.57 38.35 28.73
C THR G 123 -64.04 36.92 28.70
N ALA G 124 -63.00 36.67 29.50
CA ALA G 124 -62.33 35.36 29.58
C ALA G 124 -61.84 34.88 28.21
N ALA G 125 -61.71 35.78 27.24
CA ALA G 125 -61.04 35.43 26.00
C ALA G 125 -59.54 35.61 26.10
N GLY G 126 -59.08 36.48 27.00
CA GLY G 126 -57.65 36.68 27.17
C GLY G 126 -57.02 37.61 26.15
N LEU G 127 -57.80 38.54 25.61
CA LEU G 127 -57.28 39.50 24.64
C LEU G 127 -56.78 40.74 25.36
N ALA G 128 -55.58 41.19 24.99
CA ALA G 128 -54.94 42.33 25.65
C ALA G 128 -55.54 43.64 25.15
N SER G 129 -55.77 44.58 26.07
CA SER G 129 -56.58 45.75 25.75
C SER G 129 -55.97 47.10 26.10
N SER G 130 -54.77 47.14 26.71
CA SER G 130 -54.23 48.43 27.15
C SER G 130 -53.77 49.27 25.98
N ALA G 131 -53.20 48.62 24.95
CA ALA G 131 -52.63 49.33 23.82
C ALA G 131 -53.71 50.02 22.98
N SER G 132 -54.76 49.28 22.62
CA SER G 132 -55.84 49.92 21.86
C SER G 132 -56.60 50.90 22.73
N GLY G 133 -56.60 50.69 24.04
CA GLY G 133 -57.23 51.65 24.90
C GLY G 133 -56.51 52.99 24.89
N LEU G 134 -55.18 52.96 24.92
CA LEU G 134 -54.44 54.23 24.89
C LEU G 134 -54.51 54.86 23.51
N ALA G 135 -54.45 54.05 22.44
CA ALA G 135 -54.63 54.59 21.11
C ALA G 135 -55.94 55.36 21.00
N ALA G 136 -57.02 54.79 21.56
CA ALA G 136 -58.32 55.48 21.51
C ALA G 136 -58.29 56.76 22.32
N LEU G 137 -57.62 56.75 23.48
CA LEU G 137 -57.47 57.97 24.27
C LEU G 137 -56.76 59.05 23.47
N VAL G 138 -55.66 58.67 22.80
CA VAL G 138 -54.92 59.65 22.01
C VAL G 138 -55.78 60.18 20.86
N ALA G 139 -56.51 59.28 20.18
CA ALA G 139 -57.36 59.71 19.08
C ALA G 139 -58.46 60.64 19.56
N SER G 140 -59.09 60.30 20.68
CA SER G 140 -60.18 61.11 21.23
C SER G 140 -59.69 62.51 21.57
N LEU G 141 -58.54 62.61 22.25
CA LEU G 141 -58.05 63.92 22.66
C LEU G 141 -57.60 64.74 21.46
N ALA G 142 -56.91 64.11 20.51
CA ALA G 142 -56.51 64.82 19.30
C ALA G 142 -57.73 65.40 18.59
N SER G 143 -58.82 64.64 18.54
CA SER G 143 -60.06 65.14 17.94
C SER G 143 -60.67 66.25 18.79
N LEU G 144 -60.64 66.06 20.12
CA LEU G 144 -61.19 67.07 21.02
C LEU G 144 -60.50 68.41 20.84
N TYR G 145 -59.17 68.39 20.79
CA TYR G 145 -58.37 69.59 20.64
C TYR G 145 -58.21 70.04 19.19
N SER G 146 -58.77 69.29 18.24
CA SER G 146 -58.57 69.54 16.81
C SER G 146 -57.08 69.65 16.46
N LEU G 147 -56.30 68.72 16.98
CA LEU G 147 -54.85 68.83 16.83
C LEU G 147 -54.46 68.65 15.36
N PRO G 148 -53.47 69.41 14.89
CA PRO G 148 -52.99 69.23 13.51
C PRO G 148 -51.97 68.12 13.33
N GLN G 149 -51.50 67.47 14.39
CA GLN G 149 -50.45 66.46 14.26
C GLN G 149 -50.90 65.26 13.45
N SER G 150 -49.99 64.74 12.63
CA SER G 150 -50.23 63.55 11.83
C SER G 150 -50.37 62.31 12.72
N PRO G 151 -50.92 61.20 12.18
CA PRO G 151 -50.95 59.97 12.97
C PRO G 151 -49.57 59.54 13.44
N SER G 152 -48.55 59.76 12.60
CA SER G 152 -47.19 59.40 13.00
C SER G 152 -46.77 60.21 14.22
N GLN G 153 -47.01 61.53 14.18
CA GLN G 153 -46.66 62.37 15.30
C GLN G 153 -47.44 61.98 16.56
N LEU G 154 -48.74 61.70 16.40
CA LEU G 154 -49.52 61.21 17.54
C LEU G 154 -48.98 59.90 18.06
N SER G 155 -48.41 59.06 17.20
CA SER G 155 -47.97 57.75 17.66
C SER G 155 -46.78 57.85 18.62
N LEU G 156 -46.05 58.97 18.60
CA LEU G 156 -45.00 59.19 19.60
CA LEU G 156 -45.00 59.18 19.60
C LEU G 156 -45.59 59.25 21.01
N VAL G 157 -46.72 59.93 21.15
CA VAL G 157 -47.37 60.00 22.46
C VAL G 157 -47.92 58.64 22.84
N ALA G 158 -48.49 57.92 21.86
CA ALA G 158 -49.00 56.58 22.12
C ALA G 158 -47.87 55.63 22.48
N ARG G 159 -46.72 55.75 21.82
CA ARG G 159 -45.57 54.91 22.16
C ARG G 159 -45.14 55.13 23.60
N GLN G 160 -44.94 56.40 23.97
CA GLN G 160 -44.46 56.67 25.30
C GLN G 160 -45.49 56.33 26.36
N GLY G 161 -46.77 56.31 26.00
CA GLY G 161 -47.79 56.01 26.97
C GLY G 161 -47.96 54.53 27.14
N SER G 162 -47.83 53.78 26.04
CA SER G 162 -48.15 52.36 26.14
C SER G 162 -47.60 51.59 24.94
N GLY G 163 -46.39 51.92 24.49
CA GLY G 163 -45.67 51.02 23.59
C GLY G 163 -46.32 50.72 22.25
N SER G 164 -46.74 49.46 22.05
CA SER G 164 -47.36 49.04 20.79
C SER G 164 -48.70 49.72 20.51
N ALA G 165 -49.25 50.48 21.46
CA ALA G 165 -50.34 51.39 21.14
C ALA G 165 -50.04 52.24 19.92
N CYS G 166 -48.76 52.57 19.69
CA CYS G 166 -48.44 53.44 18.56
C CYS G 166 -48.88 52.82 17.25
N ARG G 167 -48.83 51.49 17.15
CA ARG G 167 -49.18 50.84 15.90
C ARG G 167 -50.68 50.84 15.63
N SER G 168 -51.52 51.13 16.62
CA SER G 168 -52.96 51.23 16.41
C SER G 168 -53.41 52.62 15.96
N LEU G 169 -52.49 53.54 15.71
CA LEU G 169 -52.85 54.84 15.15
C LEU G 169 -53.02 54.78 13.63
N PHE G 170 -52.76 53.62 13.02
CA PHE G 170 -52.86 53.42 11.58
C PHE G 170 -53.69 52.17 11.29
N GLY G 171 -54.45 52.22 10.19
CA GLY G 171 -55.03 51.01 9.65
C GLY G 171 -54.02 50.22 8.83
N GLY G 172 -54.44 49.02 8.44
CA GLY G 172 -53.66 48.26 7.46
C GLY G 172 -52.48 47.54 8.09
N PHE G 173 -51.30 47.74 7.50
CA PHE G 173 -50.06 47.05 7.87
C PHE G 173 -49.07 48.12 8.36
N VAL G 174 -48.61 47.98 9.59
CA VAL G 174 -48.09 49.12 10.34
C VAL G 174 -46.79 48.73 11.01
N ALA G 175 -45.74 49.53 10.81
CA ALA G 175 -44.47 49.27 11.49
C ALA G 175 -44.32 50.19 12.69
N TRP G 176 -43.71 49.67 13.76
CA TRP G 176 -43.16 50.51 14.83
C TRP G 176 -41.66 50.53 14.58
N ARG G 177 -41.15 51.66 14.10
CA ARG G 177 -39.72 51.80 13.82
C ARG G 177 -38.98 51.98 15.13
N GLU G 178 -37.95 51.15 15.34
CA GLU G 178 -37.23 51.21 16.60
C GLU G 178 -36.60 52.58 16.81
N GLY G 179 -36.14 53.20 15.73
CA GLY G 179 -35.47 54.50 15.82
C GLY G 179 -34.08 54.39 16.37
N THR G 180 -33.28 55.46 16.25
CA THR G 180 -31.97 55.51 16.90
C THR G 180 -31.76 56.76 17.74
N ASP G 181 -32.76 57.63 17.84
CA ASP G 181 -32.63 58.82 18.67
C ASP G 181 -32.82 58.44 20.14
N PRO G 182 -31.82 58.64 20.99
CA PRO G 182 -32.00 58.33 22.42
C PRO G 182 -33.15 59.10 23.06
N ALA G 183 -33.56 60.24 22.48
CA ALA G 183 -34.73 60.95 22.97
C ALA G 183 -36.03 60.41 22.40
N GLY G 184 -35.97 59.50 21.43
CA GLY G 184 -37.16 58.82 20.96
C GLY G 184 -37.93 59.49 19.86
N SER G 185 -37.42 60.58 19.28
CA SER G 185 -38.17 61.32 18.27
C SER G 185 -38.45 60.50 17.00
N ASP G 186 -37.68 59.45 16.75
CA ASP G 186 -37.88 58.66 15.54
C ASP G 186 -38.34 57.24 15.84
N SER G 187 -38.74 56.97 17.09
CA SER G 187 -39.36 55.68 17.43
C SER G 187 -40.87 55.89 17.36
N LEU G 188 -41.45 55.59 16.20
CA LEU G 188 -42.85 55.89 15.96
C LEU G 188 -43.44 54.90 14.98
N ALA G 189 -44.74 55.00 14.78
CA ALA G 189 -45.46 54.10 13.89
C ALA G 189 -45.54 54.70 12.50
N GLU G 190 -45.50 53.83 11.50
CA GLU G 190 -45.42 54.20 10.08
C GLU G 190 -46.28 53.21 9.29
N GLU G 191 -47.06 53.73 8.33
CA GLU G 191 -47.83 52.83 7.49
C GLU G 191 -46.91 52.10 6.53
N VAL G 192 -47.01 50.77 6.49
CA VAL G 192 -46.37 50.00 5.44
C VAL G 192 -47.29 49.87 4.25
N ALA G 193 -48.57 49.56 4.48
CA ALA G 193 -49.57 49.59 3.42
C ALA G 193 -50.92 49.82 4.05
N PRO G 194 -51.82 50.55 3.40
CA PRO G 194 -53.14 50.79 3.98
C PRO G 194 -54.03 49.57 3.84
N ARG G 195 -55.14 49.60 4.60
CA ARG G 195 -56.13 48.54 4.50
C ARG G 195 -56.52 48.25 3.04
N GLU G 196 -56.76 49.30 2.25
CA GLU G 196 -57.28 49.14 0.90
CA GLU G 196 -57.29 49.13 0.90
C GLU G 196 -56.31 48.42 -0.02
N HIS G 197 -55.05 48.28 0.38
CA HIS G 197 -54.07 47.60 -0.45
C HIS G 197 -54.28 46.08 -0.43
N TRP G 198 -54.75 45.54 0.67
CA TRP G 198 -54.86 44.08 0.81
C TRP G 198 -56.03 43.75 1.73
N PRO G 199 -57.25 44.17 1.39
CA PRO G 199 -58.37 43.98 2.31
C PRO G 199 -58.80 42.54 2.45
N GLU G 200 -58.33 41.65 1.57
CA GLU G 200 -58.59 40.22 1.65
C GLU G 200 -57.90 39.57 2.84
N MET G 201 -57.01 40.27 3.54
CA MET G 201 -56.31 39.66 4.67
C MET G 201 -57.24 39.52 5.85
N HIS G 202 -57.58 38.27 6.17
CA HIS G 202 -58.44 37.94 7.28
C HIS G 202 -57.64 37.24 8.36
N ALA G 203 -58.27 37.08 9.53
CA ALA G 203 -57.59 36.60 10.73
C ALA G 203 -58.60 35.87 11.60
N LEU G 204 -58.24 34.67 12.05
CA LEU G 204 -59.09 33.85 12.91
C LEU G 204 -58.43 33.79 14.28
N ILE G 205 -59.05 34.41 15.28
CA ILE G 205 -58.55 34.33 16.64
C ILE G 205 -59.11 33.06 17.25
N CYS G 206 -58.22 32.15 17.69
CA CYS G 206 -58.62 30.93 18.38
C CYS G 206 -58.35 31.14 19.87
N VAL G 207 -59.41 31.27 20.66
CA VAL G 207 -59.25 31.43 22.10
C VAL G 207 -59.01 30.05 22.71
N VAL G 208 -57.86 29.89 23.37
CA VAL G 208 -57.38 28.58 23.80
C VAL G 208 -57.53 28.46 25.30
N SER G 209 -58.08 27.34 25.74
CA SER G 209 -58.17 27.04 27.16
C SER G 209 -56.78 26.95 27.77
N ASP G 210 -56.61 27.55 28.95
CA ASP G 210 -55.32 27.45 29.61
C ASP G 210 -55.49 27.10 31.09
N ALA G 211 -56.51 26.31 31.41
CA ALA G 211 -56.83 25.94 32.80
C ALA G 211 -55.84 24.96 33.42
N LYS G 212 -54.79 24.53 32.72
CA LYS G 212 -53.81 23.62 33.29
C LYS G 212 -52.49 24.29 33.65
N LYS G 213 -52.34 25.59 33.41
CA LYS G 213 -51.19 26.32 33.90
C LYS G 213 -51.51 26.93 35.27
N GLY G 214 -50.45 27.16 36.05
CA GLY G 214 -50.60 27.82 37.33
C GLY G 214 -50.13 29.26 37.25
N SER G 217 -45.56 40.82 30.95
CA SER G 217 -45.21 41.43 29.67
C SER G 217 -44.11 42.48 29.84
N THR G 218 -44.33 43.45 30.73
CA THR G 218 -43.31 44.48 30.99
C THR G 218 -42.19 43.96 31.88
N SER G 219 -42.53 43.43 33.05
CA SER G 219 -41.52 42.75 33.85
C SER G 219 -41.00 41.51 33.11
N GLY G 220 -41.89 40.86 32.34
CA GLY G 220 -41.51 39.74 31.51
C GLY G 220 -40.46 40.09 30.49
N MET G 221 -40.77 40.96 29.52
CA MET G 221 -39.84 41.15 28.41
C MET G 221 -38.49 41.65 28.86
N GLN G 222 -38.44 42.41 29.96
CA GLN G 222 -37.12 42.89 30.38
C GLN G 222 -36.27 41.77 30.95
N LYS G 223 -36.89 40.73 31.52
CA LYS G 223 -36.10 39.58 31.93
C LYS G 223 -35.46 38.90 30.73
N THR G 224 -36.19 38.81 29.62
CA THR G 224 -35.59 38.28 28.39
C THR G 224 -34.41 39.12 27.95
N VAL G 225 -34.57 40.45 27.97
CA VAL G 225 -33.46 41.33 27.62
C VAL G 225 -32.24 41.06 28.51
N GLU G 226 -32.48 40.87 29.82
CA GLU G 226 -31.38 40.71 30.76
CA GLU G 226 -31.38 40.71 30.77
C GLU G 226 -30.69 39.36 30.63
N THR G 227 -31.44 38.31 30.31
CA THR G 227 -30.92 36.96 30.51
C THR G 227 -30.85 36.08 29.28
N SER G 228 -31.54 36.41 28.18
CA SER G 228 -31.57 35.52 27.03
C SER G 228 -30.36 35.81 26.12
N THR G 229 -29.44 34.85 26.01
CA THR G 229 -28.34 35.03 25.06
C THR G 229 -28.84 34.96 23.63
N LEU G 230 -29.86 34.14 23.38
CA LEU G 230 -30.39 33.98 22.02
C LEU G 230 -31.04 35.26 21.53
N LEU G 231 -31.57 36.08 22.44
CA LEU G 231 -32.16 37.34 22.02
C LEU G 231 -31.20 38.15 21.17
N GLN G 232 -29.90 38.08 21.46
CA GLN G 232 -28.97 38.94 20.74
C GLN G 232 -28.95 38.59 19.26
N GLU G 233 -29.18 37.30 18.94
CA GLU G 233 -29.26 36.93 17.54
C GLU G 233 -30.64 37.26 16.97
N ARG G 234 -31.69 37.12 17.78
CA ARG G 234 -33.00 37.60 17.35
C ARG G 234 -32.92 39.05 16.87
N LEU G 235 -32.20 39.90 17.60
CA LEU G 235 -32.11 41.31 17.23
C LEU G 235 -31.38 41.50 15.90
N ARG G 236 -30.48 40.58 15.55
CA ARG G 236 -29.81 40.64 14.25
C ARG G 236 -30.73 40.23 13.12
N VAL G 237 -31.65 39.28 13.38
CA VAL G 237 -32.51 38.72 12.35
C VAL G 237 -33.72 39.59 12.09
N VAL G 238 -34.25 40.28 13.11
CA VAL G 238 -35.50 41.04 12.91
C VAL G 238 -35.41 42.05 11.76
N PRO G 239 -34.35 42.85 11.62
CA PRO G 239 -34.33 43.80 10.48
C PRO G 239 -34.48 43.13 9.12
N LYS G 240 -33.91 41.93 8.94
CA LYS G 240 -34.11 41.23 7.67
C LYS G 240 -35.57 40.81 7.49
N ARG G 241 -36.21 40.37 8.57
CA ARG G 241 -37.61 39.96 8.50
C ARG G 241 -38.49 41.17 8.26
N MET G 242 -38.14 42.30 8.86
CA MET G 242 -38.90 43.52 8.61
C MET G 242 -38.86 43.88 7.13
N ASP G 243 -37.67 43.88 6.54
CA ASP G 243 -37.53 44.21 5.11
CA ASP G 243 -37.55 44.22 5.12
C ASP G 243 -38.29 43.22 4.25
N ALA G 244 -38.14 41.93 4.55
CA ALA G 244 -38.77 40.90 3.73
C ALA G 244 -40.30 40.94 3.86
N ILE G 245 -40.82 41.15 5.08
CA ILE G 245 -42.28 41.09 5.18
C ILE G 245 -42.90 42.36 4.59
N SER G 246 -42.19 43.48 4.64
CA SER G 246 -42.70 44.69 3.99
C SER G 246 -42.80 44.47 2.50
N GLN G 247 -41.77 43.85 1.91
CA GLN G 247 -41.81 43.55 0.50
C GLN G 247 -42.96 42.58 0.18
N ALA G 248 -43.16 41.56 1.02
CA ALA G 248 -44.23 40.61 0.76
C ALA G 248 -45.59 41.27 0.81
N ILE G 249 -45.82 42.13 1.81
CA ILE G 249 -47.07 42.87 1.92
C ILE G 249 -47.29 43.73 0.67
N LYS G 250 -46.26 44.46 0.25
CA LYS G 250 -46.41 45.29 -0.94
C LYS G 250 -46.73 44.47 -2.19
N ALA G 251 -46.19 43.26 -2.28
CA ALA G 251 -46.42 42.39 -3.43
C ALA G 251 -47.67 41.52 -3.28
N ARG G 252 -48.35 41.60 -2.13
CA ARG G 252 -49.47 40.72 -1.81
CA ARG G 252 -49.45 40.70 -1.78
C ARG G 252 -49.04 39.25 -1.98
N ASP G 253 -47.82 38.96 -1.53
CA ASP G 253 -47.23 37.62 -1.54
C ASP G 253 -47.63 36.93 -0.24
N PHE G 254 -48.77 36.22 -0.24
CA PHE G 254 -49.23 35.66 1.03
C PHE G 254 -48.26 34.62 1.55
N ALA G 255 -47.72 33.76 0.68
CA ALA G 255 -46.86 32.71 1.19
C ALA G 255 -45.63 33.27 1.92
N GLU G 256 -45.00 34.31 1.37
CA GLU G 256 -43.83 34.86 2.06
CA GLU G 256 -43.83 34.88 2.05
C GLU G 256 -44.24 35.62 3.31
N PHE G 257 -45.36 36.36 3.27
CA PHE G 257 -45.91 36.96 4.48
C PHE G 257 -46.09 35.90 5.56
N ALA G 258 -46.63 34.75 5.16
CA ALA G 258 -46.98 33.69 6.09
C ALA G 258 -45.72 33.07 6.70
N LYS G 259 -44.74 32.73 5.86
CA LYS G 259 -43.51 32.14 6.35
C LYS G 259 -42.83 33.05 7.36
N LEU G 260 -42.78 34.35 7.06
CA LEU G 260 -42.12 35.29 7.95
C LEU G 260 -42.87 35.41 9.27
N THR G 261 -44.21 35.44 9.21
CA THR G 261 -45.02 35.54 10.41
C THR G 261 -44.83 34.31 11.30
N MET G 262 -44.84 33.12 10.71
CA MET G 262 -44.68 31.94 11.53
C MET G 262 -43.28 31.89 12.11
N ALA G 263 -42.27 32.19 11.28
CA ALA G 263 -40.89 32.16 11.77
C ALA G 263 -40.70 33.15 12.91
N ASP G 264 -41.25 34.38 12.79
CA ASP G 264 -41.00 35.33 13.87
C ASP G 264 -41.80 34.98 15.13
N SER G 265 -42.98 34.39 14.98
CA SER G 265 -43.71 33.94 16.18
C SER G 265 -42.87 32.94 16.97
N ASN G 266 -42.35 31.92 16.27
CA ASN G 266 -41.58 30.88 16.94
C ASN G 266 -40.30 31.47 17.52
N SER G 267 -39.71 32.46 16.83
CA SER G 267 -38.50 33.11 17.32
C SER G 267 -38.78 33.80 18.65
N PHE G 268 -39.91 34.49 18.72
CA PHE G 268 -40.32 35.16 19.96
C PHE G 268 -40.50 34.15 21.09
N HIS G 269 -41.22 33.07 20.83
CA HIS G 269 -41.41 32.11 21.90
C HIS G 269 -40.13 31.38 22.26
N ALA G 270 -39.20 31.25 21.30
CA ALA G 270 -37.89 30.69 21.61
C ALA G 270 -37.13 31.58 22.59
N VAL G 271 -37.09 32.90 22.37
CA VAL G 271 -36.31 33.72 23.30
C VAL G 271 -37.00 33.79 24.66
N CYS G 272 -38.34 33.63 24.70
CA CYS G 272 -39.05 33.45 25.96
C CYS G 272 -38.54 32.20 26.69
N LEU G 273 -38.42 31.10 25.97
CA LEU G 273 -37.98 29.87 26.60
C LEU G 273 -36.54 29.99 27.11
N ASP G 274 -35.72 30.77 26.41
CA ASP G 274 -34.31 30.98 26.72
C ASP G 274 -34.09 32.03 27.81
N THR G 275 -35.16 32.64 28.30
CA THR G 275 -35.08 33.54 29.44
C THR G 275 -34.84 32.72 30.70
N ALA G 276 -34.26 33.35 31.72
CA ALA G 276 -33.96 32.66 32.98
C ALA G 276 -34.58 33.48 34.11
N PRO G 277 -35.64 32.97 34.76
CA PRO G 277 -36.32 31.69 34.49
C PRO G 277 -37.11 31.74 33.17
N PRO G 278 -37.40 30.57 32.60
CA PRO G 278 -38.07 30.55 31.28
C PRO G 278 -39.50 31.05 31.35
N ILE G 279 -39.93 31.64 30.25
CA ILE G 279 -41.28 32.16 30.07
C ILE G 279 -42.00 31.24 29.09
N PHE G 280 -43.15 30.71 29.51
CA PHE G 280 -43.96 29.80 28.70
C PHE G 280 -45.31 30.45 28.40
N TYR G 281 -45.64 30.57 27.11
CA TYR G 281 -46.94 31.06 26.68
C TYR G 281 -47.70 30.03 25.87
N LEU G 282 -47.03 29.34 24.94
CA LEU G 282 -47.68 28.27 24.19
C LEU G 282 -48.00 27.11 25.11
N ASN G 283 -49.17 26.49 24.93
CA ASN G 283 -49.43 25.24 25.65
C ASN G 283 -49.63 24.11 24.63
N ASP G 284 -50.13 22.95 25.12
CA ASP G 284 -50.24 21.79 24.22
C ASP G 284 -51.26 22.04 23.13
N VAL G 285 -52.31 22.80 23.42
CA VAL G 285 -53.29 23.12 22.38
C VAL G 285 -52.68 24.05 21.34
N SER G 286 -51.90 25.05 21.79
CA SER G 286 -51.20 25.91 20.82
C SER G 286 -50.34 25.07 19.88
N ARG G 287 -49.58 24.12 20.43
CA ARG G 287 -48.73 23.25 19.62
CA ARG G 287 -48.73 23.30 19.57
C ARG G 287 -49.57 22.44 18.63
N ALA G 288 -50.74 21.99 19.05
CA ALA G 288 -51.60 21.22 18.18
C ALA G 288 -52.13 22.09 17.04
N ILE G 289 -52.47 23.35 17.34
CA ILE G 289 -52.93 24.25 16.27
C ILE G 289 -51.83 24.47 15.25
N ILE G 290 -50.60 24.67 15.74
CA ILE G 290 -49.46 24.81 14.83
C ILE G 290 -49.36 23.59 13.93
N ALA G 291 -49.51 22.38 14.50
CA ALA G 291 -49.39 21.18 13.68
C ALA G 291 -50.47 21.14 12.62
N VAL G 292 -51.67 21.60 12.96
CA VAL G 292 -52.77 21.54 12.01
C VAL G 292 -52.56 22.55 10.90
N VAL G 293 -52.15 23.77 11.26
CA VAL G 293 -51.89 24.80 10.24
C VAL G 293 -50.78 24.36 9.30
N GLU G 294 -49.70 23.81 9.85
CA GLU G 294 -48.62 23.37 8.96
CA GLU G 294 -48.61 23.35 8.99
C GLU G 294 -49.07 22.23 8.07
N GLU G 295 -49.88 21.30 8.60
CA GLU G 295 -50.36 20.22 7.74
C GLU G 295 -51.40 20.71 6.72
N LEU G 296 -52.21 21.71 7.09
CA LEU G 296 -53.12 22.31 6.12
C LEU G 296 -52.38 22.91 4.94
N ASN G 297 -51.31 23.69 5.22
CA ASN G 297 -50.50 24.27 4.15
C ASN G 297 -49.84 23.18 3.32
N ARG G 298 -49.33 22.14 3.97
CA ARG G 298 -48.68 21.09 3.20
C ARG G 298 -49.68 20.39 2.27
N ALA G 299 -50.81 19.98 2.82
CA ALA G 299 -51.79 19.21 2.07
C ALA G 299 -52.45 20.03 0.97
N ALA G 300 -52.56 21.34 1.17
CA ALA G 300 -53.07 22.21 0.12
C ALA G 300 -52.07 22.41 -1.02
N GLY G 301 -50.79 22.08 -0.81
CA GLY G 301 -49.77 22.31 -1.82
C GLY G 301 -49.38 23.77 -1.97
N GLU G 302 -49.80 24.60 -1.03
CA GLU G 302 -49.57 26.04 -1.08
CA GLU G 302 -49.52 26.04 -1.06
C GLU G 302 -49.77 26.58 0.32
N ILE G 303 -48.96 27.56 0.71
CA ILE G 303 -49.12 28.15 2.05
C ILE G 303 -50.37 29.02 1.97
N ILE G 304 -51.42 28.63 2.69
CA ILE G 304 -52.68 29.39 2.71
C ILE G 304 -52.99 29.97 4.07
N ALA G 305 -52.23 29.62 5.10
CA ALA G 305 -52.55 30.07 6.45
C ALA G 305 -51.26 30.31 7.23
N ALA G 306 -51.33 31.25 8.19
CA ALA G 306 -50.14 31.58 8.98
C ALA G 306 -50.56 31.76 10.44
N TYR G 307 -50.01 30.94 11.33
CA TYR G 307 -50.26 31.20 12.76
C TYR G 307 -49.32 32.26 13.33
N THR G 308 -49.78 32.89 14.40
CA THR G 308 -48.89 33.66 15.25
C THR G 308 -49.46 33.70 16.65
N PHE G 309 -48.59 33.81 17.64
CA PHE G 309 -48.97 33.72 19.05
C PHE G 309 -48.35 34.88 19.79
N ASP G 310 -49.16 35.56 20.60
CA ASP G 310 -48.62 36.59 21.48
C ASP G 310 -48.34 36.04 22.86
N ALA G 311 -48.51 36.86 23.89
CA ALA G 311 -48.11 36.48 25.26
C ALA G 311 -49.23 35.67 25.93
N GLY G 312 -49.50 34.52 25.35
CA GLY G 312 -50.46 33.59 25.88
C GLY G 312 -50.69 32.51 24.83
N PRO G 313 -51.58 31.56 25.10
CA PRO G 313 -51.72 30.41 24.19
C PRO G 313 -52.67 30.63 23.02
N ASN G 314 -53.44 31.73 22.99
CA ASN G 314 -54.36 31.98 21.88
C ASN G 314 -53.61 32.05 20.55
N ALA G 315 -54.21 31.45 19.51
CA ALA G 315 -53.66 31.54 18.17
C ALA G 315 -54.38 32.63 17.40
N VAL G 316 -53.64 33.33 16.54
CA VAL G 316 -54.22 34.14 15.47
C VAL G 316 -53.77 33.48 14.18
N ILE G 317 -54.71 33.16 13.30
CA ILE G 317 -54.39 32.51 12.03
C ILE G 317 -54.77 33.47 10.91
N TYR G 318 -53.77 34.03 10.24
CA TYR G 318 -54.01 34.82 9.05
C TYR G 318 -54.30 33.90 7.88
N THR G 319 -55.18 34.38 6.99
CA THR G 319 -55.52 33.68 5.76
C THR G 319 -56.30 34.65 4.88
N LEU G 320 -56.16 34.50 3.56
CA LEU G 320 -56.98 35.30 2.68
C LEU G 320 -58.44 34.89 2.85
N GLU G 321 -59.34 35.85 2.68
CA GLU G 321 -60.79 35.60 2.80
C GLU G 321 -61.21 34.34 2.08
N LYS G 322 -60.76 34.14 0.84
CA LYS G 322 -61.20 32.97 0.08
C LYS G 322 -60.75 31.66 0.72
N ASN G 323 -59.72 31.67 1.58
CA ASN G 323 -59.23 30.44 2.19
C ASN G 323 -59.71 30.25 3.61
N MET G 324 -60.41 31.22 4.19
CA MET G 324 -60.89 31.05 5.55
C MET G 324 -61.78 29.81 5.71
N PRO G 325 -62.63 29.44 4.74
CA PRO G 325 -63.42 28.21 4.97
C PRO G 325 -62.56 26.97 5.18
N PHE G 326 -61.37 26.89 4.54
CA PHE G 326 -60.47 25.78 4.83
C PHE G 326 -59.93 25.85 6.25
N VAL G 327 -59.56 27.05 6.70
CA VAL G 327 -58.99 27.21 8.03
C VAL G 327 -60.04 26.93 9.08
N LEU G 328 -61.23 27.53 8.93
CA LEU G 328 -62.31 27.25 9.88
CA LEU G 328 -62.30 27.24 9.88
C LEU G 328 -62.63 25.76 9.88
N GLY G 329 -62.70 25.15 8.69
CA GLY G 329 -63.01 23.73 8.62
C GLY G 329 -62.03 22.89 9.40
N ALA G 330 -60.73 23.17 9.24
CA ALA G 330 -59.70 22.40 9.92
C ALA G 330 -59.74 22.61 11.43
N ILE G 331 -59.88 23.87 11.87
CA ILE G 331 -59.95 24.12 13.32
C ILE G 331 -61.19 23.48 13.93
N LYS G 332 -62.35 23.62 13.27
CA LYS G 332 -63.56 23.03 13.84
C LYS G 332 -63.48 21.51 13.84
N ARG G 333 -62.80 20.93 12.86
CA ARG G 333 -62.69 19.48 12.77
C ARG G 333 -61.91 18.93 13.96
N PHE G 334 -60.79 19.56 14.31
CA PHE G 334 -59.90 18.99 15.31
C PHE G 334 -60.06 19.60 16.70
N PHE G 335 -60.70 20.77 16.82
CA PHE G 335 -60.85 21.48 18.10
C PHE G 335 -62.28 21.97 18.29
N PRO G 336 -63.23 21.08 18.60
CA PRO G 336 -64.61 21.52 18.85
C PRO G 336 -64.69 22.58 19.95
N THR G 337 -65.53 23.58 19.74
CA THR G 337 -65.52 24.71 20.66
C THR G 337 -66.53 24.52 21.79
N SER G 338 -66.50 25.46 22.72
CA SER G 338 -67.36 25.43 23.88
C SER G 338 -68.73 26.01 23.56
N GLU G 339 -69.71 25.58 24.36
CA GLU G 339 -70.99 26.25 24.41
C GLU G 339 -70.85 27.71 24.83
N GLU G 340 -69.74 28.07 25.48
CA GLU G 340 -69.52 29.44 25.94
C GLU G 340 -69.37 30.42 24.78
N PHE G 341 -68.79 29.98 23.67
CA PHE G 341 -68.70 30.79 22.45
C PHE G 341 -69.55 30.24 21.32
N GLU G 342 -70.44 29.29 21.59
CA GLU G 342 -71.20 28.64 20.52
C GLU G 342 -72.17 29.63 19.88
N SER G 343 -72.33 29.52 18.55
CA SER G 343 -73.10 30.48 17.78
C SER G 343 -74.18 29.80 16.97
N PRO G 344 -75.42 30.30 16.99
CA PRO G 344 -76.47 29.74 16.13
C PRO G 344 -76.32 30.13 14.66
N PHE G 345 -75.43 31.07 14.35
CA PHE G 345 -75.25 31.49 12.98
C PHE G 345 -74.32 30.53 12.27
N GLN G 346 -74.70 30.21 11.02
CA GLN G 346 -74.10 29.13 10.27
C GLN G 346 -73.02 29.73 9.36
N THR G 347 -71.76 29.32 9.57
CA THR G 347 -70.65 29.81 8.76
C THR G 347 -70.13 28.70 7.85
N GLY G 348 -69.61 29.08 6.69
CA GLY G 348 -69.19 28.09 5.71
C GLY G 348 -67.81 27.50 6.04
N VAL G 349 -67.69 26.18 5.86
CA VAL G 349 -66.42 25.49 5.96
C VAL G 349 -66.20 24.67 4.68
N ARG G 350 -64.97 24.21 4.51
CA ARG G 350 -64.59 23.28 3.45
C ARG G 350 -63.92 22.07 4.07
N ASP G 351 -64.04 20.90 3.42
CA ASP G 351 -63.36 19.72 3.94
C ASP G 351 -61.84 19.90 3.85
N LEU G 352 -61.12 19.07 4.60
CA LEU G 352 -59.67 19.11 4.56
C LEU G 352 -59.19 18.80 3.15
N PRO G 353 -58.12 19.44 2.69
CA PRO G 353 -57.57 19.10 1.37
C PRO G 353 -57.23 17.63 1.28
N GLU G 354 -57.34 17.08 0.07
CA GLU G 354 -56.94 15.70 -0.17
C GLU G 354 -55.50 15.51 0.28
N GLY G 355 -55.25 14.38 0.94
CA GLY G 355 -53.92 14.10 1.43
C GLY G 355 -53.59 14.65 2.79
N PHE G 356 -54.50 15.40 3.43
CA PHE G 356 -54.27 15.85 4.80
C PHE G 356 -54.07 14.64 5.70
N ASN G 357 -52.96 14.63 6.44
CA ASN G 357 -52.62 13.52 7.32
C ASN G 357 -53.18 13.82 8.70
N THR G 358 -54.26 13.14 9.07
CA THR G 358 -54.85 13.38 10.37
C THR G 358 -53.99 12.88 11.51
N GLY G 359 -52.93 12.12 11.22
CA GLY G 359 -51.97 11.71 12.24
C GLY G 359 -51.20 12.86 12.88
N VAL G 360 -51.24 14.06 12.31
CA VAL G 360 -50.56 15.18 12.95
C VAL G 360 -51.28 15.64 14.22
N VAL G 361 -52.49 15.15 14.44
CA VAL G 361 -53.27 15.44 15.64
C VAL G 361 -53.27 14.19 16.49
N ARG G 362 -53.25 14.38 17.82
CA ARG G 362 -53.12 13.25 18.73
C ARG G 362 -54.26 12.26 18.54
N GLU G 363 -53.95 10.98 18.74
CA GLU G 363 -54.96 9.94 18.66
C GLU G 363 -56.16 10.27 19.53
N GLY G 364 -57.34 10.28 18.92
CA GLY G 364 -58.55 10.56 19.63
C GLY G 364 -58.94 12.03 19.71
N GLY G 365 -58.33 12.88 18.88
CA GLY G 365 -58.67 14.29 18.86
C GLY G 365 -58.63 14.98 20.21
N TRP G 366 -59.26 16.15 20.29
CA TRP G 366 -59.22 17.04 21.45
C TRP G 366 -60.63 17.25 22.00
N GLU G 367 -60.74 17.29 23.33
CA GLU G 367 -62.03 17.47 23.96
C GLU G 367 -62.62 18.82 23.59
N LYS G 368 -63.95 18.90 23.58
CA LYS G 368 -64.62 20.16 23.35
C LYS G 368 -64.15 21.19 24.36
N GLY G 369 -63.88 22.40 23.90
CA GLY G 369 -63.44 23.45 24.78
C GLY G 369 -61.93 23.62 24.90
N ALA G 370 -61.14 22.72 24.31
CA ALA G 370 -59.70 22.96 24.20
C ALA G 370 -59.44 24.29 23.52
N VAL G 371 -60.13 24.54 22.41
CA VAL G 371 -60.37 25.88 21.89
C VAL G 371 -61.74 26.32 22.40
N LYS G 372 -61.78 27.47 23.06
CA LYS G 372 -63.01 27.91 23.70
C LYS G 372 -63.92 28.68 22.76
N GLY G 373 -63.35 29.43 21.83
CA GLY G 373 -64.14 30.19 20.89
C GLY G 373 -63.30 30.70 19.75
N LEU G 374 -64.00 31.19 18.73
CA LEU G 374 -63.36 31.70 17.54
C LEU G 374 -63.87 33.10 17.26
N ILE G 375 -62.99 33.97 16.79
CA ILE G 375 -63.35 35.33 16.39
C ILE G 375 -62.81 35.53 14.97
N HIS G 376 -63.71 35.70 14.01
CA HIS G 376 -63.34 35.89 12.61
C HIS G 376 -63.27 37.39 12.34
N THR G 377 -62.06 37.92 12.14
CA THR G 377 -61.95 39.33 11.78
C THR G 377 -61.06 39.49 10.55
N ARG G 378 -60.60 40.71 10.30
CA ARG G 378 -59.94 41.04 9.03
C ARG G 378 -59.16 42.33 9.23
N VAL G 379 -58.31 42.66 8.24
CA VAL G 379 -57.56 43.90 8.31
C VAL G 379 -58.53 45.09 8.26
N GLY G 380 -58.26 46.10 9.09
CA GLY G 380 -59.19 47.21 9.26
C GLY G 380 -58.48 48.54 9.13
N ASP G 381 -59.27 49.61 9.21
CA ASP G 381 -58.77 50.96 9.13
C ASP G 381 -58.26 51.43 10.50
N GLY G 382 -57.74 52.65 10.55
CA GLY G 382 -57.23 53.17 11.80
C GLY G 382 -58.35 53.72 12.68
N PRO G 383 -57.98 54.46 13.73
CA PRO G 383 -59.00 54.98 14.65
C PRO G 383 -60.12 55.71 13.90
N ARG G 384 -61.32 55.65 14.47
CA ARG G 384 -62.51 56.25 13.90
C ARG G 384 -63.05 57.29 14.87
N VAL G 385 -63.25 58.52 14.38
CA VAL G 385 -63.90 59.53 15.20
C VAL G 385 -65.42 59.34 15.09
N LEU G 386 -66.07 59.16 16.23
CA LEU G 386 -67.47 58.76 16.26
C LEU G 386 -68.36 59.99 16.47
N GLU G 387 -69.66 59.74 16.49
CA GLU G 387 -70.67 60.77 16.65
C GLU G 387 -71.03 60.94 18.12
N LYS G 388 -71.78 62.01 18.40
CA LYS G 388 -72.21 62.27 19.78
C LYS G 388 -73.06 61.14 20.33
N GLU G 389 -73.79 60.43 19.47
CA GLU G 389 -74.65 59.34 19.94
C GLU G 389 -73.85 58.24 20.60
N ASP G 390 -72.58 58.06 20.21
CA ASP G 390 -71.73 57.02 20.77
C ASP G 390 -70.97 57.47 22.01
N SER G 391 -71.25 58.66 22.53
CA SER G 391 -70.45 59.21 23.61
C SER G 391 -70.59 58.36 24.87
N LEU G 392 -69.50 58.24 25.61
CA LEU G 392 -69.51 57.54 26.88
C LEU G 392 -69.97 58.39 28.04
N LEU G 393 -70.06 59.70 27.87
CA LEU G 393 -70.41 60.61 28.95
C LEU G 393 -71.83 61.12 28.79
N GLY G 394 -72.51 61.30 29.92
CA GLY G 394 -73.80 61.92 29.94
C GLY G 394 -73.69 63.42 29.82
N GLU G 395 -74.84 64.09 30.01
CA GLU G 395 -74.88 65.54 29.91
C GLU G 395 -73.95 66.21 30.91
N ASN G 396 -73.86 65.66 32.13
CA ASN G 396 -73.09 66.26 33.20
C ASN G 396 -71.61 65.92 33.16
N GLY G 397 -71.10 65.42 32.03
CA GLY G 397 -69.70 65.05 31.92
C GLY G 397 -69.28 63.85 32.74
N VAL G 398 -70.23 63.11 33.29
CA VAL G 398 -69.95 61.89 34.07
C VAL G 398 -70.38 60.70 33.24
N PRO G 399 -69.63 59.58 33.25
CA PRO G 399 -69.97 58.46 32.37
C PRO G 399 -71.44 58.05 32.47
N LYS G 400 -72.01 57.69 31.31
CA LYS G 400 -73.36 57.15 31.28
C LYS G 400 -73.48 55.90 32.14
N VAL G 401 -72.44 55.08 32.18
CA VAL G 401 -72.45 53.81 32.90
C VAL G 401 -71.35 53.83 33.94
N LEU G 402 -71.71 53.60 35.19
CA LEU G 402 -70.77 53.53 36.30
C LEU G 402 -70.87 52.14 36.93
N ALA G 403 -69.72 51.50 37.14
CA ALA G 403 -69.67 50.15 37.70
C ALA G 403 -70.10 50.14 39.16
N HIS H 8 -49.74 22.63 -8.43
CA HIS H 8 -48.90 23.70 -8.93
C HIS H 8 -47.69 23.17 -9.71
N MET H 9 -46.52 23.74 -9.44
CA MET H 9 -45.33 23.49 -10.24
C MET H 9 -44.75 22.11 -9.94
N VAL H 10 -44.43 21.36 -10.98
CA VAL H 10 -43.88 20.01 -10.85
C VAL H 10 -42.41 20.04 -11.25
N HIS H 11 -41.54 19.56 -10.37
CA HIS H 11 -40.12 19.41 -10.67
C HIS H 11 -39.84 17.93 -10.72
N GLU H 12 -39.65 17.39 -11.92
CA GLU H 12 -39.54 15.94 -12.06
C GLU H 12 -38.73 15.61 -13.31
N ALA H 13 -37.93 14.54 -13.22
CA ALA H 13 -37.16 14.05 -14.35
C ALA H 13 -37.28 12.53 -14.42
N THR H 14 -37.35 11.99 -15.64
CA THR H 14 -37.27 10.55 -15.83
C THR H 14 -36.11 10.28 -16.77
N ALA H 15 -35.29 9.29 -16.41
CA ALA H 15 -34.19 8.90 -17.28
C ALA H 15 -34.06 7.38 -17.25
N SER H 16 -33.56 6.84 -18.35
CA SER H 16 -33.18 5.45 -18.39
C SER H 16 -31.67 5.34 -18.46
N ALA H 17 -31.14 4.20 -17.99
CA ALA H 17 -29.73 3.92 -18.10
C ALA H 17 -29.53 2.53 -18.67
N PRO H 18 -28.42 2.28 -19.36
CA PRO H 18 -28.18 0.98 -19.98
C PRO H 18 -27.52 -0.01 -19.03
N VAL H 19 -27.75 -1.28 -19.35
CA VAL H 19 -26.91 -2.31 -18.79
CA VAL H 19 -26.93 -2.38 -18.86
C VAL H 19 -25.58 -2.30 -19.52
N ASN H 20 -24.53 -2.77 -18.83
CA ASN H 20 -23.23 -2.91 -19.46
C ASN H 20 -22.68 -4.26 -19.05
N ILE H 21 -21.87 -4.84 -19.92
CA ILE H 21 -21.32 -6.17 -19.69
C ILE H 21 -19.80 -6.04 -19.75
N ALA H 22 -19.13 -6.39 -18.65
CA ALA H 22 -17.69 -6.19 -18.56
C ALA H 22 -16.94 -7.24 -19.39
N CYS H 23 -15.99 -6.75 -20.18
CA CYS H 23 -15.02 -7.59 -20.88
C CYS H 23 -13.81 -7.85 -20.00
N ILE H 24 -13.33 -6.80 -19.32
CA ILE H 24 -12.30 -6.91 -18.29
C ILE H 24 -13.03 -6.73 -16.98
N LYS H 25 -13.01 -7.76 -16.13
CA LYS H 25 -13.94 -7.83 -15.00
C LYS H 25 -13.51 -7.05 -13.76
N TYR H 26 -14.50 -6.41 -13.15
CA TYR H 26 -14.42 -5.92 -11.78
C TYR H 26 -14.69 -7.05 -10.81
N TRP H 27 -13.72 -7.30 -9.92
CA TRP H 27 -13.89 -8.34 -8.89
C TRP H 27 -12.88 -8.04 -7.80
N GLY H 28 -13.33 -7.32 -6.78
CA GLY H 28 -12.49 -7.03 -5.63
C GLY H 28 -12.41 -5.53 -5.37
N LYS H 29 -12.57 -5.13 -4.11
CA LYS H 29 -12.46 -3.75 -3.70
C LYS H 29 -11.24 -3.56 -2.80
N ARG H 30 -10.53 -2.44 -3.00
CA ARG H 30 -9.52 -2.01 -2.03
C ARG H 30 -10.07 -1.07 -0.97
N ASP H 31 -11.25 -0.50 -1.20
CA ASP H 31 -11.94 0.34 -0.22
C ASP H 31 -13.44 0.02 -0.30
N THR H 32 -13.98 -0.60 0.75
CA THR H 32 -15.35 -1.09 0.64
C THR H 32 -16.40 0.00 0.83
N ARG H 33 -16.04 1.13 1.46
CA ARG H 33 -17.01 2.21 1.64
C ARG H 33 -17.09 3.08 0.39
N LEU H 34 -15.93 3.52 -0.12
CA LEU H 34 -15.93 4.34 -1.32
C LEU H 34 -16.09 3.53 -2.61
N ILE H 35 -16.01 2.19 -2.54
CA ILE H 35 -16.06 1.31 -3.72
CA ILE H 35 -16.07 1.32 -3.72
C ILE H 35 -14.93 1.69 -4.67
N LEU H 36 -13.73 1.54 -4.20
CA LEU H 36 -12.53 1.66 -5.00
C LEU H 36 -12.05 0.25 -5.31
N PRO H 37 -11.82 -0.08 -6.57
CA PRO H 37 -11.55 -1.47 -6.94
C PRO H 37 -10.07 -1.82 -6.83
N THR H 38 -9.80 -3.14 -6.82
CA THR H 38 -8.42 -3.66 -6.88
C THR H 38 -7.82 -3.59 -8.27
N ASN H 39 -8.62 -3.34 -9.30
CA ASN H 39 -8.11 -3.27 -10.65
C ASN H 39 -9.10 -2.47 -11.47
N SER H 40 -8.65 -1.99 -12.63
CA SER H 40 -9.56 -1.35 -13.57
C SER H 40 -10.42 -2.39 -14.27
N SER H 41 -11.49 -1.90 -14.90
CA SER H 41 -12.38 -2.80 -15.64
C SER H 41 -12.85 -2.09 -16.90
N LEU H 42 -13.46 -2.87 -17.81
CA LEU H 42 -13.85 -2.29 -19.10
C LEU H 42 -15.03 -3.07 -19.65
N SER H 43 -16.05 -2.34 -20.15
CA SER H 43 -17.31 -2.97 -20.55
C SER H 43 -17.80 -2.41 -21.88
N VAL H 44 -18.75 -3.13 -22.48
CA VAL H 44 -19.56 -2.65 -23.59
C VAL H 44 -20.92 -2.25 -23.03
N THR H 45 -21.35 -1.04 -23.33
CA THR H 45 -22.69 -0.59 -22.98
C THR H 45 -23.69 -1.19 -23.97
N LEU H 46 -24.78 -1.79 -23.49
CA LEU H 46 -25.78 -2.39 -24.37
C LEU H 46 -26.93 -1.43 -24.64
N ASP H 47 -27.66 -1.70 -25.72
CA ASP H 47 -28.69 -0.82 -26.28
C ASP H 47 -29.94 -0.76 -25.39
N GLN H 48 -30.28 0.45 -24.95
CA GLN H 48 -31.48 0.64 -24.12
C GLN H 48 -32.77 0.34 -24.86
N ASP H 49 -32.74 0.18 -26.19
CA ASP H 49 -33.94 -0.30 -26.86
C ASP H 49 -34.34 -1.71 -26.42
N HIS H 50 -33.40 -2.49 -25.89
CA HIS H 50 -33.67 -3.86 -25.51
C HIS H 50 -33.65 -4.10 -24.01
N LEU H 51 -32.71 -3.50 -23.29
CA LEU H 51 -32.60 -3.69 -21.85
C LEU H 51 -32.37 -2.34 -21.20
N ARG H 52 -33.03 -2.09 -20.07
CA ARG H 52 -32.81 -0.78 -19.46
C ARG H 52 -33.38 -0.79 -18.06
N SER H 53 -32.87 0.13 -17.26
CA SER H 53 -33.55 0.58 -16.05
C SER H 53 -34.01 2.01 -16.25
N THR H 54 -35.19 2.33 -15.71
CA THR H 54 -35.80 3.65 -15.83
C THR H 54 -36.15 4.14 -14.45
N THR H 55 -35.86 5.41 -14.19
CA THR H 55 -36.10 5.99 -12.87
C THR H 55 -36.68 7.39 -13.03
N THR H 56 -37.77 7.65 -12.29
CA THR H 56 -38.39 8.96 -12.19
C THR H 56 -38.11 9.51 -10.81
N SER H 57 -37.62 10.75 -10.72
CA SER H 57 -37.38 11.42 -9.45
CA SER H 57 -37.39 11.42 -9.45
C SER H 57 -38.11 12.75 -9.45
N ARG H 58 -38.81 13.03 -8.36
CA ARG H 58 -39.53 14.28 -8.24
C ARG H 58 -39.22 14.90 -6.89
N ALA H 59 -39.03 16.21 -6.87
CA ALA H 59 -38.84 16.94 -5.63
C ALA H 59 -40.01 17.91 -5.49
N ASP H 60 -40.63 17.94 -4.30
CA ASP H 60 -41.75 18.84 -4.11
C ASP H 60 -41.75 19.30 -2.65
N ALA H 61 -41.78 20.61 -2.47
CA ALA H 61 -41.80 21.17 -1.13
C ALA H 61 -42.97 20.69 -0.29
N SER H 62 -44.04 20.21 -0.93
CA SER H 62 -45.24 19.80 -0.20
C SER H 62 -45.30 18.30 0.03
N PHE H 63 -44.31 17.53 -0.40
CA PHE H 63 -44.23 16.14 0.00
C PHE H 63 -44.03 16.02 1.51
N GLU H 64 -44.61 14.99 2.11
CA GLU H 64 -44.32 14.69 3.50
C GLU H 64 -42.83 14.43 3.68
N ALA H 65 -42.30 14.90 4.82
CA ALA H 65 -40.88 14.87 5.06
C ALA H 65 -40.34 13.46 4.95
N GLY H 66 -39.11 13.35 4.45
CA GLY H 66 -38.45 12.07 4.27
C GLY H 66 -38.54 11.57 2.84
N ASP H 67 -37.42 11.11 2.29
CA ASP H 67 -37.41 10.61 0.92
C ASP H 67 -38.05 9.23 0.86
N ARG H 68 -38.69 8.93 -0.26
CA ARG H 68 -39.26 7.60 -0.46
C ARG H 68 -38.89 7.09 -1.84
N LEU H 69 -38.59 5.81 -1.91
CA LEU H 69 -38.09 5.20 -3.14
C LEU H 69 -38.78 3.86 -3.36
N TRP H 70 -39.17 3.58 -4.60
CA TRP H 70 -39.78 2.32 -4.97
C TRP H 70 -38.93 1.65 -6.04
N LEU H 71 -38.77 0.34 -5.93
CA LEU H 71 -38.09 -0.46 -6.95
C LEU H 71 -39.04 -1.53 -7.43
N ASN H 72 -39.35 -1.50 -8.74
CA ASN H 72 -40.24 -2.47 -9.37
C ASN H 72 -41.56 -2.58 -8.61
N GLY H 73 -42.02 -1.44 -8.11
CA GLY H 73 -43.30 -1.34 -7.44
C GLY H 73 -43.30 -1.61 -5.95
N ARG H 74 -42.15 -1.91 -5.34
CA ARG H 74 -42.08 -2.20 -3.91
C ARG H 74 -41.24 -1.16 -3.22
N GLU H 75 -41.76 -0.59 -2.15
CA GLU H 75 -40.99 0.46 -1.48
C GLU H 75 -39.74 -0.16 -0.89
N GLU H 76 -38.65 0.57 -1.02
CA GLU H 76 -37.36 0.21 -0.47
C GLU H 76 -36.98 1.27 0.56
N ALA H 77 -36.58 0.83 1.75
CA ALA H 77 -36.13 1.76 2.76
C ALA H 77 -34.78 2.33 2.36
N ILE H 78 -34.63 3.64 2.50
CA ILE H 78 -33.39 4.34 2.20
C ILE H 78 -32.68 4.54 3.53
N LYS H 79 -31.87 3.57 3.94
CA LYS H 79 -31.25 3.63 5.25
C LYS H 79 -30.01 4.51 5.20
N GLU H 80 -29.87 5.41 6.17
CA GLU H 80 -28.72 6.31 6.18
C GLU H 80 -27.42 5.53 6.14
N GLY H 81 -26.49 6.01 5.31
CA GLY H 81 -25.20 5.37 5.10
C GLY H 81 -25.18 4.30 4.06
N GLY H 82 -26.35 3.80 3.66
CA GLY H 82 -26.41 2.77 2.62
C GLY H 82 -26.17 3.31 1.23
N ARG H 83 -26.12 2.40 0.26
CA ARG H 83 -25.72 2.79 -1.10
C ARG H 83 -26.64 3.86 -1.67
N LEU H 84 -27.95 3.65 -1.58
CA LEU H 84 -28.89 4.63 -2.14
C LEU H 84 -28.80 5.97 -1.42
N ALA H 85 -28.77 5.93 -0.09
CA ALA H 85 -28.74 7.17 0.68
C ALA H 85 -27.48 7.97 0.38
N VAL H 86 -26.35 7.30 0.22
CA VAL H 86 -25.10 8.00 -0.11
C VAL H 86 -25.23 8.70 -1.45
N CYS H 87 -25.77 8.02 -2.44
CA CYS H 87 -25.89 8.61 -3.77
CA CYS H 87 -25.90 8.60 -3.76
C CYS H 87 -26.79 9.84 -3.74
N ILE H 88 -27.94 9.73 -3.09
CA ILE H 88 -28.86 10.87 -3.01
C ILE H 88 -28.19 12.03 -2.28
N LYS H 89 -27.48 11.73 -1.20
CA LYS H 89 -26.79 12.75 -0.41
C LYS H 89 -25.79 13.52 -1.28
N GLU H 90 -25.02 12.81 -2.12
CA GLU H 90 -23.98 13.49 -2.91
C GLU H 90 -24.61 14.36 -3.97
N LEU H 91 -25.71 13.90 -4.57
CA LEU H 91 -26.33 14.67 -5.66
C LEU H 91 -27.10 15.85 -5.10
N ARG H 92 -27.74 15.66 -3.95
CA ARG H 92 -28.30 16.80 -3.23
C ARG H 92 -27.25 17.86 -2.93
N ALA H 93 -26.03 17.44 -2.57
CA ALA H 93 -25.00 18.39 -2.22
C ALA H 93 -24.56 19.19 -3.44
N TRP H 94 -24.47 18.55 -4.60
CA TRP H 94 -24.14 19.26 -5.84
C TRP H 94 -25.24 20.24 -6.22
N ARG H 95 -26.50 19.86 -6.03
CA ARG H 95 -27.59 20.81 -6.24
C ARG H 95 -27.50 21.97 -5.25
N LYS H 96 -27.21 21.70 -3.98
CA LYS H 96 -27.16 22.79 -3.01
C LYS H 96 -26.07 23.79 -3.39
N GLU H 97 -24.95 23.31 -3.95
CA GLU H 97 -23.91 24.22 -4.46
C GLU H 97 -24.48 25.20 -5.48
N MET H 98 -25.31 24.70 -6.40
CA MET H 98 -25.93 25.60 -7.38
C MET H 98 -26.79 26.66 -6.69
N GLU H 99 -27.56 26.25 -5.69
CA GLU H 99 -28.45 27.18 -5.00
C GLU H 99 -27.66 28.20 -4.18
N THR H 100 -26.52 27.77 -3.60
CA THR H 100 -25.66 28.70 -2.87
C THR H 100 -25.05 29.74 -3.81
N LYS H 101 -24.67 29.33 -5.02
CA LYS H 101 -24.13 30.29 -5.99
C LYS H 101 -25.20 31.20 -6.56
N ASP H 102 -26.43 30.70 -6.70
CA ASP H 102 -27.52 31.49 -7.27
C ASP H 102 -28.72 31.42 -6.34
N LYS H 103 -28.95 32.49 -5.58
CA LYS H 103 -29.97 32.47 -4.53
C LYS H 103 -31.40 32.56 -5.07
N ASN H 104 -31.58 32.83 -6.35
CA ASN H 104 -32.92 32.91 -6.91
C ASN H 104 -33.39 31.59 -7.51
N LEU H 105 -32.54 30.58 -7.51
CA LEU H 105 -32.98 29.27 -7.94
C LEU H 105 -33.97 28.72 -6.90
N PRO H 106 -35.02 28.02 -7.35
CA PRO H 106 -35.84 27.26 -6.40
C PRO H 106 -34.97 26.27 -5.62
N LYS H 107 -35.30 26.10 -4.35
CA LYS H 107 -34.46 25.35 -3.43
C LYS H 107 -34.76 23.84 -3.51
N LEU H 108 -34.55 23.27 -4.70
CA LEU H 108 -34.93 21.87 -4.92
C LEU H 108 -34.26 20.96 -3.91
N SER H 109 -33.00 21.26 -3.57
CA SER H 109 -32.22 20.40 -2.67
C SER H 109 -32.90 20.22 -1.31
N GLU H 110 -33.71 21.19 -0.90
CA GLU H 110 -34.30 21.16 0.43
C GLU H 110 -35.59 20.34 0.51
N TRP H 111 -36.12 19.88 -0.64
CA TRP H 111 -37.44 19.26 -0.66
C TRP H 111 -37.32 17.75 -0.64
N PRO H 112 -38.30 17.06 -0.06
CA PRO H 112 -38.28 15.60 -0.09
C PRO H 112 -38.37 15.09 -1.52
N LEU H 113 -37.80 13.89 -1.74
CA LEU H 113 -37.80 13.22 -3.03
C LEU H 113 -38.79 12.07 -3.03
N ARG H 114 -39.40 11.85 -4.19
CA ARG H 114 -40.16 10.64 -4.45
C ARG H 114 -39.52 10.04 -5.69
N ILE H 115 -39.09 8.79 -5.58
CA ILE H 115 -38.31 8.14 -6.63
C ILE H 115 -38.94 6.79 -6.89
N ALA H 116 -39.16 6.47 -8.18
CA ALA H 116 -39.66 5.16 -8.55
C ALA H 116 -38.84 4.66 -9.72
N SER H 117 -38.45 3.40 -9.64
CA SER H 117 -37.62 2.80 -10.68
CA SER H 117 -37.59 2.78 -10.64
C SER H 117 -38.18 1.45 -11.08
N TYR H 118 -37.85 1.04 -12.31
CA TYR H 118 -38.29 -0.23 -12.85
C TYR H 118 -37.28 -0.64 -13.91
N ASN H 119 -36.94 -1.92 -13.94
CA ASN H 119 -36.21 -2.45 -15.08
CA ASN H 119 -36.18 -2.52 -15.03
C ASN H 119 -37.10 -3.44 -15.81
N ASN H 120 -36.77 -3.67 -17.09
CA ASN H 120 -37.53 -4.61 -17.90
C ASN H 120 -36.94 -6.00 -17.86
N PHE H 121 -36.27 -6.35 -16.77
CA PHE H 121 -35.70 -7.67 -16.57
C PHE H 121 -35.69 -8.02 -15.08
N ALA H 125 -34.77 -14.81 -15.20
CA ALA H 125 -33.78 -14.14 -16.03
C ALA H 125 -32.41 -14.07 -15.35
N GLY H 126 -32.33 -13.35 -14.23
CA GLY H 126 -31.07 -13.29 -13.50
C GLY H 126 -30.02 -12.40 -14.12
N LEU H 127 -30.41 -11.33 -14.80
CA LEU H 127 -29.48 -10.31 -15.24
C LEU H 127 -29.27 -9.31 -14.10
N ALA H 128 -28.00 -9.02 -13.81
CA ALA H 128 -27.67 -8.09 -12.73
C ALA H 128 -28.27 -6.72 -12.99
N SER H 129 -29.11 -6.26 -12.07
CA SER H 129 -29.88 -5.03 -12.28
C SER H 129 -29.29 -3.81 -11.60
N SER H 130 -28.27 -3.98 -10.75
CA SER H 130 -27.83 -2.85 -9.94
C SER H 130 -27.03 -1.84 -10.75
N ALA H 131 -26.21 -2.28 -11.71
CA ALA H 131 -25.42 -1.31 -12.46
C ALA H 131 -26.33 -0.35 -13.21
N SER H 132 -27.27 -0.87 -14.00
CA SER H 132 -28.14 0.05 -14.72
C SER H 132 -29.07 0.79 -13.76
N GLY H 133 -29.48 0.14 -12.67
CA GLY H 133 -30.43 0.76 -11.75
C GLY H 133 -29.84 1.98 -11.07
N LEU H 134 -28.62 1.85 -10.56
CA LEU H 134 -27.99 2.98 -9.89
C LEU H 134 -27.58 4.06 -10.89
N ALA H 135 -27.20 3.66 -12.10
CA ALA H 135 -26.89 4.69 -13.10
C ALA H 135 -28.15 5.48 -13.45
N ALA H 136 -29.30 4.81 -13.53
CA ALA H 136 -30.54 5.52 -13.85
C ALA H 136 -30.92 6.45 -12.71
N LEU H 137 -30.68 6.05 -11.47
CA LEU H 137 -30.97 6.95 -10.36
C LEU H 137 -30.13 8.22 -10.47
N VAL H 138 -28.83 8.05 -10.73
CA VAL H 138 -27.93 9.20 -10.84
C VAL H 138 -28.33 10.08 -12.04
N ALA H 139 -28.63 9.45 -13.18
CA ALA H 139 -29.00 10.25 -14.34
C ALA H 139 -30.32 10.98 -14.12
N SER H 140 -31.29 10.31 -13.46
CA SER H 140 -32.56 10.94 -13.17
C SER H 140 -32.41 12.12 -12.20
N LEU H 141 -31.69 11.92 -11.10
CA LEU H 141 -31.52 13.03 -10.16
C LEU H 141 -30.70 14.15 -10.76
N ALA H 142 -29.67 13.81 -11.57
CA ALA H 142 -28.89 14.86 -12.21
C ALA H 142 -29.78 15.69 -13.13
N SER H 143 -30.75 15.07 -13.81
CA SER H 143 -31.63 15.84 -14.68
C SER H 143 -32.63 16.67 -13.88
N LEU H 144 -33.17 16.08 -12.81
CA LEU H 144 -34.10 16.78 -11.93
C LEU H 144 -33.48 18.06 -11.38
N TYR H 145 -32.21 17.96 -10.96
CA TYR H 145 -31.48 19.06 -10.35
C TYR H 145 -30.73 19.93 -11.36
N SER H 146 -30.81 19.63 -12.65
CA SER H 146 -30.07 20.38 -13.67
C SER H 146 -28.59 20.49 -13.31
N LEU H 147 -28.02 19.40 -12.80
CA LEU H 147 -26.63 19.44 -12.38
C LEU H 147 -25.74 19.71 -13.58
N PRO H 148 -24.70 20.54 -13.43
CA PRO H 148 -23.77 20.78 -14.54
C PRO H 148 -22.70 19.71 -14.70
N GLN H 149 -22.59 18.80 -13.72
CA GLN H 149 -21.53 17.81 -13.70
C GLN H 149 -21.51 16.96 -14.97
N SER H 150 -20.30 16.66 -15.45
CA SER H 150 -20.12 15.81 -16.63
C SER H 150 -20.46 14.36 -16.29
N PRO H 151 -20.65 13.52 -17.31
CA PRO H 151 -20.79 12.07 -17.06
C PRO H 151 -19.64 11.50 -16.25
N SER H 152 -18.41 11.92 -16.52
CA SER H 152 -17.26 11.49 -15.72
C SER H 152 -17.48 11.81 -14.24
N GLN H 153 -17.85 13.06 -13.93
CA GLN H 153 -18.05 13.42 -12.54
CA GLN H 153 -18.06 13.45 -12.54
C GLN H 153 -19.22 12.66 -11.93
N LEU H 154 -20.32 12.51 -12.68
CA LEU H 154 -21.46 11.75 -12.16
C LEU H 154 -21.10 10.31 -11.89
N SER H 155 -20.17 9.76 -12.68
CA SER H 155 -19.79 8.36 -12.49
C SER H 155 -19.16 8.10 -11.12
N LEU H 156 -18.53 9.13 -10.52
CA LEU H 156 -18.00 9.02 -9.15
CA LEU H 156 -18.00 8.99 -9.16
C LEU H 156 -19.10 8.69 -8.15
N VAL H 157 -20.29 9.26 -8.36
CA VAL H 157 -21.41 8.98 -7.46
C VAL H 157 -21.99 7.62 -7.76
N ALA H 158 -22.18 7.30 -9.05
CA ALA H 158 -22.73 6.00 -9.39
C ALA H 158 -21.84 4.87 -8.85
N ARG H 159 -20.52 5.06 -8.91
CA ARG H 159 -19.57 4.06 -8.43
C ARG H 159 -19.84 3.68 -6.98
N GLN H 160 -20.19 4.67 -6.17
CA GLN H 160 -20.48 4.47 -4.76
C GLN H 160 -21.83 3.81 -4.52
N GLY H 161 -22.75 3.85 -5.49
CA GLY H 161 -23.95 3.06 -5.39
C GLY H 161 -23.72 1.59 -5.68
N SER H 162 -22.94 1.35 -6.72
CA SER H 162 -22.61 0.00 -7.16
C SER H 162 -21.49 0.15 -8.15
N GLY H 163 -20.34 -0.53 -7.92
CA GLY H 163 -19.15 -0.21 -8.68
C GLY H 163 -19.38 -0.17 -10.18
N SER H 164 -19.97 -1.22 -10.73
CA SER H 164 -20.11 -1.28 -12.18
CA SER H 164 -20.14 -1.30 -12.18
C SER H 164 -21.14 -0.29 -12.72
N ALA H 165 -21.96 0.31 -11.87
CA ALA H 165 -22.85 1.37 -12.32
C ALA H 165 -22.09 2.53 -12.93
N CYS H 166 -20.84 2.78 -12.49
CA CYS H 166 -20.16 3.96 -13.04
C CYS H 166 -19.99 3.84 -14.55
N ARG H 167 -19.83 2.61 -15.04
CA ARG H 167 -19.56 2.41 -16.47
C ARG H 167 -20.81 2.56 -17.34
N SER H 168 -21.99 2.63 -16.73
CA SER H 168 -23.21 2.86 -17.49
C SER H 168 -23.50 4.34 -17.65
N LEU H 169 -22.59 5.22 -17.26
CA LEU H 169 -22.79 6.65 -17.51
C LEU H 169 -22.35 7.07 -18.89
N PHE H 170 -21.79 6.14 -19.66
CA PHE H 170 -21.30 6.36 -21.01
C PHE H 170 -21.85 5.28 -21.94
N GLY H 171 -22.11 5.66 -23.19
CA GLY H 171 -22.32 4.65 -24.22
C GLY H 171 -21.00 4.05 -24.72
N GLY H 172 -21.15 3.07 -25.62
CA GLY H 172 -19.99 2.50 -26.31
C GLY H 172 -19.15 1.56 -25.46
N PHE H 173 -17.86 1.85 -25.41
CA PHE H 173 -16.83 1.01 -24.80
C PHE H 173 -16.21 1.85 -23.70
N VAL H 174 -16.28 1.37 -22.46
CA VAL H 174 -16.16 2.24 -21.28
C VAL H 174 -15.22 1.60 -20.27
N ALA H 175 -14.23 2.33 -19.82
CA ALA H 175 -13.36 1.85 -18.74
C ALA H 175 -13.81 2.42 -17.39
N TRP H 176 -13.61 1.65 -16.33
CA TRP H 176 -13.61 2.16 -14.96
C TRP H 176 -12.13 2.16 -14.56
N ARG H 177 -11.55 3.36 -14.47
CA ARG H 177 -10.16 3.52 -14.07
C ARG H 177 -10.06 3.33 -12.57
N GLU H 178 -9.19 2.42 -12.14
CA GLU H 178 -9.13 2.10 -10.70
C GLU H 178 -8.81 3.33 -9.86
N GLY H 179 -7.97 4.23 -10.37
CA GLY H 179 -7.51 5.39 -9.63
C GLY H 179 -6.48 5.05 -8.56
N THR H 180 -5.77 6.09 -8.09
CA THR H 180 -4.82 5.96 -6.99
C THR H 180 -5.06 6.93 -5.84
N ASP H 181 -6.01 7.85 -5.97
CA ASP H 181 -6.36 8.73 -4.84
C ASP H 181 -7.09 7.92 -3.78
N PRO H 182 -6.63 7.89 -2.54
CA PRO H 182 -7.38 7.17 -1.49
C PRO H 182 -8.76 7.73 -1.25
N ALA H 183 -9.00 8.97 -1.62
CA ALA H 183 -10.32 9.58 -1.51
C ALA H 183 -11.23 9.28 -2.70
N GLY H 184 -10.71 8.63 -3.76
CA GLY H 184 -11.53 8.21 -4.88
C GLY H 184 -11.74 9.19 -6.02
N SER H 185 -11.08 10.36 -6.02
CA SER H 185 -11.40 11.38 -7.00
C SER H 185 -11.09 10.95 -8.43
N ASP H 186 -10.20 9.98 -8.61
CA ASP H 186 -9.82 9.53 -9.94
C ASP H 186 -10.27 8.10 -10.24
N SER H 187 -11.14 7.54 -9.41
CA SER H 187 -11.73 6.23 -9.67
C SER H 187 -13.05 6.50 -10.36
N LEU H 188 -13.01 6.55 -11.69
CA LEU H 188 -14.20 6.99 -12.41
CA LEU H 188 -14.07 7.15 -12.50
C LEU H 188 -14.23 6.32 -13.77
N ALA H 189 -15.39 6.48 -14.42
CA ALA H 189 -15.59 5.93 -15.76
C ALA H 189 -15.06 6.89 -16.82
N GLU H 190 -14.62 6.32 -17.94
CA GLU H 190 -14.03 7.09 -19.03
C GLU H 190 -14.36 6.38 -20.34
N GLU H 191 -14.80 7.12 -21.34
CA GLU H 191 -15.05 6.50 -22.64
C GLU H 191 -13.74 6.05 -23.26
N VAL H 192 -13.69 4.79 -23.69
CA VAL H 192 -12.56 4.28 -24.49
C VAL H 192 -12.84 4.47 -25.96
N ALA H 193 -14.07 4.18 -26.39
CA ALA H 193 -14.51 4.56 -27.74
C ALA H 193 -16.02 4.72 -27.70
N PRO H 194 -16.58 5.65 -28.45
CA PRO H 194 -18.03 5.85 -28.43
C PRO H 194 -18.73 4.79 -29.27
N ARG H 195 -20.05 4.72 -29.12
CA ARG H 195 -20.85 3.73 -29.85
C ARG H 195 -20.61 3.79 -31.36
N GLU H 196 -20.57 5.01 -31.89
CA GLU H 196 -20.41 5.23 -33.32
CA GLU H 196 -20.43 5.15 -33.34
C GLU H 196 -19.06 4.73 -33.85
N HIS H 197 -18.10 4.46 -32.95
CA HIS H 197 -16.82 3.94 -33.44
C HIS H 197 -16.94 2.51 -33.95
N TRP H 198 -17.81 1.71 -33.37
CA TRP H 198 -17.92 0.30 -33.77
C TRP H 198 -19.34 -0.16 -33.52
N PRO H 199 -20.33 0.41 -34.20
CA PRO H 199 -21.73 0.10 -33.88
C PRO H 199 -22.12 -1.32 -34.22
N GLU H 200 -21.32 -2.03 -35.03
CA GLU H 200 -21.61 -3.40 -35.44
C GLU H 200 -21.32 -4.41 -34.35
N MET H 201 -20.84 -3.98 -33.17
CA MET H 201 -20.63 -4.91 -32.08
C MET H 201 -21.99 -5.32 -31.54
N HIS H 202 -22.40 -6.57 -31.80
CA HIS H 202 -23.66 -7.08 -31.27
C HIS H 202 -23.38 -8.05 -30.12
N ALA H 203 -24.46 -8.49 -29.48
CA ALA H 203 -24.33 -9.40 -28.35
C ALA H 203 -25.59 -10.26 -28.26
N LEU H 204 -25.40 -11.53 -27.95
CA LEU H 204 -26.51 -12.46 -27.71
C LEU H 204 -26.44 -12.88 -26.26
N ILE H 205 -27.46 -12.49 -25.50
CA ILE H 205 -27.59 -12.90 -24.11
C ILE H 205 -28.35 -14.21 -24.06
N CYS H 206 -27.74 -15.22 -23.41
CA CYS H 206 -28.33 -16.54 -23.26
C CYS H 206 -28.75 -16.66 -21.81
N VAL H 207 -30.05 -16.61 -21.54
CA VAL H 207 -30.54 -16.67 -20.18
C VAL H 207 -30.71 -18.14 -19.83
N VAL H 208 -30.00 -18.58 -18.80
CA VAL H 208 -29.79 -20.00 -18.51
C VAL H 208 -30.58 -20.40 -17.27
N SER H 209 -31.17 -21.59 -17.31
CA SER H 209 -31.82 -22.16 -16.15
CA SER H 209 -31.82 -22.14 -16.14
C SER H 209 -30.79 -22.49 -15.07
N ASP H 210 -31.13 -22.25 -13.82
CA ASP H 210 -30.15 -22.42 -12.75
C ASP H 210 -30.81 -22.99 -11.50
N ALA H 211 -31.67 -23.99 -11.69
CA ALA H 211 -32.56 -24.49 -10.64
C ALA H 211 -32.01 -25.68 -9.86
N LYS H 212 -30.77 -26.09 -10.10
CA LYS H 212 -30.19 -27.24 -9.40
C LYS H 212 -29.11 -26.86 -8.40
N LYS H 213 -28.85 -25.56 -8.19
CA LYS H 213 -27.91 -25.18 -7.16
C LYS H 213 -28.65 -25.01 -5.83
N GLY H 214 -27.89 -25.00 -4.76
CA GLY H 214 -28.42 -24.68 -3.45
C GLY H 214 -28.44 -23.18 -3.26
N THR H 215 -28.37 -22.77 -2.00
CA THR H 215 -28.35 -21.35 -1.65
C THR H 215 -27.02 -20.97 -1.03
N SER H 217 -22.23 -10.95 -4.50
CA SER H 217 -21.07 -10.36 -5.17
C SER H 217 -20.23 -9.46 -4.26
N THR H 218 -20.88 -8.52 -3.56
CA THR H 218 -20.18 -7.66 -2.61
C THR H 218 -19.56 -8.50 -1.49
N SER H 219 -20.38 -9.35 -0.87
CA SER H 219 -19.86 -10.30 0.13
C SER H 219 -18.89 -11.27 -0.53
N GLY H 220 -19.22 -11.75 -1.74
CA GLY H 220 -18.36 -12.70 -2.41
C GLY H 220 -17.00 -12.14 -2.75
N MET H 221 -16.94 -11.00 -3.46
CA MET H 221 -15.66 -10.59 -4.02
C MET H 221 -14.63 -10.31 -2.93
N GLN H 222 -15.07 -9.84 -1.75
CA GLN H 222 -14.07 -9.56 -0.73
C GLN H 222 -13.47 -10.84 -0.18
N LYS H 223 -14.22 -11.94 -0.20
CA LYS H 223 -13.62 -13.22 0.20
C LYS H 223 -12.54 -13.63 -0.79
N THR H 224 -12.74 -13.35 -2.07
CA THR H 224 -11.67 -13.61 -3.05
C THR H 224 -10.44 -12.76 -2.73
N VAL H 225 -10.64 -11.47 -2.44
CA VAL H 225 -9.52 -10.62 -2.08
C VAL H 225 -8.77 -11.19 -0.87
N GLU H 226 -9.52 -11.69 0.10
CA GLU H 226 -8.89 -12.13 1.34
CA GLU H 226 -8.93 -12.15 1.35
C GLU H 226 -8.18 -13.47 1.21
N THR H 227 -8.66 -14.37 0.33
CA THR H 227 -8.22 -15.77 0.38
C THR H 227 -7.62 -16.34 -0.90
N SER H 228 -7.85 -15.73 -2.07
CA SER H 228 -7.36 -16.36 -3.29
C SER H 228 -5.90 -15.96 -3.53
N THR H 229 -5.00 -16.94 -3.50
CA THR H 229 -3.61 -16.63 -3.86
C THR H 229 -3.50 -16.29 -5.34
N LEU H 230 -4.28 -16.97 -6.19
CA LEU H 230 -4.17 -16.71 -7.61
C LEU H 230 -4.62 -15.31 -7.98
N LEU H 231 -5.50 -14.68 -7.19
CA LEU H 231 -5.92 -13.31 -7.48
C LEU H 231 -4.72 -12.40 -7.65
N GLN H 232 -3.63 -12.65 -6.91
CA GLN H 232 -2.51 -11.70 -6.99
C GLN H 232 -1.86 -11.71 -8.38
N GLU H 233 -1.85 -12.88 -9.06
CA GLU H 233 -1.39 -12.90 -10.45
C GLU H 233 -2.42 -12.26 -11.38
N ARG H 234 -3.72 -12.51 -11.16
CA ARG H 234 -4.74 -11.79 -11.92
C ARG H 234 -4.50 -10.28 -11.91
N LEU H 235 -4.22 -9.71 -10.73
CA LEU H 235 -4.05 -8.27 -10.63
C LEU H 235 -2.83 -7.79 -11.41
N ARG H 236 -1.80 -8.65 -11.53
CA ARG H 236 -0.65 -8.26 -12.36
C ARG H 236 -0.99 -8.30 -13.84
N VAL H 237 -1.91 -9.19 -14.25
CA VAL H 237 -2.20 -9.43 -15.67
C VAL H 237 -3.26 -8.46 -16.20
N VAL H 238 -4.15 -7.98 -15.35
CA VAL H 238 -5.27 -7.14 -15.82
C VAL H 238 -4.79 -5.87 -16.51
N PRO H 239 -3.76 -5.14 -16.03
CA PRO H 239 -3.36 -3.92 -16.75
C PRO H 239 -2.98 -4.16 -18.19
N LYS H 240 -2.25 -5.24 -18.49
CA LYS H 240 -1.93 -5.60 -19.86
CA LYS H 240 -1.93 -5.55 -19.86
C LYS H 240 -3.19 -5.85 -20.68
N ARG H 241 -4.17 -6.56 -20.08
CA ARG H 241 -5.41 -6.85 -20.82
C ARG H 241 -6.19 -5.58 -21.07
N MET H 242 -6.19 -4.67 -20.09
CA MET H 242 -6.87 -3.39 -20.30
C MET H 242 -6.28 -2.64 -21.50
N ASP H 243 -4.96 -2.53 -21.54
CA ASP H 243 -4.36 -1.80 -22.65
C ASP H 243 -4.57 -2.55 -23.96
N ALA H 244 -4.44 -3.87 -23.93
CA ALA H 244 -4.56 -4.61 -25.19
C ALA H 244 -5.99 -4.56 -25.73
N ILE H 245 -6.99 -4.63 -24.84
CA ILE H 245 -8.36 -4.64 -25.36
C ILE H 245 -8.75 -3.23 -25.79
N SER H 246 -8.17 -2.21 -25.17
CA SER H 246 -8.44 -0.86 -25.63
C SER H 246 -7.89 -0.64 -27.03
N GLN H 247 -6.66 -1.12 -27.27
CA GLN H 247 -6.10 -1.05 -28.61
C GLN H 247 -6.89 -1.87 -29.60
N ALA H 248 -7.40 -3.03 -29.18
CA ALA H 248 -8.18 -3.84 -30.14
C ALA H 248 -9.46 -3.14 -30.52
N ILE H 249 -10.10 -2.50 -29.54
CA ILE H 249 -11.33 -1.76 -29.82
C ILE H 249 -11.04 -0.61 -30.76
N LYS H 250 -9.96 0.12 -30.51
CA LYS H 250 -9.61 1.25 -31.38
C LYS H 250 -9.35 0.78 -32.81
N ALA H 251 -8.68 -0.35 -32.96
CA ALA H 251 -8.38 -0.92 -34.27
C ALA H 251 -9.56 -1.68 -34.90
N ARG H 252 -10.66 -1.85 -34.19
CA ARG H 252 -11.74 -2.75 -34.62
C ARG H 252 -11.22 -4.14 -34.94
N ASP H 253 -10.34 -4.66 -34.08
CA ASP H 253 -9.73 -5.97 -34.24
C ASP H 253 -10.57 -6.94 -33.43
N PHE H 254 -11.56 -7.56 -34.07
CA PHE H 254 -12.49 -8.35 -33.29
C PHE H 254 -11.81 -9.56 -32.68
N ALA H 255 -10.96 -10.25 -33.45
CA ALA H 255 -10.33 -11.46 -32.90
C ALA H 255 -9.58 -11.15 -31.61
N GLU H 256 -8.83 -10.06 -31.57
CA GLU H 256 -8.08 -9.74 -30.36
CA GLU H 256 -8.08 -9.74 -30.36
C GLU H 256 -9.02 -9.31 -29.24
N PHE H 257 -10.04 -8.50 -29.55
CA PHE H 257 -11.02 -8.14 -28.54
C PHE H 257 -11.64 -9.41 -27.93
N ALA H 258 -11.96 -10.38 -28.79
CA ALA H 258 -12.64 -11.59 -28.34
C ALA H 258 -11.73 -12.46 -27.49
N LYS H 259 -10.47 -12.62 -27.91
CA LYS H 259 -9.53 -13.44 -27.14
C LYS H 259 -9.38 -12.90 -25.73
N LEU H 260 -9.19 -11.58 -25.63
CA LEU H 260 -9.04 -10.96 -24.32
C LEU H 260 -10.31 -11.11 -23.48
N THR H 261 -11.49 -10.96 -24.10
CA THR H 261 -12.76 -11.09 -23.41
C THR H 261 -12.93 -12.49 -22.84
N MET H 262 -12.66 -13.52 -23.65
CA MET H 262 -12.83 -14.87 -23.13
C MET H 262 -11.79 -15.17 -22.05
N ALA H 263 -10.56 -14.66 -22.23
CA ALA H 263 -9.51 -14.95 -21.25
C ALA H 263 -9.84 -14.30 -19.93
N ASP H 264 -10.33 -13.06 -19.95
CA ASP H 264 -10.57 -12.46 -18.65
C ASP H 264 -11.83 -13.03 -17.98
N SER H 265 -12.82 -13.45 -18.76
CA SER H 265 -13.97 -14.09 -18.15
C SER H 265 -13.53 -15.36 -17.42
N ASN H 266 -12.74 -16.18 -18.07
CA ASN H 266 -12.28 -17.42 -17.44
C ASN H 266 -11.37 -17.12 -16.24
N SER H 267 -10.57 -16.07 -16.35
CA SER H 267 -9.72 -15.64 -15.24
C SER H 267 -10.54 -15.28 -14.00
N PHE H 268 -11.63 -14.55 -14.21
CA PHE H 268 -12.52 -14.18 -13.12
C PHE H 268 -13.15 -15.42 -12.49
N HIS H 269 -13.69 -16.32 -13.31
CA HIS H 269 -14.30 -17.50 -12.69
C HIS H 269 -13.25 -18.39 -12.04
N ALA H 270 -12.01 -18.33 -12.53
CA ALA H 270 -10.91 -19.08 -11.90
C ALA H 270 -10.60 -18.54 -10.51
N VAL H 271 -10.50 -17.22 -10.32
CA VAL H 271 -10.18 -16.74 -8.96
C VAL H 271 -11.36 -16.94 -8.02
N CYS H 272 -12.60 -16.98 -8.56
CA CYS H 272 -13.74 -17.40 -7.74
C CYS H 272 -13.56 -18.83 -7.24
N LEU H 273 -13.18 -19.75 -8.12
CA LEU H 273 -12.97 -21.13 -7.70
C LEU H 273 -11.85 -21.26 -6.68
N ASP H 274 -10.85 -20.38 -6.78
CA ASP H 274 -9.68 -20.39 -5.88
C ASP H 274 -9.94 -19.68 -4.56
N THR H 275 -11.13 -19.11 -4.41
CA THR H 275 -11.53 -18.53 -3.13
C THR H 275 -11.79 -19.63 -2.12
N ALA H 276 -11.61 -19.31 -0.83
CA ALA H 276 -11.89 -20.29 0.21
C ALA H 276 -12.95 -19.72 1.14
N PRO H 277 -14.18 -20.23 1.16
CA PRO H 277 -14.67 -21.34 0.30
C PRO H 277 -14.89 -20.90 -1.12
N PRO H 278 -14.88 -21.86 -2.03
CA PRO H 278 -14.96 -21.49 -3.44
C PRO H 278 -16.32 -20.92 -3.80
N ILE H 279 -16.28 -20.06 -4.82
CA ILE H 279 -17.44 -19.38 -5.38
C ILE H 279 -17.73 -19.97 -6.74
N PHE H 280 -18.97 -20.38 -6.98
CA PHE H 280 -19.36 -21.00 -8.26
C PHE H 280 -20.48 -20.19 -8.92
N TYR H 281 -20.28 -19.80 -10.17
CA TYR H 281 -21.29 -19.10 -10.96
C TYR H 281 -21.66 -19.84 -12.24
N LEU H 282 -20.67 -20.35 -12.96
CA LEU H 282 -20.97 -21.12 -14.17
C LEU H 282 -21.68 -22.40 -13.77
N ASN H 283 -22.63 -22.85 -14.58
CA ASN H 283 -23.20 -24.17 -14.35
C ASN H 283 -22.98 -25.05 -15.59
N ASP H 284 -23.58 -26.24 -15.62
CA ASP H 284 -23.32 -27.17 -16.72
C ASP H 284 -23.75 -26.56 -18.04
N VAL H 285 -24.82 -25.77 -18.03
CA VAL H 285 -25.25 -25.15 -19.30
C VAL H 285 -24.26 -24.07 -19.73
N SER H 286 -23.76 -23.28 -18.78
CA SER H 286 -22.71 -22.28 -19.07
C SER H 286 -21.52 -22.95 -19.75
N ARG H 287 -21.07 -24.08 -19.20
CA ARG H 287 -19.92 -24.76 -19.77
C ARG H 287 -20.21 -25.33 -21.13
N ALA H 288 -21.45 -25.79 -21.36
CA ALA H 288 -21.82 -26.26 -22.70
C ALA H 288 -21.82 -25.11 -23.70
N ILE H 289 -22.24 -23.92 -23.27
CA ILE H 289 -22.25 -22.79 -24.18
C ILE H 289 -20.82 -22.42 -24.55
N ILE H 290 -19.91 -22.45 -23.58
CA ILE H 290 -18.48 -22.21 -23.84
C ILE H 290 -17.96 -23.22 -24.85
N ALA H 291 -18.28 -24.51 -24.66
CA ALA H 291 -17.82 -25.52 -25.60
C ALA H 291 -18.33 -25.25 -27.01
N VAL H 292 -19.60 -24.80 -27.13
CA VAL H 292 -20.16 -24.53 -28.45
C VAL H 292 -19.45 -23.32 -29.08
N VAL H 293 -19.24 -22.25 -28.32
CA VAL H 293 -18.59 -21.06 -28.87
C VAL H 293 -17.14 -21.35 -29.25
N GLU H 294 -16.41 -22.07 -28.38
CA GLU H 294 -15.04 -22.45 -28.71
C GLU H 294 -14.99 -23.26 -29.99
N GLU H 295 -15.96 -24.19 -30.16
CA GLU H 295 -15.95 -25.02 -31.36
C GLU H 295 -16.41 -24.26 -32.60
N LEU H 296 -17.31 -23.30 -32.44
CA LEU H 296 -17.67 -22.43 -33.55
C LEU H 296 -16.45 -21.67 -34.07
N ASN H 297 -15.68 -21.06 -33.15
CA ASN H 297 -14.45 -20.35 -33.52
C ASN H 297 -13.43 -21.29 -34.14
N ARG H 298 -13.26 -22.49 -33.58
CA ARG H 298 -12.30 -23.44 -34.13
C ARG H 298 -12.69 -23.85 -35.55
N ALA H 299 -13.97 -24.22 -35.74
CA ALA H 299 -14.45 -24.67 -37.03
C ALA H 299 -14.44 -23.56 -38.07
N ALA H 300 -14.69 -22.32 -37.66
CA ALA H 300 -14.67 -21.20 -38.58
C ALA H 300 -13.27 -20.86 -39.05
N GLY H 301 -12.25 -21.31 -38.34
CA GLY H 301 -10.89 -20.94 -38.60
C GLY H 301 -10.57 -19.50 -38.29
N GLU H 302 -11.36 -18.88 -37.42
CA GLU H 302 -11.33 -17.44 -37.19
C GLU H 302 -12.13 -17.19 -35.93
N ILE H 303 -11.63 -16.39 -35.01
CA ILE H 303 -12.39 -16.09 -33.79
CA ILE H 303 -12.37 -16.06 -33.80
C ILE H 303 -13.48 -15.10 -34.18
N ILE H 304 -14.72 -15.60 -34.25
CA ILE H 304 -15.85 -14.77 -34.65
C ILE H 304 -16.80 -14.47 -33.51
N ALA H 305 -16.62 -15.07 -32.33
CA ALA H 305 -17.54 -14.83 -31.23
C ALA H 305 -16.77 -14.93 -29.93
N ALA H 306 -17.24 -14.22 -28.91
CA ALA H 306 -16.58 -14.22 -27.61
C ALA H 306 -17.64 -14.37 -26.53
N TYR H 307 -17.54 -15.41 -25.71
CA TYR H 307 -18.40 -15.48 -24.54
C TYR H 307 -17.82 -14.70 -23.36
N THR H 308 -18.71 -14.30 -22.45
CA THR H 308 -18.31 -13.80 -21.15
C THR H 308 -19.44 -14.03 -20.16
N PHE H 309 -19.07 -14.18 -18.89
CA PHE H 309 -20.01 -14.52 -17.85
C PHE H 309 -19.74 -13.62 -16.67
N ASP H 310 -20.79 -13.03 -16.14
CA ASP H 310 -20.69 -12.27 -14.90
C ASP H 310 -20.97 -13.17 -13.70
N ALA H 311 -21.59 -12.64 -12.64
CA ALA H 311 -21.75 -13.40 -11.40
C ALA H 311 -23.03 -14.25 -11.44
N GLY H 312 -23.05 -15.16 -12.42
CA GLY H 312 -24.17 -16.06 -12.61
C GLY H 312 -23.89 -16.86 -13.87
N PRO H 313 -24.79 -17.78 -14.21
CA PRO H 313 -24.53 -18.70 -15.34
C PRO H 313 -24.92 -18.15 -16.70
N ASN H 314 -25.60 -17.00 -16.79
CA ASN H 314 -26.04 -16.51 -18.11
C ASN H 314 -24.83 -16.14 -18.97
N ALA H 315 -24.88 -16.51 -20.26
CA ALA H 315 -23.83 -16.16 -21.21
C ALA H 315 -24.15 -14.85 -21.90
N VAL H 316 -23.13 -14.05 -22.14
CA VAL H 316 -23.19 -12.98 -23.14
C VAL H 316 -22.19 -13.33 -24.22
N ILE H 317 -22.66 -13.38 -25.48
CA ILE H 317 -21.78 -13.73 -26.59
C ILE H 317 -21.65 -12.50 -27.49
N TYR H 318 -20.48 -11.87 -27.50
CA TYR H 318 -20.22 -10.79 -28.43
C TYR H 318 -19.89 -11.35 -29.81
N THR H 319 -20.34 -10.63 -30.83
CA THR H 319 -20.05 -10.99 -32.21
C THR H 319 -20.43 -9.79 -33.07
N LEU H 320 -19.72 -9.60 -34.17
CA LEU H 320 -20.16 -8.53 -35.04
C LEU H 320 -21.47 -8.96 -35.68
N GLU H 321 -22.28 -7.96 -36.03
CA GLU H 321 -23.59 -8.25 -36.61
C GLU H 321 -23.49 -9.27 -37.74
N LYS H 322 -22.52 -9.07 -38.63
CA LYS H 322 -22.39 -9.96 -39.80
C LYS H 322 -22.18 -11.43 -39.41
N ASN H 323 -21.70 -11.69 -38.20
CA ASN H 323 -21.48 -13.07 -37.74
C ASN H 323 -22.54 -13.55 -36.78
N MET H 324 -23.48 -12.69 -36.41
CA MET H 324 -24.56 -13.15 -35.53
C MET H 324 -25.37 -14.31 -36.11
N PRO H 325 -25.61 -14.43 -37.42
CA PRO H 325 -26.29 -15.63 -37.89
C PRO H 325 -25.55 -16.92 -37.55
N PHE H 326 -24.22 -16.91 -37.47
CA PHE H 326 -23.51 -18.13 -37.07
C PHE H 326 -23.75 -18.43 -35.59
N VAL H 327 -23.68 -17.40 -34.74
CA VAL H 327 -23.90 -17.57 -33.29
C VAL H 327 -25.32 -18.05 -33.04
N LEU H 328 -26.31 -17.37 -33.64
CA LEU H 328 -27.69 -17.84 -33.54
C LEU H 328 -27.83 -19.29 -34.00
N GLY H 329 -27.26 -19.60 -35.18
CA GLY H 329 -27.32 -20.96 -35.70
C GLY H 329 -26.84 -21.98 -34.68
N ALA H 330 -25.71 -21.68 -34.04
CA ALA H 330 -25.12 -22.64 -33.12
C ALA H 330 -25.92 -22.74 -31.82
N ILE H 331 -26.33 -21.60 -31.26
CA ILE H 331 -27.08 -21.66 -30.01
C ILE H 331 -28.45 -22.30 -30.22
N LYS H 332 -29.16 -21.92 -31.29
CA LYS H 332 -30.47 -22.52 -31.53
C LYS H 332 -30.38 -24.01 -31.84
N ARG H 333 -29.27 -24.46 -32.44
CA ARG H 333 -29.13 -25.88 -32.78
CA ARG H 333 -29.13 -25.88 -32.78
C ARG H 333 -29.02 -26.74 -31.53
N PHE H 334 -28.32 -26.25 -30.50
CA PHE H 334 -28.04 -27.08 -29.35
C PHE H 334 -28.87 -26.75 -28.11
N PHE H 335 -29.48 -25.58 -28.04
CA PHE H 335 -30.13 -25.12 -26.81
C PHE H 335 -31.52 -24.59 -27.12
N PRO H 336 -32.47 -25.47 -27.42
CA PRO H 336 -33.83 -25.00 -27.66
C PRO H 336 -34.36 -24.28 -26.43
N THR H 337 -35.03 -23.15 -26.68
CA THR H 337 -35.46 -22.23 -25.64
C THR H 337 -36.93 -22.38 -25.32
N SER H 338 -37.29 -22.06 -24.07
CA SER H 338 -38.71 -22.07 -23.72
C SER H 338 -39.40 -20.78 -24.17
N GLU H 339 -38.67 -19.66 -24.16
CA GLU H 339 -39.19 -18.42 -24.74
C GLU H 339 -38.98 -18.43 -26.25
N GLU H 340 -40.00 -17.99 -26.99
CA GLU H 340 -39.81 -17.81 -28.42
C GLU H 340 -38.86 -16.63 -28.66
N PHE H 341 -38.16 -16.66 -29.79
CA PHE H 341 -37.14 -15.67 -30.09
C PHE H 341 -37.40 -15.00 -31.41
N GLU H 342 -37.33 -13.67 -31.39
CA GLU H 342 -37.40 -12.81 -32.56
C GLU H 342 -36.24 -11.83 -32.47
N SER H 343 -35.37 -11.81 -33.46
CA SER H 343 -34.35 -10.79 -33.46
C SER H 343 -34.97 -9.42 -33.74
N PRO H 344 -34.60 -8.38 -32.98
CA PRO H 344 -35.11 -7.02 -33.29
C PRO H 344 -34.69 -6.50 -34.65
N PHE H 345 -33.65 -7.08 -35.25
CA PHE H 345 -33.21 -6.72 -36.60
C PHE H 345 -33.56 -7.77 -37.62
N GLN H 346 -34.31 -8.81 -37.23
CA GLN H 346 -34.68 -9.90 -38.13
CA GLN H 346 -34.69 -9.89 -38.14
C GLN H 346 -33.45 -10.58 -38.71
N THR H 347 -32.36 -10.59 -37.94
CA THR H 347 -31.17 -11.33 -38.30
C THR H 347 -31.51 -12.81 -38.47
N GLY H 348 -31.00 -13.43 -39.53
CA GLY H 348 -31.24 -14.84 -39.78
C GLY H 348 -30.24 -15.77 -39.10
N VAL H 349 -30.27 -17.02 -39.54
CA VAL H 349 -29.53 -18.10 -38.91
C VAL H 349 -28.74 -18.83 -40.02
N ARG H 350 -27.47 -19.11 -39.75
CA ARG H 350 -26.64 -19.83 -40.72
C ARG H 350 -26.30 -21.21 -40.19
N ASP H 351 -26.07 -22.14 -41.12
CA ASP H 351 -25.65 -23.48 -40.74
C ASP H 351 -24.32 -23.42 -40.01
N LEU H 352 -24.09 -24.41 -39.14
CA LEU H 352 -22.79 -24.60 -38.53
C LEU H 352 -21.70 -24.60 -39.59
N PRO H 353 -20.55 -24.02 -39.33
CA PRO H 353 -19.45 -24.08 -40.32
C PRO H 353 -19.06 -25.52 -40.60
N GLU H 354 -18.61 -25.79 -41.83
CA GLU H 354 -18.17 -27.14 -42.14
C GLU H 354 -17.03 -27.53 -41.20
N GLY H 355 -17.07 -28.77 -40.75
CA GLY H 355 -16.10 -29.27 -39.80
C GLY H 355 -16.48 -29.10 -38.35
N PHE H 356 -17.59 -28.43 -38.07
CA PHE H 356 -18.02 -28.27 -36.68
C PHE H 356 -18.26 -29.64 -36.06
N ASN H 357 -17.62 -29.88 -34.92
CA ASN H 357 -17.66 -31.18 -34.26
C ASN H 357 -18.84 -31.17 -33.29
N THR H 358 -19.93 -31.82 -33.68
CA THR H 358 -21.09 -31.78 -32.79
C THR H 358 -20.88 -32.61 -31.52
N GLY H 359 -19.83 -33.41 -31.48
CA GLY H 359 -19.47 -34.16 -30.29
C GLY H 359 -18.99 -33.32 -29.13
N VAL H 360 -18.81 -32.00 -29.30
CA VAL H 360 -18.50 -31.15 -28.15
C VAL H 360 -19.72 -30.94 -27.27
N VAL H 361 -20.89 -31.39 -27.71
CA VAL H 361 -22.11 -31.29 -26.94
C VAL H 361 -22.49 -32.69 -26.48
N ARG H 362 -23.03 -32.78 -25.27
CA ARG H 362 -23.27 -34.07 -24.65
C ARG H 362 -24.21 -34.93 -25.49
N GLU H 363 -24.01 -36.24 -25.39
CA GLU H 363 -24.91 -37.18 -26.02
C GLU H 363 -26.33 -36.97 -25.48
N GLY H 364 -27.30 -36.92 -26.38
CA GLY H 364 -28.68 -36.64 -26.02
C GLY H 364 -29.04 -35.18 -26.05
N GLY H 365 -28.06 -34.28 -26.10
CA GLY H 365 -28.36 -32.89 -26.25
C GLY H 365 -28.92 -32.26 -24.99
N TRP H 366 -29.45 -31.05 -25.16
CA TRP H 366 -29.98 -30.26 -24.06
C TRP H 366 -31.48 -30.13 -24.21
N GLU H 367 -32.19 -30.36 -23.10
CA GLU H 367 -33.64 -30.25 -23.10
C GLU H 367 -34.07 -28.81 -23.36
N LYS H 368 -35.25 -28.68 -23.98
CA LYS H 368 -35.83 -27.35 -24.18
C LYS H 368 -35.96 -26.64 -22.83
N GLY H 369 -35.52 -25.39 -22.76
CA GLY H 369 -35.59 -24.63 -21.53
C GLY H 369 -34.33 -24.65 -20.71
N ALA H 370 -33.37 -25.54 -21.02
CA ALA H 370 -32.08 -25.44 -20.35
C ALA H 370 -31.50 -24.04 -20.52
N VAL H 371 -31.59 -23.51 -21.72
CA VAL H 371 -31.53 -22.07 -21.97
C VAL H 371 -32.96 -21.60 -22.07
N LYS H 372 -33.33 -20.66 -21.21
CA LYS H 372 -34.70 -20.19 -21.14
C LYS H 372 -35.04 -19.31 -22.34
N GLY H 373 -34.13 -18.41 -22.70
CA GLY H 373 -34.42 -17.51 -23.79
C GLY H 373 -33.19 -16.75 -24.22
N LEU H 374 -33.29 -16.16 -25.41
CA LEU H 374 -32.19 -15.39 -25.97
C LEU H 374 -32.62 -13.94 -26.10
N ILE H 375 -31.65 -13.04 -26.01
CA ILE H 375 -31.85 -11.62 -26.25
C ILE H 375 -30.77 -11.15 -27.20
N HIS H 376 -31.17 -10.66 -28.38
CA HIS H 376 -30.23 -10.10 -29.32
C HIS H 376 -30.15 -8.59 -29.13
N THR H 377 -28.99 -8.10 -28.74
CA THR H 377 -28.81 -6.66 -28.54
C THR H 377 -27.47 -6.25 -29.15
N ARG H 378 -26.98 -5.05 -28.81
CA ARG H 378 -25.79 -4.50 -29.44
C ARG H 378 -25.28 -3.33 -28.61
N VAL H 379 -24.11 -2.81 -29.01
CA VAL H 379 -23.54 -1.67 -28.29
C VAL H 379 -24.47 -0.46 -28.39
N GLY H 380 -24.65 0.25 -27.27
CA GLY H 380 -25.66 1.28 -27.16
C GLY H 380 -25.09 2.62 -26.69
N ASP H 381 -26.00 3.59 -26.57
CA ASP H 381 -25.67 4.93 -26.12
C ASP H 381 -25.74 5.01 -24.60
N GLY H 382 -25.35 6.15 -24.06
CA GLY H 382 -25.41 6.34 -22.63
C GLY H 382 -26.81 6.65 -22.15
N PRO H 383 -26.98 7.02 -20.88
CA PRO H 383 -28.32 7.27 -20.35
C PRO H 383 -29.14 8.25 -21.18
N ARG H 384 -30.46 8.07 -21.13
CA ARG H 384 -31.41 8.84 -21.93
C ARG H 384 -32.36 9.59 -21.00
N VAL H 385 -32.47 10.89 -21.21
CA VAL H 385 -33.45 11.70 -20.48
C VAL H 385 -34.77 11.60 -21.25
N LEU H 386 -35.80 11.12 -20.57
CA LEU H 386 -37.08 10.83 -21.20
C LEU H 386 -38.08 11.98 -21.02
N GLU H 387 -39.26 11.81 -21.60
CA GLU H 387 -40.28 12.84 -21.59
C GLU H 387 -41.28 12.61 -20.45
N LYS H 388 -42.06 13.65 -20.13
CA LYS H 388 -43.01 13.55 -19.02
C LYS H 388 -43.95 12.36 -19.19
N GLU H 389 -44.25 11.97 -20.42
CA GLU H 389 -45.16 10.84 -20.65
C GLU H 389 -44.57 9.51 -20.19
N ASP H 390 -43.25 9.41 -20.00
CA ASP H 390 -42.59 8.20 -19.53
C ASP H 390 -42.48 8.14 -18.01
N SER H 391 -43.08 9.08 -17.29
CA SER H 391 -42.93 9.13 -15.85
C SER H 391 -43.52 7.89 -15.19
N LEU H 392 -42.80 7.36 -14.20
CA LEU H 392 -43.28 6.28 -13.35
C LEU H 392 -44.13 6.78 -12.18
N LEU H 393 -44.25 8.09 -11.97
CA LEU H 393 -44.98 8.63 -10.83
C LEU H 393 -46.32 9.22 -11.25
N GLY H 394 -47.31 9.11 -10.37
CA GLY H 394 -48.58 9.75 -10.54
C GLY H 394 -48.56 11.20 -10.08
N GLU H 395 -49.77 11.77 -9.99
CA GLU H 395 -49.89 13.20 -9.67
C GLU H 395 -49.41 13.50 -8.27
N ASN H 396 -49.69 12.61 -7.31
CA ASN H 396 -49.32 12.82 -5.92
C ASN H 396 -47.89 12.42 -5.62
N GLY H 397 -47.13 11.97 -6.62
CA GLY H 397 -45.78 11.50 -6.41
C GLY H 397 -45.69 10.09 -5.87
N VAL H 398 -46.81 9.37 -5.85
CA VAL H 398 -46.86 7.94 -5.54
C VAL H 398 -46.67 7.22 -6.86
N PRO H 399 -45.95 6.10 -6.91
CA PRO H 399 -45.79 5.39 -8.19
C PRO H 399 -47.13 5.02 -8.81
N LYS H 400 -47.15 5.01 -10.14
CA LYS H 400 -48.37 4.61 -10.86
C LYS H 400 -48.64 3.12 -10.68
N VAL H 401 -47.61 2.30 -10.51
CA VAL H 401 -47.73 0.86 -10.41
C VAL H 401 -47.08 0.39 -9.11
N LEU H 402 -47.87 -0.22 -8.25
CA LEU H 402 -47.40 -0.71 -6.97
C LEU H 402 -47.45 -2.23 -6.94
N ALA H 403 -46.45 -2.84 -6.31
CA ALA H 403 -46.41 -4.29 -6.19
C ALA H 403 -47.53 -4.77 -5.27
S SO4 I . 26.84 -5.28 7.58
O1 SO4 I . 26.83 -3.87 7.15
O2 SO4 I . 25.50 -5.65 8.02
O3 SO4 I . 27.76 -5.40 8.70
O4 SO4 I . 27.20 -6.10 6.45
S SO4 J . 18.67 14.73 32.13
O1 SO4 J . 19.14 15.93 32.81
O2 SO4 J . 17.21 14.74 32.14
O3 SO4 J . 19.09 13.49 32.83
O4 SO4 J . 19.14 14.81 30.75
N9 ADE K . 28.74 5.23 6.27
C8 ADE K . 29.48 5.54 7.38
N7 ADE K . 29.13 6.67 7.95
C5 ADE K . 28.11 7.15 7.16
C6 ADE K . 27.32 8.32 7.21
N6 ADE K . 27.46 9.24 8.18
N1 ADE K . 26.38 8.49 6.26
C2 ADE K . 26.24 7.55 5.31
N3 ADE K . 26.93 6.42 5.14
C4 ADE K . 27.85 6.28 6.11
S SO4 L . -27.32 10.65 16.54
O1 SO4 L . -27.90 11.02 15.28
O2 SO4 L . -28.17 11.10 17.66
O3 SO4 L . -25.99 11.21 16.74
O4 SO4 L . -27.26 9.19 16.66
S SO4 M . -33.63 5.83 20.71
O1 SO4 M . -32.39 6.40 21.23
O2 SO4 M . -34.44 6.92 20.16
O3 SO4 M . -34.35 5.15 21.78
O4 SO4 M . -33.31 4.86 19.66
N9 ADE N . -29.85 0.66 19.36
C8 ADE N . -30.62 1.04 20.44
N7 ADE N . -30.40 0.32 21.52
C5 ADE N . -29.40 -0.59 21.12
C6 ADE N . -28.73 -1.63 21.81
N6 ADE N . -28.97 -1.94 23.09
N1 ADE N . -27.79 -2.33 21.11
C2 ADE N . -27.56 -2.01 19.83
N3 ADE N . -28.16 -1.07 19.08
C4 ADE N . -29.07 -0.38 19.80
S SO4 O . 1.50 -38.28 -17.44
O1 SO4 O . 2.04 -37.83 -18.72
O2 SO4 O . 0.20 -37.67 -17.24
O3 SO4 O . 2.34 -37.93 -16.31
O4 SO4 O . 1.39 -39.74 -17.53
S SO4 P . 21.84 -1.76 -18.91
O1 SO4 P . 21.48 -0.88 -17.83
O2 SO4 P . 21.98 -1.19 -20.25
O3 SO4 P . 20.86 -2.86 -18.99
O4 SO4 P . 23.17 -2.34 -18.58
S SO4 Q . 29.44 0.73 -22.48
O1 SO4 Q . 28.57 1.90 -22.53
O2 SO4 Q . 30.57 0.95 -23.39
O3 SO4 Q . 28.68 -0.46 -22.89
O4 SO4 Q . 29.95 0.55 -21.13
N9 ADE R . 32.46 -3.84 -18.81
C8 ADE R . 32.70 -3.43 -20.09
N7 ADE R . 33.46 -4.25 -20.78
C5 ADE R . 33.74 -5.27 -19.89
C6 ADE R . 34.51 -6.44 -20.00
N6 ADE R . 35.17 -6.79 -21.12
N1 ADE R . 34.57 -7.26 -18.92
C2 ADE R . 33.92 -6.90 -17.79
N3 ADE R . 33.17 -5.82 -17.57
C4 ADE R . 33.13 -5.04 -18.67
S SO4 S . 45.13 -32.60 34.88
O1 SO4 S . 44.05 -32.66 35.87
O2 SO4 S . 45.28 -31.23 34.41
O3 SO4 S . 44.81 -33.46 33.77
O4 SO4 S . 46.37 -33.06 35.52
N9 ADE T . 55.75 -32.47 38.17
C8 ADE T . 56.39 -31.66 37.26
N7 ADE T . 57.55 -32.13 36.85
C5 ADE T . 57.68 -33.33 37.53
C6 ADE T . 58.70 -34.30 37.54
N6 ADE T . 59.82 -34.21 36.80
N1 ADE T . 58.53 -35.39 38.35
C2 ADE T . 57.41 -35.47 39.09
N3 ADE T . 56.39 -34.62 39.17
C4 ADE T . 56.59 -33.56 38.35
S SO4 U . 52.53 -27.97 34.90
O1 SO4 U . 51.55 -26.93 34.53
O2 SO4 U . 53.88 -27.45 34.77
O3 SO4 U . 52.34 -29.12 34.02
O4 SO4 U . 52.30 -28.35 36.29
S SO4 V . 5.87 28.06 -47.08
O1 SO4 V . 4.98 28.54 -46.03
O2 SO4 V . 6.26 29.16 -47.96
O3 SO4 V . 7.08 27.48 -46.49
O4 SO4 V . 5.17 27.03 -47.87
C1 EDO W . 4.21 26.78 -37.19
O1 EDO W . 4.94 27.57 -36.25
C2 EDO W . 3.77 27.71 -38.33
O2 EDO W . 2.76 28.61 -37.84
C1 EDO X . -50.00 42.98 20.37
O1 EDO X . -50.20 44.04 19.43
C2 EDO X . -49.16 41.89 19.71
O2 EDO X . -49.94 41.30 18.67
S SO4 Y . -20.54 -3.56 -5.57
O1 SO4 Y . -21.89 -2.96 -5.68
O2 SO4 Y . -19.56 -2.68 -6.23
O3 SO4 Y . -20.54 -4.85 -6.23
O4 SO4 Y . -20.22 -3.70 -4.15
S SO4 Z . -29.67 2.09 -36.56
O1 SO4 Z . -30.75 1.88 -37.51
O2 SO4 Z . -29.09 3.41 -36.77
O3 SO4 Z . -28.62 1.06 -36.68
O4 SO4 Z . -30.32 2.03 -35.24
N9 ADE AA . -30.96 -1.89 -7.40
C8 ADE AA . -31.35 -2.73 -8.41
N7 ADE AA . -32.07 -2.13 -9.34
C5 ADE AA . -32.16 -0.82 -8.90
C6 ADE AA . -32.80 0.33 -9.44
N6 ADE AA . -33.49 0.32 -10.61
N1 ADE AA . -32.69 1.49 -8.75
C2 ADE AA . -31.99 1.50 -7.60
N3 ADE AA . -31.36 0.48 -7.00
C4 ADE AA . -31.49 -0.64 -7.71
#